data_1E5Q
#
_entry.id   1E5Q
#
_cell.length_a   86.643
_cell.length_b   205.809
_cell.length_c   125.599
_cell.angle_alpha   90.00
_cell.angle_beta   100.05
_cell.angle_gamma   90.00
#
_symmetry.space_group_name_H-M   'P 1 21 1'
#
loop_
_entity.id
_entity.type
_entity.pdbx_description
1 polymer 'Saccharopine dehydrogenase [NADP(+), L-glutamate-forming]'
2 non-polymer 'NADPH DIHYDRO-NICOTINAMIDE-ADENINE-DINUCLEOTIDE PHOSPHATE'
3 non-polymer 'N-(5-AMINO-5-CARBOXYPENTYL)GLUTAMIC ACID'
4 water water
#
_entity_poly.entity_id   1
_entity_poly.type   'polypeptide(L)'
_entity_poly.pdbx_seq_one_letter_code
;MATKSVLMLGSGFVTRPTLDVLTDSGIKVTVACRTLESAKKLSAGVQHSTPISLDVNDDAALDAEVAKHDLVISLIPYTF
HATVIKSAIRQKKHVVTTSYVSPAMMELDQAAKDAGITVMNEIGLDPGIDHLYAIKTIEEVHAAGGKIKTFLSYCGGLPA
PESSDNPLGYKFSWSSRGVLLALRNAASFYKDGKVTNVAGPELMATAKPYFIYPGFAFVAYPNRDSTPYKERYQIPEADN
IVRGTLRYQGFPQFIKVLVDIGFLSDEEQPFLKEAIPWKEATQKIVKASSASEQDIVSTIVSNATFESTEEQKRIVAGLK
WLGIFSDKKITPRGNALDTLCATLEEKMQFEEGERDLVMLQHKFEIENKDGSRETRTSSLCEYGAPIGSGGYSAMAKLVG
VPCAVAVKFVLDGTISDRGVLAPMNSKINDPLMKELKEKYGIECKEKVVA
;
_entity_poly.pdbx_strand_id   A,B,C,D,E,F,G,H
#
loop_
_chem_comp.id
_chem_comp.type
_chem_comp.name
_chem_comp.formula
NDP non-polymer 'NADPH DIHYDRO-NICOTINAMIDE-ADENINE-DINUCLEOTIDE PHOSPHATE' 'C21 H30 N7 O17 P3'
#
# COMPACT_ATOMS: atom_id res chain seq x y z
N ALA A 2 29.95 44.21 61.06
CA ALA A 2 29.30 44.29 62.40
C ALA A 2 29.50 43.00 63.18
N THR A 3 30.44 43.04 64.13
CA THR A 3 30.71 41.87 64.97
C THR A 3 29.49 41.56 65.81
N LYS A 4 29.05 40.30 65.80
CA LYS A 4 27.89 39.93 66.59
C LYS A 4 28.35 39.45 67.96
N SER A 5 27.46 39.54 68.94
CA SER A 5 27.77 39.11 70.30
C SER A 5 26.60 38.32 70.88
N VAL A 6 26.90 37.20 71.51
CA VAL A 6 25.86 36.35 72.07
C VAL A 6 26.07 36.06 73.54
N LEU A 7 24.96 36.07 74.28
CA LEU A 7 25.01 35.76 75.70
C LEU A 7 24.52 34.33 75.84
N MET A 8 25.44 33.43 76.17
CA MET A 8 25.09 32.03 76.36
C MET A 8 24.83 31.75 77.82
N LEU A 9 23.57 31.53 78.17
CA LEU A 9 23.23 31.21 79.55
C LEU A 9 23.41 29.71 79.68
N GLY A 10 24.31 29.30 80.57
CA GLY A 10 24.57 27.89 80.78
C GLY A 10 25.97 27.49 80.32
N SER A 11 26.53 26.46 80.96
CA SER A 11 27.84 25.96 80.62
C SER A 11 27.83 24.45 80.84
N GLY A 12 26.63 23.87 80.78
CA GLY A 12 26.48 22.44 81.01
C GLY A 12 26.78 21.53 79.83
N PHE A 13 26.25 20.31 79.91
CA PHE A 13 26.42 19.27 78.91
C PHE A 13 26.40 19.62 77.42
N VAL A 14 25.37 20.33 76.99
CA VAL A 14 25.26 20.63 75.56
C VAL A 14 25.87 21.93 75.08
N THR A 15 26.56 22.65 75.96
CA THR A 15 27.11 23.97 75.57
C THR A 15 28.39 24.07 74.73
N ARG A 16 29.36 23.19 74.97
CA ARG A 16 30.62 23.29 74.22
C ARG A 16 30.46 23.35 72.69
N PRO A 17 29.62 22.48 72.10
CA PRO A 17 29.49 22.55 70.64
C PRO A 17 28.94 23.90 70.19
N THR A 18 27.98 24.44 70.94
CA THR A 18 27.41 25.72 70.59
C THR A 18 28.47 26.82 70.65
N LEU A 19 29.23 26.83 71.74
CA LEU A 19 30.30 27.81 71.92
C LEU A 19 31.32 27.70 70.78
N ASP A 20 31.70 26.47 70.45
CA ASP A 20 32.66 26.23 69.39
C ASP A 20 32.17 26.76 68.04
N VAL A 21 30.97 26.34 67.64
CA VAL A 21 30.45 26.80 66.35
C VAL A 21 30.33 28.31 66.26
N LEU A 22 29.87 28.96 67.32
CA LEU A 22 29.71 30.41 67.29
C LEU A 22 31.05 31.14 67.22
N THR A 23 31.96 30.80 68.14
CA THR A 23 33.27 31.44 68.15
C THR A 23 34.07 31.11 66.88
N ASP A 24 33.82 29.94 66.29
CA ASP A 24 34.52 29.57 65.06
C ASP A 24 33.98 30.39 63.90
N SER A 25 32.90 31.14 64.16
CA SER A 25 32.29 32.00 63.15
C SER A 25 32.66 33.46 63.42
N GLY A 26 33.51 33.68 64.42
CA GLY A 26 33.92 35.03 64.77
C GLY A 26 32.89 35.77 65.60
N ILE A 27 31.96 35.02 66.17
CA ILE A 27 30.92 35.62 66.99
C ILE A 27 31.38 35.59 68.43
N LYS A 28 31.32 36.74 69.09
CA LYS A 28 31.74 36.81 70.49
C LYS A 28 30.68 36.17 71.37
N VAL A 29 31.13 35.38 72.35
CA VAL A 29 30.21 34.70 73.24
C VAL A 29 30.55 34.88 74.71
N THR A 30 29.59 35.38 75.47
CA THR A 30 29.77 35.52 76.89
C THR A 30 29.13 34.27 77.49
N VAL A 31 29.92 33.48 78.22
CA VAL A 31 29.40 32.26 78.83
C VAL A 31 29.02 32.60 80.27
N ALA A 32 27.75 32.44 80.58
CA ALA A 32 27.26 32.81 81.91
C ALA A 32 26.38 31.79 82.64
N CYS A 33 26.72 31.57 83.90
CA CYS A 33 25.95 30.69 84.79
C CYS A 33 26.31 31.13 86.21
N ARG A 34 25.67 30.55 87.22
CA ARG A 34 25.96 30.98 88.58
C ARG A 34 27.40 30.71 89.03
N THR A 35 27.94 29.54 88.70
CA THR A 35 29.29 29.17 89.10
C THR A 35 30.34 29.63 88.09
N LEU A 36 31.02 30.72 88.42
CA LEU A 36 32.05 31.29 87.55
C LEU A 36 33.04 30.24 87.04
N GLU A 37 33.47 29.35 87.94
CA GLU A 37 34.42 28.32 87.59
C GLU A 37 33.91 27.42 86.45
N SER A 38 32.62 27.11 86.47
CA SER A 38 32.06 26.28 85.40
C SER A 38 32.11 27.02 84.07
N ALA A 39 31.81 28.31 84.10
CA ALA A 39 31.85 29.14 82.90
C ALA A 39 33.28 29.25 82.38
N LYS A 40 34.24 29.38 83.29
CA LYS A 40 35.65 29.50 82.91
C LYS A 40 36.13 28.21 82.26
N LYS A 41 35.79 27.08 82.89
CA LYS A 41 36.20 25.79 82.38
C LYS A 41 35.71 25.54 80.95
N LEU A 42 34.48 25.97 80.66
CA LEU A 42 33.93 25.78 79.32
C LEU A 42 34.60 26.66 78.28
N SER A 43 34.91 27.90 78.66
CA SER A 43 35.53 28.84 77.72
C SER A 43 37.05 28.90 77.72
N ALA A 44 37.70 28.15 78.60
CA ALA A 44 39.16 28.15 78.67
C ALA A 44 39.78 27.80 77.33
N GLY A 45 40.61 28.70 76.82
CA GLY A 45 41.29 28.46 75.55
C GLY A 45 40.46 28.73 74.31
N VAL A 46 39.19 29.06 74.49
CA VAL A 46 38.31 29.34 73.36
C VAL A 46 38.35 30.82 72.98
N GLN A 47 38.77 31.09 71.75
CA GLN A 47 38.85 32.45 71.25
C GLN A 47 37.48 33.12 71.22
N HIS A 48 37.45 34.43 71.50
CA HIS A 48 36.23 35.22 71.49
C HIS A 48 35.22 34.91 72.59
N SER A 49 35.62 34.18 73.62
CA SER A 49 34.70 33.84 74.70
C SER A 49 35.08 34.52 76.02
N THR A 50 34.05 34.88 76.78
CA THR A 50 34.22 35.57 78.07
C THR A 50 33.33 34.92 79.13
N PRO A 51 33.95 34.39 80.19
CA PRO A 51 33.17 33.75 81.25
C PRO A 51 32.76 34.71 82.36
N ILE A 52 31.51 34.61 82.81
CA ILE A 52 31.03 35.47 83.90
C ILE A 52 30.06 34.69 84.79
N SER A 53 29.82 35.23 85.98
CA SER A 53 28.87 34.62 86.90
C SER A 53 27.59 35.43 86.76
N LEU A 54 26.47 34.75 86.56
CA LEU A 54 25.19 35.42 86.41
C LEU A 54 24.07 34.48 86.82
N ASP A 55 23.16 34.99 87.66
CA ASP A 55 22.02 34.19 88.09
C ASP A 55 20.81 34.81 87.40
N VAL A 56 20.14 34.03 86.53
CA VAL A 56 18.99 34.53 85.79
C VAL A 56 17.83 34.97 86.68
N ASN A 57 17.91 34.65 87.98
CA ASN A 57 16.88 35.04 88.93
C ASN A 57 17.00 36.53 89.27
N ASP A 58 18.18 37.10 89.00
CA ASP A 58 18.44 38.52 89.27
C ASP A 58 18.03 39.32 88.04
N ASP A 59 16.82 39.87 88.07
CA ASP A 59 16.31 40.64 86.94
C ASP A 59 17.20 41.80 86.51
N ALA A 60 17.67 42.59 87.47
CA ALA A 60 18.51 43.73 87.16
C ALA A 60 19.80 43.29 86.49
N ALA A 61 20.45 42.29 87.09
CA ALA A 61 21.69 41.77 86.53
C ALA A 61 21.48 41.18 85.14
N LEU A 62 20.40 40.41 84.97
CA LEU A 62 20.11 39.79 83.68
C LEU A 62 19.89 40.81 82.57
N ASP A 63 19.10 41.84 82.86
CA ASP A 63 18.83 42.87 81.87
C ASP A 63 20.09 43.60 81.42
N ALA A 64 20.92 43.96 82.39
CA ALA A 64 22.16 44.68 82.09
C ALA A 64 23.07 43.88 81.16
N GLU A 65 23.15 42.56 81.38
CA GLU A 65 24.01 41.74 80.53
C GLU A 65 23.36 41.49 79.16
N VAL A 66 22.06 41.21 79.16
CA VAL A 66 21.36 40.97 77.91
C VAL A 66 21.49 42.17 76.97
N ALA A 67 21.39 43.36 77.54
CA ALA A 67 21.51 44.59 76.76
C ALA A 67 22.85 44.72 76.04
N LYS A 68 23.85 43.97 76.48
CA LYS A 68 25.18 44.04 75.87
C LYS A 68 25.36 43.13 74.68
N HIS A 69 24.38 42.29 74.39
CA HIS A 69 24.48 41.35 73.28
C HIS A 69 23.33 41.44 72.29
N ASP A 70 23.49 40.77 71.14
CA ASP A 70 22.46 40.78 70.12
C ASP A 70 21.41 39.70 70.36
N LEU A 71 21.79 38.62 71.03
CA LEU A 71 20.84 37.56 71.34
C LEU A 71 21.27 36.69 72.50
N VAL A 72 20.29 36.10 73.17
CA VAL A 72 20.54 35.26 74.34
C VAL A 72 20.15 33.82 74.07
N ILE A 73 21.03 32.89 74.43
CA ILE A 73 20.74 31.46 74.28
C ILE A 73 20.45 30.99 75.70
N SER A 74 19.31 30.35 75.90
CA SER A 74 18.94 29.87 77.21
C SER A 74 19.18 28.37 77.32
N LEU A 75 20.41 27.98 77.63
CA LEU A 75 20.77 26.57 77.77
C LEU A 75 20.85 26.27 79.24
N ILE A 76 19.74 26.51 79.92
CA ILE A 76 19.61 26.29 81.35
C ILE A 76 18.26 25.57 81.58
N PRO A 77 17.97 25.16 82.83
CA PRO A 77 16.70 24.47 83.09
C PRO A 77 15.55 25.25 82.46
N TYR A 78 14.69 24.54 81.72
CA TYR A 78 13.58 25.20 81.05
C TYR A 78 12.60 25.95 81.92
N THR A 79 12.70 25.78 83.24
CA THR A 79 11.82 26.50 84.14
C THR A 79 12.11 28.01 84.05
N PHE A 80 13.33 28.34 83.63
CA PHE A 80 13.76 29.75 83.52
C PHE A 80 13.48 30.45 82.18
N HIS A 81 13.07 29.71 81.16
CA HIS A 81 12.84 30.34 79.86
C HIS A 81 11.90 31.55 79.85
N ALA A 82 10.77 31.48 80.56
CA ALA A 82 9.85 32.60 80.58
C ALA A 82 10.54 33.86 81.11
N THR A 83 11.32 33.69 82.18
CA THR A 83 12.05 34.82 82.77
C THR A 83 13.04 35.40 81.78
N VAL A 84 13.77 34.53 81.09
CA VAL A 84 14.75 34.97 80.11
C VAL A 84 14.06 35.74 79.00
N ILE A 85 12.93 35.21 78.51
CA ILE A 85 12.21 35.87 77.43
C ILE A 85 11.72 37.27 77.85
N LYS A 86 11.24 37.40 79.08
CA LYS A 86 10.76 38.70 79.56
C LYS A 86 11.89 39.71 79.58
N SER A 87 13.09 39.27 79.93
CA SER A 87 14.26 40.16 79.95
C SER A 87 14.61 40.55 78.51
N ALA A 88 14.59 39.56 77.62
CA ALA A 88 14.90 39.81 76.21
C ALA A 88 13.87 40.74 75.59
N ILE A 89 12.62 40.63 76.04
CA ILE A 89 11.57 41.49 75.53
C ILE A 89 11.83 42.94 75.93
N ARG A 90 12.12 43.20 77.20
CA ARG A 90 12.36 44.58 77.57
C ARG A 90 13.67 45.13 77.02
N GLN A 91 14.62 44.25 76.71
CA GLN A 91 15.88 44.71 76.16
C GLN A 91 15.85 44.65 74.63
N LYS A 92 14.77 44.12 74.07
CA LYS A 92 14.62 44.01 72.62
C LYS A 92 15.73 43.15 72.00
N LYS A 93 16.05 42.02 72.61
CA LYS A 93 17.07 41.13 72.09
C LYS A 93 16.44 39.79 71.73
N HIS A 94 17.06 39.09 70.78
CA HIS A 94 16.56 37.80 70.34
C HIS A 94 16.89 36.68 71.32
N VAL A 95 16.19 35.55 71.19
CA VAL A 95 16.38 34.42 72.07
C VAL A 95 16.37 33.07 71.33
N VAL A 96 17.18 32.14 71.81
CA VAL A 96 17.21 30.80 71.25
C VAL A 96 17.26 29.80 72.38
N THR A 97 16.48 28.73 72.26
CA THR A 97 16.48 27.67 73.26
C THR A 97 16.32 26.35 72.51
N THR A 98 16.63 25.25 73.18
CA THR A 98 16.48 23.92 72.58
C THR A 98 15.34 23.24 73.33
N SER A 99 14.51 24.05 73.99
CA SER A 99 13.39 23.52 74.77
C SER A 99 12.03 23.65 74.10
N TYR A 100 11.08 22.90 74.64
CA TYR A 100 9.72 22.91 74.14
C TYR A 100 9.11 24.28 74.38
N VAL A 101 8.19 24.67 73.50
CA VAL A 101 7.48 25.92 73.68
C VAL A 101 6.37 25.58 74.67
N SER A 102 6.50 26.03 75.91
CA SER A 102 5.50 25.76 76.93
C SER A 102 4.45 26.84 76.88
N PRO A 103 3.29 26.62 77.52
CA PRO A 103 2.22 27.62 77.52
C PRO A 103 2.74 28.95 78.07
N ALA A 104 3.59 28.89 79.09
CA ALA A 104 4.15 30.11 79.68
C ALA A 104 4.92 30.90 78.64
N MET A 105 5.67 30.20 77.80
CA MET A 105 6.46 30.86 76.77
C MET A 105 5.58 31.40 75.65
N MET A 106 4.60 30.59 75.23
CA MET A 106 3.71 30.99 74.15
C MET A 106 2.89 32.23 74.49
N GLU A 107 2.59 32.42 75.77
CA GLU A 107 1.83 33.57 76.24
C GLU A 107 2.57 34.85 75.87
N LEU A 108 3.89 34.78 75.83
CA LEU A 108 4.72 35.96 75.54
C LEU A 108 4.91 36.22 74.05
N ASP A 109 4.23 35.42 73.22
CA ASP A 109 4.35 35.56 71.78
C ASP A 109 4.10 36.97 71.24
N GLN A 110 2.94 37.55 71.57
CA GLN A 110 2.64 38.88 71.07
C GLN A 110 3.60 39.93 71.61
N ALA A 111 3.91 39.85 72.91
CA ALA A 111 4.83 40.81 73.52
C ALA A 111 6.18 40.74 72.82
N ALA A 112 6.58 39.52 72.44
CA ALA A 112 7.85 39.32 71.75
C ALA A 112 7.76 40.01 70.39
N LYS A 113 6.67 39.77 69.68
CA LYS A 113 6.47 40.38 68.37
C LYS A 113 6.50 41.91 68.49
N ASP A 114 5.82 42.45 69.50
CA ASP A 114 5.79 43.90 69.70
C ASP A 114 7.19 44.45 69.92
N ALA A 115 8.03 43.68 70.58
CA ALA A 115 9.39 44.11 70.83
C ALA A 115 10.27 43.85 69.60
N GLY A 116 9.69 43.23 68.58
CA GLY A 116 10.42 42.95 67.36
C GLY A 116 11.52 41.91 67.50
N ILE A 117 11.37 41.00 68.45
CA ILE A 117 12.39 39.97 68.65
C ILE A 117 11.91 38.59 68.22
N THR A 118 12.89 37.72 67.96
CA THR A 118 12.62 36.34 67.56
C THR A 118 13.02 35.45 68.73
N VAL A 119 12.12 34.56 69.13
CA VAL A 119 12.39 33.61 70.21
C VAL A 119 12.27 32.23 69.54
N MET A 120 13.40 31.72 69.07
CA MET A 120 13.46 30.42 68.39
C MET A 120 13.68 29.29 69.37
N ASN A 121 12.75 28.33 69.40
CA ASN A 121 12.83 27.20 70.30
C ASN A 121 12.80 25.82 69.64
N GLU A 122 12.85 24.79 70.47
CA GLU A 122 12.79 23.42 70.01
C GLU A 122 13.73 23.12 68.85
N ILE A 123 14.98 23.58 68.95
CA ILE A 123 15.92 23.33 67.88
C ILE A 123 17.20 22.67 68.38
N GLY A 124 17.00 21.58 69.12
CA GLY A 124 18.09 20.76 69.64
C GLY A 124 17.96 19.43 68.91
N LEU A 125 18.00 18.30 69.64
CA LEU A 125 17.88 16.98 69.02
C LEU A 125 16.42 16.52 69.02
N ASP A 126 15.83 16.52 70.21
CA ASP A 126 14.45 16.10 70.42
C ASP A 126 13.97 16.87 71.64
N PRO A 127 13.25 17.97 71.42
CA PRO A 127 12.80 18.56 70.16
C PRO A 127 13.87 19.27 69.33
N GLY A 128 13.76 19.17 68.01
CA GLY A 128 14.71 19.82 67.13
C GLY A 128 14.85 19.08 65.81
N ILE A 129 15.93 18.32 65.67
CA ILE A 129 16.20 17.53 64.48
C ILE A 129 15.02 16.64 64.12
N ASP A 130 14.38 16.06 65.13
CA ASP A 130 13.25 15.18 64.88
C ASP A 130 12.16 15.93 64.12
N HIS A 131 11.88 17.17 64.53
CA HIS A 131 10.87 17.97 63.82
C HIS A 131 11.25 18.17 62.35
N LEU A 132 12.51 18.54 62.13
CA LEU A 132 13.01 18.82 60.79
C LEU A 132 12.79 17.67 59.80
N TYR A 133 13.13 16.46 60.21
CA TYR A 133 12.97 15.34 59.30
C TYR A 133 11.57 14.73 59.27
N ALA A 134 10.78 14.96 60.32
CA ALA A 134 9.42 14.45 60.34
C ALA A 134 8.67 15.25 59.27
N ILE A 135 8.79 16.58 59.36
CA ILE A 135 8.13 17.49 58.44
C ILE A 135 8.62 17.33 57.00
N LYS A 136 9.90 17.07 56.85
CA LYS A 136 10.47 16.89 55.51
C LYS A 136 9.72 15.76 54.79
N THR A 137 9.65 14.60 55.41
CA THR A 137 8.96 13.45 54.81
C THR A 137 7.47 13.67 54.65
N ILE A 138 6.82 14.21 55.68
CA ILE A 138 5.38 14.45 55.62
C ILE A 138 5.00 15.35 54.45
N GLU A 139 5.71 16.47 54.27
CA GLU A 139 5.40 17.38 53.18
C GLU A 139 5.70 16.74 51.83
N GLU A 140 6.70 15.87 51.77
CA GLU A 140 7.05 15.20 50.53
C GLU A 140 5.89 14.29 50.12
N VAL A 141 5.45 13.46 51.06
CA VAL A 141 4.35 12.53 50.83
C VAL A 141 3.08 13.27 50.40
N HIS A 142 2.74 14.33 51.11
CA HIS A 142 1.55 15.11 50.78
C HIS A 142 1.64 15.72 49.40
N ALA A 143 2.84 16.19 49.03
CA ALA A 143 3.05 16.78 47.72
C ALA A 143 2.87 15.75 46.62
N ALA A 144 2.99 14.47 46.99
CA ALA A 144 2.83 13.37 46.04
C ALA A 144 1.42 12.80 46.13
N GLY A 145 0.54 13.49 46.85
CA GLY A 145 -0.83 13.04 47.00
C GLY A 145 -0.97 11.84 47.92
N GLY A 146 0.06 11.59 48.72
CA GLY A 146 0.02 10.46 49.64
C GLY A 146 -0.60 10.82 50.98
N LYS A 147 -0.91 9.80 51.77
CA LYS A 147 -1.52 10.00 53.07
C LYS A 147 -0.68 9.38 54.18
N ILE A 148 -0.49 10.13 55.26
CA ILE A 148 0.27 9.65 56.41
C ILE A 148 -0.73 9.00 57.35
N LYS A 149 -0.84 7.68 57.29
CA LYS A 149 -1.79 6.97 58.15
C LYS A 149 -1.22 6.73 59.54
N THR A 150 0.10 6.65 59.63
CA THR A 150 0.76 6.43 60.90
C THR A 150 2.06 7.23 60.97
N PHE A 151 2.25 7.94 62.08
CA PHE A 151 3.47 8.71 62.29
C PHE A 151 4.04 8.35 63.65
N LEU A 152 5.26 7.82 63.65
CA LEU A 152 5.94 7.45 64.87
C LEU A 152 7.29 8.14 64.86
N SER A 153 7.76 8.53 66.04
CA SER A 153 9.04 9.20 66.17
C SER A 153 9.60 8.85 67.54
N TYR A 154 10.62 8.01 67.56
CA TYR A 154 11.23 7.59 68.82
C TYR A 154 12.70 8.01 68.89
N CYS A 155 13.11 8.47 70.06
CA CYS A 155 14.47 8.94 70.23
C CYS A 155 14.97 8.61 71.61
N GLY A 156 16.25 8.28 71.68
CA GLY A 156 16.86 7.98 72.95
C GLY A 156 18.31 8.38 72.95
N GLY A 157 18.72 9.06 74.03
CA GLY A 157 20.11 9.45 74.21
C GLY A 157 20.54 8.47 75.27
N LEU A 158 21.38 7.51 74.88
CA LEU A 158 21.79 6.49 75.81
C LEU A 158 23.27 6.18 75.72
N PRO A 159 23.78 5.33 76.61
CA PRO A 159 25.20 5.03 76.49
C PRO A 159 25.35 4.01 75.36
N ALA A 160 26.50 3.98 74.69
CA ALA A 160 26.70 2.99 73.65
C ALA A 160 26.51 1.65 74.38
N PRO A 161 26.05 0.62 73.67
CA PRO A 161 25.85 -0.69 74.30
C PRO A 161 27.04 -1.16 75.13
N GLU A 162 28.25 -0.96 74.60
CA GLU A 162 29.45 -1.39 75.29
C GLU A 162 29.78 -0.52 76.52
N SER A 163 29.09 0.61 76.66
CA SER A 163 29.33 1.52 77.78
C SER A 163 28.11 1.59 78.68
N SER A 164 27.16 0.68 78.48
CA SER A 164 25.91 0.70 79.25
C SER A 164 25.91 -0.22 80.47
N ASP A 165 27.08 -0.64 80.91
CA ASP A 165 27.15 -1.58 82.02
C ASP A 165 27.03 -1.08 83.45
N ASN A 166 25.82 -0.65 83.82
CA ASN A 166 25.51 -0.26 85.19
C ASN A 166 24.07 -0.70 85.38
N PRO A 167 23.62 -0.84 86.64
CA PRO A 167 22.25 -1.26 86.97
C PRO A 167 21.10 -0.59 86.21
N LEU A 168 21.32 0.60 85.67
CA LEU A 168 20.27 1.31 84.95
C LEU A 168 20.43 1.33 83.43
N GLY A 169 21.59 0.88 82.93
CA GLY A 169 21.83 0.90 81.51
C GLY A 169 21.68 2.34 81.05
N TYR A 170 22.04 3.27 81.92
CA TYR A 170 21.93 4.69 81.62
C TYR A 170 23.01 5.51 82.28
N LYS A 171 23.54 6.50 81.55
CA LYS A 171 24.58 7.40 82.05
C LYS A 171 24.20 8.77 81.53
N PHE A 172 24.53 9.83 82.27
CA PHE A 172 24.15 11.16 81.85
C PHE A 172 24.94 11.82 80.73
N SER A 173 24.20 12.29 79.73
CA SER A 173 24.78 12.99 78.59
C SER A 173 24.11 14.37 78.48
N TRP A 174 23.10 14.60 79.32
CA TRP A 174 22.38 15.88 79.37
C TRP A 174 21.67 16.03 80.72
N SER A 175 21.32 17.26 81.08
CA SER A 175 20.66 17.59 82.35
C SER A 175 20.12 16.41 83.17
N SER A 176 20.84 16.09 84.25
CA SER A 176 20.46 14.99 85.13
C SER A 176 19.06 15.15 85.71
N ARG A 177 18.76 16.32 86.25
CA ARG A 177 17.43 16.53 86.80
C ARG A 177 16.41 16.53 85.67
N GLY A 178 16.83 17.01 84.50
CA GLY A 178 15.94 17.03 83.34
C GLY A 178 15.54 15.61 82.99
N VAL A 179 16.47 14.68 83.16
CA VAL A 179 16.18 13.28 82.87
C VAL A 179 15.09 12.77 83.82
N LEU A 180 15.22 13.08 85.10
CA LEU A 180 14.24 12.63 86.08
C LEU A 180 12.88 13.29 85.85
N LEU A 181 12.88 14.57 85.51
CA LEU A 181 11.63 15.28 85.26
C LEU A 181 10.88 14.63 84.10
N ALA A 182 11.60 14.28 83.04
CA ALA A 182 11.00 13.66 81.86
C ALA A 182 10.38 12.30 82.17
N LEU A 183 10.86 11.65 83.22
CA LEU A 183 10.34 10.34 83.61
C LEU A 183 8.97 10.41 84.27
N ARG A 184 8.51 11.62 84.57
CA ARG A 184 7.21 11.80 85.23
C ARG A 184 6.16 12.43 84.35
N ASN A 185 6.51 12.76 83.12
CA ASN A 185 5.57 13.41 82.22
C ASN A 185 4.41 12.55 81.73
N ALA A 186 3.19 13.02 81.96
CA ALA A 186 2.02 12.29 81.50
C ALA A 186 2.11 12.30 79.98
N ALA A 187 1.54 11.30 79.33
CA ALA A 187 1.60 11.26 77.87
C ALA A 187 0.23 11.08 77.25
N SER A 188 0.11 11.49 76.01
CA SER A 188 -1.13 11.36 75.26
C SER A 188 -0.74 11.16 73.81
N PHE A 189 -1.50 10.32 73.11
CA PHE A 189 -1.20 10.05 71.71
C PHE A 189 -2.39 9.45 70.97
N TYR A 190 -2.28 9.37 69.65
CA TYR A 190 -3.35 8.81 68.84
C TYR A 190 -3.08 7.36 68.48
N LYS A 191 -4.07 6.52 68.75
CA LYS A 191 -3.98 5.11 68.42
C LYS A 191 -5.32 4.67 67.85
N ASP A 192 -5.30 4.19 66.62
CA ASP A 192 -6.51 3.75 65.93
C ASP A 192 -7.53 4.88 65.85
N GLY A 193 -7.04 6.08 65.59
CA GLY A 193 -7.91 7.24 65.46
C GLY A 193 -8.40 7.89 66.74
N LYS A 194 -8.10 7.30 67.90
CA LYS A 194 -8.55 7.89 69.15
C LYS A 194 -7.46 8.22 70.15
N VAL A 195 -7.73 9.26 70.94
CA VAL A 195 -6.80 9.72 71.97
C VAL A 195 -6.65 8.71 73.07
N THR A 196 -5.40 8.42 73.44
CA THR A 196 -5.09 7.49 74.51
C THR A 196 -4.21 8.24 75.49
N ASN A 197 -4.57 8.21 76.77
CA ASN A 197 -3.81 8.92 77.78
C ASN A 197 -3.06 8.01 78.76
N VAL A 198 -1.93 8.50 79.24
CA VAL A 198 -1.13 7.77 80.20
C VAL A 198 -0.74 8.75 81.29
N ALA A 199 -1.16 8.47 82.51
CA ALA A 199 -0.86 9.34 83.64
C ALA A 199 0.61 9.26 84.00
N GLY A 200 1.19 10.40 84.33
CA GLY A 200 2.59 10.48 84.68
C GLY A 200 3.10 9.35 85.57
N PRO A 201 2.48 9.15 86.74
CA PRO A 201 2.90 8.09 87.67
C PRO A 201 2.85 6.67 87.12
N GLU A 202 2.20 6.49 85.98
CA GLU A 202 2.08 5.17 85.37
C GLU A 202 2.76 5.08 84.02
N LEU A 203 3.67 6.02 83.75
CA LEU A 203 4.38 6.04 82.47
C LEU A 203 5.25 4.81 82.22
N MET A 204 6.13 4.49 83.17
CA MET A 204 7.03 3.35 83.02
C MET A 204 6.35 2.02 82.70
N ALA A 205 5.16 1.82 83.24
CA ALA A 205 4.42 0.58 83.04
C ALA A 205 4.00 0.38 81.59
N THR A 206 4.03 1.44 80.79
CA THR A 206 3.63 1.32 79.39
C THR A 206 4.78 0.86 78.49
N ALA A 207 6.00 0.87 79.02
CA ALA A 207 7.19 0.48 78.26
C ALA A 207 7.07 -0.89 77.59
N LYS A 208 7.37 -0.92 76.29
CA LYS A 208 7.31 -2.14 75.51
C LYS A 208 8.56 -2.23 74.64
N PRO A 209 8.97 -3.45 74.27
CA PRO A 209 10.15 -3.58 73.42
C PRO A 209 9.86 -2.85 72.11
N TYR A 210 10.83 -2.09 71.61
CA TYR A 210 10.63 -1.36 70.36
C TYR A 210 11.76 -1.71 69.40
N PHE A 211 11.42 -2.47 68.37
CA PHE A 211 12.40 -2.94 67.41
C PHE A 211 12.83 -1.93 66.35
N ILE A 212 14.14 -1.78 66.21
CA ILE A 212 14.70 -0.89 65.20
C ILE A 212 15.72 -1.70 64.38
N TYR A 213 16.79 -2.15 65.04
CA TYR A 213 17.81 -2.98 64.39
C TYR A 213 18.03 -4.18 65.29
N PRO A 214 18.35 -5.34 64.68
CA PRO A 214 18.57 -6.58 65.44
C PRO A 214 19.53 -6.50 66.63
N GLY A 215 20.60 -5.71 66.50
CA GLY A 215 21.57 -5.63 67.58
C GLY A 215 21.20 -4.87 68.84
N PHE A 216 20.23 -3.96 68.74
CA PHE A 216 19.84 -3.16 69.90
C PHE A 216 18.69 -3.72 70.71
N ALA A 217 18.72 -3.50 72.02
CA ALA A 217 17.66 -3.95 72.91
C ALA A 217 16.92 -2.71 73.43
N PHE A 218 16.10 -2.09 72.58
CA PHE A 218 15.36 -0.90 72.97
C PHE A 218 13.96 -1.22 73.49
N VAL A 219 13.51 -0.41 74.45
CA VAL A 219 12.14 -0.50 74.99
C VAL A 219 11.69 0.94 74.84
N ALA A 220 10.40 1.17 74.68
CA ALA A 220 9.92 2.53 74.52
C ALA A 220 8.61 2.85 75.24
N TYR A 221 8.43 4.13 75.54
CA TYR A 221 7.22 4.63 76.19
C TYR A 221 6.91 5.99 75.59
N PRO A 222 5.63 6.38 75.55
CA PRO A 222 5.20 7.66 74.99
C PRO A 222 5.90 8.84 75.64
N ASN A 223 6.16 9.87 74.83
CA ASN A 223 6.84 11.06 75.32
C ASN A 223 5.90 12.27 75.23
N ARG A 224 5.43 12.73 76.39
CA ARG A 224 4.54 13.89 76.46
C ARG A 224 3.28 13.75 75.58
N ASP A 225 2.61 14.87 75.30
CA ASP A 225 1.39 14.85 74.51
C ASP A 225 1.63 15.00 73.01
N SER A 226 1.41 13.91 72.28
CA SER A 226 1.62 13.89 70.85
C SER A 226 0.40 14.34 70.03
N THR A 227 -0.78 14.32 70.63
CA THR A 227 -2.01 14.68 69.92
C THR A 227 -1.97 16.03 69.19
N PRO A 228 -1.35 17.06 69.80
CA PRO A 228 -1.33 18.34 69.09
C PRO A 228 -0.62 18.26 67.73
N TYR A 229 0.21 17.23 67.55
CA TYR A 229 0.94 17.10 66.28
C TYR A 229 0.06 16.77 65.09
N LYS A 230 -1.19 16.41 65.36
CA LYS A 230 -2.13 16.12 64.28
C LYS A 230 -2.26 17.42 63.52
N GLU A 231 -2.31 18.52 64.27
CA GLU A 231 -2.42 19.84 63.66
C GLU A 231 -1.04 20.43 63.43
N ARG A 232 -0.12 20.22 64.36
CA ARG A 232 1.22 20.78 64.24
C ARG A 232 1.97 20.29 63.00
N TYR A 233 1.85 19.01 62.68
CA TYR A 233 2.51 18.45 61.50
C TYR A 233 1.55 18.35 60.30
N GLN A 234 0.32 18.81 60.49
CA GLN A 234 -0.69 18.80 59.44
C GLN A 234 -0.96 17.40 58.87
N ILE A 235 -1.24 16.46 59.76
CA ILE A 235 -1.54 15.09 59.37
C ILE A 235 -2.87 14.67 59.99
N PRO A 236 -3.97 15.30 59.56
CA PRO A 236 -5.29 14.97 60.09
C PRO A 236 -5.74 13.56 59.71
N GLU A 237 -5.14 13.02 58.65
CA GLU A 237 -5.48 11.69 58.16
C GLU A 237 -4.82 10.56 58.95
N ALA A 238 -3.91 10.92 59.87
CA ALA A 238 -3.21 9.91 60.66
C ALA A 238 -4.05 9.30 61.78
N ASP A 239 -4.09 7.97 61.82
CA ASP A 239 -4.83 7.23 62.84
C ASP A 239 -3.92 7.04 64.05
N ASN A 240 -2.62 6.92 63.78
CA ASN A 240 -1.62 6.71 64.83
C ASN A 240 -0.58 7.82 64.80
N ILE A 241 -0.37 8.47 65.94
CA ILE A 241 0.61 9.54 66.04
C ILE A 241 1.24 9.44 67.42
N VAL A 242 2.53 9.12 67.46
CA VAL A 242 3.21 8.98 68.73
C VAL A 242 4.66 9.47 68.69
N ARG A 243 5.03 10.30 69.66
CA ARG A 243 6.41 10.77 69.78
C ARG A 243 6.82 10.03 71.04
N GLY A 244 7.86 9.21 70.94
CA GLY A 244 8.30 8.44 72.09
C GLY A 244 9.77 8.50 72.45
N THR A 245 10.10 7.85 73.56
CA THR A 245 11.45 7.82 74.09
C THR A 245 11.96 6.39 74.16
N LEU A 246 13.24 6.21 73.85
CA LEU A 246 13.87 4.90 73.87
C LEU A 246 14.83 4.78 75.05
N ARG A 247 14.81 3.61 75.68
CA ARG A 247 15.68 3.30 76.80
C ARG A 247 16.10 1.86 76.54
N TYR A 248 17.00 1.32 77.36
CA TYR A 248 17.44 -0.06 77.18
C TYR A 248 16.63 -0.97 78.09
N GLN A 249 16.53 -2.23 77.69
CA GLN A 249 15.81 -3.25 78.43
C GLN A 249 16.08 -3.15 79.94
N GLY A 250 15.03 -3.21 80.75
CA GLY A 250 15.20 -3.15 82.19
C GLY A 250 15.11 -1.79 82.87
N PHE A 251 15.37 -0.73 82.13
CA PHE A 251 15.33 0.63 82.68
C PHE A 251 13.98 1.06 83.26
N PRO A 252 12.91 1.00 82.45
CA PRO A 252 11.61 1.41 82.99
C PRO A 252 11.12 0.69 84.25
N GLN A 253 11.38 -0.61 84.34
CA GLN A 253 10.95 -1.37 85.51
C GLN A 253 11.68 -0.87 86.75
N PHE A 254 12.94 -0.49 86.57
CA PHE A 254 13.76 0.03 87.65
C PHE A 254 13.20 1.37 88.10
N ILE A 255 12.90 2.24 87.13
CA ILE A 255 12.36 3.56 87.43
C ILE A 255 11.00 3.45 88.11
N LYS A 256 10.19 2.52 87.62
CA LYS A 256 8.86 2.28 88.15
C LYS A 256 8.95 2.09 89.67
N VAL A 257 9.88 1.26 90.13
CA VAL A 257 10.05 1.01 91.55
C VAL A 257 10.35 2.31 92.28
N LEU A 258 11.29 3.09 91.76
CA LEU A 258 11.65 4.37 92.37
C LEU A 258 10.43 5.27 92.48
N VAL A 259 9.62 5.31 91.43
CA VAL A 259 8.43 6.14 91.44
C VAL A 259 7.45 5.65 92.50
N ASP A 260 7.19 4.34 92.50
CA ASP A 260 6.26 3.74 93.45
C ASP A 260 6.60 3.92 94.92
N ILE A 261 7.90 3.91 95.26
CA ILE A 261 8.27 4.07 96.66
C ILE A 261 8.53 5.52 97.06
N GLY A 262 8.19 6.46 96.18
CA GLY A 262 8.34 7.88 96.48
C GLY A 262 9.65 8.59 96.22
N PHE A 263 10.56 7.97 95.46
CA PHE A 263 11.84 8.62 95.21
C PHE A 263 11.84 9.73 94.14
N LEU A 264 10.76 9.86 93.40
CA LEU A 264 10.67 10.89 92.38
C LEU A 264 9.72 12.02 92.78
N SER A 265 9.54 12.15 94.09
CA SER A 265 8.70 13.20 94.65
C SER A 265 9.55 14.43 94.87
N ASP A 266 9.06 15.59 94.45
CA ASP A 266 9.83 16.82 94.63
C ASP A 266 9.25 17.65 95.77
N GLU A 267 8.56 16.97 96.69
CA GLU A 267 7.97 17.62 97.84
C GLU A 267 9.05 17.88 98.88
N GLU A 268 9.13 19.12 99.35
CA GLU A 268 10.13 19.47 100.34
C GLU A 268 9.91 18.76 101.66
N GLN A 269 10.95 18.07 102.13
CA GLN A 269 10.91 17.33 103.37
C GLN A 269 12.00 17.88 104.28
N PRO A 270 11.63 18.30 105.50
CA PRO A 270 12.61 18.84 106.44
C PRO A 270 13.84 17.95 106.64
N PHE A 271 13.62 16.65 106.77
CA PHE A 271 14.72 15.72 106.99
C PHE A 271 15.71 15.61 105.82
N LEU A 272 15.31 16.11 104.65
CA LEU A 272 16.18 16.04 103.48
C LEU A 272 17.06 17.28 103.29
N LYS A 273 17.18 18.09 104.34
CA LYS A 273 18.02 19.28 104.29
C LYS A 273 19.23 19.04 105.18
N GLU A 274 19.30 17.85 105.76
CA GLU A 274 20.39 17.48 106.63
C GLU A 274 21.16 16.33 105.99
N ALA A 275 22.48 16.33 106.17
CA ALA A 275 23.33 15.29 105.58
C ALA A 275 23.30 14.01 106.41
N ILE A 276 22.14 13.37 106.45
CA ILE A 276 21.98 12.12 107.19
C ILE A 276 22.41 10.93 106.33
N PRO A 277 22.64 9.77 106.96
CA PRO A 277 23.05 8.57 106.22
C PRO A 277 21.93 8.16 105.25
N TRP A 278 22.29 7.65 104.09
CA TRP A 278 21.28 7.23 103.11
C TRP A 278 20.26 6.29 103.73
N LYS A 279 20.72 5.40 104.62
CA LYS A 279 19.85 4.46 105.31
C LYS A 279 18.62 5.16 105.84
N GLU A 280 18.87 6.22 106.60
CA GLU A 280 17.82 7.01 107.23
C GLU A 280 16.95 7.77 106.25
N ALA A 281 17.58 8.36 105.24
CA ALA A 281 16.83 9.11 104.24
C ALA A 281 15.85 8.18 103.56
N THR A 282 16.36 7.03 103.10
CA THR A 282 15.54 6.04 102.42
C THR A 282 14.42 5.53 103.31
N GLN A 283 14.75 5.28 104.58
CA GLN A 283 13.75 4.80 105.52
C GLN A 283 12.55 5.74 105.55
N LYS A 284 12.82 7.04 105.69
CA LYS A 284 11.77 8.06 105.75
C LYS A 284 11.01 8.19 104.44
N ILE A 285 11.73 8.16 103.33
CA ILE A 285 11.12 8.29 102.00
C ILE A 285 10.19 7.11 101.71
N VAL A 286 10.70 5.90 101.91
CA VAL A 286 9.95 4.68 101.66
C VAL A 286 9.00 4.36 102.82
N LYS A 287 9.20 5.04 103.93
CA LYS A 287 8.38 4.85 105.13
C LYS A 287 8.56 3.48 105.77
N ALA A 288 9.81 3.05 105.92
CA ALA A 288 10.12 1.77 106.53
C ALA A 288 10.18 1.94 108.05
N SER A 289 9.99 0.86 108.79
CA SER A 289 9.99 0.93 110.25
C SER A 289 11.41 0.96 110.83
N SER A 290 12.40 0.76 109.98
CA SER A 290 13.79 0.77 110.43
C SER A 290 14.73 1.13 109.28
N ALA A 291 15.96 1.49 109.63
CA ALA A 291 16.96 1.86 108.62
C ALA A 291 17.71 0.60 108.18
N SER A 292 17.27 -0.54 108.70
CA SER A 292 17.84 -1.82 108.36
C SER A 292 17.58 -2.12 106.88
N GLU A 293 18.53 -2.80 106.23
CA GLU A 293 18.34 -3.13 104.83
C GLU A 293 17.16 -4.08 104.65
N GLN A 294 17.06 -5.06 105.54
CA GLN A 294 15.98 -6.03 105.48
C GLN A 294 14.62 -5.35 105.63
N ASP A 295 14.51 -4.45 106.59
CA ASP A 295 13.26 -3.75 106.81
C ASP A 295 12.90 -2.83 105.65
N ILE A 296 13.90 -2.08 105.16
CA ILE A 296 13.68 -1.19 104.03
C ILE A 296 13.20 -2.00 102.82
N VAL A 297 13.94 -3.05 102.48
CA VAL A 297 13.57 -3.89 101.34
C VAL A 297 12.18 -4.51 101.53
N SER A 298 11.88 -4.94 102.74
CA SER A 298 10.59 -5.55 103.01
C SER A 298 9.47 -4.54 102.66
N THR A 299 9.65 -3.30 103.08
CA THR A 299 8.68 -2.26 102.80
C THR A 299 8.60 -1.98 101.30
N ILE A 300 9.75 -1.90 100.65
CA ILE A 300 9.80 -1.63 99.21
C ILE A 300 9.06 -2.69 98.41
N VAL A 301 9.38 -3.95 98.67
CA VAL A 301 8.73 -5.05 97.95
C VAL A 301 7.22 -5.06 98.18
N SER A 302 6.79 -4.65 99.37
CA SER A 302 5.37 -4.63 99.66
C SER A 302 4.65 -3.48 98.97
N ASN A 303 5.42 -2.50 98.48
CA ASN A 303 4.84 -1.33 97.82
C ASN A 303 5.21 -1.18 96.35
N ALA A 304 6.05 -2.06 95.84
CA ALA A 304 6.47 -2.00 94.44
C ALA A 304 6.02 -3.22 93.65
N THR A 305 6.08 -3.11 92.33
CA THR A 305 5.69 -4.18 91.43
C THR A 305 6.92 -4.73 90.71
N PHE A 306 6.96 -6.05 90.52
CA PHE A 306 8.07 -6.69 89.83
C PHE A 306 7.54 -7.77 88.89
N GLU A 307 8.08 -7.79 87.67
CA GLU A 307 7.66 -8.76 86.66
C GLU A 307 7.97 -10.20 87.06
N SER A 308 8.95 -10.36 87.95
CA SER A 308 9.34 -11.68 88.42
C SER A 308 10.30 -11.56 89.60
N THR A 309 10.56 -12.67 90.28
CA THR A 309 11.45 -12.66 91.41
C THR A 309 12.86 -12.33 90.93
N GLU A 310 13.14 -12.65 89.67
CA GLU A 310 14.44 -12.37 89.08
C GLU A 310 14.58 -10.86 88.96
N GLU A 311 13.52 -10.21 88.46
CA GLU A 311 13.50 -8.76 88.30
C GLU A 311 13.71 -8.11 89.66
N GLN A 312 12.96 -8.59 90.64
CA GLN A 312 13.02 -8.07 92.01
C GLN A 312 14.43 -8.11 92.56
N LYS A 313 15.09 -9.24 92.37
CA LYS A 313 16.45 -9.40 92.85
C LYS A 313 17.37 -8.40 92.14
N ARG A 314 17.19 -8.25 90.84
CA ARG A 314 18.01 -7.34 90.04
C ARG A 314 17.85 -5.88 90.47
N ILE A 315 16.61 -5.43 90.55
CA ILE A 315 16.33 -4.05 90.94
C ILE A 315 16.80 -3.73 92.35
N VAL A 316 16.53 -4.61 93.30
CA VAL A 316 16.96 -4.38 94.68
C VAL A 316 18.48 -4.26 94.73
N ALA A 317 19.17 -5.08 93.95
CA ALA A 317 20.63 -5.04 93.90
C ALA A 317 21.06 -3.72 93.26
N GLY A 318 20.25 -3.24 92.32
CA GLY A 318 20.56 -1.98 91.65
C GLY A 318 20.42 -0.82 92.62
N LEU A 319 19.38 -0.85 93.44
CA LEU A 319 19.15 0.20 94.42
C LEU A 319 20.32 0.21 95.42
N LYS A 320 20.76 -0.98 95.82
CA LYS A 320 21.88 -1.08 96.76
C LYS A 320 23.13 -0.49 96.13
N TRP A 321 23.31 -0.76 94.84
CA TRP A 321 24.45 -0.25 94.10
C TRP A 321 24.48 1.28 94.16
N LEU A 322 23.30 1.90 94.08
CA LEU A 322 23.21 3.36 94.14
C LEU A 322 23.65 3.85 95.52
N GLY A 323 23.63 2.93 96.49
CA GLY A 323 24.03 3.28 97.85
C GLY A 323 22.96 3.80 98.78
N ILE A 324 21.69 3.70 98.39
CA ILE A 324 20.60 4.22 99.23
C ILE A 324 20.32 3.42 100.51
N PHE A 325 20.99 2.28 100.67
CA PHE A 325 20.81 1.43 101.86
C PHE A 325 22.08 1.56 102.72
N SER A 326 23.05 2.33 102.25
CA SER A 326 24.32 2.48 102.95
C SER A 326 24.39 3.58 104.01
N ASP A 327 25.54 3.65 104.66
CA ASP A 327 25.78 4.65 105.71
C ASP A 327 26.24 5.95 105.09
N LYS A 328 26.62 5.92 103.83
CA LYS A 328 27.09 7.12 103.16
C LYS A 328 26.04 8.22 103.26
N LYS A 329 26.48 9.40 103.69
CA LYS A 329 25.57 10.52 103.86
C LYS A 329 25.07 11.09 102.54
N ILE A 330 23.81 11.52 102.55
CA ILE A 330 23.18 12.09 101.36
C ILE A 330 23.66 13.53 101.12
N THR A 331 23.40 14.01 99.91
CA THR A 331 23.71 15.38 99.55
C THR A 331 22.32 15.99 99.69
N PRO A 332 22.05 16.63 100.83
CA PRO A 332 20.75 17.25 101.13
C PRO A 332 20.25 18.24 100.09
N ARG A 333 19.13 17.89 99.44
CA ARG A 333 18.57 18.78 98.44
C ARG A 333 17.08 19.05 98.66
N GLY A 334 16.63 18.86 99.90
CA GLY A 334 15.25 19.16 100.24
C GLY A 334 14.15 18.19 99.87
N ASN A 335 14.22 17.62 98.67
CA ASN A 335 13.19 16.68 98.23
C ASN A 335 13.84 15.40 97.72
N ALA A 336 13.09 14.31 97.72
CA ALA A 336 13.59 13.01 97.29
C ALA A 336 14.18 13.01 95.89
N LEU A 337 13.48 13.59 94.92
CA LEU A 337 13.97 13.59 93.55
C LEU A 337 15.38 14.19 93.44
N ASP A 338 15.54 15.42 93.92
CA ASP A 338 16.83 16.08 93.85
C ASP A 338 17.91 15.44 94.71
N THR A 339 17.52 14.91 95.87
CA THR A 339 18.50 14.27 96.75
C THR A 339 19.02 13.00 96.08
N LEU A 340 18.10 12.24 95.49
CA LEU A 340 18.50 11.03 94.78
C LEU A 340 19.34 11.43 93.57
N CYS A 341 18.92 12.48 92.88
CA CYS A 341 19.62 12.96 91.70
C CYS A 341 21.08 13.25 91.97
N ALA A 342 21.38 13.81 93.14
CA ALA A 342 22.76 14.12 93.50
C ALA A 342 23.60 12.83 93.52
N THR A 343 23.02 11.74 94.01
CA THR A 343 23.74 10.48 94.06
C THR A 343 23.81 9.82 92.68
N LEU A 344 22.79 10.02 91.85
CA LEU A 344 22.80 9.45 90.51
C LEU A 344 23.91 10.13 89.71
N GLU A 345 24.07 11.43 89.90
CA GLU A 345 25.09 12.20 89.20
C GLU A 345 26.49 11.70 89.56
N GLU A 346 26.59 11.17 90.77
CA GLU A 346 27.82 10.63 91.31
C GLU A 346 28.17 9.29 90.68
N LYS A 347 27.16 8.43 90.55
CA LYS A 347 27.37 7.08 90.02
C LYS A 347 27.08 6.78 88.57
N MET A 348 26.42 7.68 87.86
CA MET A 348 26.08 7.41 86.47
C MET A 348 26.70 8.35 85.44
N GLN A 349 27.95 8.69 85.66
CA GLN A 349 28.67 9.58 84.76
C GLN A 349 29.44 8.72 83.76
N PHE A 350 29.63 9.20 82.53
CA PHE A 350 30.40 8.44 81.55
C PHE A 350 31.86 8.46 82.00
N GLU A 351 32.54 7.32 81.90
CA GLU A 351 33.94 7.26 82.32
C GLU A 351 34.90 7.19 81.13
N GLU A 352 36.18 7.39 81.42
CA GLU A 352 37.25 7.38 80.42
C GLU A 352 37.05 6.28 79.38
N GLY A 353 37.14 6.64 78.11
CA GLY A 353 36.99 5.66 77.05
C GLY A 353 35.56 5.31 76.66
N GLU A 354 34.58 5.68 77.47
CA GLU A 354 33.20 5.36 77.16
C GLU A 354 32.57 6.39 76.21
N ARG A 355 31.46 6.01 75.61
CA ARG A 355 30.78 6.89 74.65
C ARG A 355 29.27 6.72 74.74
N ASP A 356 28.54 7.74 74.29
CA ASP A 356 27.09 7.66 74.30
C ASP A 356 26.60 7.27 72.91
N LEU A 357 25.28 7.23 72.77
CA LEU A 357 24.65 6.86 71.52
C LEU A 357 23.33 7.57 71.39
N VAL A 358 23.09 8.13 70.22
CA VAL A 358 21.81 8.77 69.98
C VAL A 358 21.12 7.99 68.86
N MET A 359 19.91 7.53 69.14
CA MET A 359 19.12 6.79 68.18
C MET A 359 17.83 7.56 67.96
N LEU A 360 17.59 7.96 66.72
CA LEU A 360 16.37 8.68 66.38
C LEU A 360 15.81 8.04 65.12
N GLN A 361 14.55 7.62 65.18
CA GLN A 361 13.92 7.02 64.01
C GLN A 361 12.45 7.36 63.85
N HIS A 362 12.12 7.89 62.67
CA HIS A 362 10.75 8.21 62.33
C HIS A 362 10.25 7.03 61.51
N LYS A 363 8.98 6.69 61.65
CA LYS A 363 8.39 5.60 60.89
C LYS A 363 7.07 6.12 60.33
N PHE A 364 6.88 5.96 59.02
CA PHE A 364 5.65 6.42 58.39
C PHE A 364 4.91 5.31 57.66
N GLU A 365 3.65 5.10 58.01
CA GLU A 365 2.84 4.11 57.31
C GLU A 365 2.13 5.00 56.28
N ILE A 366 2.45 4.80 55.02
CA ILE A 366 1.89 5.63 53.96
C ILE A 366 0.93 4.93 53.01
N GLU A 367 -0.05 5.69 52.56
CA GLU A 367 -1.03 5.22 51.61
C GLU A 367 -0.81 6.13 50.41
N ASN A 368 -0.18 5.59 49.37
CA ASN A 368 0.12 6.35 48.17
C ASN A 368 -1.12 6.82 47.42
N LYS A 369 -0.92 7.79 46.54
CA LYS A 369 -1.98 8.36 45.74
C LYS A 369 -2.73 7.27 44.96
N ASP A 370 -1.98 6.31 44.43
CA ASP A 370 -2.56 5.22 43.65
C ASP A 370 -3.15 4.11 44.52
N GLY A 371 -3.40 4.43 45.80
CA GLY A 371 -3.97 3.44 46.70
C GLY A 371 -2.95 2.47 47.25
N SER A 372 -1.74 2.49 46.70
CA SER A 372 -0.67 1.61 47.15
C SER A 372 -0.25 1.95 48.58
N ARG A 373 0.41 1.01 49.24
CA ARG A 373 0.85 1.20 50.62
C ARG A 373 2.33 0.89 50.84
N GLU A 374 2.98 1.67 51.69
CA GLU A 374 4.39 1.46 51.99
C GLU A 374 4.76 1.98 53.36
N THR A 375 5.89 1.50 53.88
CA THR A 375 6.39 1.90 55.18
C THR A 375 7.74 2.56 54.98
N ARG A 376 7.90 3.74 55.55
CA ARG A 376 9.15 4.48 55.43
C ARG A 376 9.75 4.78 56.81
N THR A 377 11.06 4.77 56.90
CA THR A 377 11.75 5.09 58.14
C THR A 377 12.76 6.16 57.84
N SER A 378 13.03 7.00 58.82
CA SER A 378 14.00 8.08 58.71
C SER A 378 14.82 7.86 59.97
N SER A 379 16.10 7.52 59.79
CA SER A 379 16.94 7.21 60.94
C SER A 379 18.25 7.96 61.07
N LEU A 380 18.66 8.08 62.33
CA LEU A 380 19.90 8.73 62.72
C LEU A 380 20.41 7.90 63.88
N CYS A 381 21.57 7.28 63.72
CA CYS A 381 22.16 6.47 64.77
C CYS A 381 23.61 6.94 64.91
N GLU A 382 23.91 7.66 65.99
CA GLU A 382 25.26 8.15 66.16
C GLU A 382 25.89 7.93 67.52
N TYR A 383 27.17 7.56 67.50
CA TYR A 383 27.92 7.34 68.72
C TYR A 383 28.73 8.58 69.03
N GLY A 384 28.90 8.89 70.31
CA GLY A 384 29.68 10.05 70.69
C GLY A 384 31.17 9.71 70.69
N ALA A 385 32.00 10.74 70.76
CA ALA A 385 33.44 10.54 70.82
C ALA A 385 33.73 10.04 72.22
N PRO A 386 34.72 9.15 72.37
CA PRO A 386 35.08 8.59 73.68
C PRO A 386 35.50 9.64 74.70
N ILE A 387 35.12 9.43 75.95
CA ILE A 387 35.49 10.36 77.00
C ILE A 387 37.02 10.39 77.09
N GLY A 388 37.59 11.59 77.08
CA GLY A 388 39.04 11.73 77.14
C GLY A 388 39.65 12.04 75.79
N SER A 389 38.83 11.93 74.76
CA SER A 389 39.27 12.20 73.40
C SER A 389 39.15 13.69 73.09
N GLY A 390 38.29 14.37 73.84
CA GLY A 390 38.08 15.79 73.62
C GLY A 390 36.98 16.05 72.61
N GLY A 391 36.42 14.97 72.05
CA GLY A 391 35.35 15.11 71.06
C GLY A 391 33.99 15.24 71.72
N TYR A 392 32.96 15.58 70.95
CA TYR A 392 31.61 15.73 71.50
C TYR A 392 30.90 14.40 71.68
N SER A 393 30.02 14.36 72.68
CA SER A 393 29.20 13.17 72.89
C SER A 393 28.18 13.33 71.77
N ALA A 394 27.47 12.27 71.40
CA ALA A 394 26.49 12.40 70.34
C ALA A 394 25.38 13.37 70.78
N MET A 395 25.02 13.34 72.05
CA MET A 395 23.98 14.23 72.57
C MET A 395 24.38 15.71 72.49
N ALA A 396 25.57 16.05 72.98
CA ALA A 396 26.02 17.44 72.94
C ALA A 396 26.12 17.95 71.50
N LYS A 397 26.60 17.09 70.60
CA LYS A 397 26.74 17.46 69.21
C LYS A 397 25.39 17.72 68.54
N LEU A 398 24.50 16.74 68.66
CA LEU A 398 23.17 16.82 68.05
C LEU A 398 22.24 17.86 68.67
N VAL A 399 22.63 18.41 69.81
CA VAL A 399 21.83 19.45 70.45
C VAL A 399 22.51 20.80 70.26
N GLY A 400 23.76 20.88 70.69
CA GLY A 400 24.51 22.11 70.57
C GLY A 400 24.74 22.64 69.17
N VAL A 401 24.97 21.76 68.19
CA VAL A 401 25.23 22.24 66.82
C VAL A 401 23.96 22.83 66.20
N PRO A 402 22.83 22.11 66.28
CA PRO A 402 21.61 22.69 65.70
C PRO A 402 21.31 24.03 66.39
N CYS A 403 21.58 24.10 67.70
CA CYS A 403 21.33 25.32 68.46
C CYS A 403 22.15 26.47 67.89
N ALA A 404 23.45 26.24 67.70
CA ALA A 404 24.37 27.24 67.15
C ALA A 404 23.95 27.67 65.74
N VAL A 405 23.53 26.72 64.91
CA VAL A 405 23.10 27.03 63.55
C VAL A 405 21.87 27.93 63.61
N ALA A 406 20.95 27.63 64.53
CA ALA A 406 19.74 28.44 64.67
C ALA A 406 20.13 29.85 65.12
N VAL A 407 21.09 29.94 66.03
CA VAL A 407 21.55 31.24 66.52
C VAL A 407 22.09 32.08 65.36
N LYS A 408 22.95 31.47 64.54
CA LYS A 408 23.51 32.16 63.40
C LYS A 408 22.44 32.58 62.41
N PHE A 409 21.40 31.78 62.26
CA PHE A 409 20.32 32.12 61.34
C PHE A 409 19.47 33.29 61.87
N VAL A 410 19.26 33.35 63.18
CA VAL A 410 18.48 34.46 63.74
C VAL A 410 19.32 35.73 63.61
N LEU A 411 20.62 35.61 63.83
CA LEU A 411 21.52 36.76 63.72
C LEU A 411 21.64 37.32 62.31
N ASP A 412 21.68 36.45 61.30
CA ASP A 412 21.79 36.96 59.92
C ASP A 412 20.47 37.10 59.20
N GLY A 413 19.36 36.89 59.91
CA GLY A 413 18.06 37.06 59.29
C GLY A 413 17.48 35.88 58.52
N THR A 414 18.17 34.76 58.49
CA THR A 414 17.65 33.58 57.79
C THR A 414 16.35 33.19 58.48
N ILE A 415 16.32 33.30 59.81
CA ILE A 415 15.12 33.04 60.60
C ILE A 415 14.70 34.45 61.01
N SER A 416 13.65 34.97 60.41
CA SER A 416 13.24 36.34 60.70
C SER A 416 11.85 36.57 61.28
N ASP A 417 11.03 35.52 61.36
CA ASP A 417 9.70 35.69 61.96
C ASP A 417 9.88 36.10 63.42
N ARG A 418 9.03 37.00 63.90
CA ARG A 418 9.12 37.46 65.29
C ARG A 418 8.14 36.68 66.14
N GLY A 419 8.38 36.65 67.45
CA GLY A 419 7.48 35.94 68.33
C GLY A 419 8.13 34.66 68.83
N VAL A 420 7.32 33.77 69.39
CA VAL A 420 7.80 32.50 69.92
C VAL A 420 7.62 31.43 68.84
N LEU A 421 8.74 30.93 68.32
CA LEU A 421 8.72 29.94 67.24
C LEU A 421 9.34 28.59 67.57
N ALA A 422 9.19 27.68 66.62
CA ALA A 422 9.73 26.32 66.67
C ALA A 422 9.99 25.98 65.20
N PRO A 423 10.76 24.91 64.92
CA PRO A 423 11.06 24.49 63.54
C PRO A 423 9.82 23.88 62.88
N MET A 424 8.84 24.71 62.52
CA MET A 424 7.61 24.20 61.92
C MET A 424 7.31 24.69 60.51
N ASN A 425 8.31 25.26 59.85
CA ASN A 425 8.09 25.79 58.49
C ASN A 425 9.29 25.48 57.60
N SER A 426 9.03 24.92 56.42
CA SER A 426 10.10 24.56 55.48
C SER A 426 10.98 25.77 55.17
N LYS A 427 10.43 26.95 55.38
CA LYS A 427 11.13 28.21 55.14
C LYS A 427 12.41 28.31 55.97
N ILE A 428 12.38 27.76 57.18
CA ILE A 428 13.55 27.80 58.03
C ILE A 428 14.08 26.39 58.26
N ASN A 429 13.22 25.39 58.13
CA ASN A 429 13.64 24.01 58.32
C ASN A 429 14.64 23.55 57.24
N ASP A 430 14.37 23.89 55.98
CA ASP A 430 15.28 23.49 54.89
C ASP A 430 16.67 24.09 55.10
N PRO A 431 16.77 25.39 55.39
CA PRO A 431 18.10 25.99 55.60
C PRO A 431 18.80 25.32 56.77
N LEU A 432 18.04 25.02 57.83
CA LEU A 432 18.61 24.38 59.01
C LEU A 432 19.18 23.01 58.64
N MET A 433 18.38 22.21 57.94
CA MET A 433 18.81 20.87 57.52
C MET A 433 20.00 20.91 56.56
N LYS A 434 19.98 21.84 55.62
CA LYS A 434 21.06 21.97 54.64
C LYS A 434 22.40 22.21 55.33
N GLU A 435 22.42 23.20 56.23
CA GLU A 435 23.63 23.55 56.95
C GLU A 435 24.12 22.40 57.82
N LEU A 436 23.20 21.76 58.55
CA LEU A 436 23.56 20.65 59.41
C LEU A 436 24.10 19.46 58.61
N LYS A 437 23.51 19.19 57.46
CA LYS A 437 23.93 18.08 56.63
C LYS A 437 25.26 18.35 55.94
N GLU A 438 25.29 19.39 55.12
CA GLU A 438 26.48 19.76 54.36
C GLU A 438 27.70 20.16 55.16
N LYS A 439 27.50 20.92 56.23
CA LYS A 439 28.65 21.36 57.00
C LYS A 439 29.05 20.47 58.16
N TYR A 440 28.09 19.74 58.73
CA TYR A 440 28.39 18.88 59.87
C TYR A 440 28.09 17.38 59.70
N GLY A 441 27.50 17.01 58.57
CA GLY A 441 27.20 15.60 58.34
C GLY A 441 26.04 15.11 59.19
N ILE A 442 25.23 16.04 59.68
CA ILE A 442 24.07 15.68 60.50
C ILE A 442 22.81 15.56 59.66
N GLU A 443 22.18 14.38 59.71
CA GLU A 443 20.97 14.14 58.93
C GLU A 443 20.34 12.80 59.28
N CYS A 444 19.06 12.66 58.90
CA CYS A 444 18.34 11.41 59.09
C CYS A 444 18.25 10.79 57.70
N LYS A 445 18.54 9.50 57.60
CA LYS A 445 18.50 8.82 56.31
C LYS A 445 17.20 8.05 56.11
N GLU A 446 16.54 8.30 54.97
CA GLU A 446 15.28 7.64 54.64
C GLU A 446 15.48 6.26 54.05
N LYS A 447 14.43 5.45 54.13
CA LYS A 447 14.47 4.09 53.61
C LYS A 447 13.07 3.46 53.63
N VAL A 448 12.70 2.80 52.53
CA VAL A 448 11.41 2.13 52.44
C VAL A 448 11.53 0.73 53.03
N VAL A 449 10.88 0.48 54.15
CA VAL A 449 10.93 -0.82 54.82
C VAL A 449 9.89 -1.81 54.32
N ALA A 450 8.80 -1.31 53.75
CA ALA A 450 7.75 -2.18 53.24
C ALA A 450 6.76 -1.39 52.38
N ALA B 2 68.90 -15.78 59.12
CA ALA B 2 68.09 -16.79 58.37
C ALA B 2 66.68 -16.29 58.10
N THR B 3 66.44 -15.80 56.89
CA THR B 3 65.12 -15.28 56.51
C THR B 3 64.11 -16.43 56.50
N LYS B 4 63.03 -16.27 57.24
CA LYS B 4 61.99 -17.28 57.30
C LYS B 4 61.00 -17.11 56.16
N SER B 5 60.41 -18.21 55.72
CA SER B 5 59.44 -18.18 54.64
C SER B 5 58.21 -18.96 55.07
N VAL B 6 57.03 -18.43 54.76
CA VAL B 6 55.78 -19.07 55.13
C VAL B 6 54.79 -19.21 53.97
N LEU B 7 54.19 -20.39 53.85
CA LEU B 7 53.19 -20.62 52.82
C LEU B 7 51.82 -20.41 53.45
N MET B 8 51.15 -19.34 53.04
CA MET B 8 49.82 -19.07 53.56
C MET B 8 48.79 -19.61 52.57
N LEU B 9 48.09 -20.66 52.97
CA LEU B 9 47.07 -21.22 52.12
C LEU B 9 45.82 -20.39 52.44
N GLY B 10 45.24 -19.79 51.40
CA GLY B 10 44.04 -18.98 51.59
C GLY B 10 44.32 -17.49 51.45
N SER B 11 43.30 -16.74 51.01
CA SER B 11 43.44 -15.29 50.86
C SER B 11 42.09 -14.67 51.19
N GLY B 12 41.30 -15.38 51.97
CA GLY B 12 39.98 -14.90 52.34
C GLY B 12 39.88 -13.90 53.49
N PHE B 13 38.70 -13.84 54.09
CA PHE B 13 38.39 -12.93 55.19
C PHE B 13 39.45 -12.64 56.26
N VAL B 14 39.96 -13.68 56.92
CA VAL B 14 40.92 -13.48 58.00
C VAL B 14 42.41 -13.40 57.66
N THR B 15 42.76 -13.45 56.38
CA THR B 15 44.17 -13.46 55.99
C THR B 15 45.00 -12.17 56.01
N ARG B 16 44.41 -11.05 55.63
CA ARG B 16 45.17 -9.81 55.58
C ARG B 16 45.96 -9.47 56.85
N PRO B 17 45.35 -9.59 58.04
CA PRO B 17 46.11 -9.26 59.24
C PRO B 17 47.30 -10.20 59.43
N THR B 18 47.10 -11.48 59.14
CA THR B 18 48.18 -12.45 59.27
C THR B 18 49.30 -12.08 58.31
N LEU B 19 48.93 -11.74 57.07
CA LEU B 19 49.93 -11.36 56.07
C LEU B 19 50.67 -10.10 56.49
N ASP B 20 49.93 -9.11 56.98
CA ASP B 20 50.54 -7.86 57.41
C ASP B 20 51.54 -8.08 58.53
N VAL B 21 51.14 -8.78 59.59
CA VAL B 21 52.02 -9.05 60.73
C VAL B 21 53.28 -9.80 60.33
N LEU B 22 53.11 -10.87 59.55
CA LEU B 22 54.28 -11.65 59.15
C LEU B 22 55.23 -10.84 58.27
N THR B 23 54.73 -10.17 57.24
CA THR B 23 55.61 -9.42 56.36
C THR B 23 56.22 -8.21 57.06
N ASP B 24 55.50 -7.65 58.03
CA ASP B 24 56.03 -6.52 58.79
C ASP B 24 57.18 -7.02 59.67
N SER B 25 57.26 -8.35 59.83
CA SER B 25 58.30 -8.97 60.64
C SER B 25 59.49 -9.39 59.78
N GLY B 26 59.39 -9.13 58.48
CA GLY B 26 60.47 -9.50 57.59
C GLY B 26 60.38 -10.97 57.18
N ILE B 27 59.24 -11.59 57.44
CA ILE B 27 59.04 -12.98 57.07
C ILE B 27 58.42 -13.02 55.68
N LYS B 28 59.02 -13.79 54.78
CA LYS B 28 58.49 -13.88 53.43
C LYS B 28 57.23 -14.73 53.43
N VAL B 29 56.21 -14.29 52.69
CA VAL B 29 54.96 -15.04 52.63
C VAL B 29 54.44 -15.27 51.22
N THR B 30 54.15 -16.52 50.91
CA THR B 30 53.59 -16.86 49.61
C THR B 30 52.11 -17.03 49.87
N VAL B 31 51.30 -16.24 49.17
CA VAL B 31 49.85 -16.31 49.32
C VAL B 31 49.34 -17.22 48.23
N ALA B 32 48.68 -18.30 48.64
CA ALA B 32 48.20 -19.28 47.67
C ALA B 32 46.78 -19.77 47.87
N CYS B 33 46.06 -19.86 46.76
CA CYS B 33 44.69 -20.38 46.73
C CYS B 33 44.39 -20.68 45.27
N ARG B 34 43.22 -21.22 44.96
CA ARG B 34 42.95 -21.56 43.57
C ARG B 34 42.88 -20.36 42.63
N THR B 35 42.14 -19.33 43.03
CA THR B 35 41.98 -18.14 42.21
C THR B 35 43.18 -17.21 42.33
N LEU B 36 44.03 -17.20 41.30
CA LEU B 36 45.22 -16.36 41.29
C LEU B 36 44.92 -14.89 41.61
N GLU B 37 43.87 -14.34 41.01
CA GLU B 37 43.51 -12.94 41.24
C GLU B 37 43.26 -12.66 42.72
N SER B 38 42.67 -13.62 43.42
CA SER B 38 42.39 -13.42 44.84
C SER B 38 43.70 -13.31 45.62
N ALA B 39 44.65 -14.19 45.30
CA ALA B 39 45.93 -14.15 45.98
C ALA B 39 46.63 -12.83 45.65
N LYS B 40 46.50 -12.38 44.40
CA LYS B 40 47.13 -11.12 43.99
C LYS B 40 46.52 -9.92 44.72
N LYS B 41 45.20 -9.89 44.80
CA LYS B 41 44.52 -8.78 45.45
C LYS B 41 44.94 -8.64 46.92
N LEU B 42 45.09 -9.76 47.62
CA LEU B 42 45.48 -9.72 49.02
C LEU B 42 46.91 -9.22 49.22
N SER B 43 47.81 -9.65 48.35
CA SER B 43 49.22 -9.27 48.48
C SER B 43 49.66 -8.04 47.71
N ALA B 44 48.75 -7.44 46.93
CA ALA B 44 49.10 -6.26 46.16
C ALA B 44 49.72 -5.16 47.04
N GLY B 45 50.96 -4.81 46.75
CA GLY B 45 51.63 -3.76 47.49
C GLY B 45 52.19 -4.18 48.84
N VAL B 46 52.05 -5.45 49.19
CA VAL B 46 52.57 -5.93 50.47
C VAL B 46 53.99 -6.43 50.25
N GLN B 47 54.93 -5.83 50.97
CA GLN B 47 56.33 -6.20 50.85
C GLN B 47 56.56 -7.64 51.32
N HIS B 48 57.46 -8.34 50.64
CA HIS B 48 57.82 -9.73 50.96
C HIS B 48 56.73 -10.76 50.66
N SER B 49 55.72 -10.39 49.88
CA SER B 49 54.66 -11.34 49.56
C SER B 49 54.68 -11.73 48.09
N THR B 50 54.27 -12.97 47.82
CA THR B 50 54.23 -13.51 46.46
C THR B 50 52.92 -14.29 46.28
N PRO B 51 52.11 -13.90 45.29
CA PRO B 51 50.84 -14.59 45.04
C PRO B 51 50.96 -15.73 44.02
N ILE B 52 50.31 -16.86 44.28
CA ILE B 52 50.34 -17.97 43.34
C ILE B 52 49.02 -18.70 43.37
N SER B 53 48.76 -19.49 42.33
CA SER B 53 47.55 -20.29 42.28
C SER B 53 47.97 -21.67 42.73
N LEU B 54 47.23 -22.26 43.66
CA LEU B 54 47.54 -23.59 44.16
C LEU B 54 46.28 -24.23 44.71
N ASP B 55 46.05 -25.49 44.32
CA ASP B 55 44.89 -26.22 44.78
C ASP B 55 45.43 -27.30 45.70
N VAL B 56 45.05 -27.25 46.98
CA VAL B 56 45.56 -28.23 47.94
C VAL B 56 45.18 -29.67 47.62
N ASN B 57 44.23 -29.86 46.70
CA ASN B 57 43.82 -31.20 46.31
C ASN B 57 44.87 -31.88 45.45
N ASP B 58 45.80 -31.07 44.92
CA ASP B 58 46.90 -31.58 44.09
C ASP B 58 48.10 -31.92 44.99
N ASP B 59 48.18 -33.17 45.42
CA ASP B 59 49.26 -33.61 46.30
C ASP B 59 50.65 -33.20 45.81
N ALA B 60 50.94 -33.48 44.55
CA ALA B 60 52.25 -33.14 43.98
C ALA B 60 52.53 -31.64 44.06
N ALA B 61 51.57 -30.83 43.63
CA ALA B 61 51.75 -29.38 43.65
C ALA B 61 51.88 -28.88 45.08
N LEU B 62 51.09 -29.45 45.99
CA LEU B 62 51.14 -29.02 47.39
C LEU B 62 52.49 -29.32 48.03
N ASP B 63 52.99 -30.56 47.87
CA ASP B 63 54.27 -30.93 48.46
C ASP B 63 55.39 -30.06 47.92
N ALA B 64 55.39 -29.83 46.61
CA ALA B 64 56.43 -29.02 46.00
C ALA B 64 56.49 -27.62 46.60
N GLU B 65 55.33 -27.00 46.79
CA GLU B 65 55.31 -25.65 47.37
C GLU B 65 55.65 -25.65 48.86
N VAL B 66 55.06 -26.58 49.60
CA VAL B 66 55.32 -26.69 51.04
C VAL B 66 56.82 -26.82 51.32
N ALA B 67 57.49 -27.64 50.52
CA ALA B 67 58.91 -27.87 50.68
C ALA B 67 59.78 -26.62 50.57
N LYS B 68 59.24 -25.57 49.97
CA LYS B 68 59.99 -24.32 49.81
C LYS B 68 59.87 -23.38 50.99
N HIS B 69 59.05 -23.75 51.97
CA HIS B 69 58.87 -22.87 53.13
C HIS B 69 59.18 -23.56 54.44
N ASP B 70 59.17 -22.78 55.52
CA ASP B 70 59.45 -23.31 56.83
C ASP B 70 58.18 -23.75 57.53
N LEU B 71 57.06 -23.12 57.16
CA LEU B 71 55.80 -23.47 57.77
C LEU B 71 54.62 -23.10 56.89
N VAL B 72 53.54 -23.87 57.02
CA VAL B 72 52.33 -23.66 56.24
C VAL B 72 51.16 -23.23 57.13
N ILE B 73 50.44 -22.20 56.71
CA ILE B 73 49.27 -21.75 57.46
C ILE B 73 48.09 -22.23 56.63
N SER B 74 47.18 -22.96 57.24
CA SER B 74 46.02 -23.45 56.51
C SER B 74 44.78 -22.61 56.81
N LEU B 75 44.67 -21.48 56.13
CA LEU B 75 43.53 -20.60 56.31
C LEU B 75 42.52 -20.86 55.20
N ILE B 76 42.12 -22.12 55.08
CA ILE B 76 41.16 -22.55 54.07
C ILE B 76 40.11 -23.40 54.79
N PRO B 77 39.06 -23.86 54.06
CA PRO B 77 38.05 -24.67 54.74
C PRO B 77 38.69 -25.82 55.53
N TYR B 78 38.23 -26.03 56.76
CA TYR B 78 38.82 -27.05 57.60
C TYR B 78 38.75 -28.49 57.09
N THR B 79 37.93 -28.73 56.08
CA THR B 79 37.83 -30.08 55.52
C THR B 79 39.18 -30.45 54.90
N PHE B 80 40.00 -29.44 54.60
CA PHE B 80 41.31 -29.66 53.99
C PHE B 80 42.48 -29.83 54.95
N HIS B 81 42.30 -29.54 56.24
CA HIS B 81 43.43 -29.62 57.17
C HIS B 81 44.19 -30.93 57.22
N ALA B 82 43.48 -32.06 57.19
CA ALA B 82 44.15 -33.36 57.23
C ALA B 82 45.08 -33.48 56.04
N THR B 83 44.57 -33.13 54.85
CA THR B 83 45.37 -33.20 53.64
C THR B 83 46.62 -32.34 53.75
N VAL B 84 46.46 -31.11 54.26
CA VAL B 84 47.58 -30.19 54.41
C VAL B 84 48.63 -30.75 55.39
N ILE B 85 48.16 -31.33 56.48
CA ILE B 85 49.09 -31.88 57.48
C ILE B 85 49.87 -33.08 56.95
N LYS B 86 49.22 -33.90 56.12
CA LYS B 86 49.90 -35.06 55.52
C LYS B 86 51.04 -34.58 54.65
N SER B 87 50.82 -33.48 53.93
CA SER B 87 51.85 -32.92 53.06
C SER B 87 52.98 -32.35 53.92
N ALA B 88 52.61 -31.63 54.97
CA ALA B 88 53.60 -31.05 55.88
C ALA B 88 54.43 -32.14 56.53
N ILE B 89 53.80 -33.28 56.84
CA ILE B 89 54.53 -34.39 57.44
C ILE B 89 55.57 -34.93 56.48
N ARG B 90 55.17 -35.19 55.23
CA ARG B 90 56.12 -35.68 54.21
C ARG B 90 57.29 -34.73 54.02
N GLN B 91 57.00 -33.43 54.05
CA GLN B 91 58.04 -32.42 53.83
C GLN B 91 58.72 -31.95 55.11
N LYS B 92 58.26 -32.47 56.25
CA LYS B 92 58.83 -32.09 57.54
C LYS B 92 58.73 -30.58 57.77
N LYS B 93 57.57 -29.98 57.51
CA LYS B 93 57.38 -28.56 57.72
C LYS B 93 56.29 -28.37 58.78
N HIS B 94 56.36 -27.26 59.52
CA HIS B 94 55.37 -26.97 60.55
C HIS B 94 54.04 -26.49 59.97
N VAL B 95 52.99 -26.55 60.78
CA VAL B 95 51.66 -26.13 60.37
C VAL B 95 50.94 -25.32 61.45
N VAL B 96 50.14 -24.36 61.01
CA VAL B 96 49.33 -23.54 61.92
C VAL B 96 47.95 -23.37 61.30
N THR B 97 46.92 -23.53 62.11
CA THR B 97 45.56 -23.32 61.63
C THR B 97 44.86 -22.61 62.77
N THR B 98 43.67 -22.09 62.48
CA THR B 98 42.87 -21.41 63.49
C THR B 98 41.62 -22.26 63.66
N SER B 99 41.73 -23.54 63.29
CA SER B 99 40.61 -24.47 63.35
C SER B 99 40.68 -25.49 64.50
N TYR B 100 39.55 -26.13 64.76
CA TYR B 100 39.45 -27.14 65.81
C TYR B 100 40.28 -28.35 65.41
N VAL B 101 40.84 -29.00 66.42
CA VAL B 101 41.60 -30.23 66.19
C VAL B 101 40.52 -31.30 66.07
N SER B 102 40.27 -31.78 64.85
CA SER B 102 39.27 -32.82 64.67
C SER B 102 39.91 -34.20 64.84
N PRO B 103 39.09 -35.25 64.92
CA PRO B 103 39.63 -36.62 65.08
C PRO B 103 40.57 -36.96 63.94
N ALA B 104 40.20 -36.57 62.72
CA ALA B 104 41.02 -36.83 61.54
C ALA B 104 42.40 -36.21 61.69
N MET B 105 42.47 -34.99 62.23
CA MET B 105 43.75 -34.32 62.43
C MET B 105 44.54 -35.00 63.54
N MET B 106 43.85 -35.32 64.64
CA MET B 106 44.49 -35.96 65.78
C MET B 106 45.13 -37.30 65.41
N GLU B 107 44.55 -37.99 64.44
CA GLU B 107 45.09 -39.27 63.99
C GLU B 107 46.52 -39.11 63.48
N LEU B 108 46.86 -37.89 63.06
CA LEU B 108 48.19 -37.61 62.50
C LEU B 108 49.20 -37.11 63.53
N ASP B 109 48.79 -37.05 64.80
CA ASP B 109 49.66 -36.59 65.87
C ASP B 109 51.01 -37.31 65.96
N GLN B 110 50.99 -38.64 66.04
CA GLN B 110 52.24 -39.39 66.14
C GLN B 110 53.11 -39.23 64.90
N ALA B 111 52.49 -39.26 63.73
CA ALA B 111 53.26 -39.09 62.49
C ALA B 111 53.90 -37.70 62.47
N ALA B 112 53.20 -36.70 62.98
CA ALA B 112 53.72 -35.33 63.04
C ALA B 112 54.93 -35.30 63.96
N LYS B 113 54.79 -35.93 65.12
CA LYS B 113 55.89 -36.00 66.09
C LYS B 113 57.10 -36.70 65.49
N ASP B 114 56.89 -37.80 64.79
CA ASP B 114 58.00 -38.54 64.18
C ASP B 114 58.70 -37.69 63.12
N ALA B 115 57.94 -36.82 62.47
CA ALA B 115 58.50 -35.94 61.44
C ALA B 115 59.14 -34.71 62.11
N GLY B 116 58.95 -34.60 63.42
CA GLY B 116 59.52 -33.49 64.16
C GLY B 116 58.87 -32.15 63.90
N ILE B 117 57.60 -32.17 63.50
CA ILE B 117 56.93 -30.92 63.22
C ILE B 117 55.87 -30.56 64.25
N THR B 118 55.57 -29.27 64.30
CA THR B 118 54.57 -28.75 65.19
C THR B 118 53.35 -28.38 64.34
N VAL B 119 52.17 -28.85 64.74
CA VAL B 119 50.93 -28.52 64.05
C VAL B 119 50.08 -27.79 65.09
N MET B 120 50.21 -26.47 65.12
CA MET B 120 49.49 -25.62 66.07
C MET B 120 48.11 -25.21 65.54
N ASN B 121 47.07 -25.55 66.30
CA ASN B 121 45.70 -25.26 65.90
C ASN B 121 44.91 -24.44 66.90
N GLU B 122 43.64 -24.24 66.60
CA GLU B 122 42.73 -23.53 67.49
C GLU B 122 43.32 -22.25 68.08
N ILE B 123 44.00 -21.45 67.25
CA ILE B 123 44.57 -20.21 67.75
C ILE B 123 44.10 -19.00 66.94
N GLY B 124 42.77 -18.90 66.85
CA GLY B 124 42.11 -17.78 66.18
C GLY B 124 41.35 -17.06 67.29
N LEU B 125 40.09 -16.71 67.05
CA LEU B 125 39.29 -16.03 68.07
C LEU B 125 38.53 -17.04 68.92
N ASP B 126 37.79 -17.91 68.26
CA ASP B 126 36.99 -18.94 68.91
C ASP B 126 36.85 -20.05 67.89
N PRO B 127 37.63 -21.12 68.03
CA PRO B 127 38.63 -21.37 69.07
C PRO B 127 39.90 -20.52 68.98
N GLY B 128 40.43 -20.13 70.14
CA GLY B 128 41.63 -19.33 70.18
C GLY B 128 41.73 -18.48 71.43
N ILE B 129 41.49 -17.18 71.27
CA ILE B 129 41.54 -16.24 72.37
C ILE B 129 40.69 -16.73 73.55
N ASP B 130 39.54 -17.33 73.25
CA ASP B 130 38.66 -17.82 74.30
C ASP B 130 39.38 -18.86 75.17
N HIS B 131 40.14 -19.77 74.55
CA HIS B 131 40.88 -20.77 75.30
C HIS B 131 41.87 -20.10 76.25
N LEU B 132 42.64 -19.15 75.70
CA LEU B 132 43.66 -18.43 76.46
C LEU B 132 43.14 -17.83 77.76
N TYR B 133 42.08 -17.03 77.68
CA TYR B 133 41.55 -16.40 78.88
C TYR B 133 40.68 -17.29 79.74
N ALA B 134 40.16 -18.37 79.18
CA ALA B 134 39.35 -19.30 79.96
C ALA B 134 40.31 -20.02 80.92
N ILE B 135 41.43 -20.50 80.37
CA ILE B 135 42.44 -21.21 81.15
C ILE B 135 43.14 -20.30 82.15
N LYS B 136 43.43 -19.07 81.72
CA LYS B 136 44.10 -18.11 82.59
C LYS B 136 43.35 -17.97 83.91
N THR B 137 42.05 -17.70 83.84
CA THR B 137 41.24 -17.55 85.04
C THR B 137 41.09 -18.83 85.84
N ILE B 138 40.84 -19.94 85.15
CA ILE B 138 40.69 -21.22 85.82
C ILE B 138 41.93 -21.60 86.62
N GLU B 139 43.12 -21.41 86.04
CA GLU B 139 44.34 -21.74 86.76
C GLU B 139 44.58 -20.79 87.92
N GLU B 140 44.18 -19.53 87.76
CA GLU B 140 44.34 -18.53 88.84
C GLU B 140 43.49 -18.95 90.03
N VAL B 141 42.22 -19.26 89.76
CA VAL B 141 41.29 -19.68 90.80
C VAL B 141 41.79 -20.94 91.51
N HIS B 142 42.17 -21.95 90.75
CA HIS B 142 42.68 -23.20 91.32
C HIS B 142 43.91 -22.95 92.17
N ALA B 143 44.79 -22.08 91.71
CA ALA B 143 46.01 -21.77 92.44
C ALA B 143 45.66 -21.11 93.77
N ALA B 144 44.48 -20.50 93.83
CA ALA B 144 44.01 -19.84 95.04
C ALA B 144 43.14 -20.76 95.89
N GLY B 145 43.10 -22.04 95.50
CA GLY B 145 42.30 -23.00 96.24
C GLY B 145 40.81 -22.89 95.96
N GLY B 146 40.46 -22.18 94.90
CA GLY B 146 39.06 -22.02 94.53
C GLY B 146 38.53 -23.14 93.67
N LYS B 147 37.21 -23.18 93.49
CA LYS B 147 36.57 -24.21 92.68
C LYS B 147 35.72 -23.58 91.59
N ILE B 148 35.84 -24.10 90.37
CA ILE B 148 35.04 -23.59 89.26
C ILE B 148 33.76 -24.42 89.22
N LYS B 149 32.67 -23.88 89.77
CA LYS B 149 31.42 -24.59 89.79
C LYS B 149 30.67 -24.47 88.48
N THR B 150 30.88 -23.36 87.78
CA THR B 150 30.24 -23.13 86.48
C THR B 150 31.18 -22.41 85.55
N PHE B 151 31.27 -22.90 84.32
CA PHE B 151 32.10 -22.26 83.30
C PHE B 151 31.25 -22.05 82.06
N LEU B 152 31.16 -20.80 81.64
CA LEU B 152 30.39 -20.45 80.45
C LEU B 152 31.30 -19.64 79.53
N SER B 153 31.20 -19.90 78.23
CA SER B 153 32.00 -19.18 77.27
C SER B 153 31.13 -18.94 76.05
N TYR B 154 30.77 -17.68 75.81
CA TYR B 154 29.94 -17.35 74.67
C TYR B 154 30.63 -16.35 73.77
N CYS B 155 30.52 -16.55 72.47
CA CYS B 155 31.15 -15.65 71.53
C CYS B 155 30.33 -15.50 70.28
N GLY B 156 30.31 -14.28 69.75
CA GLY B 156 29.58 -14.02 68.53
C GLY B 156 30.34 -13.02 67.68
N GLY B 157 30.39 -13.27 66.37
CA GLY B 157 31.03 -12.35 65.45
C GLY B 157 29.83 -11.84 64.70
N LEU B 158 29.44 -10.60 64.94
CA LEU B 158 28.25 -10.07 64.33
C LEU B 158 28.43 -8.66 63.79
N PRO B 159 27.44 -8.17 63.04
CA PRO B 159 27.62 -6.81 62.55
C PRO B 159 27.37 -5.93 63.77
N ALA B 160 27.90 -4.71 63.77
CA ALA B 160 27.67 -3.81 64.89
C ALA B 160 26.17 -3.59 64.87
N PRO B 161 25.55 -3.26 66.01
CA PRO B 161 24.10 -3.05 65.99
C PRO B 161 23.64 -2.07 64.89
N GLU B 162 24.35 -0.95 64.72
CA GLU B 162 23.96 0.02 63.69
C GLU B 162 24.15 -0.51 62.27
N SER B 163 24.89 -1.60 62.13
CA SER B 163 25.14 -2.19 60.82
C SER B 163 24.39 -3.51 60.62
N SER B 164 23.54 -3.87 61.58
CA SER B 164 22.82 -5.13 61.51
C SER B 164 21.44 -5.07 60.86
N ASP B 165 21.18 -4.06 60.04
CA ASP B 165 19.85 -3.93 59.46
C ASP B 165 19.47 -4.71 58.21
N ASN B 166 19.32 -6.02 58.35
CA ASN B 166 18.85 -6.87 57.27
C ASN B 166 18.01 -7.94 57.95
N PRO B 167 17.15 -8.65 57.21
CA PRO B 167 16.30 -9.70 57.78
C PRO B 167 16.94 -10.72 58.72
N LEU B 168 18.24 -10.94 58.57
CA LEU B 168 18.93 -11.91 59.42
C LEU B 168 19.73 -11.32 60.57
N GLY B 169 19.94 -10.00 60.53
CA GLY B 169 20.73 -9.38 61.56
C GLY B 169 22.12 -10.01 61.53
N TYR B 170 22.56 -10.36 60.33
CA TYR B 170 23.85 -11.00 60.16
C TYR B 170 24.49 -10.68 58.82
N LYS B 171 25.79 -10.41 58.85
CA LYS B 171 26.56 -10.12 57.65
C LYS B 171 27.89 -10.86 57.79
N PHE B 172 28.42 -11.34 56.67
CA PHE B 172 29.66 -12.12 56.69
C PHE B 172 30.97 -11.41 56.99
N SER B 173 31.70 -11.95 57.97
CA SER B 173 33.00 -11.41 58.36
C SER B 173 34.03 -12.54 58.31
N TRP B 174 33.55 -13.74 58.03
CA TRP B 174 34.40 -14.94 57.91
C TRP B 174 33.62 -16.00 57.12
N SER B 175 34.34 -17.01 56.63
CA SER B 175 33.76 -18.09 55.81
C SER B 175 32.24 -18.24 55.79
N SER B 176 31.63 -17.83 54.69
CA SER B 176 30.19 -17.91 54.49
C SER B 176 29.65 -19.33 54.67
N ARG B 177 30.20 -20.30 53.94
CA ARG B 177 29.70 -21.65 54.11
C ARG B 177 30.10 -22.18 55.49
N GLY B 178 31.18 -21.64 56.04
CA GLY B 178 31.61 -22.06 57.36
C GLY B 178 30.54 -21.68 58.36
N VAL B 179 29.94 -20.50 58.17
CA VAL B 179 28.87 -20.03 59.05
C VAL B 179 27.70 -21.00 59.00
N LEU B 180 27.32 -21.41 57.79
CA LEU B 180 26.21 -22.33 57.60
C LEU B 180 26.49 -23.69 58.22
N LEU B 181 27.71 -24.18 58.03
CA LEU B 181 28.09 -25.47 58.59
C LEU B 181 27.95 -25.45 60.11
N ALA B 182 28.39 -24.36 60.74
CA ALA B 182 28.32 -24.24 62.19
C ALA B 182 26.89 -24.25 62.70
N LEU B 183 25.95 -23.87 61.84
CA LEU B 183 24.54 -23.84 62.23
C LEU B 183 23.90 -25.22 62.32
N ARG B 184 24.62 -26.25 61.91
CA ARG B 184 24.09 -27.62 61.93
C ARG B 184 24.80 -28.53 62.93
N ASN B 185 25.82 -28.01 63.60
CA ASN B 185 26.57 -28.81 64.56
C ASN B 185 25.78 -29.24 65.78
N ALA B 186 25.79 -30.53 66.07
CA ALA B 186 25.11 -31.06 67.24
C ALA B 186 25.88 -30.52 68.45
N ALA B 187 25.20 -30.33 69.56
CA ALA B 187 25.88 -29.81 70.74
C ALA B 187 25.66 -30.69 71.96
N SER B 188 26.59 -30.59 72.90
CA SER B 188 26.52 -31.36 74.13
C SER B 188 27.22 -30.53 75.19
N PHE B 189 26.69 -30.55 76.40
CA PHE B 189 27.28 -29.76 77.48
C PHE B 189 26.87 -30.27 78.86
N TYR B 190 27.53 -29.75 79.89
CA TYR B 190 27.20 -30.14 81.26
C TYR B 190 26.25 -29.14 81.90
N LYS B 191 25.16 -29.65 82.45
CA LYS B 191 24.17 -28.84 83.14
C LYS B 191 23.79 -29.61 84.39
N ASP B 192 24.01 -28.99 85.55
CA ASP B 192 23.70 -29.61 86.84
C ASP B 192 24.43 -30.93 87.04
N GLY B 193 25.67 -30.98 86.56
CA GLY B 193 26.47 -32.19 86.70
C GLY B 193 26.21 -33.30 85.71
N LYS B 194 25.27 -33.11 84.79
CA LYS B 194 25.00 -34.17 83.82
C LYS B 194 25.05 -33.71 82.37
N VAL B 195 25.39 -34.64 81.50
CA VAL B 195 25.51 -34.38 80.07
C VAL B 195 24.15 -34.18 79.41
N THR B 196 24.03 -33.09 78.65
CA THR B 196 22.80 -32.78 77.95
C THR B 196 23.18 -32.67 76.47
N ASN B 197 22.42 -33.35 75.62
CA ASN B 197 22.69 -33.34 74.18
C ASN B 197 21.65 -32.61 73.36
N VAL B 198 22.08 -31.95 72.29
CA VAL B 198 21.19 -31.25 71.39
C VAL B 198 21.49 -31.70 69.98
N ALA B 199 20.52 -32.32 69.33
CA ALA B 199 20.70 -32.79 67.97
C ALA B 199 20.90 -31.61 67.03
N GLY B 200 21.76 -31.79 66.04
CA GLY B 200 22.03 -30.72 65.08
C GLY B 200 20.80 -30.06 64.48
N PRO B 201 19.87 -30.85 63.91
CA PRO B 201 18.65 -30.28 63.32
C PRO B 201 17.77 -29.50 64.29
N GLU B 202 18.02 -29.66 65.58
CA GLU B 202 17.21 -28.98 66.58
C GLU B 202 17.98 -27.93 67.37
N LEU B 203 19.14 -27.54 66.86
CA LEU B 203 19.99 -26.55 67.54
C LEU B 203 19.34 -25.17 67.72
N MET B 204 18.80 -24.60 66.65
CA MET B 204 18.20 -23.27 66.74
C MET B 204 17.08 -23.13 67.77
N ALA B 205 16.33 -24.20 68.00
CA ALA B 205 15.22 -24.15 68.95
C ALA B 205 15.68 -23.98 70.40
N THR B 206 16.96 -24.23 70.66
CA THR B 206 17.47 -24.09 72.02
C THR B 206 17.88 -22.65 72.35
N ALA B 207 17.89 -21.79 71.34
CA ALA B 207 18.30 -20.39 71.53
C ALA B 207 17.48 -19.67 72.60
N LYS B 208 18.19 -18.97 73.49
CA LYS B 208 17.58 -18.22 74.58
C LYS B 208 18.26 -16.87 74.73
N PRO B 209 17.51 -15.84 75.17
CA PRO B 209 18.13 -14.51 75.34
C PRO B 209 19.31 -14.67 76.29
N TYR B 210 20.43 -14.02 75.98
CA TYR B 210 21.61 -14.12 76.83
C TYR B 210 22.05 -12.71 77.16
N PHE B 211 21.88 -12.32 78.42
CA PHE B 211 22.23 -10.99 78.86
C PHE B 211 23.70 -10.77 79.16
N ILE B 212 24.25 -9.69 78.61
CA ILE B 212 25.63 -9.34 78.84
C ILE B 212 25.65 -7.86 79.26
N TYR B 213 25.16 -7.00 78.38
CA TYR B 213 25.09 -5.56 78.64
C TYR B 213 23.69 -5.09 78.25
N PRO B 214 23.15 -4.10 78.98
CA PRO B 214 21.82 -3.56 78.70
C PRO B 214 21.54 -3.17 77.25
N GLY B 215 22.55 -2.64 76.57
CA GLY B 215 22.35 -2.20 75.20
C GLY B 215 22.17 -3.24 74.10
N PHE B 216 22.76 -4.43 74.30
CA PHE B 216 22.69 -5.50 73.31
C PHE B 216 21.52 -6.46 73.45
N ALA B 217 21.06 -6.97 72.31
CA ALA B 217 19.96 -7.94 72.27
C ALA B 217 20.52 -9.28 71.77
N PHE B 218 21.29 -9.95 72.62
CA PHE B 218 21.91 -11.23 72.27
C PHE B 218 21.05 -12.44 72.62
N VAL B 219 21.15 -13.49 71.80
CA VAL B 219 20.47 -14.74 72.06
C VAL B 219 21.61 -15.75 71.92
N ALA B 220 21.53 -16.89 72.60
CA ALA B 220 22.61 -17.85 72.51
C ALA B 220 22.19 -19.31 72.46
N TYR B 221 23.03 -20.11 71.83
CA TYR B 221 22.80 -21.55 71.75
C TYR B 221 24.16 -22.26 71.93
N PRO B 222 24.13 -23.54 72.35
CA PRO B 222 25.36 -24.31 72.56
C PRO B 222 26.19 -24.46 71.30
N ASN B 223 27.50 -24.44 71.46
CA ASN B 223 28.43 -24.58 70.34
C ASN B 223 29.24 -25.87 70.44
N ARG B 224 28.86 -26.85 69.63
CA ARG B 224 29.56 -28.14 69.59
C ARG B 224 29.58 -28.88 70.93
N ASP B 225 30.48 -29.85 71.07
CA ASP B 225 30.56 -30.63 72.28
C ASP B 225 31.48 -29.99 73.31
N SER B 226 30.89 -29.50 74.40
CA SER B 226 31.63 -28.84 75.48
C SER B 226 32.07 -29.81 76.58
N THR B 227 31.46 -30.99 76.62
CA THR B 227 31.79 -31.94 77.67
C THR B 227 33.28 -32.30 77.80
N PRO B 228 33.99 -32.40 76.67
CA PRO B 228 35.42 -32.74 76.77
C PRO B 228 36.22 -31.70 77.55
N TYR B 229 35.69 -30.50 77.67
CA TYR B 229 36.40 -29.43 78.38
C TYR B 229 36.50 -29.66 79.88
N LYS B 230 35.73 -30.61 80.39
CA LYS B 230 35.77 -30.92 81.81
C LYS B 230 37.20 -31.36 82.08
N GLU B 231 37.73 -32.15 81.14
CA GLU B 231 39.10 -32.64 81.24
C GLU B 231 40.06 -31.67 80.56
N ARG B 232 39.66 -31.15 79.40
CA ARG B 232 40.51 -30.23 78.66
C ARG B 232 40.92 -28.98 79.46
N TYR B 233 39.98 -28.42 80.22
CA TYR B 233 40.27 -27.23 81.02
C TYR B 233 40.58 -27.62 82.47
N GLN B 234 40.53 -28.91 82.76
CA GLN B 234 40.79 -29.42 84.11
C GLN B 234 39.85 -28.83 85.17
N ILE B 235 38.55 -28.95 84.93
CA ILE B 235 37.55 -28.47 85.87
C ILE B 235 36.55 -29.58 86.17
N PRO B 236 37.02 -30.68 86.76
CA PRO B 236 36.13 -31.80 87.08
C PRO B 236 35.07 -31.41 88.12
N GLU B 237 35.34 -30.35 88.87
CA GLU B 237 34.41 -29.88 89.89
C GLU B 237 33.26 -29.03 89.34
N ALA B 238 33.28 -28.78 88.04
CA ALA B 238 32.25 -27.96 87.41
C ALA B 238 30.95 -28.72 87.12
N ASP B 239 29.83 -28.15 87.56
CA ASP B 239 28.51 -28.74 87.35
C ASP B 239 27.94 -28.28 86.01
N ASN B 240 28.37 -27.08 85.59
CA ASN B 240 27.90 -26.51 84.34
C ASN B 240 29.10 -26.11 83.51
N ILE B 241 29.14 -26.59 82.27
CA ILE B 241 30.23 -26.29 81.35
C ILE B 241 29.61 -26.12 79.98
N VAL B 242 29.67 -24.91 79.44
CA VAL B 242 29.09 -24.66 78.13
C VAL B 242 29.88 -23.65 77.32
N ARG B 243 30.14 -24.00 76.06
CA ARG B 243 30.80 -23.09 75.12
C ARG B 243 29.67 -22.81 74.16
N GLY B 244 29.35 -21.54 73.97
CA GLY B 244 28.25 -21.20 73.09
C GLY B 244 28.48 -20.08 72.12
N THR B 245 27.47 -19.85 71.29
CA THR B 245 27.52 -18.83 70.27
C THR B 245 26.42 -17.79 70.45
N LEU B 246 26.78 -16.55 70.17
CA LEU B 246 25.85 -15.43 70.27
C LEU B 246 25.42 -14.94 68.89
N ARG B 247 24.15 -14.60 68.79
CA ARG B 247 23.57 -14.07 67.57
C ARG B 247 22.63 -12.98 68.07
N TYR B 248 21.97 -12.27 67.16
CA TYR B 248 21.05 -11.23 67.57
C TYR B 248 19.62 -11.77 67.56
N GLN B 249 18.76 -11.15 68.35
CA GLN B 249 17.36 -11.53 68.43
C GLN B 249 16.77 -11.80 67.06
N GLY B 250 16.02 -12.88 66.94
CA GLY B 250 15.38 -13.22 65.69
C GLY B 250 16.13 -14.11 64.72
N PHE B 251 17.46 -14.14 64.84
CA PHE B 251 18.31 -14.95 63.95
C PHE B 251 18.00 -16.45 63.99
N PRO B 252 18.06 -17.08 65.17
CA PRO B 252 17.79 -18.52 65.28
C PRO B 252 16.45 -19.00 64.75
N GLN B 253 15.39 -18.23 64.98
CA GLN B 253 14.06 -18.60 64.51
C GLN B 253 14.06 -18.62 62.97
N PHE B 254 14.75 -17.64 62.39
CA PHE B 254 14.83 -17.54 60.93
C PHE B 254 15.58 -18.75 60.37
N ILE B 255 16.71 -19.10 61.00
CA ILE B 255 17.51 -20.24 60.54
C ILE B 255 16.74 -21.55 60.71
N LYS B 256 16.03 -21.67 61.84
CA LYS B 256 15.24 -22.86 62.13
C LYS B 256 14.34 -23.20 60.95
N VAL B 257 13.70 -22.18 60.38
CA VAL B 257 12.80 -22.38 59.25
C VAL B 257 13.57 -22.94 58.04
N LEU B 258 14.71 -22.33 57.73
CA LEU B 258 15.52 -22.79 56.60
C LEU B 258 15.91 -24.25 56.80
N VAL B 259 16.24 -24.61 58.03
CA VAL B 259 16.62 -25.98 58.34
C VAL B 259 15.44 -26.93 58.14
N ASP B 260 14.29 -26.58 58.72
CA ASP B 260 13.10 -27.39 58.62
C ASP B 260 12.61 -27.64 57.19
N ILE B 261 12.73 -26.65 56.32
CA ILE B 261 12.26 -26.83 54.95
C ILE B 261 13.33 -27.41 54.02
N GLY B 262 14.47 -27.80 54.60
CA GLY B 262 15.53 -28.41 53.82
C GLY B 262 16.57 -27.54 53.12
N PHE B 263 16.67 -26.26 53.47
CA PHE B 263 17.65 -25.40 52.82
C PHE B 263 19.09 -25.55 53.28
N LEU B 264 19.32 -26.29 54.36
CA LEU B 264 20.68 -26.50 54.85
C LEU B 264 21.17 -27.92 54.61
N SER B 265 20.56 -28.57 53.62
CA SER B 265 20.95 -29.93 53.25
C SER B 265 22.07 -29.81 52.22
N ASP B 266 23.07 -30.67 52.33
CA ASP B 266 24.17 -30.63 51.37
C ASP B 266 24.10 -31.84 50.46
N GLU B 267 22.90 -32.40 50.31
CA GLU B 267 22.70 -33.55 49.45
C GLU B 267 22.67 -33.08 48.00
N GLU B 268 23.48 -33.70 47.16
CA GLU B 268 23.53 -33.33 45.75
C GLU B 268 22.19 -33.58 45.06
N GLN B 269 21.67 -32.53 44.42
CA GLN B 269 20.40 -32.61 43.71
C GLN B 269 20.68 -32.27 42.25
N PRO B 270 20.24 -33.13 41.32
CA PRO B 270 20.49 -32.87 39.90
C PRO B 270 19.97 -31.50 39.43
N PHE B 271 18.79 -31.12 39.90
CA PHE B 271 18.19 -29.86 39.50
C PHE B 271 18.93 -28.61 40.01
N LEU B 272 19.87 -28.80 40.94
CA LEU B 272 20.62 -27.68 41.49
C LEU B 272 21.96 -27.47 40.79
N LYS B 273 22.10 -28.02 39.59
CA LYS B 273 23.33 -27.86 38.82
C LYS B 273 22.99 -27.05 37.59
N GLU B 274 21.74 -26.60 37.53
CA GLU B 274 21.26 -25.80 36.40
C GLU B 274 20.79 -24.44 36.90
N ALA B 275 21.18 -23.39 36.19
CA ALA B 275 20.81 -22.02 36.56
C ALA B 275 19.32 -21.75 36.37
N ILE B 276 18.49 -22.44 37.14
CA ILE B 276 17.05 -22.28 37.07
C ILE B 276 16.59 -21.14 37.97
N PRO B 277 15.35 -20.65 37.75
CA PRO B 277 14.82 -19.56 38.57
C PRO B 277 14.68 -20.01 40.02
N TRP B 278 14.95 -19.10 40.96
CA TRP B 278 14.84 -19.46 42.37
C TRP B 278 13.49 -20.08 42.68
N LYS B 279 12.43 -19.55 42.07
CA LYS B 279 11.08 -20.07 42.28
C LYS B 279 11.08 -21.59 42.18
N GLU B 280 11.64 -22.08 41.08
CA GLU B 280 11.70 -23.51 40.81
C GLU B 280 12.58 -24.26 41.80
N ALA B 281 13.76 -23.70 42.07
CA ALA B 281 14.69 -24.32 43.00
C ALA B 281 14.03 -24.49 44.36
N THR B 282 13.43 -23.42 44.85
CA THR B 282 12.76 -23.44 46.15
C THR B 282 11.64 -24.47 46.16
N GLN B 283 10.88 -24.51 45.06
CA GLN B 283 9.77 -25.45 44.94
C GLN B 283 10.23 -26.89 45.17
N LYS B 284 11.30 -27.27 44.47
CA LYS B 284 11.84 -28.62 44.58
C LYS B 284 12.42 -28.88 45.98
N ILE B 285 13.18 -27.92 46.49
CA ILE B 285 13.80 -28.03 47.81
C ILE B 285 12.77 -28.17 48.92
N VAL B 286 11.77 -27.30 48.91
CA VAL B 286 10.71 -27.31 49.91
C VAL B 286 9.64 -28.34 49.57
N LYS B 287 9.64 -28.77 48.32
CA LYS B 287 8.68 -29.75 47.83
C LYS B 287 7.26 -29.18 47.80
N ALA B 288 7.11 -28.04 47.15
CA ALA B 288 5.82 -27.38 47.01
C ALA B 288 5.17 -27.88 45.72
N SER B 289 3.85 -27.80 45.65
CA SER B 289 3.12 -28.25 44.47
C SER B 289 3.16 -27.24 43.32
N SER B 290 3.85 -26.12 43.53
CA SER B 290 3.96 -25.10 42.50
C SER B 290 5.05 -24.09 42.84
N ALA B 291 5.55 -23.41 41.82
CA ALA B 291 6.60 -22.41 42.02
C ALA B 291 5.95 -21.08 42.44
N SER B 292 4.65 -21.15 42.70
CA SER B 292 3.87 -19.98 43.12
C SER B 292 4.27 -19.54 44.52
N GLU B 293 4.32 -18.23 44.74
CA GLU B 293 4.68 -17.73 46.06
C GLU B 293 3.68 -18.24 47.09
N GLN B 294 2.41 -18.29 46.69
CA GLN B 294 1.36 -18.76 47.59
C GLN B 294 1.53 -20.22 47.95
N ASP B 295 1.78 -21.06 46.94
CA ASP B 295 1.96 -22.48 47.18
C ASP B 295 3.23 -22.78 47.98
N ILE B 296 4.33 -22.13 47.61
CA ILE B 296 5.60 -22.33 48.31
C ILE B 296 5.44 -21.96 49.78
N VAL B 297 4.95 -20.74 50.04
CA VAL B 297 4.75 -20.28 51.41
C VAL B 297 3.82 -21.21 52.16
N SER B 298 2.82 -21.73 51.46
CA SER B 298 1.85 -22.63 52.05
C SER B 298 2.59 -23.86 52.56
N THR B 299 3.40 -24.44 51.68
CA THR B 299 4.18 -25.63 52.04
C THR B 299 5.12 -25.33 53.21
N ILE B 300 5.77 -24.17 53.17
CA ILE B 300 6.70 -23.77 54.21
C ILE B 300 6.04 -23.63 55.57
N VAL B 301 4.93 -22.88 55.62
CA VAL B 301 4.21 -22.68 56.88
C VAL B 301 3.75 -24.00 57.49
N SER B 302 3.40 -24.96 56.64
CA SER B 302 2.94 -26.25 57.12
C SER B 302 4.09 -27.15 57.57
N ASN B 303 5.31 -26.83 57.14
CA ASN B 303 6.49 -27.62 57.50
C ASN B 303 7.46 -26.93 58.43
N ALA B 304 7.18 -25.67 58.78
CA ALA B 304 8.05 -24.93 59.67
C ALA B 304 7.32 -24.54 60.96
N THR B 305 8.07 -24.06 61.93
CA THR B 305 7.50 -23.65 63.21
C THR B 305 7.69 -22.14 63.41
N PHE B 306 6.70 -21.48 63.99
CA PHE B 306 6.77 -20.03 64.23
C PHE B 306 6.21 -19.68 65.61
N GLU B 307 6.93 -18.83 66.32
CA GLU B 307 6.52 -18.40 67.65
C GLU B 307 5.23 -17.60 67.67
N SER B 308 4.89 -17.01 66.53
CA SER B 308 3.67 -16.22 66.42
C SER B 308 3.41 -15.82 64.97
N THR B 309 2.21 -15.35 64.68
CA THR B 309 1.86 -14.93 63.33
C THR B 309 2.74 -13.76 62.92
N GLU B 310 3.18 -12.99 63.90
CA GLU B 310 4.04 -11.83 63.65
C GLU B 310 5.38 -12.37 63.16
N GLU B 311 5.89 -13.35 63.89
CA GLU B 311 7.16 -13.98 63.57
C GLU B 311 7.08 -14.61 62.18
N GLN B 312 5.96 -15.30 61.92
CA GLN B 312 5.76 -15.94 60.62
C GLN B 312 5.82 -14.92 59.50
N LYS B 313 5.16 -13.78 59.70
CA LYS B 313 5.16 -12.74 58.69
C LYS B 313 6.58 -12.22 58.47
N ARG B 314 7.31 -12.01 59.56
CA ARG B 314 8.68 -11.52 59.49
C ARG B 314 9.60 -12.45 58.69
N ILE B 315 9.67 -13.71 59.10
CA ILE B 315 10.52 -14.69 58.44
C ILE B 315 10.20 -14.89 56.96
N VAL B 316 8.91 -14.95 56.63
CA VAL B 316 8.50 -15.13 55.24
C VAL B 316 8.96 -13.94 54.40
N ALA B 317 8.90 -12.74 55.00
CA ALA B 317 9.32 -11.53 54.32
C ALA B 317 10.83 -11.55 54.12
N GLY B 318 11.53 -12.16 55.08
CA GLY B 318 12.98 -12.25 55.00
C GLY B 318 13.37 -13.20 53.88
N LEU B 319 12.67 -14.31 53.79
CA LEU B 319 12.95 -15.29 52.76
C LEU B 319 12.74 -14.64 51.40
N LYS B 320 11.67 -13.86 51.28
CA LYS B 320 11.37 -13.18 50.02
C LYS B 320 12.47 -12.18 49.71
N TRP B 321 12.98 -11.55 50.77
CA TRP B 321 14.06 -10.57 50.62
C TRP B 321 15.29 -11.26 50.02
N LEU B 322 15.52 -12.50 50.42
CA LEU B 322 16.66 -13.26 49.91
C LEU B 322 16.44 -13.54 48.44
N GLY B 323 15.19 -13.46 48.01
CA GLY B 323 14.85 -13.67 46.62
C GLY B 323 14.63 -15.11 46.18
N ILE B 324 14.36 -16.00 47.13
CA ILE B 324 14.14 -17.41 46.79
C ILE B 324 12.77 -17.67 46.20
N PHE B 325 11.93 -16.64 46.15
CA PHE B 325 10.59 -16.76 45.59
C PHE B 325 10.55 -16.05 44.24
N SER B 326 11.63 -15.36 43.90
CA SER B 326 11.69 -14.60 42.65
C SER B 326 12.07 -15.42 41.42
N ASP B 327 12.20 -14.73 40.29
CA ASP B 327 12.56 -15.35 39.02
C ASP B 327 14.06 -15.39 38.83
N LYS B 328 14.78 -14.59 39.61
CA LYS B 328 16.23 -14.54 39.50
C LYS B 328 16.79 -15.97 39.53
N LYS B 329 17.65 -16.26 38.56
CA LYS B 329 18.25 -17.58 38.46
C LYS B 329 19.29 -17.83 39.56
N ILE B 330 19.28 -19.04 40.09
CA ILE B 330 20.19 -19.44 41.16
C ILE B 330 21.61 -19.61 40.63
N THR B 331 22.55 -19.66 41.55
CA THR B 331 23.94 -19.89 41.21
C THR B 331 24.06 -21.36 41.58
N PRO B 332 23.92 -22.25 40.58
CA PRO B 332 23.99 -23.70 40.75
C PRO B 332 25.21 -24.20 41.51
N ARG B 333 24.99 -24.83 42.66
CA ARG B 333 26.10 -25.38 43.44
C ARG B 333 25.83 -26.81 43.92
N GLY B 334 24.99 -27.52 43.17
CA GLY B 334 24.68 -28.90 43.49
C GLY B 334 23.76 -29.24 44.63
N ASN B 335 23.97 -28.60 45.78
CA ASN B 335 23.13 -28.87 46.94
C ASN B 335 22.48 -27.59 47.44
N ALA B 336 21.41 -27.77 48.21
CA ALA B 336 20.67 -26.64 48.75
C ALA B 336 21.52 -25.69 49.58
N LEU B 337 22.28 -26.22 50.53
CA LEU B 337 23.11 -25.38 51.40
C LEU B 337 24.01 -24.44 50.60
N ASP B 338 24.84 -25.00 49.72
CA ASP B 338 25.74 -24.18 48.92
C ASP B 338 25.02 -23.28 47.93
N THR B 339 23.92 -23.76 47.36
CA THR B 339 23.17 -22.96 46.40
C THR B 339 22.61 -21.73 47.10
N LEU B 340 22.06 -21.93 48.30
CA LEU B 340 21.52 -20.83 49.07
C LEU B 340 22.67 -19.91 49.49
N CYS B 341 23.78 -20.53 49.89
CA CYS B 341 24.95 -19.78 50.33
C CYS B 341 25.40 -18.76 49.29
N ALA B 342 25.38 -19.15 48.03
CA ALA B 342 25.79 -18.25 46.95
C ALA B 342 24.95 -16.98 46.96
N THR B 343 23.66 -17.12 47.25
CA THR B 343 22.76 -15.98 47.30
C THR B 343 22.97 -15.17 48.58
N LEU B 344 23.23 -15.86 49.69
CA LEU B 344 23.46 -15.16 50.95
C LEU B 344 24.71 -14.28 50.82
N GLU B 345 25.75 -14.80 50.18
CA GLU B 345 26.99 -14.06 49.96
C GLU B 345 26.72 -12.79 49.16
N GLU B 346 25.72 -12.88 48.30
CA GLU B 346 25.30 -11.79 47.44
C GLU B 346 24.58 -10.70 48.22
N LYS B 347 23.70 -11.09 49.13
CA LYS B 347 22.93 -10.13 49.90
C LYS B 347 23.36 -9.79 51.32
N MET B 348 24.28 -10.56 51.91
CA MET B 348 24.68 -10.29 53.28
C MET B 348 26.13 -9.88 53.52
N GLN B 349 26.63 -9.02 52.66
CA GLN B 349 27.99 -8.53 52.74
C GLN B 349 27.98 -7.19 53.49
N PHE B 350 29.07 -6.85 54.17
CA PHE B 350 29.14 -5.56 54.87
C PHE B 350 29.37 -4.50 53.80
N GLU B 351 28.66 -3.37 53.91
CA GLU B 351 28.79 -2.31 52.92
C GLU B 351 29.54 -1.10 53.45
N GLU B 352 29.89 -0.21 52.52
CA GLU B 352 30.63 1.00 52.81
C GLU B 352 30.22 1.65 54.12
N GLY B 353 31.19 1.90 54.99
CA GLY B 353 30.90 2.54 56.26
C GLY B 353 30.39 1.66 57.40
N GLU B 354 30.01 0.43 57.10
CA GLU B 354 29.51 -0.46 58.15
C GLU B 354 30.67 -1.17 58.83
N ARG B 355 30.39 -1.83 59.95
CA ARG B 355 31.43 -2.54 60.68
C ARG B 355 30.89 -3.71 61.46
N ASP B 356 31.76 -4.64 61.82
CA ASP B 356 31.32 -5.80 62.58
C ASP B 356 31.58 -5.58 64.07
N LEU B 357 31.25 -6.59 64.84
CA LEU B 357 31.41 -6.56 66.28
C LEU B 357 31.72 -7.96 66.78
N VAL B 358 32.71 -8.09 67.65
CA VAL B 358 33.04 -9.38 68.23
C VAL B 358 32.74 -9.27 69.73
N MET B 359 31.87 -10.13 70.21
CA MET B 359 31.54 -10.16 71.63
C MET B 359 31.94 -11.53 72.17
N LEU B 360 32.85 -11.54 73.13
CA LEU B 360 33.34 -12.76 73.76
C LEU B 360 33.30 -12.55 75.27
N GLN B 361 32.62 -13.44 75.98
CA GLN B 361 32.57 -13.31 77.44
C GLN B 361 32.54 -14.64 78.16
N HIS B 362 33.49 -14.80 79.06
CA HIS B 362 33.60 -15.98 79.90
C HIS B 362 32.89 -15.62 81.19
N LYS B 363 32.20 -16.58 81.79
CA LYS B 363 31.53 -16.35 83.05
C LYS B 363 31.89 -17.52 83.96
N PHE B 364 32.35 -17.22 85.17
CA PHE B 364 32.72 -18.27 86.10
C PHE B 364 32.01 -18.16 87.44
N GLU B 365 31.31 -19.21 87.86
CA GLU B 365 30.67 -19.21 89.18
C GLU B 365 31.74 -19.89 90.04
N ILE B 366 32.31 -19.13 90.96
CA ILE B 366 33.38 -19.64 91.81
C ILE B 366 33.03 -19.83 93.27
N GLU B 367 33.63 -20.87 93.85
CA GLU B 367 33.49 -21.21 95.26
C GLU B 367 34.90 -21.06 95.83
N ASN B 368 35.15 -19.94 96.49
CA ASN B 368 36.46 -19.66 97.06
C ASN B 368 36.91 -20.68 98.11
N LYS B 369 38.20 -20.64 98.44
CA LYS B 369 38.78 -21.55 99.41
C LYS B 369 38.08 -21.46 100.76
N ASP B 370 37.73 -20.23 101.17
CA ASP B 370 37.07 -20.01 102.44
C ASP B 370 35.56 -20.23 102.40
N GLY B 371 35.10 -21.01 101.42
CA GLY B 371 33.67 -21.28 101.30
C GLY B 371 32.87 -20.15 100.70
N SER B 372 33.50 -18.99 100.54
CA SER B 372 32.84 -17.83 99.96
C SER B 372 32.51 -18.09 98.49
N ARG B 373 31.59 -17.31 97.94
CA ARG B 373 31.20 -17.47 96.54
C ARG B 373 31.21 -16.16 95.76
N GLU B 374 31.50 -16.24 94.48
CA GLU B 374 31.55 -15.05 93.62
C GLU B 374 31.38 -15.39 92.14
N THR B 375 30.99 -14.39 91.36
CA THR B 375 30.80 -14.56 89.92
C THR B 375 31.78 -13.66 89.20
N ARG B 376 32.54 -14.25 88.29
CA ARG B 376 33.53 -13.51 87.51
C ARG B 376 33.24 -13.57 86.01
N THR B 377 33.50 -12.47 85.32
CA THR B 377 33.32 -12.42 83.89
C THR B 377 34.62 -11.95 83.25
N SER B 378 34.89 -12.47 82.07
CA SER B 378 36.09 -12.11 81.32
C SER B 378 35.48 -11.69 79.99
N SER B 379 35.65 -10.42 79.62
CA SER B 379 35.04 -9.90 78.41
C SER B 379 35.96 -9.22 77.40
N LEU B 380 35.55 -9.34 76.14
CA LEU B 380 36.23 -8.72 75.02
C LEU B 380 35.09 -8.28 74.12
N CYS B 381 35.01 -6.98 73.88
CA CYS B 381 33.96 -6.43 73.06
C CYS B 381 34.64 -5.46 72.11
N GLU B 382 34.73 -5.82 70.83
CA GLU B 382 35.39 -4.95 69.88
C GLU B 382 34.67 -4.76 68.56
N TYR B 383 34.68 -3.52 68.08
CA TYR B 383 34.06 -3.18 66.80
C TYR B 383 35.15 -3.16 65.74
N GLY B 384 34.79 -3.51 64.51
CA GLY B 384 35.78 -3.51 63.45
C GLY B 384 35.87 -2.14 62.79
N ALA B 385 36.92 -1.94 62.00
CA ALA B 385 37.10 -0.68 61.28
C ALA B 385 36.01 -0.62 60.20
N PRO B 386 35.49 0.58 59.93
CA PRO B 386 34.44 0.74 58.92
C PRO B 386 34.91 0.27 57.53
N ILE B 387 34.00 -0.33 56.79
CA ILE B 387 34.33 -0.77 55.43
C ILE B 387 34.68 0.47 54.61
N GLY B 388 35.84 0.42 53.96
CA GLY B 388 36.28 1.55 53.15
C GLY B 388 37.39 2.32 53.84
N SER B 389 37.58 2.07 55.12
CA SER B 389 38.62 2.74 55.89
C SER B 389 39.97 2.07 55.69
N GLY B 390 39.93 0.82 55.24
CA GLY B 390 41.17 0.09 55.03
C GLY B 390 41.62 -0.66 56.28
N GLY B 391 40.90 -0.48 57.37
CA GLY B 391 41.25 -1.16 58.61
C GLY B 391 40.67 -2.57 58.69
N TYR B 392 41.08 -3.35 59.69
CA TYR B 392 40.56 -4.71 59.84
C TYR B 392 39.21 -4.76 60.51
N SER B 393 38.44 -5.79 60.21
CA SER B 393 37.16 -5.99 60.87
C SER B 393 37.58 -6.58 62.21
N ALA B 394 36.68 -6.65 63.19
CA ALA B 394 37.05 -7.22 64.48
C ALA B 394 37.40 -8.70 64.30
N MET B 395 36.61 -9.39 63.50
CA MET B 395 36.83 -10.81 63.25
C MET B 395 38.20 -11.07 62.62
N ALA B 396 38.51 -10.38 61.53
CA ALA B 396 39.81 -10.55 60.86
C ALA B 396 40.96 -10.26 61.81
N LYS B 397 40.85 -9.18 62.56
CA LYS B 397 41.90 -8.83 63.51
C LYS B 397 42.11 -9.87 64.60
N LEU B 398 41.01 -10.27 65.25
CA LEU B 398 41.07 -11.23 66.35
C LEU B 398 41.33 -12.68 65.95
N VAL B 399 41.30 -12.97 64.65
CA VAL B 399 41.60 -14.31 64.18
C VAL B 399 43.00 -14.27 63.53
N GLY B 400 43.18 -13.32 62.62
CA GLY B 400 44.44 -13.18 61.92
C GLY B 400 45.64 -12.79 62.75
N VAL B 401 45.47 -11.95 63.75
CA VAL B 401 46.62 -11.55 64.56
C VAL B 401 47.07 -12.69 65.45
N PRO B 402 46.13 -13.39 66.11
CA PRO B 402 46.58 -14.49 66.95
C PRO B 402 47.30 -15.55 66.09
N CYS B 403 46.78 -15.77 64.89
CA CYS B 403 47.37 -16.74 63.98
C CYS B 403 48.83 -16.37 63.65
N ALA B 404 49.04 -15.10 63.31
CA ALA B 404 50.38 -14.62 62.98
C ALA B 404 51.32 -14.75 64.16
N VAL B 405 50.84 -14.42 65.36
CA VAL B 405 51.68 -14.53 66.54
C VAL B 405 52.09 -15.99 66.73
N ALA B 406 51.13 -16.90 66.56
CA ALA B 406 51.42 -18.33 66.71
C ALA B 406 52.46 -18.76 65.68
N VAL B 407 52.29 -18.30 64.44
CA VAL B 407 53.23 -18.65 63.37
C VAL B 407 54.64 -18.21 63.77
N LYS B 408 54.77 -16.98 64.24
CA LYS B 408 56.08 -16.48 64.64
C LYS B 408 56.66 -17.28 65.79
N PHE B 409 55.79 -17.74 66.71
CA PHE B 409 56.24 -18.52 67.85
C PHE B 409 56.68 -19.92 67.46
N VAL B 410 56.02 -20.50 66.45
CA VAL B 410 56.40 -21.83 66.01
C VAL B 410 57.74 -21.69 65.26
N LEU B 411 57.88 -20.60 64.51
CA LEU B 411 59.09 -20.33 63.76
C LEU B 411 60.33 -20.10 64.63
N ASP B 412 60.20 -19.31 65.70
CA ASP B 412 61.37 -19.03 66.55
C ASP B 412 61.52 -20.01 67.72
N GLY B 413 60.65 -21.00 67.78
CA GLY B 413 60.75 -21.99 68.84
C GLY B 413 59.97 -21.72 70.11
N THR B 414 59.25 -20.60 70.20
CA THR B 414 58.46 -20.31 71.41
C THR B 414 57.48 -21.44 71.67
N ILE B 415 56.91 -21.96 70.58
CA ILE B 415 56.00 -23.09 70.66
C ILE B 415 56.85 -24.19 70.04
N SER B 416 57.33 -25.12 70.85
CA SER B 416 58.20 -26.17 70.34
C SER B 416 57.67 -27.60 70.45
N ASP B 417 56.59 -27.81 71.20
CA ASP B 417 56.06 -29.17 71.30
C ASP B 417 55.68 -29.66 69.91
N ARG B 418 55.99 -30.91 69.61
CA ARG B 418 55.69 -31.49 68.31
C ARG B 418 54.36 -32.23 68.34
N GLY B 419 53.79 -32.46 67.17
CA GLY B 419 52.51 -33.15 67.09
C GLY B 419 51.39 -32.16 66.85
N VAL B 420 50.16 -32.62 67.06
CA VAL B 420 48.98 -31.79 66.86
C VAL B 420 48.61 -31.09 68.16
N LEU B 421 48.73 -29.77 68.18
CA LEU B 421 48.47 -28.97 69.38
C LEU B 421 47.32 -27.96 69.30
N ALA B 422 47.04 -27.40 70.47
CA ALA B 422 46.03 -26.37 70.67
C ALA B 422 46.56 -25.56 71.87
N PRO B 423 46.05 -24.33 72.08
CA PRO B 423 46.50 -23.48 73.19
C PRO B 423 45.98 -24.01 74.53
N MET B 424 46.56 -25.12 75.00
CA MET B 424 46.10 -25.73 76.24
C MET B 424 47.13 -25.78 77.37
N ASN B 425 48.18 -24.98 77.28
CA ASN B 425 49.23 -24.96 78.31
C ASN B 425 49.73 -23.54 78.53
N SER B 426 49.87 -23.14 79.81
CA SER B 426 50.35 -21.81 80.14
C SER B 426 51.72 -21.56 79.52
N LYS B 427 52.46 -22.64 79.30
CA LYS B 427 53.79 -22.56 78.69
C LYS B 427 53.74 -21.76 77.39
N ILE B 428 52.72 -22.00 76.58
CA ILE B 428 52.58 -21.26 75.32
C ILE B 428 51.44 -20.25 75.36
N ASN B 429 50.47 -20.46 76.25
CA ASN B 429 49.35 -19.52 76.35
C ASN B 429 49.77 -18.16 76.88
N ASP B 430 50.66 -18.17 77.87
CA ASP B 430 51.11 -16.92 78.46
C ASP B 430 51.83 -16.06 77.44
N PRO B 431 52.81 -16.63 76.71
CA PRO B 431 53.53 -15.83 75.71
C PRO B 431 52.56 -15.30 74.65
N LEU B 432 51.58 -16.12 74.27
CA LEU B 432 50.58 -15.72 73.28
C LEU B 432 49.78 -14.54 73.80
N MET B 433 49.29 -14.63 75.04
CA MET B 433 48.51 -13.54 75.61
C MET B 433 49.35 -12.28 75.79
N LYS B 434 50.59 -12.45 76.24
CA LYS B 434 51.48 -11.32 76.45
C LYS B 434 51.67 -10.52 75.17
N GLU B 435 52.09 -11.19 74.10
CA GLU B 435 52.31 -10.53 72.82
C GLU B 435 51.03 -9.86 72.31
N LEU B 436 49.92 -10.58 72.37
CA LEU B 436 48.64 -10.03 71.90
C LEU B 436 48.20 -8.81 72.71
N LYS B 437 48.44 -8.85 74.01
CA LYS B 437 48.05 -7.74 74.87
C LYS B 437 48.96 -6.52 74.72
N GLU B 438 50.24 -6.72 74.99
CA GLU B 438 51.21 -5.65 74.92
C GLU B 438 51.47 -5.04 73.56
N LYS B 439 51.48 -5.86 72.51
CA LYS B 439 51.75 -5.34 71.18
C LYS B 439 50.51 -4.93 70.39
N TYR B 440 49.40 -5.64 70.59
CA TYR B 440 48.18 -5.32 69.83
C TYR B 440 46.97 -4.88 70.67
N GLY B 441 47.13 -4.87 71.99
CA GLY B 441 46.04 -4.45 72.85
C GLY B 441 44.88 -5.44 72.89
N ILE B 442 45.13 -6.67 72.46
CA ILE B 442 44.12 -7.72 72.46
C ILE B 442 44.10 -8.48 73.79
N GLU B 443 42.96 -8.45 74.46
CA GLU B 443 42.84 -9.14 75.74
C GLU B 443 41.40 -9.18 76.22
N CYS B 444 41.12 -10.05 77.17
CA CYS B 444 39.80 -10.15 77.77
C CYS B 444 39.97 -9.53 79.15
N LYS B 445 39.09 -8.60 79.51
CA LYS B 445 39.16 -7.94 80.80
C LYS B 445 38.29 -8.62 81.85
N GLU B 446 38.88 -8.92 83.00
CA GLU B 446 38.15 -9.58 84.09
C GLU B 446 37.38 -8.62 84.97
N LYS B 447 36.40 -9.16 85.70
CA LYS B 447 35.58 -8.35 86.58
C LYS B 447 34.67 -9.23 87.45
N VAL B 448 34.58 -8.89 88.73
CA VAL B 448 33.74 -9.64 89.66
C VAL B 448 32.33 -9.06 89.62
N VAL B 449 31.39 -9.85 89.10
CA VAL B 449 30.00 -9.41 88.97
C VAL B 449 29.16 -9.67 90.22
N ALA B 450 29.59 -10.62 91.05
CA ALA B 450 28.87 -10.96 92.27
C ALA B 450 29.73 -11.85 93.17
N ALA C 2 -44.44 35.77 -0.36
CA ALA C 2 -45.32 36.77 -1.05
C ALA C 2 -45.87 36.19 -2.36
N THR C 3 -47.03 35.55 -2.27
CA THR C 3 -47.67 34.96 -3.45
C THR C 3 -47.99 36.03 -4.48
N LYS C 4 -47.46 35.88 -5.69
CA LYS C 4 -47.71 36.84 -6.75
C LYS C 4 -49.03 36.53 -7.44
N SER C 5 -49.64 37.56 -8.02
CA SER C 5 -50.91 37.40 -8.72
C SER C 5 -50.84 38.12 -10.05
N VAL C 6 -51.33 37.48 -11.11
CA VAL C 6 -51.28 38.07 -12.43
C VAL C 6 -52.64 38.09 -13.12
N LEU C 7 -52.94 39.21 -13.77
CA LEU C 7 -54.19 39.33 -14.52
C LEU C 7 -53.86 39.04 -15.98
N MET C 8 -54.36 37.91 -16.48
CA MET C 8 -54.14 37.57 -17.87
C MET C 8 -55.35 38.00 -18.70
N LEU C 9 -55.18 39.05 -19.49
CA LEU C 9 -56.25 39.51 -20.35
C LEU C 9 -56.16 38.64 -21.60
N GLY C 10 -57.25 37.95 -21.92
CA GLY C 10 -57.27 37.09 -23.08
C GLY C 10 -57.27 35.61 -22.73
N SER C 11 -57.83 34.77 -23.60
CA SER C 11 -57.86 33.33 -23.35
C SER C 11 -57.79 32.62 -24.69
N GLY C 12 -57.22 33.30 -25.69
CA GLY C 12 -57.11 32.74 -27.02
C GLY C 12 -55.94 31.81 -27.30
N PHE C 13 -55.61 31.71 -28.59
CA PHE C 13 -54.54 30.84 -29.09
C PHE C 13 -53.25 30.71 -28.29
N VAL C 14 -52.60 31.82 -27.96
CA VAL C 14 -51.33 31.74 -27.26
C VAL C 14 -51.36 31.73 -25.73
N THR C 15 -52.54 31.69 -25.12
CA THR C 15 -52.61 31.77 -23.67
C THR C 15 -52.36 30.54 -22.81
N ARG C 16 -52.72 29.35 -23.27
CA ARG C 16 -52.53 28.18 -22.42
C ARG C 16 -51.11 27.98 -21.91
N PRO C 17 -50.09 28.06 -22.78
CA PRO C 17 -48.73 27.88 -22.30
C PRO C 17 -48.34 28.88 -21.21
N THR C 18 -48.79 30.14 -21.37
CA THR C 18 -48.47 31.16 -20.38
C THR C 18 -49.15 30.81 -19.05
N LEU C 19 -50.43 30.45 -19.12
CA LEU C 19 -51.19 30.07 -17.94
C LEU C 19 -50.52 28.89 -17.24
N ASP C 20 -50.10 27.90 -18.03
CA ASP C 20 -49.45 26.72 -17.50
C ASP C 20 -48.15 27.04 -16.77
N VAL C 21 -47.24 27.76 -17.45
CA VAL C 21 -45.96 28.13 -16.86
C VAL C 21 -46.13 28.92 -15.56
N LEU C 22 -46.96 29.95 -15.60
CA LEU C 22 -47.17 30.78 -14.43
C LEU C 22 -47.78 30.00 -13.26
N THR C 23 -48.87 29.28 -13.49
CA THR C 23 -49.48 28.54 -12.40
C THR C 23 -48.60 27.40 -11.91
N ASP C 24 -47.77 26.83 -12.78
CA ASP C 24 -46.87 25.76 -12.35
C ASP C 24 -45.81 26.37 -11.42
N SER C 25 -45.68 27.68 -11.47
CA SER C 25 -44.71 28.40 -10.64
C SER C 25 -45.33 28.87 -9.34
N GLY C 26 -46.60 28.53 -9.14
CA GLY C 26 -47.27 28.94 -7.92
C GLY C 26 -47.82 30.35 -8.01
N ILE C 27 -47.80 30.93 -9.21
CA ILE C 27 -48.31 32.28 -9.41
C ILE C 27 -49.81 32.21 -9.71
N LYS C 28 -50.61 32.95 -8.95
CA LYS C 28 -52.05 32.95 -9.18
C LYS C 28 -52.36 33.74 -10.46
N VAL C 29 -53.27 33.22 -11.28
CA VAL C 29 -53.62 33.88 -12.53
C VAL C 29 -55.13 34.02 -12.72
N THR C 30 -55.58 35.24 -12.97
CA THR C 30 -56.98 35.49 -13.23
C THR C 30 -57.07 35.58 -14.75
N VAL C 31 -57.84 34.69 -15.36
CA VAL C 31 -57.99 34.67 -16.82
C VAL C 31 -59.24 35.49 -17.13
N ALA C 32 -59.05 36.57 -17.89
CA ALA C 32 -60.17 37.44 -18.19
C ALA C 32 -60.31 37.87 -19.64
N CYS C 33 -61.54 37.80 -20.13
CA CYS C 33 -61.89 38.23 -21.49
C CYS C 33 -63.40 38.44 -21.44
N ARG C 34 -64.00 38.92 -22.53
CA ARG C 34 -65.43 39.19 -22.51
C ARG C 34 -66.32 37.95 -22.34
N THR C 35 -65.99 36.88 -23.05
CA THR C 35 -66.79 35.66 -22.99
C THR C 35 -66.37 34.78 -21.82
N LEU C 36 -67.17 34.81 -20.76
CA LEU C 36 -66.93 34.03 -19.55
C LEU C 36 -66.58 32.57 -19.84
N GLU C 37 -67.34 31.94 -20.72
CA GLU C 37 -67.09 30.53 -21.07
C GLU C 37 -65.68 30.31 -21.61
N SER C 38 -65.19 31.26 -22.40
CA SER C 38 -63.85 31.13 -22.95
C SER C 38 -62.80 31.15 -21.84
N ALA C 39 -63.01 32.00 -20.85
CA ALA C 39 -62.07 32.10 -19.72
C ALA C 39 -62.12 30.79 -18.92
N LYS C 40 -63.33 30.28 -18.73
CA LYS C 40 -63.53 29.03 -17.99
C LYS C 40 -62.88 27.85 -18.71
N LYS C 41 -63.07 27.78 -20.02
CA LYS C 41 -62.50 26.68 -20.80
C LYS C 41 -60.99 26.63 -20.66
N LEU C 42 -60.34 27.79 -20.71
CA LEU C 42 -58.89 27.84 -20.61
C LEU C 42 -58.37 27.43 -19.24
N SER C 43 -59.05 27.87 -18.19
CA SER C 43 -58.60 27.57 -16.84
C SER C 43 -59.17 26.31 -16.20
N ALA C 44 -60.08 25.63 -16.89
CA ALA C 44 -60.68 24.42 -16.33
C ALA C 44 -59.60 23.42 -15.88
N GLY C 45 -59.64 23.07 -14.60
CA GLY C 45 -58.69 22.11 -14.07
C GLY C 45 -57.28 22.65 -13.83
N VAL C 46 -57.06 23.93 -14.14
CA VAL C 46 -55.74 24.53 -13.93
C VAL C 46 -55.67 25.11 -12.53
N GLN C 47 -54.71 24.61 -11.75
CA GLN C 47 -54.54 25.08 -10.38
C GLN C 47 -54.13 26.54 -10.32
N HIS C 48 -54.65 27.26 -9.32
CA HIS C 48 -54.33 28.67 -9.11
C HIS C 48 -54.92 29.63 -10.13
N SER C 49 -55.86 29.16 -10.94
CA SER C 49 -56.46 30.03 -11.94
C SER C 49 -57.90 30.38 -11.61
N THR C 50 -58.34 31.56 -12.02
CA THR C 50 -59.71 32.02 -11.77
C THR C 50 -60.22 32.73 -13.01
N PRO C 51 -61.30 32.20 -13.62
CA PRO C 51 -61.88 32.80 -14.83
C PRO C 51 -62.94 33.85 -14.52
N ILE C 52 -62.91 34.96 -15.26
CA ILE C 52 -63.89 36.03 -15.09
C ILE C 52 -64.17 36.66 -16.43
N SER C 53 -65.27 37.39 -16.51
CA SER C 53 -65.62 38.11 -17.72
C SER C 53 -65.22 39.56 -17.49
N LEU C 54 -64.45 40.12 -18.39
CA LEU C 54 -64.00 41.50 -18.28
C LEU C 54 -63.80 42.10 -19.68
N ASP C 55 -64.29 43.32 -19.87
CA ASP C 55 -64.15 44.00 -21.16
C ASP C 55 -63.22 45.16 -20.90
N VAL C 56 -62.04 45.14 -21.52
CA VAL C 56 -61.06 46.19 -21.31
C VAL C 56 -61.52 47.59 -21.69
N ASN C 57 -62.66 47.70 -22.39
CA ASN C 57 -63.18 49.01 -22.78
C ASN C 57 -63.85 49.69 -21.57
N ASP C 58 -64.09 48.91 -20.52
CA ASP C 58 -64.72 49.41 -19.29
C ASP C 58 -63.63 49.87 -18.34
N ASP C 59 -63.26 51.15 -18.41
CA ASP C 59 -62.21 51.70 -17.56
C ASP C 59 -62.37 51.38 -16.09
N ALA C 60 -63.57 51.59 -15.55
CA ALA C 60 -63.82 51.33 -14.14
C ALA C 60 -63.58 49.86 -13.80
N ALA C 61 -64.11 48.96 -14.62
CA ALA C 61 -63.97 47.53 -14.39
C ALA C 61 -62.51 47.08 -14.52
N LEU C 62 -61.82 47.61 -15.52
CA LEU C 62 -60.42 47.26 -15.74
C LEU C 62 -59.53 47.71 -14.58
N ASP C 63 -59.66 48.98 -14.17
CA ASP C 63 -58.87 49.49 -13.05
C ASP C 63 -59.09 48.66 -11.80
N ALA C 64 -60.36 48.40 -11.47
CA ALA C 64 -60.68 47.62 -10.27
C ALA C 64 -59.99 46.27 -10.28
N GLU C 65 -60.02 45.59 -11.42
CA GLU C 65 -59.38 44.27 -11.52
C GLU C 65 -57.85 44.37 -11.52
N VAL C 66 -57.30 45.32 -12.28
CA VAL C 66 -55.84 45.48 -12.35
C VAL C 66 -55.26 45.73 -10.96
N ALA C 67 -55.97 46.51 -10.15
CA ALA C 67 -55.51 46.84 -8.80
C ALA C 67 -55.38 45.62 -7.87
N LYS C 68 -55.99 44.50 -8.25
CA LYS C 68 -55.92 43.30 -7.42
C LYS C 68 -54.72 42.42 -7.73
N HIS C 69 -53.95 42.78 -8.75
CA HIS C 69 -52.80 41.96 -9.12
C HIS C 69 -51.51 42.75 -9.17
N ASP C 70 -50.40 42.04 -9.30
CA ASP C 70 -49.09 42.65 -9.38
C ASP C 70 -48.73 43.02 -10.81
N LEU C 71 -49.30 42.32 -11.79
CA LEU C 71 -49.02 42.65 -13.17
C LEU C 71 -50.10 42.16 -14.11
N VAL C 72 -50.22 42.83 -15.26
CA VAL C 72 -51.22 42.48 -16.25
C VAL C 72 -50.57 42.05 -17.55
N ILE C 73 -51.06 40.95 -18.12
CA ILE C 73 -50.56 40.46 -19.40
C ILE C 73 -51.66 40.83 -20.38
N SER C 74 -51.29 41.49 -21.47
CA SER C 74 -52.29 41.89 -22.47
C SER C 74 -52.21 40.97 -23.69
N LEU C 75 -52.85 39.80 -23.57
CA LEU C 75 -52.85 38.86 -24.68
C LEU C 75 -54.18 39.01 -25.42
N ILE C 76 -54.46 40.24 -25.85
CA ILE C 76 -55.68 40.58 -26.57
C ILE C 76 -55.26 41.40 -27.81
N PRO C 77 -56.22 41.76 -28.69
CA PRO C 77 -55.83 42.55 -29.88
C PRO C 77 -54.99 43.77 -29.49
N TYR C 78 -53.90 43.99 -30.21
CA TYR C 78 -53.00 45.09 -29.88
C TYR C 78 -53.60 46.49 -29.91
N THR C 79 -54.77 46.63 -30.52
CA THR C 79 -55.43 47.94 -30.57
C THR C 79 -55.76 48.37 -29.13
N PHE C 80 -55.82 47.40 -28.22
CA PHE C 80 -56.15 47.67 -26.82
C PHE C 80 -54.98 47.92 -25.88
N HIS C 81 -53.74 47.73 -26.34
CA HIS C 81 -52.61 47.90 -25.44
C HIS C 81 -52.49 49.27 -24.79
N ALA C 82 -52.72 50.34 -25.53
CA ALA C 82 -52.62 51.68 -24.95
C ALA C 82 -53.57 51.81 -23.76
N THR C 83 -54.82 51.42 -23.99
CA THR C 83 -55.84 51.48 -22.95
C THR C 83 -55.43 50.67 -21.73
N VAL C 84 -54.88 49.48 -21.95
CA VAL C 84 -54.46 48.65 -20.83
C VAL C 84 -53.30 49.30 -20.06
N ILE C 85 -52.35 49.86 -20.79
CA ILE C 85 -51.21 50.50 -20.15
C ILE C 85 -51.64 51.70 -19.30
N LYS C 86 -52.63 52.45 -19.78
CA LYS C 86 -53.12 53.62 -19.04
C LYS C 86 -53.73 53.19 -17.71
N SER C 87 -54.41 52.04 -17.73
CA SER C 87 -55.02 51.53 -16.51
C SER C 87 -53.92 51.09 -15.56
N ALA C 88 -52.91 50.41 -16.11
CA ALA C 88 -51.80 49.93 -15.31
C ALA C 88 -51.04 51.10 -14.70
N ILE C 89 -50.96 52.21 -15.43
CA ILE C 89 -50.26 53.37 -14.91
C ILE C 89 -51.03 53.92 -13.72
N ARG C 90 -52.35 54.08 -13.88
CA ARG C 90 -53.19 54.60 -12.80
C ARG C 90 -53.10 53.72 -11.57
N GLN C 91 -53.01 52.40 -11.78
CA GLN C 91 -52.96 51.47 -10.66
C GLN C 91 -51.55 51.11 -10.23
N LYS C 92 -50.56 51.62 -10.96
CA LYS C 92 -49.16 51.34 -10.64
C LYS C 92 -48.83 49.85 -10.70
N LYS C 93 -49.27 49.18 -11.75
CA LYS C 93 -48.98 47.76 -11.92
C LYS C 93 -48.19 47.54 -13.21
N HIS C 94 -47.36 46.52 -13.23
CA HIS C 94 -46.55 46.20 -14.40
C HIS C 94 -47.38 45.61 -15.54
N VAL C 95 -46.79 45.59 -16.74
CA VAL C 95 -47.47 45.07 -17.90
C VAL C 95 -46.55 44.28 -18.82
N VAL C 96 -47.08 43.24 -19.43
CA VAL C 96 -46.33 42.44 -20.40
C VAL C 96 -47.24 42.16 -21.59
N THR C 97 -46.68 42.28 -22.79
CA THR C 97 -47.43 41.98 -24.01
C THR C 97 -46.43 41.31 -24.92
N THR C 98 -46.91 40.68 -25.98
CA THR C 98 -46.03 40.02 -26.94
C THR C 98 -46.17 40.81 -28.24
N SER C 99 -46.62 42.05 -28.12
CA SER C 99 -46.84 42.90 -29.28
C SER C 99 -45.79 43.99 -29.47
N TYR C 100 -45.77 44.54 -30.68
CA TYR C 100 -44.86 45.62 -31.04
C TYR C 100 -45.14 46.84 -30.19
N VAL C 101 -44.10 47.65 -29.97
CA VAL C 101 -44.26 48.89 -29.23
C VAL C 101 -44.69 49.89 -30.30
N SER C 102 -45.95 50.30 -30.27
CA SER C 102 -46.44 51.25 -31.26
C SER C 102 -46.23 52.67 -30.74
N PRO C 103 -46.33 53.67 -31.63
CA PRO C 103 -46.15 55.06 -31.20
C PRO C 103 -47.09 55.39 -30.03
N ALA C 104 -48.33 54.94 -30.12
CA ALA C 104 -49.32 55.19 -29.07
C ALA C 104 -48.83 54.67 -27.73
N MET C 105 -48.22 53.50 -27.73
CA MET C 105 -47.70 52.91 -26.50
C MET C 105 -46.47 53.66 -26.01
N MET C 106 -45.59 54.02 -26.93
CA MET C 106 -44.37 54.74 -26.59
C MET C 106 -44.67 56.11 -25.96
N GLU C 107 -45.80 56.70 -26.32
CA GLU C 107 -46.19 57.99 -25.75
C GLU C 107 -46.37 57.88 -24.24
N LEU C 108 -46.69 56.68 -23.76
CA LEU C 108 -46.91 56.47 -22.33
C LEU C 108 -45.66 56.07 -21.55
N ASP C 109 -44.51 56.07 -22.24
CA ASP C 109 -43.24 55.71 -21.61
C ASP C 109 -42.93 56.52 -20.34
N GLN C 110 -42.94 57.84 -20.43
CA GLN C 110 -42.63 58.66 -19.25
C GLN C 110 -43.66 58.48 -18.13
N ALA C 111 -44.94 58.44 -18.49
CA ALA C 111 -45.97 58.26 -17.48
C ALA C 111 -45.78 56.91 -16.78
N ALA C 112 -45.28 55.92 -17.51
CA ALA C 112 -45.04 54.60 -16.94
C ALA C 112 -43.87 54.69 -15.97
N LYS C 113 -42.80 55.36 -16.40
CA LYS C 113 -41.63 55.53 -15.55
C LYS C 113 -42.02 56.26 -14.26
N ASP C 114 -42.81 57.32 -14.40
CA ASP C 114 -43.23 58.09 -13.22
C ASP C 114 -44.03 57.21 -12.27
N ALA C 115 -44.82 56.28 -12.83
CA ALA C 115 -45.62 55.39 -12.02
C ALA C 115 -44.77 54.25 -11.45
N GLY C 116 -43.51 54.19 -11.90
CA GLY C 116 -42.61 53.15 -11.44
C GLY C 116 -42.92 51.74 -11.93
N ILE C 117 -43.55 51.62 -13.10
CA ILE C 117 -43.90 50.30 -13.62
C ILE C 117 -43.10 49.95 -14.86
N THR C 118 -43.04 48.64 -15.13
CA THR C 118 -42.35 48.12 -16.29
C THR C 118 -43.43 47.64 -17.24
N VAL C 119 -43.30 48.04 -18.51
CA VAL C 119 -44.23 47.62 -19.55
C VAL C 119 -43.35 46.91 -20.58
N MET C 120 -43.23 45.59 -20.41
CA MET C 120 -42.39 44.75 -21.28
C MET C 120 -43.17 44.21 -22.48
N ASN C 121 -42.70 44.55 -23.68
CA ASN C 121 -43.36 44.14 -24.91
C ASN C 121 -42.45 43.34 -25.84
N GLU C 122 -43.01 43.03 -27.02
CA GLU C 122 -42.27 42.32 -28.04
C GLU C 122 -41.49 41.12 -27.54
N ILE C 123 -42.13 40.32 -26.70
CA ILE C 123 -41.46 39.16 -26.16
C ILE C 123 -42.26 37.88 -26.40
N GLY C 124 -42.55 37.63 -27.67
CA GLY C 124 -43.26 36.43 -28.08
C GLY C 124 -42.29 35.72 -29.02
N LEU C 125 -42.78 35.30 -30.19
CA LEU C 125 -41.94 34.63 -31.18
C LEU C 125 -41.37 35.64 -32.17
N ASP C 126 -42.26 36.40 -32.79
CA ASP C 126 -41.90 37.42 -33.77
C ASP C 126 -43.00 38.47 -33.74
N PRO C 127 -42.76 39.60 -33.04
CA PRO C 127 -41.53 39.93 -32.32
C PRO C 127 -41.31 39.16 -31.02
N GLY C 128 -40.05 38.84 -30.74
CA GLY C 128 -39.74 38.14 -29.51
C GLY C 128 -38.41 37.41 -29.62
N ILE C 129 -38.50 36.09 -29.77
CA ILE C 129 -37.34 35.23 -29.91
C ILE C 129 -36.43 35.73 -31.04
N ASP C 130 -37.03 36.24 -32.12
CA ASP C 130 -36.23 36.73 -33.24
C ASP C 130 -35.28 37.85 -32.78
N HIS C 131 -35.75 38.77 -31.93
CA HIS C 131 -34.89 39.84 -31.44
C HIS C 131 -33.72 39.26 -30.66
N LEU C 132 -34.04 38.37 -29.71
CA LEU C 132 -33.04 37.73 -28.87
C LEU C 132 -31.86 37.15 -29.62
N TYR C 133 -32.12 36.32 -30.63
CA TYR C 133 -31.03 35.71 -31.36
C TYR C 133 -30.42 36.58 -32.45
N ALA C 134 -31.15 37.61 -32.85
CA ALA C 134 -30.63 38.53 -33.85
C ALA C 134 -29.54 39.34 -33.14
N ILE C 135 -29.89 39.90 -31.99
CA ILE C 135 -28.95 40.69 -31.21
C ILE C 135 -27.79 39.86 -30.68
N LYS C 136 -28.05 38.61 -30.32
CA LYS C 136 -27.00 37.73 -29.81
C LYS C 136 -25.84 37.62 -30.80
N THR C 137 -26.16 37.26 -32.04
CA THR C 137 -25.15 37.12 -33.07
C THR C 137 -24.48 38.44 -33.43
N ILE C 138 -25.28 39.50 -33.57
CA ILE C 138 -24.73 40.80 -33.93
C ILE C 138 -23.71 41.31 -32.91
N GLU C 139 -23.99 41.16 -31.63
CA GLU C 139 -23.06 41.62 -30.62
C GLU C 139 -21.81 40.73 -30.62
N GLU C 140 -21.98 39.44 -30.90
CA GLU C 140 -20.85 38.53 -30.95
C GLU C 140 -19.90 38.91 -32.07
N VAL C 141 -20.46 39.21 -33.24
CA VAL C 141 -19.67 39.61 -34.40
C VAL C 141 -18.96 40.94 -34.15
N HIS C 142 -19.68 41.89 -33.55
CA HIS C 142 -19.10 43.21 -33.27
C HIS C 142 -17.98 43.10 -32.23
N ALA C 143 -18.18 42.23 -31.24
CA ALA C 143 -17.18 42.02 -30.19
C ALA C 143 -15.90 41.42 -30.77
N ALA C 144 -16.03 40.79 -31.94
CA ALA C 144 -14.89 40.17 -32.60
C ALA C 144 -14.35 41.06 -33.72
N GLY C 145 -14.79 42.32 -33.73
CA GLY C 145 -14.35 43.25 -34.74
C GLY C 145 -14.91 42.98 -36.11
N GLY C 146 -16.03 42.24 -36.16
CA GLY C 146 -16.64 41.93 -37.44
C GLY C 146 -17.66 42.98 -37.86
N LYS C 147 -18.11 42.90 -39.11
CA LYS C 147 -19.07 43.85 -39.63
C LYS C 147 -20.30 43.14 -40.20
N ILE C 148 -21.49 43.58 -39.79
CA ILE C 148 -22.73 43.00 -40.29
C ILE C 148 -23.11 43.76 -41.57
N LYS C 149 -22.78 43.18 -42.72
CA LYS C 149 -23.07 43.80 -44.01
C LYS C 149 -24.53 43.57 -44.45
N THR C 150 -25.09 42.43 -44.06
CA THR C 150 -26.47 42.10 -44.40
C THR C 150 -27.15 41.40 -43.22
N PHE C 151 -28.35 41.85 -42.89
CA PHE C 151 -29.11 41.22 -41.82
C PHE C 151 -30.48 40.87 -42.38
N LEU C 152 -30.82 39.59 -42.30
CA LEU C 152 -32.11 39.11 -42.77
C LEU C 152 -32.75 38.29 -41.65
N SER C 153 -34.06 38.47 -41.47
CA SER C 153 -34.79 37.73 -40.46
C SER C 153 -36.16 37.41 -41.02
N TYR C 154 -36.41 36.13 -41.28
CA TYR C 154 -37.69 35.71 -41.82
C TYR C 154 -38.35 34.70 -40.91
N CYS C 155 -39.66 34.87 -40.71
CA CYS C 155 -40.39 33.97 -39.85
C CYS C 155 -41.79 33.67 -40.39
N GLY C 156 -42.23 32.44 -40.18
CA GLY C 156 -43.55 32.04 -40.62
C GLY C 156 -44.16 31.03 -39.66
N GLY C 157 -45.41 31.28 -39.28
CA GLY C 157 -46.14 30.36 -38.42
C GLY C 157 -47.10 29.74 -39.41
N LEU C 158 -46.85 28.49 -39.79
CA LEU C 158 -47.66 27.86 -40.81
C LEU C 158 -48.07 26.44 -40.45
N PRO C 159 -48.95 25.84 -41.25
CA PRO C 159 -49.31 24.47 -40.91
C PRO C 159 -48.12 23.63 -41.37
N ALA C 160 -47.92 22.46 -40.78
CA ALA C 160 -46.84 21.58 -41.20
C ALA C 160 -47.19 21.22 -42.64
N PRO C 161 -46.18 20.96 -43.49
CA PRO C 161 -46.46 20.62 -44.88
C PRO C 161 -47.58 19.60 -45.07
N GLU C 162 -47.55 18.53 -44.29
CA GLU C 162 -48.56 17.50 -44.39
C GLU C 162 -49.95 17.93 -43.90
N SER C 163 -50.02 19.09 -43.23
CA SER C 163 -51.29 19.63 -42.73
C SER C 163 -51.69 20.90 -43.49
N SER C 164 -50.98 21.22 -44.57
CA SER C 164 -51.27 22.45 -45.32
C SER C 164 -52.24 22.28 -46.49
N ASP C 165 -52.96 21.17 -46.52
CA ASP C 165 -53.85 20.93 -47.64
C ASP C 165 -55.20 21.64 -47.71
N ASN C 166 -55.17 22.93 -48.03
CA ASN C 166 -56.37 23.71 -48.27
C ASN C 166 -55.90 24.75 -49.28
N PRO C 167 -56.83 25.42 -49.98
CA PRO C 167 -56.48 26.43 -50.98
C PRO C 167 -55.51 27.54 -50.62
N LEU C 168 -55.36 27.82 -49.33
CA LEU C 168 -54.44 28.89 -48.90
C LEU C 168 -53.14 28.37 -48.30
N GLY C 169 -53.08 27.06 -48.05
CA GLY C 169 -51.88 26.49 -47.47
C GLY C 169 -51.68 27.18 -46.13
N TYR C 170 -52.79 27.57 -45.50
CA TYR C 170 -52.73 28.28 -44.24
C TYR C 170 -53.88 27.91 -43.31
N LYS C 171 -53.57 27.77 -42.03
CA LYS C 171 -54.56 27.47 -40.99
C LYS C 171 -54.17 28.29 -39.77
N PHE C 172 -55.17 28.75 -39.01
CA PHE C 172 -54.91 29.60 -37.86
C PHE C 172 -54.29 28.98 -36.63
N SER C 173 -53.19 29.59 -36.17
CA SER C 173 -52.50 29.16 -34.95
C SER C 173 -52.43 30.34 -33.99
N TRP C 174 -52.84 31.51 -34.46
CA TRP C 174 -52.87 32.73 -33.67
C TRP C 174 -53.87 33.69 -34.32
N SER C 175 -54.29 34.70 -33.56
CA SER C 175 -55.27 35.71 -33.99
C SER C 175 -55.62 35.76 -35.47
N SER C 176 -56.82 35.27 -35.80
CA SER C 176 -57.31 35.25 -37.20
C SER C 176 -57.34 36.64 -37.80
N ARG C 177 -58.00 37.58 -37.13
CA ARG C 177 -58.06 38.94 -37.63
C ARG C 177 -56.65 39.54 -37.66
N GLY C 178 -55.83 39.18 -36.66
CA GLY C 178 -54.47 39.69 -36.63
C GLY C 178 -53.72 39.29 -37.87
N VAL C 179 -53.98 38.07 -38.35
CA VAL C 179 -53.34 37.56 -39.57
C VAL C 179 -53.71 38.44 -40.75
N LEU C 180 -54.98 38.80 -40.86
CA LEU C 180 -55.44 39.62 -41.97
C LEU C 180 -54.86 41.03 -41.90
N LEU C 181 -54.82 41.60 -40.68
CA LEU C 181 -54.26 42.93 -40.50
C LEU C 181 -52.80 42.97 -40.95
N ALA C 182 -52.05 41.93 -40.60
CA ALA C 182 -50.63 41.85 -40.96
C ALA C 182 -50.42 41.79 -42.48
N LEU C 183 -51.43 41.33 -43.22
CA LEU C 183 -51.32 41.23 -44.68
C LEU C 183 -51.44 42.59 -45.39
N ARG C 184 -51.81 43.63 -44.65
CA ARG C 184 -51.98 44.96 -45.23
C ARG C 184 -50.90 45.96 -44.82
N ASN C 185 -49.98 45.55 -43.96
CA ASN C 185 -48.93 46.44 -43.50
C ASN C 185 -47.94 46.86 -44.58
N ALA C 186 -47.73 48.17 -44.71
CA ALA C 186 -46.78 48.69 -45.68
C ALA C 186 -45.42 48.27 -45.13
N ALA C 187 -44.45 48.06 -46.02
CA ALA C 187 -43.13 47.65 -45.58
C ALA C 187 -42.05 48.61 -46.05
N SER C 188 -40.92 48.58 -45.36
CA SER C 188 -39.79 49.44 -45.68
C SER C 188 -38.55 48.72 -45.16
N PHE C 189 -37.48 48.75 -45.95
CA PHE C 189 -36.26 48.05 -45.57
C PHE C 189 -35.06 48.58 -46.33
N TYR C 190 -33.87 48.19 -45.89
CA TYR C 190 -32.63 48.60 -46.55
C TYR C 190 -32.15 47.58 -47.56
N LYS C 191 -31.88 48.06 -48.77
CA LYS C 191 -31.36 47.22 -49.84
C LYS C 191 -30.27 48.03 -50.53
N ASP C 192 -29.06 47.47 -50.56
CA ASP C 192 -27.93 48.14 -51.18
C ASP C 192 -27.73 49.54 -50.60
N GLY C 193 -27.81 49.64 -49.27
CA GLY C 193 -27.60 50.91 -48.60
C GLY C 193 -28.71 51.95 -48.70
N LYS C 194 -29.80 51.63 -49.37
CA LYS C 194 -30.86 52.62 -49.47
C LYS C 194 -32.25 52.11 -49.06
N VAL C 195 -33.07 53.02 -48.57
CA VAL C 195 -34.41 52.70 -48.11
C VAL C 195 -35.32 52.34 -49.27
N THR C 196 -36.01 51.21 -49.13
CA THR C 196 -36.94 50.76 -50.16
C THR C 196 -38.31 50.61 -49.51
N ASN C 197 -39.33 51.20 -50.13
CA ASN C 197 -40.68 51.14 -49.59
C ASN C 197 -41.63 50.29 -50.41
N VAL C 198 -42.56 49.64 -49.73
CA VAL C 198 -43.57 48.80 -50.37
C VAL C 198 -44.90 49.23 -49.77
N ALA C 199 -45.81 49.72 -50.61
CA ALA C 199 -47.11 50.15 -50.12
C ALA C 199 -47.92 48.95 -49.68
N GLY C 200 -48.69 49.12 -48.60
CA GLY C 200 -49.52 48.05 -48.08
C GLY C 200 -50.33 47.28 -49.12
N PRO C 201 -51.12 47.97 -49.95
CA PRO C 201 -51.93 47.33 -50.98
C PRO C 201 -51.12 46.56 -52.02
N GLU C 202 -49.81 46.80 -52.05
CA GLU C 202 -48.95 46.12 -53.01
C GLU C 202 -47.96 45.15 -52.35
N LEU C 203 -48.20 44.83 -51.09
CA LEU C 203 -47.31 43.93 -50.35
C LEU C 203 -47.19 42.52 -50.94
N MET C 204 -48.33 41.90 -51.26
CA MET C 204 -48.30 40.53 -51.79
C MET C 204 -47.54 40.37 -53.11
N ALA C 205 -47.49 41.42 -53.91
CA ALA C 205 -46.80 41.36 -55.21
C ALA C 205 -45.28 41.28 -55.08
N THR C 206 -44.76 41.55 -53.88
CA THR C 206 -43.31 41.48 -53.68
C THR C 206 -42.84 40.08 -53.26
N ALA C 207 -43.78 39.19 -52.97
CA ALA C 207 -43.43 37.84 -52.54
C ALA C 207 -42.54 37.11 -53.56
N LYS C 208 -41.47 36.51 -53.04
CA LYS C 208 -40.51 35.79 -53.87
C LYS C 208 -40.15 34.48 -53.18
N PRO C 209 -39.80 33.45 -53.96
CA PRO C 209 -39.44 32.18 -53.33
C PRO C 209 -38.26 32.45 -52.40
N TYR C 210 -38.28 31.86 -51.20
CA TYR C 210 -37.20 32.05 -50.25
C TYR C 210 -36.67 30.68 -49.83
N PHE C 211 -35.46 30.36 -50.27
CA PHE C 211 -34.87 29.06 -49.97
C PHE C 211 -34.24 28.95 -48.58
N ILE C 212 -34.58 27.88 -47.87
CA ILE C 212 -34.03 27.60 -46.55
C ILE C 212 -33.55 26.15 -46.61
N TYR C 213 -34.48 25.21 -46.75
CA TYR C 213 -34.12 23.80 -46.85
C TYR C 213 -34.79 23.24 -48.11
N PRO C 214 -34.14 22.27 -48.78
CA PRO C 214 -34.69 21.66 -49.99
C PRO C 214 -36.15 21.20 -49.94
N GLY C 215 -36.57 20.63 -48.82
CA GLY C 215 -37.93 20.13 -48.72
C GLY C 215 -39.09 21.10 -48.67
N PHE C 216 -38.84 22.31 -48.18
CA PHE C 216 -39.88 23.33 -48.03
C PHE C 216 -40.09 24.25 -49.24
N ALA C 217 -41.33 24.69 -49.41
CA ALA C 217 -41.67 25.59 -50.51
C ALA C 217 -42.12 26.92 -49.92
N PHE C 218 -41.17 27.69 -49.41
CA PHE C 218 -41.45 28.99 -48.80
C PHE C 218 -41.35 30.13 -49.80
N VAL C 219 -42.11 31.18 -49.55
CA VAL C 219 -42.04 32.41 -50.33
C VAL C 219 -42.01 33.45 -49.22
N ALA C 220 -41.49 34.63 -49.50
CA ALA C 220 -41.39 35.65 -48.45
C ALA C 220 -41.63 37.06 -48.95
N TYR C 221 -42.07 37.91 -48.02
CA TYR C 221 -42.31 39.31 -48.30
C TYR C 221 -41.91 40.12 -47.07
N PRO C 222 -41.58 41.40 -47.25
CA PRO C 222 -41.18 42.28 -46.14
C PRO C 222 -42.25 42.41 -45.06
N ASN C 223 -41.80 42.45 -43.81
CA ASN C 223 -42.71 42.57 -42.67
C ASN C 223 -42.49 43.92 -41.97
N ARG C 224 -43.41 44.85 -42.22
CA ARG C 224 -43.37 46.18 -41.61
C ARG C 224 -42.11 46.99 -41.91
N ASP C 225 -41.88 48.04 -41.12
CA ASP C 225 -40.70 48.88 -41.34
C ASP C 225 -39.48 48.32 -40.63
N SER C 226 -38.50 47.90 -41.41
CA SER C 226 -37.26 47.34 -40.88
C SER C 226 -36.16 48.40 -40.73
N THR C 227 -36.30 49.52 -41.43
CA THR C 227 -35.27 50.56 -41.37
C THR C 227 -34.84 50.99 -39.97
N PRO C 228 -35.78 51.11 -39.03
CA PRO C 228 -35.37 51.54 -37.67
C PRO C 228 -34.38 50.56 -37.02
N TYR C 229 -34.31 49.33 -37.53
CA TYR C 229 -33.41 48.35 -36.96
C TYR C 229 -31.94 48.63 -37.21
N LYS C 230 -31.66 49.59 -38.10
CA LYS C 230 -30.29 49.97 -38.38
C LYS C 230 -29.78 50.53 -37.04
N GLU C 231 -30.63 51.30 -36.38
CA GLU C 231 -30.30 51.88 -35.09
C GLU C 231 -30.69 50.94 -33.95
N ARG C 232 -31.87 50.32 -34.07
CA ARG C 232 -32.33 49.43 -33.01
C ARG C 232 -31.40 48.25 -32.75
N TYR C 233 -30.84 47.67 -33.81
CA TYR C 233 -29.92 46.55 -33.66
C TYR C 233 -28.46 47.01 -33.71
N GLN C 234 -28.24 48.32 -33.82
CA GLN C 234 -26.89 48.88 -33.87
C GLN C 234 -26.03 48.30 -34.98
N ILE C 235 -26.55 48.36 -36.21
CA ILE C 235 -25.83 47.86 -37.37
C ILE C 235 -25.83 48.93 -38.45
N PRO C 236 -25.22 50.08 -38.16
CA PRO C 236 -25.17 51.17 -39.14
C PRO C 236 -24.36 50.79 -40.36
N GLU C 237 -23.53 49.75 -40.24
CA GLU C 237 -22.69 49.30 -41.34
C GLU C 237 -23.42 48.37 -42.32
N ALA C 238 -24.66 48.03 -42.01
CA ALA C 238 -25.45 47.13 -42.85
C ALA C 238 -26.04 47.78 -44.09
N ASP C 239 -25.81 47.17 -45.24
CA ASP C 239 -26.33 47.65 -46.52
C ASP C 239 -27.73 47.08 -46.73
N ASN C 240 -27.95 45.87 -46.20
CA ASN C 240 -29.23 45.20 -46.36
C ASN C 240 -29.79 44.81 -44.99
N ILE C 241 -30.99 45.29 -44.70
CA ILE C 241 -31.66 44.99 -43.44
C ILE C 241 -33.12 44.69 -43.74
N VAL C 242 -33.55 43.47 -43.48
CA VAL C 242 -34.93 43.11 -43.75
C VAL C 242 -35.52 42.12 -42.77
N ARG C 243 -36.67 42.46 -42.20
CA ARG C 243 -37.40 41.54 -41.32
C ARG C 243 -38.56 41.14 -42.22
N GLY C 244 -38.74 39.83 -42.42
CA GLY C 244 -39.79 39.38 -43.31
C GLY C 244 -40.64 38.22 -42.82
N THR C 245 -41.66 37.89 -43.61
CA THR C 245 -42.59 36.83 -43.28
C THR C 245 -42.60 35.71 -44.31
N LEU C 246 -42.71 34.49 -43.83
CA LEU C 246 -42.74 33.31 -44.70
C LEU C 246 -44.15 32.74 -44.80
N ARG C 247 -44.49 32.31 -46.02
CA ARG C 247 -45.77 31.67 -46.30
C ARG C 247 -45.40 30.57 -47.29
N TYR C 248 -46.37 29.75 -47.67
CA TYR C 248 -46.09 28.69 -48.65
C TYR C 248 -46.48 29.17 -50.05
N GLN C 249 -45.86 28.56 -51.04
CA GLN C 249 -46.11 28.84 -52.44
C GLN C 249 -47.61 29.04 -52.70
N GLY C 250 -47.97 30.06 -53.48
CA GLY C 250 -49.36 30.30 -53.81
C GLY C 250 -50.18 31.20 -52.90
N PHE C 251 -49.80 31.28 -51.63
CA PHE C 251 -50.53 32.09 -50.66
C PHE C 251 -50.61 33.59 -51.02
N PRO C 252 -49.46 34.24 -51.28
CA PRO C 252 -49.53 35.66 -51.62
C PRO C 252 -50.34 36.02 -52.87
N GLN C 253 -50.25 35.20 -53.92
CA GLN C 253 -51.00 35.47 -55.15
C GLN C 253 -52.50 35.44 -54.81
N PHE C 254 -52.89 34.50 -53.97
CA PHE C 254 -54.28 34.33 -53.56
C PHE C 254 -54.73 35.57 -52.78
N ILE C 255 -53.96 35.96 -51.76
CA ILE C 255 -54.27 37.13 -50.95
C ILE C 255 -54.33 38.40 -51.81
N LYS C 256 -53.43 38.48 -52.78
CA LYS C 256 -53.36 39.65 -53.67
C LYS C 256 -54.71 39.89 -54.32
N VAL C 257 -55.34 38.81 -54.79
CA VAL C 257 -56.65 38.89 -55.43
C VAL C 257 -57.67 39.44 -54.43
N LEU C 258 -57.68 38.90 -53.21
CA LEU C 258 -58.61 39.36 -52.18
C LEU C 258 -58.43 40.84 -51.90
N VAL C 259 -57.18 41.30 -51.91
CA VAL C 259 -56.90 42.71 -51.66
C VAL C 259 -57.40 43.55 -52.83
N ASP C 260 -57.05 43.14 -54.05
CA ASP C 260 -57.46 43.87 -55.24
C ASP C 260 -58.97 44.03 -55.43
N ILE C 261 -59.75 43.03 -55.02
CA ILE C 261 -61.20 43.11 -55.20
C ILE C 261 -61.94 43.71 -54.02
N GLY C 262 -61.19 44.17 -53.02
CA GLY C 262 -61.79 44.80 -51.87
C GLY C 262 -62.16 43.99 -50.65
N PHE C 263 -61.75 42.72 -50.58
CA PHE C 263 -62.09 41.90 -49.44
C PHE C 263 -61.33 42.17 -48.15
N LEU C 264 -60.26 42.95 -48.21
CA LEU C 264 -59.51 43.26 -46.99
C LEU C 264 -59.74 44.69 -46.52
N SER C 265 -60.89 45.24 -46.88
CA SER C 265 -61.26 46.59 -46.48
C SER C 265 -62.02 46.52 -45.17
N ASP C 266 -61.73 47.43 -44.25
CA ASP C 266 -62.45 47.42 -42.99
C ASP C 266 -63.44 48.58 -42.95
N GLU C 267 -63.82 49.07 -44.12
CA GLU C 267 -64.78 50.15 -44.23
C GLU C 267 -66.17 49.61 -43.93
N GLU C 268 -66.86 50.23 -42.97
CA GLU C 268 -68.19 49.78 -42.59
C GLU C 268 -69.19 49.90 -43.73
N GLN C 269 -69.84 48.79 -44.05
CA GLN C 269 -70.83 48.74 -45.12
C GLN C 269 -72.17 48.33 -44.53
N PRO C 270 -73.22 49.13 -44.79
CA PRO C 270 -74.55 48.83 -44.27
C PRO C 270 -75.02 47.42 -44.59
N PHE C 271 -74.81 46.99 -45.82
CA PHE C 271 -75.24 45.66 -46.25
C PHE C 271 -74.48 44.52 -45.57
N LEU C 272 -73.39 44.84 -44.87
CA LEU C 272 -72.62 43.81 -44.20
C LEU C 272 -73.00 43.57 -42.74
N LYS C 273 -74.14 44.12 -42.31
CA LYS C 273 -74.60 43.89 -40.95
C LYS C 273 -75.87 43.06 -40.99
N GLU C 274 -76.14 42.50 -42.16
CA GLU C 274 -77.32 41.68 -42.37
C GLU C 274 -76.86 40.32 -42.89
N ALA C 275 -77.43 39.24 -42.34
CA ALA C 275 -77.07 37.90 -42.74
C ALA C 275 -77.54 37.52 -44.15
N ILE C 276 -77.02 38.23 -45.16
CA ILE C 276 -77.40 37.96 -46.54
C ILE C 276 -76.54 36.85 -47.13
N PRO C 277 -76.98 36.25 -48.24
CA PRO C 277 -76.21 35.16 -48.88
C PRO C 277 -74.85 35.67 -49.34
N TRP C 278 -73.83 34.82 -49.22
CA TRP C 278 -72.49 35.20 -49.64
C TRP C 278 -72.46 35.76 -51.06
N LYS C 279 -73.26 35.17 -51.94
CA LYS C 279 -73.37 35.63 -53.34
C LYS C 279 -73.56 37.13 -53.38
N GLU C 280 -74.57 37.60 -52.66
CA GLU C 280 -74.90 39.02 -52.61
C GLU C 280 -73.82 39.87 -51.99
N ALA C 281 -73.27 39.38 -50.87
CA ALA C 281 -72.21 40.09 -50.17
C ALA C 281 -71.02 40.29 -51.10
N THR C 282 -70.62 39.22 -51.77
CA THR C 282 -69.49 39.29 -52.69
C THR C 282 -69.80 40.21 -53.85
N GLN C 283 -71.01 40.13 -54.37
CA GLN C 283 -71.42 40.99 -55.47
C GLN C 283 -71.22 42.45 -55.13
N LYS C 284 -71.68 42.85 -53.95
CA LYS C 284 -71.57 44.22 -53.49
C LYS C 284 -70.11 44.62 -53.22
N ILE C 285 -69.37 43.72 -52.56
CA ILE C 285 -67.97 44.00 -52.25
C ILE C 285 -67.12 44.15 -53.51
N VAL C 286 -67.24 43.21 -54.42
CA VAL C 286 -66.49 43.22 -55.67
C VAL C 286 -67.12 44.18 -56.68
N LYS C 287 -68.38 44.52 -56.46
CA LYS C 287 -69.12 45.41 -57.35
C LYS C 287 -69.40 44.77 -58.70
N ALA C 288 -69.95 43.56 -58.65
CA ALA C 288 -70.29 42.83 -59.87
C ALA C 288 -71.72 43.23 -60.24
N SER C 289 -72.10 42.98 -61.49
CA SER C 289 -73.44 43.34 -61.97
C SER C 289 -74.51 42.32 -61.56
N SER C 290 -74.08 41.22 -60.96
CA SER C 290 -75.00 40.18 -60.56
C SER C 290 -74.37 39.27 -59.52
N ALA C 291 -75.20 38.57 -58.75
CA ALA C 291 -74.70 37.65 -57.73
C ALA C 291 -74.34 36.32 -58.39
N SER C 292 -74.42 36.31 -59.72
CA SER C 292 -74.10 35.12 -60.50
C SER C 292 -72.61 34.80 -60.43
N GLU C 293 -72.27 33.52 -60.33
CA GLU C 293 -70.87 33.13 -60.26
C GLU C 293 -70.12 33.62 -61.49
N GLN C 294 -70.76 33.51 -62.65
CA GLN C 294 -70.15 33.96 -63.89
C GLN C 294 -69.88 35.47 -63.89
N ASP C 295 -70.83 36.25 -63.37
CA ASP C 295 -70.66 37.69 -63.33
C ASP C 295 -69.65 38.13 -62.27
N ILE C 296 -69.71 37.49 -61.10
CA ILE C 296 -68.78 37.82 -60.02
C ILE C 296 -67.36 37.52 -60.50
N VAL C 297 -67.16 36.32 -61.04
CA VAL C 297 -65.85 35.92 -61.53
C VAL C 297 -65.37 36.84 -62.65
N SER C 298 -66.30 37.28 -63.49
CA SER C 298 -65.96 38.18 -64.58
C SER C 298 -65.36 39.47 -64.03
N THR C 299 -66.02 40.03 -63.02
CA THR C 299 -65.58 41.26 -62.39
C THR C 299 -64.23 41.05 -61.69
N ILE C 300 -64.09 39.93 -60.99
CA ILE C 300 -62.85 39.64 -60.29
C ILE C 300 -61.67 39.54 -61.25
N VAL C 301 -61.85 38.78 -62.32
CA VAL C 301 -60.80 38.61 -63.31
C VAL C 301 -60.39 39.94 -63.93
N SER C 302 -61.36 40.82 -64.16
CA SER C 302 -61.05 42.11 -64.76
C SER C 302 -60.38 43.07 -63.78
N ASN C 303 -60.53 42.81 -62.48
CA ASN C 303 -59.95 43.69 -61.47
C ASN C 303 -58.76 43.12 -60.70
N ALA C 304 -58.43 41.86 -60.92
CA ALA C 304 -57.32 41.24 -60.22
C ALA C 304 -56.22 40.82 -61.20
N THR C 305 -55.05 40.47 -60.66
CA THR C 305 -53.92 40.05 -61.47
C THR C 305 -53.62 38.57 -61.23
N PHE C 306 -53.25 37.87 -62.30
CA PHE C 306 -52.93 36.45 -62.21
C PHE C 306 -51.70 36.13 -63.06
N GLU C 307 -50.76 35.41 -62.48
CA GLU C 307 -49.53 35.03 -63.16
C GLU C 307 -49.77 34.17 -64.40
N SER C 308 -50.91 33.48 -64.43
CA SER C 308 -51.23 32.63 -65.57
C SER C 308 -52.66 32.13 -65.47
N THR C 309 -53.16 31.55 -66.56
CA THR C 309 -54.52 31.04 -66.58
C THR C 309 -54.66 29.93 -65.54
N GLU C 310 -53.58 29.19 -65.33
CA GLU C 310 -53.57 28.10 -64.36
C GLU C 310 -53.80 28.69 -62.98
N GLU C 311 -53.06 29.76 -62.70
CA GLU C 311 -53.14 30.46 -61.43
C GLU C 311 -54.55 31.02 -61.22
N GLN C 312 -55.12 31.56 -62.29
CA GLN C 312 -56.47 32.12 -62.23
C GLN C 312 -57.48 31.04 -61.89
N LYS C 313 -57.32 29.87 -62.51
CA LYS C 313 -58.21 28.75 -62.25
C LYS C 313 -58.09 28.30 -60.80
N ARG C 314 -56.85 28.24 -60.32
CA ARG C 314 -56.59 27.82 -58.94
C ARG C 314 -57.23 28.76 -57.92
N ILE C 315 -56.94 30.04 -58.05
CA ILE C 315 -57.46 31.05 -57.12
C ILE C 315 -58.98 31.17 -57.14
N VAL C 316 -59.59 31.10 -58.32
CA VAL C 316 -61.05 31.18 -58.41
C VAL C 316 -61.65 29.98 -57.68
N ALA C 317 -61.06 28.81 -57.87
CA ALA C 317 -61.53 27.59 -57.22
C ALA C 317 -61.38 27.72 -55.70
N GLY C 318 -60.31 28.38 -55.27
CA GLY C 318 -60.09 28.58 -53.84
C GLY C 318 -61.15 29.49 -53.26
N LEU C 319 -61.48 30.55 -53.99
CA LEU C 319 -62.50 31.49 -53.55
C LEU C 319 -63.82 30.77 -53.41
N LYS C 320 -64.14 29.91 -54.37
CA LYS C 320 -65.38 29.17 -54.34
C LYS C 320 -65.39 28.23 -53.14
N TRP C 321 -64.21 27.68 -52.84
CA TRP C 321 -64.07 26.78 -51.71
C TRP C 321 -64.42 27.51 -50.41
N LEU C 322 -64.04 28.77 -50.34
CA LEU C 322 -64.34 29.57 -49.15
C LEU C 322 -65.85 29.77 -49.04
N GLY C 323 -66.55 29.58 -50.16
CA GLY C 323 -67.99 29.71 -50.19
C GLY C 323 -68.53 31.11 -50.48
N ILE C 324 -67.67 32.02 -50.93
CA ILE C 324 -68.12 33.38 -51.20
C ILE C 324 -68.99 33.53 -52.44
N PHE C 325 -69.21 32.42 -53.16
CA PHE C 325 -70.04 32.43 -54.36
C PHE C 325 -71.32 31.65 -54.08
N SER C 326 -71.44 31.11 -52.86
CA SER C 326 -72.59 30.29 -52.49
C SER C 326 -73.78 31.05 -51.91
N ASP C 327 -74.79 30.27 -51.54
CA ASP C 327 -76.02 30.79 -50.95
C ASP C 327 -75.88 30.87 -49.45
N LYS C 328 -74.85 30.24 -48.90
CA LYS C 328 -74.63 30.28 -47.46
C LYS C 328 -74.58 31.72 -46.99
N LYS C 329 -75.35 32.00 -45.93
CA LYS C 329 -75.40 33.34 -45.41
C LYS C 329 -74.13 33.71 -44.66
N ILE C 330 -73.72 34.96 -44.81
CA ILE C 330 -72.52 35.48 -44.17
C ILE C 330 -72.75 35.70 -42.69
N THR C 331 -71.65 35.81 -41.96
CA THR C 331 -71.72 36.12 -40.54
C THR C 331 -71.44 37.63 -40.61
N PRO C 332 -72.50 38.45 -40.53
CA PRO C 332 -72.40 39.92 -40.61
C PRO C 332 -71.46 40.54 -39.59
N ARG C 333 -70.40 41.19 -40.08
CA ARG C 333 -69.46 41.84 -39.19
C ARG C 333 -69.15 43.28 -39.59
N GLY C 334 -70.07 43.89 -40.33
CA GLY C 334 -69.91 45.28 -40.72
C GLY C 334 -69.00 45.67 -41.86
N ASN C 335 -67.82 45.07 -41.92
CA ASN C 335 -66.87 45.37 -42.99
C ASN C 335 -66.41 44.08 -43.67
N ALA C 336 -65.90 44.22 -44.89
CA ALA C 336 -65.46 43.07 -45.67
C ALA C 336 -64.40 42.20 -44.99
N LEU C 337 -63.37 42.84 -44.45
CA LEU C 337 -62.30 42.11 -43.78
C LEU C 337 -62.82 41.21 -42.67
N ASP C 338 -63.56 41.78 -41.73
CA ASP C 338 -64.09 40.99 -40.63
C ASP C 338 -65.15 39.99 -41.06
N THR C 339 -65.94 40.32 -42.08
CA THR C 339 -66.97 39.39 -42.54
C THR C 339 -66.31 38.19 -43.20
N LEU C 340 -65.25 38.43 -43.95
CA LEU C 340 -64.52 37.35 -44.61
C LEU C 340 -63.83 36.52 -43.53
N CYS C 341 -63.26 37.21 -42.55
CA CYS C 341 -62.55 36.55 -41.46
C CYS C 341 -63.45 35.53 -40.75
N ALA C 342 -64.71 35.89 -40.54
CA ALA C 342 -65.63 34.98 -39.87
C ALA C 342 -65.73 33.65 -40.62
N THR C 343 -65.73 33.72 -41.95
CA THR C 343 -65.80 32.50 -42.76
C THR C 343 -64.45 31.80 -42.83
N LEU C 344 -63.37 32.56 -42.78
CA LEU C 344 -62.03 31.95 -42.79
C LEU C 344 -61.87 31.15 -41.50
N GLU C 345 -62.33 31.70 -40.40
CA GLU C 345 -62.22 31.03 -39.10
C GLU C 345 -62.97 29.70 -39.14
N GLU C 346 -64.01 29.65 -39.95
CA GLU C 346 -64.85 28.48 -40.12
C GLU C 346 -64.13 27.39 -40.92
N LYS C 347 -63.47 27.79 -42.00
CA LYS C 347 -62.80 26.85 -42.89
C LYS C 347 -61.31 26.61 -42.75
N MET C 348 -60.60 27.42 -41.98
CA MET C 348 -59.16 27.26 -41.88
C MET C 348 -58.61 26.93 -40.50
N GLN C 349 -59.33 26.10 -39.78
CA GLN C 349 -58.91 25.70 -38.44
C GLN C 349 -58.09 24.40 -38.56
N PHE C 350 -57.15 24.18 -37.64
CA PHE C 350 -56.37 22.95 -37.66
C PHE C 350 -57.30 21.85 -37.18
N GLU C 351 -57.28 20.70 -37.85
CA GLU C 351 -58.15 19.59 -37.46
C GLU C 351 -57.39 18.47 -36.76
N GLU C 352 -58.16 17.55 -36.19
CA GLU C 352 -57.64 16.39 -35.45
C GLU C 352 -56.40 15.78 -36.11
N GLY C 353 -55.35 15.61 -35.31
CA GLY C 353 -54.13 15.00 -35.82
C GLY C 353 -53.20 15.91 -36.61
N GLU C 354 -53.64 17.12 -36.94
CA GLU C 354 -52.79 18.04 -37.69
C GLU C 354 -51.89 18.83 -36.75
N ARG C 355 -50.90 19.51 -37.32
CA ARG C 355 -49.97 20.30 -36.51
C ARG C 355 -49.47 21.52 -37.27
N ASP C 356 -48.95 22.49 -36.55
CA ASP C 356 -48.42 23.67 -37.20
C ASP C 356 -46.90 23.54 -37.26
N LEU C 357 -46.27 24.57 -37.81
CA LEU C 357 -44.83 24.62 -37.96
C LEU C 357 -44.37 26.07 -37.84
N VAL C 358 -43.30 26.29 -37.09
CA VAL C 358 -42.75 27.63 -36.98
C VAL C 358 -41.35 27.59 -37.58
N MET C 359 -41.12 28.41 -38.59
CA MET C 359 -39.81 28.47 -39.22
C MET C 359 -39.28 29.88 -39.00
N LEU C 360 -38.13 29.97 -38.36
CA LEU C 360 -37.49 31.25 -38.08
C LEU C 360 -36.02 31.12 -38.43
N GLN C 361 -35.54 32.00 -39.30
CA GLN C 361 -34.14 31.95 -39.68
C GLN C 361 -33.53 33.33 -39.91
N HIS C 362 -32.43 33.59 -39.22
CA HIS C 362 -31.69 34.83 -39.34
C HIS C 362 -30.56 34.52 -40.31
N LYS C 363 -30.21 35.47 -41.16
CA LYS C 363 -29.10 35.28 -42.07
C LYS C 363 -28.21 36.51 -41.96
N PHE C 364 -26.91 36.31 -41.72
CA PHE C 364 -25.98 37.42 -41.59
C PHE C 364 -24.84 37.31 -42.60
N GLU C 365 -24.62 38.37 -43.37
CA GLU C 365 -23.50 38.40 -44.30
C GLU C 365 -22.48 39.18 -43.50
N ILE C 366 -21.41 38.51 -43.09
CA ILE C 366 -20.39 39.12 -42.26
C ILE C 366 -19.05 39.37 -42.95
N GLU C 367 -18.41 40.46 -42.53
CA GLU C 367 -17.09 40.83 -43.02
C GLU C 367 -16.24 40.79 -41.74
N ASN C 368 -15.43 39.75 -41.61
CA ASN C 368 -14.60 39.57 -40.43
C ASN C 368 -13.53 40.65 -40.26
N LYS C 369 -12.97 40.72 -39.06
CA LYS C 369 -11.95 41.70 -38.73
C LYS C 369 -10.78 41.63 -39.71
N ASP C 370 -10.38 40.40 -40.05
CA ASP C 370 -9.27 40.18 -40.97
C ASP C 370 -9.64 40.34 -42.44
N GLY C 371 -10.75 41.03 -42.71
CA GLY C 371 -11.17 41.24 -44.08
C GLY C 371 -11.84 40.03 -44.72
N SER C 372 -11.81 38.91 -44.02
CA SER C 372 -12.42 37.68 -44.50
C SER C 372 -13.95 37.81 -44.51
N ARG C 373 -14.63 36.95 -45.27
CA ARG C 373 -16.09 36.99 -45.36
C ARG C 373 -16.75 35.63 -45.12
N GLU C 374 -17.95 35.68 -44.52
CA GLU C 374 -18.69 34.46 -44.24
C GLU C 374 -20.18 34.73 -44.10
N THR C 375 -20.97 33.67 -44.24
CA THR C 375 -22.42 33.75 -44.12
C THR C 375 -22.86 32.89 -42.95
N ARG C 376 -23.62 33.49 -42.04
CA ARG C 376 -24.11 32.76 -40.87
C ARG C 376 -25.63 32.74 -40.85
N THR C 377 -26.19 31.62 -40.39
CA THR C 377 -27.64 31.48 -40.28
C THR C 377 -27.96 31.03 -38.86
N SER C 378 -29.06 31.51 -38.34
CA SER C 378 -29.53 31.17 -37.01
C SER C 378 -30.94 30.64 -37.29
N SER C 379 -31.18 29.38 -36.97
CA SER C 379 -32.48 28.78 -37.27
C SER C 379 -33.22 28.09 -36.13
N LEU C 380 -34.54 28.11 -36.24
CA LEU C 380 -35.44 27.47 -35.30
C LEU C 380 -36.56 26.92 -36.20
N CYS C 381 -36.69 25.60 -36.23
CA CYS C 381 -37.70 24.94 -37.03
C CYS C 381 -38.40 23.97 -36.11
N GLU C 382 -39.63 24.29 -35.73
CA GLU C 382 -40.35 23.42 -34.82
C GLU C 382 -41.80 23.14 -35.20
N TYR C 383 -42.17 21.87 -35.09
CA TYR C 383 -43.53 21.43 -35.38
C TYR C 383 -44.32 21.42 -34.09
N GLY C 384 -45.62 21.72 -34.16
CA GLY C 384 -46.42 21.72 -32.95
C GLY C 384 -46.93 20.33 -32.62
N ALA C 385 -47.55 20.18 -31.45
CA ALA C 385 -48.10 18.90 -31.06
C ALA C 385 -49.39 18.72 -31.85
N PRO C 386 -49.68 17.48 -32.29
CA PRO C 386 -50.90 17.19 -33.06
C PRO C 386 -52.17 17.56 -32.34
N ILE C 387 -53.15 18.10 -33.08
CA ILE C 387 -54.43 18.46 -32.49
C ILE C 387 -55.05 17.21 -31.90
N GLY C 388 -55.46 17.28 -30.63
CA GLY C 388 -56.06 16.12 -30.00
C GLY C 388 -55.10 15.45 -29.03
N SER C 389 -53.84 15.86 -29.07
CA SER C 389 -52.82 15.29 -28.19
C SER C 389 -52.73 16.07 -26.88
N GLY C 390 -53.32 17.26 -26.86
CA GLY C 390 -53.28 18.07 -25.65
C GLY C 390 -52.01 18.89 -25.54
N GLY C 391 -51.10 18.72 -26.50
CA GLY C 391 -49.85 19.47 -26.49
C GLY C 391 -49.99 20.86 -27.12
N TYR C 392 -48.95 21.67 -27.02
CA TYR C 392 -48.99 23.02 -27.58
C TYR C 392 -48.64 23.02 -29.07
N SER C 393 -49.22 23.97 -29.79
CA SER C 393 -48.87 24.13 -31.20
C SER C 393 -47.52 24.85 -31.06
N ALA C 394 -46.71 24.85 -32.11
CA ALA C 394 -45.41 25.52 -32.06
C ALA C 394 -45.61 27.02 -31.78
N MET C 395 -46.61 27.61 -32.43
CA MET C 395 -46.90 29.03 -32.26
C MET C 395 -47.25 29.35 -30.79
N ALA C 396 -48.19 28.61 -30.21
CA ALA C 396 -48.59 28.85 -28.83
C ALA C 396 -47.40 28.74 -27.88
N LYS C 397 -46.61 27.69 -28.06
CA LYS C 397 -45.43 27.47 -27.23
C LYS C 397 -44.39 28.58 -27.36
N LEU C 398 -44.04 28.92 -28.59
CA LEU C 398 -43.02 29.92 -28.86
C LEU C 398 -43.45 31.36 -28.57
N VAL C 399 -44.73 31.57 -28.30
CA VAL C 399 -45.22 32.90 -27.97
C VAL C 399 -45.50 32.92 -26.46
N GLY C 400 -46.31 31.97 -26.02
CA GLY C 400 -46.71 31.87 -24.63
C GLY C 400 -45.62 31.62 -23.60
N VAL C 401 -44.64 30.78 -23.93
CA VAL C 401 -43.56 30.50 -23.00
C VAL C 401 -42.66 31.72 -22.82
N PRO C 402 -42.23 32.35 -23.93
CA PRO C 402 -41.39 33.54 -23.73
C PRO C 402 -42.13 34.59 -22.92
N CYS C 403 -43.44 34.72 -23.16
CA CYS C 403 -44.27 35.68 -22.44
C CYS C 403 -44.26 35.38 -20.94
N ALA C 404 -44.45 34.11 -20.60
CA ALA C 404 -44.48 33.69 -19.20
C ALA C 404 -43.14 33.92 -18.52
N VAL C 405 -42.06 33.66 -19.24
CA VAL C 405 -40.72 33.86 -18.68
C VAL C 405 -40.52 35.35 -18.41
N ALA C 406 -40.98 36.18 -19.35
CA ALA C 406 -40.87 37.63 -19.19
C ALA C 406 -41.69 38.10 -17.99
N VAL C 407 -42.88 37.55 -17.82
CA VAL C 407 -43.73 37.91 -16.69
C VAL C 407 -43.01 37.59 -15.39
N LYS C 408 -42.46 36.38 -15.31
CA LYS C 408 -41.74 35.96 -14.12
C LYS C 408 -40.54 36.87 -13.85
N PHE C 409 -39.86 37.29 -14.90
CA PHE C 409 -38.69 38.15 -14.75
C PHE C 409 -39.09 39.55 -14.28
N VAL C 410 -40.24 40.06 -14.73
CA VAL C 410 -40.68 41.37 -14.29
C VAL C 410 -41.11 41.30 -12.82
N LEU C 411 -41.74 40.18 -12.46
CA LEU C 411 -42.20 39.97 -11.09
C LEU C 411 -41.06 39.81 -10.07
N ASP C 412 -39.99 39.11 -10.44
CA ASP C 412 -38.89 38.92 -9.50
C ASP C 412 -37.77 39.95 -9.64
N GLY C 413 -37.97 40.94 -10.50
CA GLY C 413 -36.96 41.97 -10.66
C GLY C 413 -35.86 41.73 -11.68
N THR C 414 -35.81 40.55 -12.30
CA THR C 414 -34.79 40.28 -13.31
C THR C 414 -34.87 41.33 -14.42
N ILE C 415 -36.09 41.77 -14.73
CA ILE C 415 -36.30 42.83 -15.71
C ILE C 415 -36.81 43.96 -14.82
N SER C 416 -35.99 44.99 -14.62
CA SER C 416 -36.37 46.08 -13.74
C SER C 416 -36.42 47.49 -14.32
N ASP C 417 -35.99 47.68 -15.57
CA ASP C 417 -36.07 49.01 -16.15
C ASP C 417 -37.54 49.40 -16.20
N ARG C 418 -37.84 50.67 -15.96
CA ARG C 418 -39.23 51.13 -15.99
C ARG C 418 -39.54 51.78 -17.33
N GLY C 419 -40.81 51.91 -17.64
CA GLY C 419 -41.19 52.50 -18.91
C GLY C 419 -41.61 51.44 -19.91
N VAL C 420 -41.69 51.82 -21.18
CA VAL C 420 -42.09 50.91 -22.25
C VAL C 420 -40.86 50.25 -22.88
N LEU C 421 -40.73 48.95 -22.70
CA LEU C 421 -39.56 48.21 -23.19
C LEU C 421 -39.80 47.14 -24.23
N ALA C 422 -38.69 46.61 -24.73
CA ALA C 422 -38.65 45.52 -25.70
C ALA C 422 -37.34 44.79 -25.40
N PRO C 423 -37.17 43.56 -25.93
CA PRO C 423 -35.94 42.79 -25.69
C PRO C 423 -34.77 43.36 -26.51
N MET C 424 -34.27 44.53 -26.11
CA MET C 424 -33.18 45.17 -26.84
C MET C 424 -31.87 45.33 -26.09
N ASN C 425 -31.70 44.65 -24.97
CA ASN C 425 -30.46 44.75 -24.17
C ASN C 425 -30.06 43.37 -23.66
N SER C 426 -28.77 43.03 -23.79
CA SER C 426 -28.27 41.73 -23.33
C SER C 426 -28.52 41.55 -21.84
N LYS C 427 -28.70 42.66 -21.13
CA LYS C 427 -28.96 42.64 -19.70
C LYS C 427 -30.18 41.76 -19.39
N ILE C 428 -31.19 41.84 -20.25
CA ILE C 428 -32.39 41.03 -20.06
C ILE C 428 -32.54 39.95 -21.13
N ASN C 429 -31.93 40.17 -22.29
CA ASN C 429 -32.00 39.20 -23.36
C ASN C 429 -31.28 37.90 -23.03
N ASP C 430 -30.13 38.00 -22.34
CA ASP C 430 -29.39 36.79 -21.97
C ASP C 430 -30.18 35.94 -20.98
N PRO C 431 -30.70 36.54 -19.90
CA PRO C 431 -31.47 35.74 -18.94
C PRO C 431 -32.67 35.10 -19.64
N LEU C 432 -33.31 35.85 -20.54
CA LEU C 432 -34.46 35.34 -21.27
C LEU C 432 -34.06 34.11 -22.09
N MET C 433 -32.99 34.25 -22.87
CA MET C 433 -32.52 33.12 -23.68
C MET C 433 -32.10 31.93 -22.85
N LYS C 434 -31.41 32.19 -21.75
CA LYS C 434 -30.94 31.11 -20.87
C LYS C 434 -32.10 30.27 -20.33
N GLU C 435 -33.12 30.92 -19.81
CA GLU C 435 -34.28 30.22 -19.26
C GLU C 435 -34.98 29.46 -20.38
N LEU C 436 -35.23 30.13 -21.49
CA LEU C 436 -35.92 29.51 -22.62
C LEU C 436 -35.14 28.30 -23.13
N LYS C 437 -33.83 28.43 -23.23
CA LYS C 437 -33.00 27.33 -23.72
C LYS C 437 -32.86 26.16 -22.75
N GLU C 438 -32.38 26.45 -21.55
CA GLU C 438 -32.15 25.42 -20.54
C GLU C 438 -33.40 24.75 -19.97
N LYS C 439 -34.44 25.53 -19.71
CA LYS C 439 -35.64 24.95 -19.13
C LYS C 439 -36.66 24.42 -20.16
N TYR C 440 -36.72 25.05 -21.33
CA TYR C 440 -37.70 24.63 -22.32
C TYR C 440 -37.14 24.13 -23.65
N GLY C 441 -35.83 24.25 -23.83
CA GLY C 441 -35.21 23.79 -25.06
C GLY C 441 -35.44 24.72 -26.23
N ILE C 442 -35.90 25.94 -25.95
CA ILE C 442 -36.18 26.91 -26.99
C ILE C 442 -34.93 27.72 -27.33
N GLU C 443 -34.52 27.68 -28.59
CA GLU C 443 -33.33 28.39 -29.02
C GLU C 443 -33.18 28.33 -30.53
N CYS C 444 -32.36 29.24 -31.07
CA CYS C 444 -32.06 29.28 -32.49
C CYS C 444 -30.63 28.72 -32.59
N LYS C 445 -30.42 27.76 -33.48
CA LYS C 445 -29.10 27.16 -33.66
C LYS C 445 -28.32 27.85 -34.78
N GLU C 446 -27.09 28.26 -34.47
CA GLU C 446 -26.24 28.94 -35.44
C GLU C 446 -25.49 27.96 -36.33
N LYS C 447 -25.02 28.47 -37.47
CA LYS C 447 -24.30 27.65 -38.43
C LYS C 447 -23.70 28.53 -39.53
N VAL C 448 -22.46 28.25 -39.90
CA VAL C 448 -21.79 29.01 -40.95
C VAL C 448 -22.10 28.33 -42.29
N VAL C 449 -22.82 29.04 -43.15
CA VAL C 449 -23.21 28.51 -44.46
C VAL C 449 -22.18 28.80 -45.55
N ALA C 450 -21.37 29.84 -45.36
CA ALA C 450 -20.35 30.19 -46.34
C ALA C 450 -19.39 31.23 -45.75
N ALA D 2 -47.29 -26.28 -35.74
CA ALA D 2 -46.15 -26.36 -36.71
C ALA D 2 -45.39 -25.04 -36.77
N THR D 3 -44.28 -24.96 -36.05
CA THR D 3 -43.46 -23.75 -36.04
C THR D 3 -42.91 -23.47 -37.43
N LYS D 4 -43.20 -22.29 -37.96
CA LYS D 4 -42.73 -21.92 -39.28
C LYS D 4 -41.32 -21.33 -39.19
N SER D 5 -40.55 -21.49 -40.27
CA SER D 5 -39.20 -20.98 -40.29
C SER D 5 -38.96 -20.23 -41.61
N VAL D 6 -38.31 -19.09 -41.53
CA VAL D 6 -38.06 -18.28 -42.71
C VAL D 6 -36.60 -17.88 -42.88
N LEU D 7 -36.12 -17.96 -44.13
CA LEU D 7 -34.76 -17.57 -44.44
C LEU D 7 -34.80 -16.16 -45.02
N MET D 8 -34.34 -15.19 -44.25
CA MET D 8 -34.31 -13.82 -44.74
C MET D 8 -32.94 -13.51 -45.31
N LEU D 9 -32.87 -13.34 -46.62
CA LEU D 9 -31.62 -12.99 -47.26
C LEU D 9 -31.57 -11.47 -47.18
N GLY D 10 -30.52 -10.93 -46.58
CA GLY D 10 -30.36 -9.50 -46.43
C GLY D 10 -30.50 -9.03 -45.00
N SER D 11 -29.82 -7.95 -44.66
CA SER D 11 -29.89 -7.37 -43.32
C SER D 11 -29.76 -5.86 -43.46
N GLY D 12 -30.11 -5.37 -44.64
CA GLY D 12 -30.02 -3.94 -44.91
C GLY D 12 -31.14 -3.04 -44.40
N PHE D 13 -31.26 -1.88 -45.04
CA PHE D 13 -32.25 -0.86 -44.68
C PHE D 13 -33.67 -1.30 -44.35
N VAL D 14 -34.29 -2.11 -45.22
CA VAL D 14 -35.67 -2.49 -44.99
C VAL D 14 -35.93 -3.77 -44.22
N THR D 15 -34.89 -4.39 -43.70
CA THR D 15 -35.07 -5.67 -43.01
C THR D 15 -35.55 -5.74 -41.55
N ARG D 16 -35.18 -4.78 -40.72
CA ARG D 16 -35.59 -4.85 -39.32
C ARG D 16 -37.11 -4.99 -39.10
N PRO D 17 -37.92 -4.18 -39.79
CA PRO D 17 -39.37 -4.33 -39.58
C PRO D 17 -39.89 -5.72 -39.96
N THR D 18 -39.32 -6.31 -41.00
CA THR D 18 -39.75 -7.64 -41.43
C THR D 18 -39.37 -8.66 -40.36
N LEU D 19 -38.14 -8.56 -39.87
CA LEU D 19 -37.65 -9.46 -38.83
C LEU D 19 -38.53 -9.34 -37.59
N ASP D 20 -38.85 -8.11 -37.22
CA ASP D 20 -39.67 -7.85 -36.04
C ASP D 20 -41.05 -8.47 -36.16
N VAL D 21 -41.76 -8.16 -37.25
CA VAL D 21 -43.10 -8.69 -37.44
C VAL D 21 -43.15 -10.21 -37.45
N LEU D 22 -42.20 -10.85 -38.13
CA LEU D 22 -42.19 -12.30 -38.20
C LEU D 22 -41.88 -12.92 -36.84
N THR D 23 -40.82 -12.48 -36.19
CA THR D 23 -40.46 -13.05 -34.89
C THR D 23 -41.52 -12.71 -33.84
N ASP D 24 -42.22 -11.60 -34.01
CA ASP D 24 -43.27 -11.24 -33.06
C ASP D 24 -44.48 -12.13 -33.30
N SER D 25 -44.38 -12.97 -34.32
CA SER D 25 -45.44 -13.91 -34.66
C SER D 25 -45.03 -15.33 -34.30
N GLY D 26 -43.87 -15.46 -33.66
CA GLY D 26 -43.38 -16.78 -33.28
C GLY D 26 -42.77 -17.52 -34.45
N ILE D 27 -42.51 -16.81 -35.53
CA ILE D 27 -41.90 -17.41 -36.71
C ILE D 27 -40.39 -17.30 -36.58
N LYS D 28 -39.68 -18.41 -36.75
CA LYS D 28 -38.23 -18.39 -36.63
C LYS D 28 -37.65 -17.76 -37.90
N VAL D 29 -36.61 -16.95 -37.73
CA VAL D 29 -36.00 -16.28 -38.87
C VAL D 29 -34.48 -16.37 -38.87
N THR D 30 -33.92 -16.87 -39.96
CA THR D 30 -32.48 -16.95 -40.11
C THR D 30 -32.13 -15.72 -40.94
N VAL D 31 -31.28 -14.85 -40.39
CA VAL D 31 -30.86 -13.64 -41.08
C VAL D 31 -29.53 -13.94 -41.76
N ALA D 32 -29.51 -13.84 -43.09
CA ALA D 32 -28.30 -14.16 -43.83
C ALA D 32 -27.88 -13.19 -44.93
N CYS D 33 -26.60 -12.87 -44.91
CA CYS D 33 -25.98 -12.01 -45.91
C CYS D 33 -24.50 -12.37 -45.85
N ARG D 34 -23.70 -11.81 -46.75
CA ARG D 34 -22.27 -12.15 -46.77
C ARG D 34 -21.53 -11.77 -45.50
N THR D 35 -21.79 -10.58 -44.98
CA THR D 35 -21.11 -10.10 -43.78
C THR D 35 -21.80 -10.55 -42.49
N LEU D 36 -21.28 -11.59 -41.88
CA LEU D 36 -21.84 -12.15 -40.64
C LEU D 36 -22.17 -11.08 -39.60
N GLU D 37 -21.23 -10.15 -39.42
CA GLU D 37 -21.39 -9.07 -38.45
C GLU D 37 -22.67 -8.27 -38.71
N SER D 38 -22.98 -8.03 -39.98
CA SER D 38 -24.19 -7.28 -40.32
C SER D 38 -25.43 -8.08 -39.92
N ALA D 39 -25.41 -9.38 -40.19
CA ALA D 39 -26.54 -10.22 -39.83
C ALA D 39 -26.72 -10.23 -38.32
N LYS D 40 -25.61 -10.32 -37.60
CA LYS D 40 -25.63 -10.34 -36.14
C LYS D 40 -26.21 -9.04 -35.58
N LYS D 41 -25.74 -7.91 -36.09
CA LYS D 41 -26.21 -6.61 -35.64
C LYS D 41 -27.72 -6.45 -35.80
N LEU D 42 -28.28 -6.96 -36.89
CA LEU D 42 -29.70 -6.85 -37.12
C LEU D 42 -30.52 -7.71 -36.16
N SER D 43 -30.05 -8.93 -35.92
CA SER D 43 -30.76 -9.88 -35.06
C SER D 43 -30.42 -9.81 -33.57
N ALA D 44 -29.42 -9.01 -33.21
CA ALA D 44 -29.01 -8.88 -31.82
C ALA D 44 -30.19 -8.57 -30.90
N GLY D 45 -30.45 -9.47 -29.95
CA GLY D 45 -31.54 -9.27 -29.01
C GLY D 45 -32.92 -9.63 -29.54
N VAL D 46 -33.01 -10.04 -30.80
CA VAL D 46 -34.30 -10.41 -31.35
C VAL D 46 -34.60 -11.90 -31.14
N GLN D 47 -35.68 -12.18 -30.43
CA GLN D 47 -36.07 -13.56 -30.16
C GLN D 47 -36.39 -14.32 -31.45
N HIS D 48 -36.00 -15.59 -31.49
CA HIS D 48 -36.26 -16.47 -32.63
C HIS D 48 -35.45 -16.18 -33.88
N SER D 49 -34.42 -15.35 -33.75
CA SER D 49 -33.59 -15.04 -34.91
C SER D 49 -32.21 -15.68 -34.80
N THR D 50 -31.66 -16.05 -35.95
CA THR D 50 -30.34 -16.67 -36.03
C THR D 50 -29.56 -16.04 -37.18
N PRO D 51 -28.40 -15.43 -36.88
CA PRO D 51 -27.59 -14.79 -37.92
C PRO D 51 -26.54 -15.73 -38.52
N ILE D 52 -26.34 -15.64 -39.83
CA ILE D 52 -25.35 -16.47 -40.52
C ILE D 52 -24.76 -15.71 -41.70
N SER D 53 -23.63 -16.21 -42.20
CA SER D 53 -22.97 -15.63 -43.35
C SER D 53 -23.34 -16.56 -44.52
N LEU D 54 -23.89 -15.98 -45.58
CA LEU D 54 -24.27 -16.77 -46.75
C LEU D 54 -24.24 -15.90 -47.99
N ASP D 55 -23.57 -16.39 -49.03
CA ASP D 55 -23.48 -15.66 -50.29
C ASP D 55 -24.40 -16.39 -51.27
N VAL D 56 -25.43 -15.70 -51.75
CA VAL D 56 -26.39 -16.31 -52.66
C VAL D 56 -25.77 -16.79 -53.98
N ASN D 57 -24.52 -16.39 -54.25
CA ASN D 57 -23.84 -16.81 -55.47
C ASN D 57 -23.39 -18.29 -55.36
N ASP D 58 -23.33 -18.77 -54.13
CA ASP D 58 -22.93 -20.16 -53.85
C ASP D 58 -24.16 -21.05 -53.92
N ASP D 59 -24.43 -21.62 -55.10
CA ASP D 59 -25.59 -22.47 -55.29
C ASP D 59 -25.73 -23.57 -54.24
N ALA D 60 -24.64 -24.28 -53.95
CA ALA D 60 -24.68 -25.37 -52.98
C ALA D 60 -25.04 -24.88 -51.59
N ALA D 61 -24.38 -23.80 -51.16
CA ALA D 61 -24.65 -23.23 -49.83
C ALA D 61 -26.07 -22.69 -49.73
N LEU D 62 -26.54 -22.04 -50.79
CA LEU D 62 -27.88 -21.50 -50.80
C LEU D 62 -28.94 -22.61 -50.69
N ASP D 63 -28.82 -23.63 -51.54
CA ASP D 63 -29.78 -24.73 -51.50
C ASP D 63 -29.84 -25.38 -50.12
N ALA D 64 -28.68 -25.66 -49.54
CA ALA D 64 -28.61 -26.30 -48.23
C ALA D 64 -29.38 -25.52 -47.17
N GLU D 65 -29.19 -24.21 -47.17
CA GLU D 65 -29.88 -23.38 -46.20
C GLU D 65 -31.38 -23.28 -46.49
N VAL D 66 -31.73 -23.00 -47.74
CA VAL D 66 -33.13 -22.89 -48.15
C VAL D 66 -33.93 -24.12 -47.72
N ALA D 67 -33.33 -25.30 -47.90
CA ALA D 67 -33.99 -26.55 -47.56
C ALA D 67 -34.40 -26.64 -46.09
N LYS D 68 -33.80 -25.81 -45.24
CA LYS D 68 -34.10 -25.82 -43.81
C LYS D 68 -35.27 -24.91 -43.42
N HIS D 69 -35.84 -24.19 -44.37
CA HIS D 69 -36.94 -23.29 -44.05
C HIS D 69 -38.17 -23.52 -44.91
N ASP D 70 -39.25 -22.82 -44.60
CA ASP D 70 -40.48 -22.95 -45.35
C ASP D 70 -40.54 -21.92 -46.47
N LEU D 71 -39.83 -20.81 -46.31
CA LEU D 71 -39.82 -19.79 -47.34
C LEU D 71 -38.63 -18.87 -47.26
N VAL D 72 -38.25 -18.30 -48.39
CA VAL D 72 -37.10 -17.41 -48.46
C VAL D 72 -37.53 -16.00 -48.88
N ILE D 73 -37.04 -15.00 -48.16
CA ILE D 73 -37.34 -13.61 -48.48
C ILE D 73 -36.07 -13.09 -49.12
N SER D 74 -36.19 -12.51 -50.31
CA SER D 74 -35.02 -11.99 -51.00
C SER D 74 -34.92 -10.47 -50.85
N LEU D 75 -34.41 -10.01 -49.71
CA LEU D 75 -34.25 -8.58 -49.46
C LEU D 75 -32.80 -8.21 -49.77
N ILE D 76 -32.39 -8.51 -51.00
CA ILE D 76 -31.04 -8.24 -51.49
C ILE D 76 -31.17 -7.61 -52.86
N PRO D 77 -30.05 -7.19 -53.48
CA PRO D 77 -30.12 -6.56 -54.80
C PRO D 77 -30.96 -7.42 -55.75
N TYR D 78 -31.90 -6.81 -56.46
CA TYR D 78 -32.78 -7.54 -57.35
C TYR D 78 -32.11 -8.35 -58.46
N THR D 79 -30.83 -8.09 -58.70
CA THR D 79 -30.11 -8.83 -59.73
C THR D 79 -30.06 -10.31 -59.33
N PHE D 80 -30.19 -10.59 -58.04
CA PHE D 80 -30.11 -11.97 -57.54
C PHE D 80 -31.43 -12.74 -57.48
N HIS D 81 -32.56 -12.08 -57.69
CA HIS D 81 -33.84 -12.78 -57.57
C HIS D 81 -34.02 -14.06 -58.40
N ALA D 82 -33.56 -14.06 -59.65
CA ALA D 82 -33.70 -15.26 -60.48
C ALA D 82 -32.94 -16.42 -59.84
N THR D 83 -31.72 -16.15 -59.37
CA THR D 83 -30.90 -17.17 -58.74
C THR D 83 -31.59 -17.73 -57.50
N VAL D 84 -32.15 -16.83 -56.69
CA VAL D 84 -32.83 -17.26 -55.48
C VAL D 84 -34.04 -18.13 -55.82
N ILE D 85 -34.82 -17.70 -56.81
CA ILE D 85 -35.99 -18.46 -57.21
C ILE D 85 -35.62 -19.87 -57.70
N LYS D 86 -34.56 -19.97 -58.51
CA LYS D 86 -34.13 -21.27 -59.01
C LYS D 86 -33.81 -22.21 -57.85
N SER D 87 -33.18 -21.68 -56.80
CA SER D 87 -32.86 -22.47 -55.62
C SER D 87 -34.16 -22.87 -54.92
N ALA D 88 -35.08 -21.92 -54.82
CA ALA D 88 -36.36 -22.18 -54.17
C ALA D 88 -37.13 -23.26 -54.93
N ILE D 89 -36.99 -23.24 -56.25
CA ILE D 89 -37.68 -24.23 -57.08
C ILE D 89 -37.09 -25.61 -56.83
N ARG D 90 -35.77 -25.72 -56.81
CA ARG D 90 -35.12 -27.01 -56.56
C ARG D 90 -35.50 -27.56 -55.20
N GLN D 91 -35.62 -26.67 -54.21
CA GLN D 91 -35.97 -27.10 -52.85
C GLN D 91 -37.46 -27.08 -52.54
N LYS D 92 -38.26 -26.63 -53.50
CA LYS D 92 -39.71 -26.59 -53.31
C LYS D 92 -40.11 -25.69 -52.13
N LYS D 93 -39.48 -24.52 -52.01
CA LYS D 93 -39.82 -23.58 -50.94
C LYS D 93 -40.38 -22.30 -51.54
N HIS D 94 -41.24 -21.63 -50.79
CA HIS D 94 -41.84 -20.38 -51.24
C HIS D 94 -40.84 -19.21 -51.22
N VAL D 95 -41.20 -18.13 -51.92
CA VAL D 95 -40.35 -16.95 -52.00
C VAL D 95 -41.15 -15.66 -51.91
N VAL D 96 -40.56 -14.64 -51.32
CA VAL D 96 -41.19 -13.33 -51.26
C VAL D 96 -40.12 -12.28 -51.49
N THR D 97 -40.44 -11.28 -52.31
CA THR D 97 -39.53 -10.17 -52.57
C THR D 97 -40.38 -8.91 -52.62
N THR D 98 -39.72 -7.76 -52.53
CA THR D 98 -40.41 -6.47 -52.61
C THR D 98 -39.97 -5.82 -53.91
N SER D 99 -39.52 -6.64 -54.85
CA SER D 99 -39.03 -6.14 -56.13
C SER D 99 -39.96 -6.39 -57.30
N TYR D 100 -39.71 -5.67 -58.38
CA TYR D 100 -40.49 -5.82 -59.59
C TYR D 100 -40.31 -7.22 -60.16
N VAL D 101 -41.35 -7.70 -60.81
CA VAL D 101 -41.27 -9.00 -61.46
C VAL D 101 -40.61 -8.69 -62.81
N SER D 102 -39.33 -9.04 -62.94
CA SER D 102 -38.61 -8.80 -64.19
C SER D 102 -38.85 -9.97 -65.13
N PRO D 103 -38.50 -9.81 -66.42
CA PRO D 103 -38.69 -10.89 -67.40
C PRO D 103 -37.98 -12.17 -66.95
N ALA D 104 -36.77 -12.02 -66.39
CA ALA D 104 -36.02 -13.18 -65.93
C ALA D 104 -36.81 -13.96 -64.87
N MET D 105 -37.46 -13.23 -63.98
CA MET D 105 -38.26 -13.87 -62.92
C MET D 105 -39.52 -14.52 -63.48
N MET D 106 -40.19 -13.80 -64.39
CA MET D 106 -41.42 -14.30 -64.98
C MET D 106 -41.18 -15.58 -65.80
N GLU D 107 -39.98 -15.71 -66.36
CA GLU D 107 -39.62 -16.90 -67.13
C GLU D 107 -39.72 -18.18 -66.29
N LEU D 108 -39.50 -18.03 -64.98
CA LEU D 108 -39.52 -19.17 -64.07
C LEU D 108 -40.92 -19.48 -63.53
N ASP D 109 -41.92 -18.74 -64.01
CA ASP D 109 -43.30 -18.93 -63.55
C ASP D 109 -43.79 -20.37 -63.58
N GLN D 110 -43.72 -21.01 -64.74
CA GLN D 110 -44.20 -22.37 -64.84
C GLN D 110 -43.36 -23.33 -64.01
N ALA D 111 -42.05 -23.14 -64.00
CA ALA D 111 -41.18 -24.00 -63.20
C ALA D 111 -41.54 -23.86 -61.73
N ALA D 112 -41.95 -22.68 -61.33
CA ALA D 112 -42.33 -22.45 -59.94
C ALA D 112 -43.65 -23.18 -59.67
N LYS D 113 -44.60 -23.03 -60.57
CA LYS D 113 -45.89 -23.69 -60.42
C LYS D 113 -45.69 -25.21 -60.36
N ASP D 114 -44.83 -25.74 -61.22
CA ASP D 114 -44.58 -27.18 -61.22
C ASP D 114 -44.02 -27.62 -59.88
N ALA D 115 -43.20 -26.77 -59.27
CA ALA D 115 -42.60 -27.10 -57.98
C ALA D 115 -43.59 -26.87 -56.84
N GLY D 116 -44.77 -26.36 -57.17
CA GLY D 116 -45.78 -26.10 -56.16
C GLY D 116 -45.47 -24.94 -55.23
N ILE D 117 -44.63 -24.01 -55.67
CA ILE D 117 -44.28 -22.89 -54.82
C ILE D 117 -44.86 -21.54 -55.24
N THR D 118 -44.94 -20.64 -54.28
CA THR D 118 -45.45 -19.30 -54.52
C THR D 118 -44.28 -18.33 -54.46
N VAL D 119 -44.16 -17.47 -55.47
CA VAL D 119 -43.11 -16.46 -55.50
C VAL D 119 -43.85 -15.12 -55.53
N MET D 120 -44.06 -14.54 -54.35
CA MET D 120 -44.77 -13.27 -54.19
C MET D 120 -43.81 -12.09 -54.28
N ASN D 121 -44.08 -11.19 -55.21
CA ASN D 121 -43.23 -10.01 -55.43
C ASN D 121 -43.98 -8.69 -55.36
N GLU D 122 -43.23 -7.61 -55.59
CA GLU D 122 -43.81 -6.27 -55.61
C GLU D 122 -44.74 -5.96 -54.45
N ILE D 123 -44.31 -6.32 -53.24
CA ILE D 123 -45.15 -6.07 -52.08
C ILE D 123 -44.38 -5.31 -50.99
N GLY D 124 -43.81 -4.18 -51.40
CA GLY D 124 -43.09 -3.30 -50.50
C GLY D 124 -43.92 -2.01 -50.50
N LEU D 125 -43.28 -0.86 -50.73
CA LEU D 125 -43.98 0.43 -50.77
C LEU D 125 -44.33 0.80 -52.22
N ASP D 126 -43.32 0.81 -53.06
CA ASP D 126 -43.45 1.15 -54.47
C ASP D 126 -42.32 0.42 -55.17
N PRO D 127 -42.62 -0.74 -55.79
CA PRO D 127 -43.95 -1.38 -55.87
C PRO D 127 -44.47 -2.04 -54.60
N GLY D 128 -45.79 -2.02 -54.44
CA GLY D 128 -46.41 -2.63 -53.26
C GLY D 128 -47.69 -1.93 -52.87
N ILE D 129 -47.61 -1.13 -51.80
CA ILE D 129 -48.75 -0.37 -51.30
C ILE D 129 -49.39 0.43 -52.43
N ASP D 130 -48.57 0.97 -53.32
CA ASP D 130 -49.12 1.75 -54.41
C ASP D 130 -50.08 0.91 -55.26
N HIS D 131 -49.71 -0.35 -55.55
CA HIS D 131 -50.58 -1.23 -56.31
C HIS D 131 -51.92 -1.42 -55.58
N LEU D 132 -51.83 -1.77 -54.30
CA LEU D 132 -53.00 -2.03 -53.47
C LEU D 132 -54.07 -0.95 -53.55
N TYR D 133 -53.67 0.29 -53.35
CA TYR D 133 -54.65 1.36 -53.37
C TYR D 133 -55.02 1.87 -54.76
N ALA D 134 -54.15 1.65 -55.73
CA ALA D 134 -54.47 2.07 -57.10
C ALA D 134 -55.63 1.19 -57.57
N ILE D 135 -55.45 -0.13 -57.40
CA ILE D 135 -56.45 -1.11 -57.79
C ILE D 135 -57.75 -0.94 -56.99
N LYS D 136 -57.64 -0.68 -55.69
CA LYS D 136 -58.81 -0.48 -54.85
C LYS D 136 -59.76 0.57 -55.41
N THR D 137 -59.22 1.75 -55.73
CA THR D 137 -60.05 2.84 -56.27
C THR D 137 -60.54 2.53 -57.69
N ILE D 138 -59.66 2.00 -58.53
CA ILE D 138 -60.04 1.67 -59.90
C ILE D 138 -61.21 0.68 -59.94
N GLU D 139 -61.14 -0.39 -59.16
CA GLU D 139 -62.24 -1.35 -59.15
C GLU D 139 -63.51 -0.74 -58.57
N GLU D 140 -63.36 0.17 -57.60
CA GLU D 140 -64.53 0.83 -57.00
C GLU D 140 -65.23 1.67 -58.07
N VAL D 141 -64.46 2.46 -58.79
CA VAL D 141 -65.01 3.31 -59.84
C VAL D 141 -65.70 2.48 -60.90
N HIS D 142 -65.01 1.44 -61.38
CA HIS D 142 -65.57 0.56 -62.39
C HIS D 142 -66.87 -0.08 -61.93
N ALA D 143 -66.91 -0.50 -60.67
CA ALA D 143 -68.11 -1.13 -60.13
C ALA D 143 -69.28 -0.15 -60.10
N ALA D 144 -68.96 1.14 -60.03
CA ALA D 144 -69.98 2.18 -60.01
C ALA D 144 -70.28 2.66 -61.42
N GLY D 145 -69.73 1.96 -62.41
CA GLY D 145 -69.96 2.33 -63.80
C GLY D 145 -69.21 3.56 -64.24
N GLY D 146 -68.15 3.92 -63.50
CA GLY D 146 -67.37 5.08 -63.87
C GLY D 146 -66.19 4.71 -64.75
N LYS D 147 -65.56 5.72 -65.33
CA LYS D 147 -64.40 5.53 -66.20
C LYS D 147 -63.16 6.22 -65.66
N ILE D 148 -62.03 5.53 -65.72
CA ILE D 148 -60.76 6.10 -65.28
C ILE D 148 -60.11 6.73 -66.51
N LYS D 149 -60.23 8.05 -66.64
CA LYS D 149 -59.66 8.75 -67.79
C LYS D 149 -58.19 9.08 -67.60
N THR D 150 -57.79 9.25 -66.35
CA THR D 150 -56.40 9.54 -66.01
C THR D 150 -56.00 8.80 -64.74
N PHE D 151 -54.84 8.17 -64.76
CA PHE D 151 -54.32 7.49 -63.57
C PHE D 151 -52.88 7.95 -63.36
N LEU D 152 -52.63 8.52 -62.19
CA LEU D 152 -51.29 8.99 -61.82
C LEU D 152 -50.92 8.38 -60.48
N SER D 153 -49.66 8.03 -60.32
CA SER D 153 -49.18 7.47 -59.07
C SER D 153 -47.75 7.95 -58.87
N TYR D 154 -47.56 8.85 -57.91
CA TYR D 154 -46.23 9.37 -57.62
C TYR D 154 -45.81 9.05 -56.19
N CYS D 155 -44.55 8.65 -56.04
CA CYS D 155 -44.05 8.29 -54.74
C CYS D 155 -42.60 8.71 -54.57
N GLY D 156 -42.26 9.17 -53.37
CA GLY D 156 -40.92 9.57 -53.08
C GLY D 156 -40.51 9.23 -51.65
N GLY D 157 -39.35 8.61 -51.50
CA GLY D 157 -38.83 8.29 -50.18
C GLY D 157 -37.74 9.34 -50.02
N LEU D 158 -37.97 10.34 -49.18
CA LEU D 158 -37.00 11.42 -49.04
C LEU D 158 -36.78 11.80 -47.59
N PRO D 159 -35.84 12.72 -47.35
CA PRO D 159 -35.64 13.10 -45.95
C PRO D 159 -36.75 14.10 -45.62
N ALA D 160 -37.13 14.20 -44.35
CA ALA D 160 -38.15 15.16 -43.98
C ALA D 160 -37.58 16.51 -44.39
N PRO D 161 -38.43 17.48 -44.73
CA PRO D 161 -37.93 18.80 -45.14
C PRO D 161 -36.85 19.34 -44.18
N GLU D 162 -37.10 19.25 -42.89
CA GLU D 162 -36.15 19.75 -41.90
C GLU D 162 -34.84 18.94 -41.83
N SER D 163 -34.83 17.76 -42.46
CA SER D 163 -33.65 16.91 -42.46
C SER D 163 -33.05 16.81 -43.87
N SER D 164 -33.52 17.64 -44.79
CA SER D 164 -33.06 17.60 -46.18
C SER D 164 -31.94 18.57 -46.50
N ASP D 165 -31.30 19.11 -45.49
CA ASP D 165 -30.25 20.08 -45.73
C ASP D 165 -28.85 19.61 -46.13
N ASN D 166 -28.72 19.18 -47.38
CA ASN D 166 -27.44 18.81 -47.97
C ASN D 166 -27.60 19.17 -49.44
N PRO D 167 -26.50 19.27 -50.18
CA PRO D 167 -26.55 19.63 -51.61
C PRO D 167 -27.53 18.90 -52.53
N LEU D 168 -27.90 17.67 -52.18
CA LEU D 168 -28.82 16.89 -53.02
C LEU D 168 -30.24 16.80 -52.50
N GLY D 169 -30.47 17.32 -51.30
CA GLY D 169 -31.79 17.24 -50.71
C GLY D 169 -32.17 15.78 -50.64
N TYR D 170 -31.17 14.92 -50.49
CA TYR D 170 -31.42 13.49 -50.44
C TYR D 170 -30.48 12.74 -49.48
N LYS D 171 -31.04 11.78 -48.76
CA LYS D 171 -30.28 10.96 -47.81
C LYS D 171 -30.81 9.53 -47.95
N PHE D 172 -29.94 8.55 -47.79
CA PHE D 172 -30.34 7.15 -47.96
C PHE D 172 -31.22 6.51 -46.91
N SER D 173 -32.34 5.94 -47.37
CA SER D 173 -33.29 5.25 -46.52
C SER D 173 -33.48 3.83 -47.06
N TRP D 174 -32.85 3.55 -48.21
CA TRP D 174 -32.90 2.23 -48.85
C TRP D 174 -31.75 2.13 -49.85
N SER D 175 -31.38 0.90 -50.20
CA SER D 175 -30.27 0.61 -51.12
C SER D 175 -29.67 1.78 -51.89
N SER D 176 -28.47 2.19 -51.49
CA SER D 176 -27.76 3.28 -52.15
C SER D 176 -27.53 3.05 -53.64
N ARG D 177 -27.01 1.89 -54.03
CA ARG D 177 -26.80 1.70 -55.45
C ARG D 177 -28.14 1.48 -56.14
N GLY D 178 -29.14 1.05 -55.39
CA GLY D 178 -30.46 0.86 -55.96
C GLY D 178 -31.00 2.22 -56.36
N VAL D 179 -30.69 3.23 -55.55
CA VAL D 179 -31.11 4.59 -55.83
C VAL D 179 -30.49 5.08 -57.13
N LEU D 180 -29.20 4.82 -57.31
CA LEU D 180 -28.51 5.24 -58.52
C LEU D 180 -29.02 4.51 -59.73
N LEU D 181 -29.26 3.20 -59.60
CA LEU D 181 -29.77 2.42 -60.71
C LEU D 181 -31.12 2.96 -61.17
N ALA D 182 -31.97 3.34 -60.23
CA ALA D 182 -33.29 3.87 -60.58
C ALA D 182 -33.22 5.21 -61.32
N LEU D 183 -32.10 5.91 -61.20
CA LEU D 183 -31.92 7.21 -61.86
C LEU D 183 -31.60 7.07 -63.35
N ARG D 184 -31.35 5.83 -63.79
CA ARG D 184 -30.99 5.58 -65.19
C ARG D 184 -32.08 4.89 -66.00
N ASN D 185 -33.14 4.45 -65.33
CA ASN D 185 -34.23 3.75 -65.97
C ASN D 185 -34.98 4.54 -67.04
N ALA D 186 -35.07 3.96 -68.24
CA ALA D 186 -35.80 4.57 -69.33
C ALA D 186 -37.25 4.54 -68.87
N ALA D 187 -38.06 5.49 -69.32
CA ALA D 187 -39.45 5.50 -68.90
C ALA D 187 -40.35 5.56 -70.11
N SER D 188 -41.59 5.13 -69.93
CA SER D 188 -42.59 5.14 -70.98
C SER D 188 -43.94 5.28 -70.29
N PHE D 189 -44.83 6.07 -70.86
CA PHE D 189 -46.15 6.27 -70.25
C PHE D 189 -47.18 6.74 -71.27
N TYR D 190 -48.44 6.75 -70.87
CA TYR D 190 -49.52 7.20 -71.75
C TYR D 190 -49.89 8.66 -71.49
N LYS D 191 -49.88 9.44 -72.56
CA LYS D 191 -50.26 10.85 -72.48
C LYS D 191 -51.17 11.17 -73.66
N ASP D 192 -52.39 11.61 -73.36
CA ASP D 192 -53.36 11.94 -74.39
C ASP D 192 -53.63 10.76 -75.31
N GLY D 193 -53.69 9.56 -74.73
CA GLY D 193 -53.97 8.38 -75.50
C GLY D 193 -52.81 7.74 -76.23
N LYS D 194 -51.65 8.39 -76.24
CA LYS D 194 -50.51 7.81 -76.94
C LYS D 194 -49.28 7.60 -76.07
N VAL D 195 -48.49 6.61 -76.46
CA VAL D 195 -47.27 6.24 -75.76
C VAL D 195 -46.19 7.30 -75.91
N THR D 196 -45.58 7.69 -74.79
CA THR D 196 -44.51 8.66 -74.79
C THR D 196 -43.31 7.98 -74.14
N ASN D 197 -42.15 8.04 -74.80
CA ASN D 197 -40.95 7.41 -74.29
C ASN D 197 -39.90 8.41 -73.85
N VAL D 198 -39.14 8.03 -72.82
CA VAL D 198 -38.06 8.85 -72.30
C VAL D 198 -36.84 7.95 -72.16
N ALA D 199 -35.77 8.26 -72.88
CA ALA D 199 -34.55 7.45 -72.81
C ALA D 199 -33.88 7.66 -71.46
N GLY D 200 -33.32 6.57 -70.92
CA GLY D 200 -32.66 6.61 -69.64
C GLY D 200 -31.75 7.81 -69.41
N PRO D 201 -30.77 8.04 -70.29
CA PRO D 201 -29.84 9.18 -70.14
C PRO D 201 -30.49 10.55 -70.14
N GLU D 202 -31.77 10.61 -70.49
CA GLU D 202 -32.47 11.89 -70.53
C GLU D 202 -33.62 11.99 -69.52
N LEU D 203 -33.63 11.08 -68.56
CA LEU D 203 -34.68 11.06 -67.54
C LEU D 203 -34.78 12.34 -66.71
N MET D 204 -33.67 12.77 -66.11
CA MET D 204 -33.66 13.95 -65.26
C MET D 204 -34.18 15.23 -65.92
N ALA D 205 -33.95 15.38 -67.22
CA ALA D 205 -34.41 16.55 -67.93
C ALA D 205 -35.94 16.67 -68.00
N THR D 206 -36.64 15.57 -67.77
CA THR D 206 -38.11 15.62 -67.81
C THR D 206 -38.71 16.07 -66.48
N ALA D 207 -37.87 16.20 -65.46
CA ALA D 207 -38.34 16.60 -64.13
C ALA D 207 -39.11 17.92 -64.16
N LYS D 208 -40.26 17.93 -63.49
CA LYS D 208 -41.12 19.12 -63.43
C LYS D 208 -41.69 19.26 -62.03
N PRO D 209 -42.04 20.48 -61.62
CA PRO D 209 -42.62 20.68 -60.29
C PRO D 209 -43.90 19.83 -60.25
N TYR D 210 -44.15 19.15 -59.15
CA TYR D 210 -45.36 18.33 -59.02
C TYR D 210 -46.04 18.73 -57.71
N PHE D 211 -47.17 19.41 -57.83
CA PHE D 211 -47.91 19.89 -56.68
C PHE D 211 -48.76 18.86 -55.95
N ILE D 212 -48.60 18.80 -54.64
CA ILE D 212 -49.40 17.90 -53.81
C ILE D 212 -49.99 18.75 -52.69
N TYR D 213 -49.14 19.30 -51.83
CA TYR D 213 -49.58 20.16 -50.73
C TYR D 213 -48.73 21.43 -50.78
N PRO D 214 -49.31 22.58 -50.42
CA PRO D 214 -48.61 23.86 -50.42
C PRO D 214 -47.22 23.88 -49.77
N GLY D 215 -47.07 23.19 -48.64
CA GLY D 215 -45.80 23.19 -47.93
C GLY D 215 -44.59 22.47 -48.52
N PHE D 216 -44.83 21.51 -49.40
CA PHE D 216 -43.75 20.74 -50.02
C PHE D 216 -43.29 21.27 -51.38
N ALA D 217 -42.00 21.11 -51.64
CA ALA D 217 -41.41 21.53 -52.92
C ALA D 217 -40.99 20.28 -53.69
N PHE D 218 -41.96 19.54 -54.22
CA PHE D 218 -41.67 18.32 -54.97
C PHE D 218 -41.49 18.56 -56.47
N VAL D 219 -40.66 17.73 -57.10
CA VAL D 219 -40.46 17.74 -58.54
C VAL D 219 -40.65 16.26 -58.88
N ALA D 220 -41.02 15.95 -60.11
CA ALA D 220 -41.24 14.55 -60.45
C ALA D 220 -40.84 14.20 -61.87
N TYR D 221 -40.52 12.92 -62.06
CA TYR D 221 -40.17 12.39 -63.38
C TYR D 221 -40.75 10.99 -63.46
N PRO D 222 -41.04 10.51 -64.69
CA PRO D 222 -41.61 9.17 -64.93
C PRO D 222 -40.77 8.05 -64.34
N ASN D 223 -41.43 7.02 -63.82
CA ASN D 223 -40.75 5.88 -63.22
C ASN D 223 -40.96 4.59 -64.03
N ARG D 224 -39.95 4.22 -64.81
CA ARG D 224 -40.00 3.01 -65.63
C ARG D 224 -41.16 3.00 -66.64
N ASP D 225 -41.48 1.82 -67.15
CA ASP D 225 -42.55 1.69 -68.13
C ASP D 225 -43.93 1.57 -67.49
N SER D 226 -44.76 2.59 -67.69
CA SER D 226 -46.11 2.59 -67.14
C SER D 226 -47.14 2.05 -68.13
N THR D 227 -46.80 1.99 -69.41
CA THR D 227 -47.75 1.52 -70.42
C THR D 227 -48.43 0.18 -70.15
N PRO D 228 -47.70 -0.81 -69.62
CA PRO D 228 -48.35 -2.11 -69.36
C PRO D 228 -49.48 -2.03 -68.34
N TYR D 229 -49.51 -0.95 -67.55
CA TYR D 229 -50.55 -0.82 -66.54
C TYR D 229 -51.92 -0.59 -67.14
N LYS D 230 -51.95 -0.29 -68.42
CA LYS D 230 -53.22 -0.09 -69.12
C LYS D 230 -53.95 -1.43 -68.97
N GLU D 231 -53.20 -2.52 -69.15
CA GLU D 231 -53.74 -3.85 -69.01
C GLU D 231 -53.62 -4.34 -67.57
N ARG D 232 -52.46 -4.10 -66.95
CA ARG D 232 -52.25 -4.57 -65.58
C ARG D 232 -53.30 -4.07 -64.60
N TYR D 233 -53.71 -2.82 -64.72
CA TYR D 233 -54.72 -2.24 -63.83
C TYR D 233 -56.11 -2.25 -64.48
N GLN D 234 -56.20 -2.83 -65.67
CA GLN D 234 -57.46 -2.91 -66.39
C GLN D 234 -58.12 -1.56 -66.61
N ILE D 235 -57.38 -0.62 -67.16
CA ILE D 235 -57.90 0.72 -67.44
C ILE D 235 -57.62 1.08 -68.90
N PRO D 236 -58.23 0.34 -69.84
CA PRO D 236 -58.02 0.62 -71.26
C PRO D 236 -58.63 1.94 -71.68
N GLU D 237 -59.53 2.47 -70.85
CA GLU D 237 -60.21 3.73 -71.16
C GLU D 237 -59.38 4.96 -70.76
N ALA D 238 -58.26 4.74 -70.08
CA ALA D 238 -57.40 5.82 -69.62
C ALA D 238 -56.53 6.43 -70.73
N ASP D 239 -56.57 7.75 -70.83
CA ASP D 239 -55.78 8.49 -71.82
C ASP D 239 -54.41 8.80 -71.23
N ASN D 240 -54.37 8.97 -69.92
CA ASN D 240 -53.13 9.28 -69.21
C ASN D 240 -52.85 8.25 -68.14
N ILE D 241 -51.69 7.62 -68.22
CA ILE D 241 -51.28 6.61 -67.24
C ILE D 241 -49.81 6.84 -66.94
N VAL D 242 -49.50 7.21 -65.71
CA VAL D 242 -48.11 7.45 -65.33
C VAL D 242 -47.80 7.09 -63.89
N ARG D 243 -46.72 6.33 -63.71
CA ARG D 243 -46.24 5.97 -62.38
C ARG D 243 -44.96 6.80 -62.33
N GLY D 244 -44.83 7.63 -61.30
CA GLY D 244 -43.68 8.50 -61.19
C GLY D 244 -42.98 8.54 -59.83
N THR D 245 -41.87 9.26 -59.82
CA THR D 245 -41.04 9.39 -58.64
C THR D 245 -40.93 10.85 -58.23
N LEU D 246 -40.96 11.07 -56.92
CA LEU D 246 -40.88 12.40 -56.35
C LEU D 246 -39.50 12.64 -55.71
N ARG D 247 -38.98 13.84 -55.91
CA ARG D 247 -37.70 14.26 -55.35
C ARG D 247 -37.94 15.72 -54.98
N TYR D 248 -36.99 16.35 -54.28
CA TYR D 248 -37.15 17.75 -53.93
C TYR D 248 -36.49 18.63 -54.98
N GLN D 249 -36.95 19.89 -55.03
CA GLN D 249 -36.45 20.90 -55.96
C GLN D 249 -34.91 20.85 -56.03
N GLY D 250 -34.37 20.94 -57.24
CA GLY D 250 -32.92 20.93 -57.41
C GLY D 250 -32.21 19.60 -57.56
N PHE D 251 -32.84 18.50 -57.13
CA PHE D 251 -32.22 17.18 -57.22
C PHE D 251 -31.95 16.69 -58.65
N PRO D 252 -32.99 16.64 -59.51
CA PRO D 252 -32.73 16.16 -60.87
C PRO D 252 -31.68 16.92 -61.69
N GLN D 253 -31.61 18.23 -61.52
CA GLN D 253 -30.63 19.03 -62.25
C GLN D 253 -29.22 18.61 -61.82
N PHE D 254 -29.09 18.31 -60.53
CA PHE D 254 -27.80 17.89 -59.98
C PHE D 254 -27.42 16.53 -60.58
N ILE D 255 -28.36 15.58 -60.55
CA ILE D 255 -28.11 14.26 -61.10
C ILE D 255 -27.81 14.32 -62.60
N LYS D 256 -28.55 15.15 -63.31
CA LYS D 256 -28.36 15.31 -64.75
C LYS D 256 -26.88 15.60 -65.07
N VAL D 257 -26.26 16.47 -64.28
CA VAL D 257 -24.86 16.79 -64.50
C VAL D 257 -24.00 15.53 -64.31
N LEU D 258 -24.25 14.80 -63.22
CA LEU D 258 -23.50 13.58 -62.97
C LEU D 258 -23.63 12.60 -64.13
N VAL D 259 -24.84 12.49 -64.67
CA VAL D 259 -25.07 11.58 -65.78
C VAL D 259 -24.31 12.08 -67.02
N ASP D 260 -24.46 13.36 -67.33
CA ASP D 260 -23.81 13.93 -68.51
C ASP D 260 -22.29 13.83 -68.52
N ILE D 261 -21.64 13.94 -67.36
CA ILE D 261 -20.19 13.86 -67.33
C ILE D 261 -19.64 12.45 -67.12
N GLY D 262 -20.54 11.46 -67.12
CA GLY D 262 -20.12 10.07 -66.98
C GLY D 262 -20.05 9.40 -65.61
N PHE D 263 -20.55 10.06 -64.57
CA PHE D 263 -20.49 9.45 -63.24
C PHE D 263 -21.46 8.31 -62.93
N LEU D 264 -22.42 8.07 -63.82
CA LEU D 264 -23.38 7.00 -63.59
C LEU D 264 -23.15 5.80 -64.53
N SER D 265 -21.92 5.72 -65.04
CA SER D 265 -21.52 4.65 -65.91
C SER D 265 -21.03 3.48 -65.05
N ASP D 266 -21.44 2.26 -65.40
CA ASP D 266 -20.99 1.10 -64.64
C ASP D 266 -19.97 0.30 -65.45
N GLU D 267 -19.29 0.99 -66.37
CA GLU D 267 -18.28 0.36 -67.19
C GLU D 267 -17.01 0.22 -66.37
N GLU D 268 -16.45 -0.98 -66.34
CA GLU D 268 -15.23 -1.23 -65.57
C GLU D 268 -14.03 -0.47 -66.13
N GLN D 269 -13.43 0.34 -65.27
CA GLN D 269 -12.26 1.13 -65.62
C GLN D 269 -11.08 0.65 -64.78
N PRO D 270 -9.97 0.32 -65.42
CA PRO D 270 -8.77 -0.16 -64.71
C PRO D 270 -8.31 0.80 -63.62
N PHE D 271 -8.36 2.10 -63.90
CA PHE D 271 -7.92 3.10 -62.94
C PHE D 271 -8.85 3.23 -61.73
N LEU D 272 -10.01 2.58 -61.79
CA LEU D 272 -10.96 2.67 -60.68
C LEU D 272 -10.87 1.52 -59.67
N LYS D 273 -9.78 0.77 -59.72
CA LYS D 273 -9.59 -0.31 -58.76
C LYS D 273 -8.39 0.00 -57.90
N GLU D 274 -7.94 1.24 -57.96
CA GLU D 274 -6.79 1.69 -57.18
C GLU D 274 -7.23 2.90 -56.36
N ALA D 275 -6.83 2.94 -55.10
CA ALA D 275 -7.20 4.03 -54.21
C ALA D 275 -6.51 5.35 -54.53
N ILE D 276 -6.77 5.88 -55.73
CA ILE D 276 -6.19 7.14 -56.16
C ILE D 276 -6.99 8.32 -55.61
N PRO D 277 -6.39 9.53 -55.62
CA PRO D 277 -7.08 10.72 -55.12
C PRO D 277 -8.32 11.01 -55.98
N TRP D 278 -9.39 11.51 -55.37
CA TRP D 278 -10.59 11.81 -56.12
C TRP D 278 -10.28 12.69 -57.34
N LYS D 279 -9.42 13.68 -57.13
CA LYS D 279 -9.00 14.60 -58.20
C LYS D 279 -8.74 13.82 -59.48
N GLU D 280 -7.89 12.81 -59.35
CA GLU D 280 -7.49 11.97 -60.48
C GLU D 280 -8.63 11.14 -61.01
N ALA D 281 -9.39 10.53 -60.10
CA ALA D 281 -10.52 9.71 -60.51
C ALA D 281 -11.47 10.54 -61.36
N THR D 282 -11.86 11.69 -60.82
CA THR D 282 -12.77 12.59 -61.52
C THR D 282 -12.19 13.04 -62.86
N GLN D 283 -10.88 13.33 -62.88
CA GLN D 283 -10.23 13.77 -64.11
C GLN D 283 -10.44 12.74 -65.23
N LYS D 284 -10.16 11.48 -64.92
CA LYS D 284 -10.30 10.39 -65.88
C LYS D 284 -11.75 10.14 -66.30
N ILE D 285 -12.67 10.22 -65.34
CA ILE D 285 -14.08 9.99 -65.60
C ILE D 285 -14.68 11.10 -66.46
N VAL D 286 -14.41 12.34 -66.08
CA VAL D 286 -14.92 13.50 -66.82
C VAL D 286 -14.07 13.78 -68.06
N LYS D 287 -12.86 13.23 -68.07
CA LYS D 287 -11.92 13.40 -69.18
C LYS D 287 -11.34 14.81 -69.28
N ALA D 288 -10.91 15.34 -68.13
CA ALA D 288 -10.30 16.65 -68.07
C ALA D 288 -8.81 16.49 -68.36
N SER D 289 -8.15 17.56 -68.79
CA SER D 289 -6.73 17.51 -69.12
C SER D 289 -5.84 17.68 -67.88
N SER D 290 -6.45 17.85 -66.72
CA SER D 290 -5.70 18.04 -65.48
C SER D 290 -6.57 17.72 -64.28
N ALA D 291 -5.95 17.41 -63.15
CA ALA D 291 -6.68 17.09 -61.93
C ALA D 291 -7.02 18.39 -61.19
N SER D 292 -6.69 19.51 -61.83
CA SER D 292 -6.96 20.83 -61.27
C SER D 292 -8.46 21.10 -61.20
N GLU D 293 -8.91 21.72 -60.11
CA GLU D 293 -10.33 22.01 -59.98
C GLU D 293 -10.81 22.90 -61.12
N GLN D 294 -9.98 23.86 -61.51
CA GLN D 294 -10.32 24.76 -62.60
C GLN D 294 -10.50 24.01 -63.92
N ASP D 295 -9.58 23.10 -64.21
CA ASP D 295 -9.66 22.34 -65.45
C ASP D 295 -10.80 21.33 -65.43
N ILE D 296 -10.98 20.63 -64.31
CA ILE D 296 -12.06 19.67 -64.21
C ILE D 296 -13.40 20.39 -64.41
N VAL D 297 -13.58 21.51 -63.71
CA VAL D 297 -14.80 22.29 -63.82
C VAL D 297 -15.03 22.79 -65.25
N SER D 298 -13.95 23.22 -65.89
CA SER D 298 -14.06 23.72 -67.27
C SER D 298 -14.63 22.62 -68.17
N THR D 299 -14.08 21.42 -68.05
CA THR D 299 -14.54 20.29 -68.84
C THR D 299 -16.00 19.97 -68.50
N ILE D 300 -16.31 19.95 -67.20
CA ILE D 300 -17.66 19.64 -66.78
C ILE D 300 -18.69 20.62 -67.35
N VAL D 301 -18.42 21.91 -67.21
CA VAL D 301 -19.33 22.93 -67.71
C VAL D 301 -19.52 22.81 -69.22
N SER D 302 -18.46 22.46 -69.93
CA SER D 302 -18.53 22.32 -71.38
C SER D 302 -19.34 21.11 -71.80
N ASN D 303 -19.47 20.14 -70.89
CA ASN D 303 -20.21 18.90 -71.18
C ASN D 303 -21.54 18.75 -70.44
N ALA D 304 -21.85 19.69 -69.56
CA ALA D 304 -23.10 19.61 -68.80
C ALA D 304 -24.05 20.75 -69.13
N THR D 305 -25.31 20.61 -68.71
CA THR D 305 -26.32 21.63 -68.94
C THR D 305 -26.77 22.22 -67.60
N PHE D 306 -27.00 23.53 -67.58
CA PHE D 306 -27.44 24.22 -66.39
C PHE D 306 -28.53 25.22 -66.74
N GLU D 307 -29.58 25.26 -65.92
CA GLU D 307 -30.70 26.15 -66.14
C GLU D 307 -30.30 27.63 -66.01
N SER D 308 -29.21 27.90 -65.32
CA SER D 308 -28.74 29.26 -65.12
C SER D 308 -27.38 29.25 -64.46
N THR D 309 -26.71 30.40 -64.45
CA THR D 309 -25.39 30.48 -63.84
C THR D 309 -25.52 30.23 -62.33
N GLU D 310 -26.69 30.53 -61.78
CA GLU D 310 -26.94 30.32 -60.36
C GLU D 310 -26.96 28.81 -60.11
N GLU D 311 -27.65 28.08 -60.99
CA GLU D 311 -27.74 26.63 -60.91
C GLU D 311 -26.35 26.02 -61.00
N GLN D 312 -25.58 26.52 -61.96
CA GLN D 312 -24.24 26.04 -62.21
C GLN D 312 -23.36 26.22 -60.99
N LYS D 313 -23.47 27.38 -60.35
CA LYS D 313 -22.68 27.66 -59.17
C LYS D 313 -23.08 26.70 -58.04
N ARG D 314 -24.40 26.49 -57.90
CA ARG D 314 -24.92 25.60 -56.87
C ARG D 314 -24.43 24.16 -57.04
N ILE D 315 -24.64 23.62 -58.23
CA ILE D 315 -24.25 22.23 -58.52
C ILE D 315 -22.75 21.99 -58.40
N VAL D 316 -21.93 22.90 -58.93
CA VAL D 316 -20.49 22.74 -58.84
C VAL D 316 -20.08 22.67 -57.37
N ALA D 317 -20.66 23.55 -56.56
CA ALA D 317 -20.36 23.58 -55.14
C ALA D 317 -20.82 22.28 -54.47
N GLY D 318 -21.88 21.69 -55.02
CA GLY D 318 -22.40 20.45 -54.48
C GLY D 318 -21.43 19.34 -54.78
N LEU D 319 -20.89 19.34 -56.00
CA LEU D 319 -19.93 18.33 -56.42
C LEU D 319 -18.68 18.44 -55.54
N LYS D 320 -18.25 19.65 -55.26
CA LYS D 320 -17.07 19.86 -54.43
C LYS D 320 -17.35 19.34 -53.02
N TRP D 321 -18.57 19.55 -52.56
CA TRP D 321 -19.00 19.09 -51.24
C TRP D 321 -18.85 17.57 -51.16
N LEU D 322 -19.17 16.88 -52.24
CA LEU D 322 -19.03 15.43 -52.29
C LEU D 322 -17.56 15.05 -52.16
N GLY D 323 -16.69 15.99 -52.51
CA GLY D 323 -15.27 15.77 -52.41
C GLY D 323 -14.59 15.18 -53.64
N ILE D 324 -15.29 15.15 -54.77
CA ILE D 324 -14.69 14.59 -55.98
C ILE D 324 -13.60 15.44 -56.62
N PHE D 325 -13.34 16.62 -56.05
CA PHE D 325 -12.29 17.52 -56.55
C PHE D 325 -11.13 17.54 -55.57
N SER D 326 -11.28 16.83 -54.46
CA SER D 326 -10.25 16.82 -53.41
C SER D 326 -9.16 15.77 -53.56
N ASP D 327 -8.28 15.75 -52.58
CA ASP D 327 -7.17 14.80 -52.54
C ASP D 327 -7.58 13.49 -51.89
N LYS D 328 -8.69 13.51 -51.15
CA LYS D 328 -9.17 12.30 -50.48
C LYS D 328 -9.23 11.15 -51.47
N LYS D 329 -8.68 10.01 -51.07
CA LYS D 329 -8.65 8.84 -51.93
C LYS D 329 -10.02 8.18 -52.07
N ILE D 330 -10.29 7.68 -53.27
CA ILE D 330 -11.54 7.03 -53.58
C ILE D 330 -11.60 5.62 -52.99
N THR D 331 -12.80 5.08 -52.92
CA THR D 331 -13.01 3.72 -52.46
C THR D 331 -13.19 3.01 -53.80
N PRO D 332 -12.11 2.41 -54.32
CA PRO D 332 -12.09 1.70 -55.61
C PRO D 332 -13.18 0.65 -55.76
N ARG D 333 -14.08 0.88 -56.72
CA ARG D 333 -15.14 -0.08 -56.97
C ARG D 333 -15.28 -0.43 -58.44
N GLY D 334 -14.19 -0.25 -59.18
CA GLY D 334 -14.17 -0.61 -60.59
C GLY D 334 -14.83 0.30 -61.60
N ASN D 335 -16.04 0.77 -61.31
CA ASN D 335 -16.73 1.65 -62.24
C ASN D 335 -17.11 2.97 -61.58
N ALA D 336 -17.45 3.96 -62.40
CA ALA D 336 -17.80 5.28 -61.90
C ALA D 336 -18.99 5.28 -60.95
N LEU D 337 -20.07 4.62 -61.34
CA LEU D 337 -21.27 4.59 -60.52
C LEU D 337 -21.00 4.07 -59.10
N ASP D 338 -20.41 2.89 -58.98
CA ASP D 338 -20.14 2.31 -57.67
C ASP D 338 -19.09 3.06 -56.86
N THR D 339 -18.09 3.62 -57.55
CA THR D 339 -17.03 4.36 -56.87
C THR D 339 -17.61 5.65 -56.30
N LEU D 340 -18.50 6.28 -57.05
CA LEU D 340 -19.14 7.49 -56.57
C LEU D 340 -20.08 7.11 -55.41
N CYS D 341 -20.80 6.00 -55.60
CA CYS D 341 -21.74 5.53 -54.60
C CYS D 341 -21.06 5.39 -53.22
N ALA D 342 -19.88 4.78 -53.20
CA ALA D 342 -19.15 4.60 -51.94
C ALA D 342 -19.01 5.94 -51.20
N THR D 343 -18.73 7.00 -51.95
CA THR D 343 -18.59 8.31 -51.32
C THR D 343 -19.95 8.92 -50.96
N LEU D 344 -20.98 8.62 -51.74
CA LEU D 344 -22.31 9.14 -51.44
C LEU D 344 -22.79 8.51 -50.12
N GLU D 345 -22.54 7.22 -49.97
CA GLU D 345 -22.93 6.48 -48.77
C GLU D 345 -22.28 7.11 -47.55
N GLU D 346 -21.09 7.68 -47.78
CA GLU D 346 -20.29 8.32 -46.75
C GLU D 346 -20.87 9.67 -46.31
N LYS D 347 -21.34 10.44 -47.29
CA LYS D 347 -21.85 11.78 -47.02
C LYS D 347 -23.36 12.00 -46.99
N MET D 348 -24.15 11.01 -47.37
CA MET D 348 -25.59 11.21 -47.42
C MET D 348 -26.40 10.29 -46.52
N GLN D 349 -25.88 10.04 -45.33
CA GLN D 349 -26.53 9.18 -44.37
C GLN D 349 -27.37 10.05 -43.44
N PHE D 350 -28.50 9.53 -42.94
CA PHE D 350 -29.33 10.30 -42.01
C PHE D 350 -28.58 10.33 -40.69
N GLU D 351 -28.52 11.49 -40.06
CA GLU D 351 -27.81 11.61 -38.79
C GLU D 351 -28.75 11.69 -37.59
N GLU D 352 -28.16 11.61 -36.41
CA GLU D 352 -28.89 11.66 -35.13
C GLU D 352 -30.00 12.69 -35.13
N GLY D 353 -31.20 12.26 -34.76
CA GLY D 353 -32.35 13.15 -34.69
C GLY D 353 -33.07 13.43 -36.00
N GLU D 354 -32.50 13.04 -37.13
CA GLU D 354 -33.13 13.29 -38.42
C GLU D 354 -34.14 12.20 -38.78
N ARG D 355 -35.04 12.51 -39.69
CA ARG D 355 -36.06 11.54 -40.09
C ARG D 355 -36.32 11.61 -41.59
N ASP D 356 -36.84 10.52 -42.14
CA ASP D 356 -37.16 10.52 -43.54
C ASP D 356 -38.63 10.83 -43.72
N LEU D 357 -39.09 10.77 -44.96
CA LEU D 357 -40.48 11.04 -45.29
C LEU D 357 -40.88 10.23 -46.50
N VAL D 358 -42.05 9.62 -46.43
CA VAL D 358 -42.56 8.88 -47.57
C VAL D 358 -43.82 9.58 -48.02
N MET D 359 -43.86 9.96 -49.28
CA MET D 359 -45.03 10.63 -49.85
C MET D 359 -45.46 9.80 -51.04
N LEU D 360 -46.70 9.31 -50.97
CA LEU D 360 -47.28 8.50 -52.03
C LEU D 360 -48.67 9.06 -52.32
N GLN D 361 -48.92 9.42 -53.57
CA GLN D 361 -50.25 9.93 -53.91
C GLN D 361 -50.72 9.47 -55.28
N HIS D 362 -51.92 8.91 -55.29
CA HIS D 362 -52.56 8.46 -56.52
C HIS D 362 -53.52 9.59 -56.89
N LYS D 363 -53.68 9.83 -58.19
CA LYS D 363 -54.63 10.84 -58.64
C LYS D 363 -55.45 10.20 -59.76
N PHE D 364 -56.77 10.30 -59.65
CA PHE D 364 -57.66 9.73 -60.66
C PHE D 364 -58.60 10.77 -61.27
N GLU D 365 -58.60 10.89 -62.60
CA GLU D 365 -59.53 11.80 -63.27
C GLU D 365 -60.65 10.85 -63.67
N ILE D 366 -61.82 11.00 -63.03
CA ILE D 366 -62.94 10.12 -63.29
C ILE D 366 -64.13 10.71 -64.03
N GLU D 367 -64.72 9.89 -64.90
CA GLU D 367 -65.89 10.26 -65.66
C GLU D 367 -66.99 9.34 -65.13
N ASN D 368 -67.88 9.88 -64.31
CA ASN D 368 -68.94 9.11 -63.69
C ASN D 368 -69.97 8.53 -64.66
N LYS D 369 -70.71 7.53 -64.16
CA LYS D 369 -71.73 6.86 -64.95
C LYS D 369 -72.72 7.86 -65.52
N ASP D 370 -73.01 8.92 -64.77
CA ASP D 370 -73.94 9.94 -65.21
C ASP D 370 -73.33 11.07 -66.03
N GLY D 371 -72.19 10.81 -66.65
CA GLY D 371 -71.53 11.83 -67.46
C GLY D 371 -70.78 12.86 -66.63
N SER D 372 -71.03 12.85 -65.33
CA SER D 372 -70.37 13.77 -64.40
C SER D 372 -68.87 13.49 -64.33
N ARG D 373 -68.10 14.48 -63.88
CA ARG D 373 -66.65 14.34 -63.75
C ARG D 373 -66.14 14.72 -62.37
N GLU D 374 -65.03 14.11 -61.97
CA GLU D 374 -64.45 14.42 -60.66
C GLU D 374 -63.00 13.95 -60.57
N THR D 375 -62.27 14.55 -59.63
CA THR D 375 -60.88 14.21 -59.41
C THR D 375 -60.72 13.60 -58.02
N ARG D 376 -60.08 12.45 -57.94
CA ARG D 376 -59.87 11.78 -56.67
C ARG D 376 -58.39 11.58 -56.41
N THR D 377 -57.99 11.68 -55.15
CA THR D 377 -56.61 11.47 -54.76
C THR D 377 -56.60 10.45 -53.64
N SER D 378 -55.52 9.69 -53.57
CA SER D 378 -55.34 8.67 -52.55
C SER D 378 -53.95 9.02 -52.03
N SER D 379 -53.83 9.34 -50.75
CA SER D 379 -52.55 9.76 -50.21
C SER D 379 -52.06 9.08 -48.95
N LEU D 380 -50.74 8.99 -48.85
CA LEU D 380 -50.06 8.43 -47.69
C LEU D 380 -48.86 9.34 -47.51
N CYS D 381 -48.79 10.02 -46.38
CA CYS D 381 -47.69 10.92 -46.10
C CYS D 381 -47.21 10.57 -44.70
N GLU D 382 -46.02 9.96 -44.61
CA GLU D 382 -45.50 9.55 -43.31
C GLU D 382 -44.04 9.88 -43.05
N TYR D 383 -43.76 10.34 -41.83
CA TYR D 383 -42.42 10.68 -41.40
C TYR D 383 -41.84 9.51 -40.62
N GLY D 384 -40.54 9.29 -40.75
CA GLY D 384 -39.93 8.20 -40.03
C GLY D 384 -39.60 8.59 -38.59
N ALA D 385 -39.26 7.62 -37.77
CA ALA D 385 -38.88 7.90 -36.38
C ALA D 385 -37.47 8.48 -36.45
N PRO D 386 -37.16 9.44 -35.57
CA PRO D 386 -35.83 10.07 -35.56
C PRO D 386 -34.69 9.09 -35.36
N ILE D 387 -33.58 9.32 -36.03
CA ILE D 387 -32.41 8.47 -35.90
C ILE D 387 -31.97 8.52 -34.43
N GLY D 388 -31.82 7.36 -33.81
CA GLY D 388 -31.41 7.31 -32.42
C GLY D 388 -32.57 6.91 -31.52
N SER D 389 -33.79 7.05 -32.03
CA SER D 389 -34.98 6.70 -31.25
C SER D 389 -35.20 5.19 -31.25
N GLY D 390 -34.63 4.51 -32.23
CA GLY D 390 -34.81 3.09 -32.33
C GLY D 390 -36.04 2.72 -33.14
N GLY D 391 -36.79 3.74 -33.58
CA GLY D 391 -37.99 3.49 -34.37
C GLY D 391 -37.66 3.30 -35.85
N TYR D 392 -38.65 2.89 -36.64
CA TYR D 392 -38.43 2.66 -38.06
C TYR D 392 -38.47 3.95 -38.86
N SER D 393 -37.75 3.98 -39.98
CA SER D 393 -37.82 5.13 -40.86
C SER D 393 -39.14 4.84 -41.59
N ALA D 394 -39.70 5.83 -42.28
CA ALA D 394 -40.95 5.60 -42.99
C ALA D 394 -40.73 4.56 -44.09
N MET D 395 -39.55 4.61 -44.71
CA MET D 395 -39.22 3.67 -45.79
C MET D 395 -39.13 2.23 -45.29
N ALA D 396 -38.40 2.00 -44.20
CA ALA D 396 -38.25 0.65 -43.67
C ALA D 396 -39.61 0.09 -43.25
N LYS D 397 -40.41 0.92 -42.60
CA LYS D 397 -41.72 0.49 -42.15
C LYS D 397 -42.65 0.12 -43.31
N LEU D 398 -42.78 1.03 -44.26
CA LEU D 398 -43.67 0.86 -45.40
C LEU D 398 -43.21 -0.19 -46.42
N VAL D 399 -41.99 -0.68 -46.27
CA VAL D 399 -41.48 -1.72 -47.16
C VAL D 399 -41.44 -3.04 -46.40
N GLY D 400 -40.77 -3.00 -45.25
CA GLY D 400 -40.64 -4.19 -44.43
C GLY D 400 -41.91 -4.80 -43.84
N VAL D 401 -42.87 -3.97 -43.47
CA VAL D 401 -44.10 -4.50 -42.88
C VAL D 401 -44.97 -5.18 -43.93
N PRO D 402 -45.18 -4.53 -45.09
CA PRO D 402 -45.99 -5.19 -46.12
C PRO D 402 -45.33 -6.52 -46.53
N CYS D 403 -44.00 -6.52 -46.53
CA CYS D 403 -43.24 -7.72 -46.88
C CYS D 403 -43.55 -8.82 -45.87
N ALA D 404 -43.47 -8.50 -44.58
CA ALA D 404 -43.74 -9.47 -43.52
C ALA D 404 -45.17 -9.98 -43.58
N VAL D 405 -46.11 -9.09 -43.84
CA VAL D 405 -47.51 -9.48 -43.92
C VAL D 405 -47.68 -10.48 -45.07
N ALA D 406 -47.01 -10.21 -46.19
CA ALA D 406 -47.10 -11.12 -47.34
C ALA D 406 -46.48 -12.46 -47.00
N VAL D 407 -45.37 -12.43 -46.27
CA VAL D 407 -44.70 -13.67 -45.88
C VAL D 407 -45.65 -14.53 -45.03
N LYS D 408 -46.31 -13.90 -44.06
CA LYS D 408 -47.25 -14.62 -43.20
C LYS D 408 -48.41 -15.17 -44.02
N PHE D 409 -48.91 -14.39 -44.98
CA PHE D 409 -50.02 -14.85 -45.83
C PHE D 409 -49.62 -16.03 -46.73
N VAL D 410 -48.37 -16.05 -47.20
CA VAL D 410 -47.92 -17.16 -48.03
C VAL D 410 -47.77 -18.39 -47.14
N LEU D 411 -47.29 -18.19 -45.92
CA LEU D 411 -47.12 -19.30 -44.98
C LEU D 411 -48.46 -19.90 -44.52
N ASP D 412 -49.46 -19.06 -44.27
CA ASP D 412 -50.75 -19.60 -43.82
C ASP D 412 -51.74 -19.88 -44.93
N GLY D 413 -51.34 -19.70 -46.19
CA GLY D 413 -52.24 -20.00 -47.30
C GLY D 413 -53.17 -18.88 -47.76
N THR D 414 -53.12 -17.72 -47.12
CA THR D 414 -53.99 -16.61 -47.53
C THR D 414 -53.64 -16.26 -48.98
N ILE D 415 -52.36 -16.34 -49.31
CA ILE D 415 -51.88 -16.11 -50.67
C ILE D 415 -51.49 -17.54 -51.09
N SER D 416 -52.30 -18.17 -51.93
CA SER D 416 -52.02 -19.55 -52.31
C SER D 416 -51.74 -19.81 -53.79
N ASP D 417 -51.93 -18.82 -54.65
CA ASP D 417 -51.64 -19.02 -56.07
C ASP D 417 -50.16 -19.37 -56.19
N ARG D 418 -49.85 -20.30 -57.10
CA ARG D 418 -48.47 -20.70 -57.32
C ARG D 418 -47.89 -19.96 -58.50
N GLY D 419 -46.56 -19.91 -58.60
CA GLY D 419 -45.93 -19.21 -59.70
C GLY D 419 -45.41 -17.86 -59.25
N VAL D 420 -45.08 -17.00 -60.22
CA VAL D 420 -44.55 -15.66 -59.97
C VAL D 420 -45.70 -14.65 -59.90
N LEU D 421 -45.91 -14.07 -58.72
CA LEU D 421 -47.02 -13.15 -58.51
C LEU D 421 -46.66 -11.75 -58.08
N ALA D 422 -47.69 -10.90 -58.07
CA ALA D 422 -47.62 -9.50 -57.65
C ALA D 422 -49.01 -9.21 -57.07
N PRO D 423 -49.16 -8.11 -56.30
CA PRO D 423 -50.45 -7.72 -55.70
C PRO D 423 -51.42 -7.21 -56.77
N MET D 424 -51.95 -8.12 -57.59
CA MET D 424 -52.82 -7.70 -58.68
C MET D 424 -54.24 -8.28 -58.63
N ASN D 425 -54.64 -8.80 -57.48
CA ASN D 425 -55.97 -9.38 -57.37
C ASN D 425 -56.57 -9.07 -56.00
N SER D 426 -57.81 -8.58 -55.99
CA SER D 426 -58.48 -8.22 -54.75
C SER D 426 -58.51 -9.38 -53.78
N LYS D 427 -58.37 -10.59 -54.34
CA LYS D 427 -58.37 -11.81 -53.54
C LYS D 427 -57.27 -11.77 -52.49
N ILE D 428 -56.13 -11.18 -52.85
CA ILE D 428 -55.03 -11.08 -51.90
C ILE D 428 -54.78 -9.63 -51.50
N ASN D 429 -55.16 -8.70 -52.36
CA ASN D 429 -54.97 -7.28 -52.06
C ASN D 429 -55.82 -6.80 -50.88
N ASP D 430 -57.06 -7.27 -50.78
CA ASP D 430 -57.91 -6.86 -49.67
C ASP D 430 -57.36 -7.37 -48.34
N PRO D 431 -56.98 -8.66 -48.27
CA PRO D 431 -56.44 -9.16 -47.00
C PRO D 431 -55.18 -8.37 -46.64
N LEU D 432 -54.35 -8.08 -47.64
CA LEU D 432 -53.13 -7.32 -47.40
C LEU D 432 -53.46 -5.94 -46.85
N MET D 433 -54.40 -5.23 -47.49
CA MET D 433 -54.75 -3.90 -47.02
C MET D 433 -55.38 -3.92 -45.62
N LYS D 434 -56.24 -4.90 -45.38
CA LYS D 434 -56.91 -5.04 -44.09
C LYS D 434 -55.92 -5.16 -42.94
N GLU D 435 -54.98 -6.10 -43.06
CA GLU D 435 -53.96 -6.32 -42.04
C GLU D 435 -53.08 -5.08 -41.84
N LEU D 436 -52.63 -4.50 -42.95
CA LEU D 436 -51.78 -3.31 -42.89
C LEU D 436 -52.49 -2.14 -42.23
N LYS D 437 -53.77 -1.97 -42.56
CA LYS D 437 -54.54 -0.88 -42.00
C LYS D 437 -54.92 -1.10 -40.54
N GLU D 438 -55.59 -2.21 -40.27
CA GLU D 438 -56.05 -2.49 -38.93
C GLU D 438 -54.98 -2.76 -37.89
N LYS D 439 -53.94 -3.50 -38.27
CA LYS D 439 -52.89 -3.80 -37.31
C LYS D 439 -51.75 -2.79 -37.24
N TYR D 440 -51.45 -2.14 -38.36
CA TYR D 440 -50.34 -1.19 -38.38
C TYR D 440 -50.69 0.26 -38.72
N GLY D 441 -51.94 0.50 -39.07
CA GLY D 441 -52.34 1.86 -39.39
C GLY D 441 -51.77 2.33 -40.71
N ILE D 442 -51.40 1.38 -41.57
CA ILE D 442 -50.85 1.71 -42.88
C ILE D 442 -51.97 1.71 -43.91
N GLU D 443 -52.15 2.85 -44.59
CA GLU D 443 -53.19 2.99 -45.59
C GLU D 443 -53.05 4.29 -46.36
N CYS D 444 -53.76 4.38 -47.48
CA CYS D 444 -53.79 5.60 -48.29
C CYS D 444 -55.19 6.14 -48.06
N LYS D 445 -55.29 7.43 -47.78
CA LYS D 445 -56.59 8.04 -47.55
C LYS D 445 -57.12 8.72 -48.81
N GLU D 446 -58.36 8.43 -49.16
CA GLU D 446 -58.99 8.99 -50.35
C GLU D 446 -59.60 10.36 -50.10
N LYS D 447 -59.78 11.12 -51.17
CA LYS D 447 -60.35 12.45 -51.11
C LYS D 447 -60.71 12.97 -52.50
N VAL D 448 -61.89 13.56 -52.62
CA VAL D 448 -62.34 14.13 -53.90
C VAL D 448 -61.83 15.57 -53.99
N VAL D 449 -60.90 15.82 -54.90
CA VAL D 449 -60.30 17.14 -55.07
C VAL D 449 -61.08 18.04 -56.02
N ALA D 450 -61.88 17.45 -56.89
CA ALA D 450 -62.68 18.22 -57.85
C ALA D 450 -63.69 17.33 -58.55
N ALA E 2 -50.61 -14.40 16.10
CA ALA E 2 -49.61 -15.33 16.70
C ALA E 2 -48.32 -14.57 17.05
N THR E 3 -48.17 -14.22 18.32
CA THR E 3 -46.98 -13.50 18.75
C THR E 3 -45.76 -14.41 18.66
N LYS E 4 -44.76 -13.98 17.88
CA LYS E 4 -43.55 -14.77 17.71
C LYS E 4 -42.59 -14.52 18.87
N SER E 5 -41.77 -15.52 19.17
CA SER E 5 -40.79 -15.41 20.24
C SER E 5 -39.44 -15.88 19.71
N VAL E 6 -38.37 -15.19 20.11
CA VAL E 6 -37.04 -15.53 19.66
C VAL E 6 -36.05 -15.61 20.81
N LEU E 7 -35.19 -16.61 20.75
CA LEU E 7 -34.16 -16.79 21.77
C LEU E 7 -32.88 -16.23 21.17
N MET E 8 -32.41 -15.13 21.74
CA MET E 8 -31.18 -14.53 21.28
C MET E 8 -30.04 -14.96 22.16
N LEU E 9 -29.18 -15.82 21.65
CA LEU E 9 -28.03 -16.27 22.42
C LEU E 9 -26.96 -15.20 22.21
N GLY E 10 -26.50 -14.61 23.30
CA GLY E 10 -25.49 -13.57 23.23
C GLY E 10 -26.03 -12.19 23.56
N SER E 11 -25.17 -11.34 24.11
CA SER E 11 -25.56 -9.98 24.46
C SER E 11 -24.39 -9.05 24.19
N GLY E 12 -23.51 -9.50 23.29
CA GLY E 12 -22.31 -8.74 22.96
C GLY E 12 -22.43 -7.59 21.99
N PHE E 13 -21.30 -7.23 21.40
CA PHE E 13 -21.18 -6.12 20.46
C PHE E 13 -22.30 -5.91 19.44
N VAL E 14 -22.62 -6.94 18.67
CA VAL E 14 -23.62 -6.78 17.61
C VAL E 14 -25.07 -7.04 17.94
N THR E 15 -25.38 -7.29 19.21
CA THR E 15 -26.75 -7.63 19.59
C THR E 15 -27.82 -6.55 19.75
N ARG E 16 -27.46 -5.38 20.27
CA ARG E 16 -28.47 -4.35 20.49
C ARG E 16 -29.35 -4.05 19.27
N PRO E 17 -28.75 -3.81 18.10
CA PRO E 17 -29.58 -3.53 16.93
C PRO E 17 -30.56 -4.67 16.63
N THR E 18 -30.10 -5.91 16.78
CA THR E 18 -30.96 -7.05 16.51
C THR E 18 -32.12 -7.06 17.50
N LEU E 19 -31.81 -6.81 18.77
CA LEU E 19 -32.83 -6.77 19.81
C LEU E 19 -33.83 -5.64 19.55
N ASP E 20 -33.32 -4.47 19.17
CA ASP E 20 -34.17 -3.32 18.89
C ASP E 20 -35.15 -3.57 17.74
N VAL E 21 -34.62 -4.03 16.60
CA VAL E 21 -35.46 -4.28 15.42
C VAL E 21 -36.53 -5.33 15.68
N LEU E 22 -36.17 -6.42 16.33
CA LEU E 22 -37.13 -7.48 16.59
C LEU E 22 -38.21 -7.01 17.58
N THR E 23 -37.80 -6.43 18.69
CA THR E 23 -38.78 -5.97 19.67
C THR E 23 -39.62 -4.82 19.14
N ASP E 24 -39.05 -4.00 18.25
CA ASP E 24 -39.82 -2.89 17.69
C ASP E 24 -40.88 -3.47 16.75
N SER E 25 -40.73 -4.74 16.38
CA SER E 25 -41.68 -5.41 15.49
C SER E 25 -42.72 -6.19 16.29
N GLY E 26 -42.63 -6.11 17.62
CA GLY E 26 -43.59 -6.83 18.43
C GLY E 26 -43.20 -8.28 18.65
N ILE E 27 -41.94 -8.60 18.34
CA ILE E 27 -41.45 -9.96 18.52
C ILE E 27 -40.82 -10.05 19.90
N LYS E 28 -41.20 -11.04 20.69
CA LYS E 28 -40.62 -11.20 22.01
C LYS E 28 -39.22 -11.79 21.88
N VAL E 29 -38.29 -11.26 22.67
CA VAL E 29 -36.91 -11.75 22.62
C VAL E 29 -36.35 -12.08 23.99
N THR E 30 -35.82 -13.29 24.14
CA THR E 30 -35.20 -13.68 25.39
C THR E 30 -33.71 -13.54 25.13
N VAL E 31 -33.06 -12.66 25.90
CA VAL E 31 -31.62 -12.42 25.74
C VAL E 31 -30.89 -13.36 26.69
N ALA E 32 -30.05 -14.22 26.15
CA ALA E 32 -29.36 -15.19 26.98
C ALA E 32 -27.87 -15.38 26.73
N CYS E 33 -27.12 -15.41 27.83
CA CYS E 33 -25.69 -15.65 27.79
C CYS E 33 -25.35 -16.06 29.22
N ARG E 34 -24.11 -16.47 29.46
CA ARG E 34 -23.73 -16.94 30.79
C ARG E 34 -23.85 -15.88 31.88
N THR E 35 -23.36 -14.67 31.61
CA THR E 35 -23.40 -13.60 32.58
C THR E 35 -24.75 -12.90 32.59
N LEU E 36 -25.54 -13.18 33.62
CA LEU E 36 -26.87 -12.60 33.75
C LEU E 36 -26.88 -11.08 33.63
N GLU E 37 -25.93 -10.42 34.30
CA GLU E 37 -25.87 -8.95 34.23
C GLU E 37 -25.73 -8.44 32.80
N SER E 38 -24.94 -9.15 32.00
CA SER E 38 -24.75 -8.74 30.61
C SER E 38 -26.07 -8.82 29.86
N ALA E 39 -26.85 -9.87 30.13
CA ALA E 39 -28.15 -10.02 29.46
C ALA E 39 -29.07 -8.89 29.94
N LYS E 40 -29.03 -8.59 31.23
CA LYS E 40 -29.86 -7.53 31.79
C LYS E 40 -29.53 -6.16 31.21
N LYS E 41 -28.23 -5.86 31.15
CA LYS E 41 -27.78 -4.58 30.64
C LYS E 41 -28.26 -4.32 29.21
N LEU E 42 -28.23 -5.35 28.38
CA LEU E 42 -28.66 -5.19 26.99
C LEU E 42 -30.16 -4.98 26.88
N SER E 43 -30.94 -5.69 27.67
CA SER E 43 -32.39 -5.58 27.58
C SER E 43 -33.05 -4.54 28.48
N ALA E 44 -32.26 -3.90 29.34
CA ALA E 44 -32.82 -2.90 30.25
C ALA E 44 -33.63 -1.84 29.52
N GLY E 45 -34.91 -1.74 29.87
CA GLY E 45 -35.77 -0.75 29.25
C GLY E 45 -36.29 -1.11 27.87
N VAL E 46 -35.91 -2.29 27.37
CA VAL E 46 -36.36 -2.72 26.05
C VAL E 46 -37.63 -3.53 26.18
N GLN E 47 -38.69 -3.04 25.54
CA GLN E 47 -39.98 -3.69 25.58
C GLN E 47 -39.95 -5.08 24.92
N HIS E 48 -40.66 -6.03 25.52
CA HIS E 48 -40.77 -7.39 25.02
C HIS E 48 -39.50 -8.22 25.17
N SER E 49 -38.57 -7.76 26.00
CA SER E 49 -37.33 -8.50 26.19
C SER E 49 -37.25 -9.11 27.59
N THR E 50 -36.57 -10.24 27.71
CA THR E 50 -36.40 -10.93 28.99
C THR E 50 -34.98 -11.48 29.09
N PRO E 51 -34.21 -11.02 30.09
CA PRO E 51 -32.83 -11.49 30.26
C PRO E 51 -32.72 -12.74 31.14
N ILE E 52 -31.86 -13.67 30.74
CA ILE E 52 -31.65 -14.90 31.52
C ILE E 52 -30.20 -15.33 31.38
N SER E 53 -29.78 -16.21 32.29
CA SER E 53 -28.43 -16.75 32.25
C SER E 53 -28.57 -18.12 31.62
N LEU E 54 -27.75 -18.39 30.60
CA LEU E 54 -27.80 -19.68 29.92
C LEU E 54 -26.45 -19.99 29.30
N ASP E 55 -25.97 -21.21 29.51
CA ASP E 55 -24.71 -21.65 28.94
C ASP E 55 -25.06 -22.70 27.91
N VAL E 56 -24.75 -22.42 26.65
CA VAL E 56 -25.07 -23.33 25.56
C VAL E 56 -24.39 -24.69 25.69
N ASN E 57 -23.42 -24.79 26.61
CA ASN E 57 -22.73 -26.07 26.82
C ASN E 57 -23.62 -27.06 27.57
N ASP E 58 -24.70 -26.53 28.17
CA ASP E 58 -25.65 -27.35 28.93
C ASP E 58 -26.78 -27.79 28.00
N ASP E 59 -26.65 -28.98 27.41
CA ASP E 59 -27.66 -29.48 26.49
C ASP E 59 -29.09 -29.44 27.05
N ALA E 60 -29.26 -29.92 28.28
CA ALA E 60 -30.59 -29.93 28.90
C ALA E 60 -31.17 -28.52 29.00
N ALA E 61 -30.38 -27.59 29.52
CA ALA E 61 -30.83 -26.21 29.67
C ALA E 61 -31.10 -25.56 28.31
N LEU E 62 -30.23 -25.83 27.34
CA LEU E 62 -30.40 -25.24 26.01
C LEU E 62 -31.68 -25.72 25.34
N ASP E 63 -31.87 -27.04 25.32
CA ASP E 63 -33.08 -27.62 24.71
C ASP E 63 -34.35 -27.08 25.34
N ALA E 64 -34.40 -27.05 26.67
CA ALA E 64 -35.58 -26.56 27.37
C ALA E 64 -35.91 -25.13 26.95
N GLU E 65 -34.90 -24.28 26.86
CA GLU E 65 -35.14 -22.89 26.48
C GLU E 65 -35.48 -22.75 24.99
N VAL E 66 -34.76 -23.47 24.13
CA VAL E 66 -35.01 -23.40 22.69
C VAL E 66 -36.46 -23.81 22.39
N ALA E 67 -36.94 -24.80 23.12
CA ALA E 67 -38.30 -25.30 22.93
C ALA E 67 -39.36 -24.23 23.17
N LYS E 68 -39.02 -23.18 23.92
CA LYS E 68 -39.99 -22.12 24.23
C LYS E 68 -40.13 -21.05 23.16
N HIS E 69 -39.27 -21.06 22.16
CA HIS E 69 -39.32 -20.05 21.11
C HIS E 69 -39.49 -20.64 19.72
N ASP E 70 -39.70 -19.76 18.75
CA ASP E 70 -39.87 -20.16 17.35
C ASP E 70 -38.54 -20.24 16.64
N LEU E 71 -37.55 -19.51 17.12
CA LEU E 71 -36.24 -19.55 16.50
C LEU E 71 -35.15 -19.03 17.41
N VAL E 72 -33.94 -19.53 17.16
CA VAL E 72 -32.77 -19.18 17.95
C VAL E 72 -31.75 -18.43 17.11
N ILE E 73 -31.23 -17.33 17.65
CA ILE E 73 -30.21 -16.55 16.98
C ILE E 73 -28.95 -16.88 17.76
N SER E 74 -27.90 -17.32 17.06
CA SER E 74 -26.65 -17.65 17.72
C SER E 74 -25.62 -16.54 17.52
N LEU E 75 -25.69 -15.52 18.36
CA LEU E 75 -24.75 -14.41 18.30
C LEU E 75 -23.72 -14.61 19.41
N ILE E 76 -23.07 -15.77 19.34
CA ILE E 76 -22.04 -16.15 20.29
C ILE E 76 -20.86 -16.70 19.46
N PRO E 77 -19.72 -17.01 20.10
CA PRO E 77 -18.58 -17.52 19.33
C PRO E 77 -19.00 -18.66 18.40
N TYR E 78 -18.52 -18.61 17.16
CA TYR E 78 -18.91 -19.61 16.18
C TYR E 78 -18.56 -21.07 16.51
N THR E 79 -17.67 -21.27 17.46
CA THR E 79 -17.31 -22.63 17.86
C THR E 79 -18.55 -23.34 18.42
N PHE E 80 -19.56 -22.56 18.82
CA PHE E 80 -20.78 -23.13 19.39
C PHE E 80 -21.93 -23.38 18.41
N HIS E 81 -21.84 -22.89 17.18
CA HIS E 81 -22.96 -23.07 16.27
C HIS E 81 -23.43 -24.50 16.05
N ALA E 82 -22.50 -25.44 15.95
CA ALA E 82 -22.87 -26.84 15.74
C ALA E 82 -23.78 -27.30 16.87
N THR E 83 -23.35 -27.04 18.10
CA THR E 83 -24.11 -27.44 19.29
C THR E 83 -25.50 -26.82 19.27
N VAL E 84 -25.57 -25.52 18.99
CA VAL E 84 -26.84 -24.81 18.93
C VAL E 84 -27.76 -25.42 17.87
N ILE E 85 -27.21 -25.72 16.70
CA ILE E 85 -28.02 -26.30 15.63
C ILE E 85 -28.57 -27.68 16.01
N LYS E 86 -27.76 -28.50 16.68
CA LYS E 86 -28.22 -29.83 17.10
C LYS E 86 -29.41 -29.70 18.05
N SER E 87 -29.37 -28.68 18.91
CA SER E 87 -30.46 -28.46 19.86
C SER E 87 -31.70 -28.00 19.11
N ALA E 88 -31.51 -27.15 18.11
CA ALA E 88 -32.65 -26.65 17.33
C ALA E 88 -33.24 -27.77 16.49
N ILE E 89 -32.40 -28.70 16.08
CA ILE E 89 -32.89 -29.83 15.30
C ILE E 89 -33.78 -30.70 16.17
N ARG E 90 -33.30 -31.08 17.36
CA ARG E 90 -34.13 -31.93 18.19
C ARG E 90 -35.40 -31.23 18.71
N GLN E 91 -35.39 -29.90 18.76
CA GLN E 91 -36.56 -29.16 19.21
C GLN E 91 -37.37 -28.65 18.03
N LYS E 92 -36.88 -28.89 16.82
CA LYS E 92 -37.56 -28.45 15.60
C LYS E 92 -37.77 -26.93 15.51
N LYS E 93 -36.74 -26.16 15.88
CA LYS E 93 -36.83 -24.70 15.81
C LYS E 93 -35.81 -24.14 14.82
N HIS E 94 -36.15 -23.01 14.21
CA HIS E 94 -35.26 -22.35 13.24
C HIS E 94 -34.04 -21.72 13.89
N VAL E 95 -33.04 -21.44 13.07
CA VAL E 95 -31.80 -20.83 13.55
C VAL E 95 -31.27 -19.78 12.60
N VAL E 96 -30.66 -18.73 13.16
CA VAL E 96 -30.03 -17.69 12.36
C VAL E 96 -28.68 -17.35 13.01
N THR E 97 -27.66 -17.17 12.19
CA THR E 97 -26.34 -16.79 12.68
C THR E 97 -25.80 -15.81 11.65
N THR E 98 -24.73 -15.11 12.03
CA THR E 98 -24.10 -14.16 11.12
C THR E 98 -22.72 -14.73 10.84
N SER E 99 -22.58 -16.04 11.04
CA SER E 99 -21.31 -16.72 10.85
C SER E 99 -21.21 -17.57 9.59
N TYR E 100 -19.98 -17.92 9.23
CA TYR E 100 -19.70 -18.76 8.06
C TYR E 100 -20.30 -20.14 8.28
N VAL E 101 -20.71 -20.77 7.19
CA VAL E 101 -21.21 -22.13 7.26
C VAL E 101 -19.93 -22.97 7.26
N SER E 102 -19.60 -23.57 8.40
CA SER E 102 -18.40 -24.39 8.48
C SER E 102 -18.77 -25.84 8.13
N PRO E 103 -17.76 -26.68 7.86
CA PRO E 103 -18.03 -28.08 7.54
C PRO E 103 -18.88 -28.75 8.62
N ALA E 104 -18.56 -28.48 9.88
CA ALA E 104 -19.31 -29.05 11.00
C ALA E 104 -20.80 -28.72 10.91
N MET E 105 -21.10 -27.48 10.56
CA MET E 105 -22.49 -27.04 10.43
C MET E 105 -23.15 -27.66 9.21
N MET E 106 -22.41 -27.73 8.11
CA MET E 106 -22.93 -28.28 6.88
C MET E 106 -23.29 -29.76 7.04
N GLU E 107 -22.59 -30.44 7.95
CA GLU E 107 -22.86 -31.85 8.20
C GLU E 107 -24.28 -32.07 8.69
N LEU E 108 -24.85 -31.03 9.30
CA LEU E 108 -26.19 -31.11 9.88
C LEU E 108 -27.32 -30.70 8.92
N ASP E 109 -26.95 -30.36 7.68
CA ASP E 109 -27.93 -29.95 6.69
C ASP E 109 -29.12 -30.89 6.49
N GLN E 110 -28.86 -32.18 6.27
CA GLN E 110 -29.94 -33.13 6.07
C GLN E 110 -30.78 -33.31 7.34
N ALA E 111 -30.13 -33.37 8.50
CA ALA E 111 -30.85 -33.52 9.74
C ALA E 111 -31.74 -32.28 9.94
N ALA E 112 -31.26 -31.13 9.50
CA ALA E 112 -32.04 -29.91 9.63
C ALA E 112 -33.25 -29.98 8.71
N LYS E 113 -33.03 -30.42 7.48
CA LYS E 113 -34.12 -30.55 6.52
C LYS E 113 -35.16 -31.56 7.03
N ASP E 114 -34.68 -32.67 7.58
CA ASP E 114 -35.59 -33.68 8.09
C ASP E 114 -36.40 -33.13 9.27
N ALA E 115 -35.80 -32.22 10.03
CA ALA E 115 -36.50 -31.62 11.17
C ALA E 115 -37.40 -30.50 10.67
N GLY E 116 -37.29 -30.17 9.39
CA GLY E 116 -38.10 -29.10 8.81
C GLY E 116 -37.74 -27.71 9.25
N ILE E 117 -36.48 -27.49 9.62
CA ILE E 117 -36.06 -26.17 10.08
C ILE E 117 -35.11 -25.47 9.13
N THR E 118 -35.10 -24.14 9.23
CA THR E 118 -34.23 -23.32 8.42
C THR E 118 -33.10 -22.85 9.32
N VAL E 119 -31.87 -22.99 8.85
CA VAL E 119 -30.69 -22.54 9.59
C VAL E 119 -30.01 -21.56 8.65
N MET E 120 -30.35 -20.27 8.80
CA MET E 120 -29.82 -19.20 7.97
C MET E 120 -28.55 -18.60 8.54
N ASN E 121 -27.47 -18.62 7.76
CA ASN E 121 -26.18 -18.11 8.20
C ASN E 121 -25.60 -17.04 7.30
N GLU E 122 -24.37 -16.65 7.62
CA GLU E 122 -23.64 -15.65 6.84
C GLU E 122 -24.48 -14.44 6.45
N ILE E 123 -25.30 -13.95 7.38
CA ILE E 123 -26.11 -12.79 7.05
C ILE E 123 -25.88 -11.61 8.00
N GLY E 124 -24.60 -11.22 8.06
CA GLY E 124 -24.18 -10.09 8.86
C GLY E 124 -23.60 -9.10 7.87
N LEU E 125 -22.41 -8.55 8.16
CA LEU E 125 -21.75 -7.60 7.27
C LEU E 125 -20.81 -8.34 6.32
N ASP E 126 -19.89 -9.09 6.90
CA ASP E 126 -18.92 -9.85 6.13
C ASP E 126 -18.56 -11.06 6.99
N PRO E 127 -19.15 -12.23 6.69
CA PRO E 127 -20.11 -12.52 5.61
C PRO E 127 -21.52 -11.96 5.81
N GLY E 128 -22.14 -11.53 4.72
CA GLY E 128 -23.48 -11.01 4.79
C GLY E 128 -23.78 -10.05 3.66
N ILE E 129 -23.78 -8.76 3.98
CA ILE E 129 -24.03 -7.72 2.99
C ILE E 129 -23.12 -7.88 1.78
N ASP E 130 -21.86 -8.27 2.02
CA ASP E 130 -20.91 -8.44 0.92
C ASP E 130 -21.42 -9.46 -0.10
N HIS E 131 -21.98 -10.58 0.37
CA HIS E 131 -22.52 -11.59 -0.52
C HIS E 131 -23.67 -10.99 -1.35
N LEU E 132 -24.57 -10.31 -0.66
CA LEU E 132 -25.73 -9.70 -1.31
C LEU E 132 -25.40 -8.84 -2.52
N TYR E 133 -24.46 -7.92 -2.35
CA TYR E 133 -24.11 -7.04 -3.45
C TYR E 133 -23.12 -7.62 -4.43
N ALA E 134 -22.40 -8.65 -4.02
CA ALA E 134 -21.45 -9.28 -4.91
C ALA E 134 -22.28 -10.03 -5.96
N ILE E 135 -23.24 -10.80 -5.49
CA ILE E 135 -24.11 -11.59 -6.35
C ILE E 135 -24.98 -10.70 -7.23
N LYS E 136 -25.47 -9.59 -6.66
CA LYS E 136 -26.32 -8.65 -7.40
C LYS E 136 -25.64 -8.18 -8.68
N THR E 137 -24.41 -7.70 -8.57
CA THR E 137 -23.68 -7.23 -9.74
C THR E 137 -23.32 -8.36 -10.70
N ILE E 138 -22.89 -9.49 -10.16
CA ILE E 138 -22.52 -10.64 -10.98
C ILE E 138 -23.68 -11.17 -11.83
N GLU E 139 -24.88 -11.26 -11.24
CA GLU E 139 -26.02 -11.75 -12.00
C GLU E 139 -26.46 -10.71 -13.02
N GLU E 140 -26.28 -9.44 -12.71
CA GLU E 140 -26.65 -8.36 -13.63
C GLU E 140 -25.76 -8.41 -14.87
N VAL E 141 -24.46 -8.57 -14.65
CA VAL E 141 -23.50 -8.63 -15.74
C VAL E 141 -23.75 -9.85 -16.62
N HIS E 142 -23.97 -10.99 -15.99
CA HIS E 142 -24.24 -12.22 -16.71
C HIS E 142 -25.51 -12.12 -17.55
N ALA E 143 -26.53 -11.48 -16.99
CA ALA E 143 -27.80 -11.33 -17.69
C ALA E 143 -27.64 -10.43 -18.92
N ALA E 144 -26.57 -9.63 -18.94
CA ALA E 144 -26.30 -8.74 -20.06
C ALA E 144 -25.28 -9.37 -20.99
N GLY E 145 -24.97 -10.64 -20.75
CA GLY E 145 -24.00 -11.35 -21.57
C GLY E 145 -22.57 -10.97 -21.24
N GLY E 146 -22.37 -10.34 -20.08
CA GLY E 146 -21.04 -9.93 -19.68
C GLY E 146 -20.27 -11.03 -18.98
N LYS E 147 -18.96 -10.84 -18.84
CA LYS E 147 -18.10 -11.82 -18.18
C LYS E 147 -17.36 -11.17 -17.02
N ILE E 148 -17.35 -11.85 -15.88
CA ILE E 148 -16.64 -11.34 -14.70
C ILE E 148 -15.23 -11.90 -14.75
N LYS E 149 -14.27 -11.10 -15.22
CA LYS E 149 -12.91 -11.56 -15.34
C LYS E 149 -12.15 -11.46 -14.02
N THR E 150 -12.56 -10.51 -13.18
CA THR E 150 -11.94 -10.32 -11.86
C THR E 150 -12.97 -9.93 -10.82
N PHE E 151 -12.95 -10.62 -9.69
CA PHE E 151 -13.86 -10.30 -8.60
C PHE E 151 -13.03 -10.05 -7.35
N LEU E 152 -13.19 -8.87 -6.77
CA LEU E 152 -12.49 -8.51 -5.55
C LEU E 152 -13.49 -8.00 -4.52
N SER E 153 -13.32 -8.41 -3.27
CA SER E 153 -14.21 -7.98 -2.20
C SER E 153 -13.37 -7.72 -0.96
N TYR E 154 -13.27 -6.45 -0.56
CA TYR E 154 -12.50 -6.11 0.63
C TYR E 154 -13.35 -5.37 1.64
N CYS E 155 -13.22 -5.77 2.89
CA CYS E 155 -13.98 -5.15 3.95
C CYS E 155 -13.16 -4.99 5.20
N GLY E 156 -13.38 -3.87 5.88
CA GLY E 156 -12.68 -3.61 7.11
C GLY E 156 -13.58 -2.90 8.10
N GLY E 157 -13.57 -3.36 9.35
CA GLY E 157 -14.34 -2.74 10.41
C GLY E 157 -13.24 -2.09 11.22
N LEU E 158 -13.10 -0.78 11.11
CA LEU E 158 -12.02 -0.10 11.78
C LEU E 158 -12.46 1.15 12.52
N PRO E 159 -11.55 1.76 13.27
CA PRO E 159 -12.01 2.96 13.95
C PRO E 159 -11.98 4.05 12.87
N ALA E 160 -12.76 5.11 13.04
CA ALA E 160 -12.74 6.21 12.07
C ALA E 160 -11.30 6.72 12.15
N PRO E 161 -10.78 7.29 11.04
CA PRO E 161 -9.41 7.80 11.06
C PRO E 161 -9.11 8.69 12.27
N GLU E 162 -10.04 9.59 12.60
CA GLU E 162 -9.83 10.47 13.74
C GLU E 162 -9.88 9.75 15.09
N SER E 163 -10.36 8.51 15.09
CA SER E 163 -10.46 7.71 16.30
C SER E 163 -9.45 6.57 16.30
N SER E 164 -8.56 6.55 15.31
CA SER E 164 -7.58 5.46 15.19
C SER E 164 -6.23 5.69 15.85
N ASP E 165 -6.16 6.66 16.75
CA ASP E 165 -4.88 6.96 17.38
C ASP E 165 -4.38 6.10 18.55
N ASN E 166 -3.93 4.89 18.22
CA ASN E 166 -3.31 3.99 19.19
C ASN E 166 -2.31 3.21 18.35
N PRO E 167 -1.30 2.59 19.00
CA PRO E 167 -0.28 1.82 18.28
C PRO E 167 -0.73 0.83 17.21
N LEU E 168 -1.96 0.32 17.31
CA LEU E 168 -2.44 -0.64 16.34
C LEU E 168 -3.39 -0.09 15.29
N GLY E 169 -3.83 1.17 15.48
CA GLY E 169 -4.76 1.75 14.55
C GLY E 169 -6.01 0.89 14.55
N TYR E 170 -6.28 0.26 15.69
CA TYR E 170 -7.42 -0.63 15.82
C TYR E 170 -8.09 -0.60 17.19
N LYS E 171 -9.42 -0.67 17.19
CA LYS E 171 -10.21 -0.70 18.43
C LYS E 171 -11.36 -1.68 18.18
N PHE E 172 -11.80 -2.37 19.23
CA PHE E 172 -12.85 -3.37 19.09
C PHE E 172 -14.29 -2.89 18.90
N SER E 173 -14.92 -3.40 17.83
CA SER E 173 -16.30 -3.09 17.52
C SER E 173 -17.08 -4.40 17.42
N TRP E 174 -16.34 -5.52 17.49
CA TRP E 174 -16.92 -6.86 17.46
C TRP E 174 -15.94 -7.83 18.11
N SER E 175 -16.44 -8.99 18.53
CA SER E 175 -15.67 -10.03 19.20
C SER E 175 -14.15 -9.91 19.19
N SER E 176 -13.59 -9.53 20.34
CA SER E 176 -12.15 -9.36 20.52
C SER E 176 -11.36 -10.60 20.13
N ARG E 177 -11.67 -11.76 20.71
CA ARG E 177 -10.90 -12.94 20.35
C ARG E 177 -11.21 -13.37 18.92
N GLY E 178 -12.43 -13.05 18.46
CA GLY E 178 -12.77 -13.39 17.09
C GLY E 178 -11.83 -12.65 16.15
N VAL E 179 -11.45 -11.44 16.54
CA VAL E 179 -10.54 -10.62 15.75
C VAL E 179 -9.19 -11.31 15.67
N LEU E 180 -8.70 -11.82 16.80
CA LEU E 180 -7.41 -12.49 16.84
C LEU E 180 -7.45 -13.78 16.04
N LEU E 181 -8.54 -14.54 16.17
CA LEU E 181 -8.68 -15.78 15.44
C LEU E 181 -8.60 -15.55 13.93
N ALA E 182 -9.26 -14.49 13.46
CA ALA E 182 -9.24 -14.17 12.03
C ALA E 182 -7.85 -13.82 11.53
N LEU E 183 -6.98 -13.38 12.44
CA LEU E 183 -5.61 -13.00 12.07
C LEU E 183 -4.70 -14.17 11.76
N ARG E 184 -5.16 -15.39 12.05
CA ARG E 184 -4.33 -16.57 11.80
C ARG E 184 -4.90 -17.50 10.73
N ASN E 185 -6.02 -17.13 10.14
CA ASN E 185 -6.64 -17.94 9.10
C ASN E 185 -5.81 -18.02 7.82
N ALA E 186 -5.57 -19.24 7.36
CA ALA E 186 -4.82 -19.45 6.12
C ALA E 186 -5.73 -18.94 5.00
N ALA E 187 -5.14 -18.44 3.92
CA ALA E 187 -5.93 -17.92 2.82
C ALA E 187 -5.59 -18.60 1.50
N SER E 188 -6.54 -18.57 0.58
CA SER E 188 -6.37 -19.15 -0.74
C SER E 188 -7.26 -18.36 -1.68
N PHE E 189 -6.75 -18.09 -2.88
CA PHE E 189 -7.52 -17.30 -3.84
C PHE E 189 -7.05 -17.54 -5.28
N TYR E 190 -7.82 -17.01 -6.23
CA TYR E 190 -7.46 -17.15 -7.62
C TYR E 190 -6.73 -15.92 -8.14
N LYS E 191 -5.59 -16.15 -8.77
CA LYS E 191 -4.79 -15.10 -9.35
C LYS E 191 -4.28 -15.60 -10.71
N ASP E 192 -4.64 -14.87 -11.76
CA ASP E 192 -4.25 -15.22 -13.12
C ASP E 192 -4.67 -16.64 -13.47
N GLY E 193 -5.88 -17.00 -13.05
CA GLY E 193 -6.42 -18.31 -13.34
C GLY E 193 -5.94 -19.47 -12.47
N LYS E 194 -5.00 -19.23 -11.58
CA LYS E 194 -4.52 -20.32 -10.73
C LYS E 194 -4.62 -20.07 -9.24
N VAL E 195 -4.79 -21.16 -8.50
CA VAL E 195 -4.92 -21.11 -7.06
C VAL E 195 -3.61 -20.71 -6.39
N THR E 196 -3.70 -19.77 -5.47
CA THR E 196 -2.55 -19.30 -4.72
C THR E 196 -2.89 -19.49 -3.25
N ASN E 197 -1.97 -20.06 -2.49
CA ASN E 197 -2.21 -20.29 -1.07
C ASN E 197 -1.30 -19.46 -0.17
N VAL E 198 -1.83 -19.08 0.98
CA VAL E 198 -1.08 -18.31 1.96
C VAL E 198 -1.26 -19.01 3.30
N ALA E 199 -0.17 -19.52 3.85
CA ALA E 199 -0.24 -20.21 5.14
C ALA E 199 -0.64 -19.20 6.23
N GLY E 200 -1.44 -19.66 7.19
CA GLY E 200 -1.89 -18.79 8.26
C GLY E 200 -0.79 -18.00 8.97
N PRO E 201 0.28 -18.67 9.41
CA PRO E 201 1.38 -17.96 10.09
C PRO E 201 2.05 -16.87 9.25
N GLU E 202 1.81 -16.90 7.94
CA GLU E 202 2.43 -15.91 7.05
C GLU E 202 1.43 -14.95 6.40
N LEU E 203 0.23 -14.87 6.97
CA LEU E 203 -0.82 -14.00 6.43
C LEU E 203 -0.46 -12.52 6.44
N MET E 204 0.00 -12.01 7.59
CA MET E 204 0.34 -10.60 7.70
C MET E 204 1.40 -10.14 6.71
N ALA E 205 2.28 -11.03 6.31
CA ALA E 205 3.35 -10.68 5.38
C ALA E 205 2.86 -10.38 3.96
N THR E 206 1.61 -10.76 3.65
CA THR E 206 1.07 -10.51 2.32
C THR E 206 0.39 -9.15 2.19
N ALA E 207 0.16 -8.49 3.32
CA ALA E 207 -0.51 -7.17 3.30
C ALA E 207 0.15 -6.18 2.34
N LYS E 208 -0.68 -5.47 1.58
CA LYS E 208 -0.21 -4.48 0.62
C LYS E 208 -1.14 -3.28 0.62
N PRO E 209 -0.63 -2.10 0.28
CA PRO E 209 -1.51 -0.93 0.27
C PRO E 209 -2.67 -1.24 -0.69
N TYR E 210 -3.87 -0.82 -0.32
CA TYR E 210 -5.04 -1.06 -1.16
C TYR E 210 -5.79 0.25 -1.32
N PHE E 211 -5.71 0.84 -2.51
CA PHE E 211 -6.34 2.12 -2.76
C PHE E 211 -7.84 2.06 -3.02
N ILE E 212 -8.58 2.92 -2.33
CA ILE E 212 -10.02 3.02 -2.51
C ILE E 212 -10.31 4.52 -2.73
N TYR E 213 -10.07 5.33 -1.71
CA TYR E 213 -10.25 6.79 -1.81
C TYR E 213 -8.96 7.48 -1.34
N PRO E 214 -8.62 8.63 -1.94
CA PRO E 214 -7.42 9.39 -1.60
C PRO E 214 -7.19 9.63 -0.11
N GLY E 215 -8.25 9.92 0.65
CA GLY E 215 -8.07 10.21 2.07
C GLY E 215 -7.72 9.06 3.01
N PHE E 216 -8.04 7.84 2.63
CA PHE E 216 -7.77 6.67 3.46
C PHE E 216 -6.43 6.00 3.20
N ALA E 217 -5.87 5.41 4.24
CA ALA E 217 -4.60 4.69 4.17
C ALA E 217 -4.87 3.22 4.52
N PHE E 218 -5.48 2.50 3.59
CA PHE E 218 -5.80 1.08 3.81
C PHE E 218 -4.71 0.15 3.30
N VAL E 219 -4.59 -1.02 3.93
CA VAL E 219 -3.68 -2.07 3.51
C VAL E 219 -4.58 -3.29 3.50
N ALA E 220 -4.27 -4.29 2.69
CA ALA E 220 -5.13 -5.45 2.63
C ALA E 220 -4.42 -6.78 2.50
N TYR E 221 -5.07 -7.83 3.01
CA TYR E 221 -4.57 -9.19 2.92
C TYR E 221 -5.77 -10.13 2.65
N PRO E 222 -5.51 -11.31 2.07
CA PRO E 222 -6.58 -12.26 1.76
C PRO E 222 -7.31 -12.76 2.99
N ASN E 223 -8.62 -12.95 2.85
CA ASN E 223 -9.49 -13.42 3.92
C ASN E 223 -10.03 -14.83 3.64
N ARG E 224 -9.46 -15.82 4.33
CA ARG E 224 -9.87 -17.22 4.19
C ARG E 224 -9.78 -17.76 2.76
N ASP E 225 -10.46 -18.87 2.49
CA ASP E 225 -10.42 -19.47 1.17
C ASP E 225 -11.48 -18.89 0.24
N SER E 226 -11.02 -18.19 -0.80
CA SER E 226 -11.90 -17.57 -1.78
C SER E 226 -12.16 -18.46 -2.98
N THR E 227 -11.35 -19.49 -3.16
CA THR E 227 -11.51 -20.36 -4.33
C THR E 227 -12.90 -20.97 -4.52
N PRO E 228 -13.57 -21.39 -3.43
CA PRO E 228 -14.91 -21.97 -3.59
C PRO E 228 -15.91 -21.00 -4.21
N TYR E 229 -15.60 -19.70 -4.15
CA TYR E 229 -16.50 -18.71 -4.71
C TYR E 229 -16.61 -18.75 -6.23
N LYS E 230 -15.69 -19.45 -6.87
CA LYS E 230 -15.72 -19.59 -8.31
C LYS E 230 -17.04 -20.28 -8.64
N GLU E 231 -17.40 -21.24 -7.78
CA GLU E 231 -18.64 -21.99 -7.94
C GLU E 231 -19.76 -21.33 -7.14
N ARG E 232 -19.44 -20.89 -5.93
CA ARG E 232 -20.44 -20.25 -5.07
C ARG E 232 -21.06 -19.01 -5.69
N TYR E 233 -20.24 -18.19 -6.36
CA TYR E 233 -20.76 -16.98 -7.00
C TYR E 233 -20.99 -17.23 -8.50
N GLN E 234 -20.77 -18.46 -8.94
CA GLN E 234 -20.97 -18.81 -10.35
C GLN E 234 -20.18 -17.94 -11.32
N ILE E 235 -18.88 -17.85 -11.09
CA ILE E 235 -18.01 -17.06 -11.96
C ILE E 235 -16.82 -17.90 -12.42
N PRO E 236 -17.10 -18.98 -13.17
CA PRO E 236 -16.04 -19.85 -13.66
C PRO E 236 -15.10 -19.13 -14.64
N GLU E 237 -15.57 -18.02 -15.22
CA GLU E 237 -14.77 -17.26 -16.17
C GLU E 237 -13.78 -16.31 -15.51
N ALA E 238 -13.82 -16.22 -14.18
CA ALA E 238 -12.95 -15.31 -13.46
C ALA E 238 -11.52 -15.82 -13.28
N ASP E 239 -10.56 -14.98 -13.66
CA ASP E 239 -9.14 -15.29 -13.53
C ASP E 239 -8.69 -14.92 -12.13
N ASN E 240 -9.28 -13.86 -11.59
CA ASN E 240 -8.93 -13.39 -10.25
C ASN E 240 -10.16 -13.35 -9.36
N ILE E 241 -10.06 -13.99 -8.20
CA ILE E 241 -11.16 -14.04 -7.24
C ILE E 241 -10.56 -13.92 -5.85
N VAL E 242 -10.83 -12.81 -5.17
CA VAL E 242 -10.29 -12.62 -3.82
C VAL E 242 -11.24 -11.91 -2.88
N ARG E 243 -11.42 -12.47 -1.69
CA ARG E 243 -12.24 -11.85 -0.63
C ARG E 243 -11.16 -11.49 0.37
N GLY E 244 -11.07 -10.20 0.71
CA GLY E 244 -10.03 -9.78 1.64
C GLY E 244 -10.45 -8.84 2.75
N THR E 245 -9.48 -8.54 3.61
CA THR E 245 -9.70 -7.69 4.76
C THR E 245 -8.86 -6.42 4.73
N LEU E 246 -9.48 -5.32 5.18
CA LEU E 246 -8.82 -4.04 5.21
C LEU E 246 -8.44 -3.64 6.64
N ARG E 247 -7.25 -3.08 6.78
CA ARG E 247 -6.75 -2.60 8.06
C ARG E 247 -6.04 -1.30 7.70
N TYR E 248 -5.56 -0.57 8.70
CA TYR E 248 -4.85 0.67 8.43
C TYR E 248 -3.35 0.39 8.35
N GLN E 249 -2.65 1.31 7.71
CA GLN E 249 -1.20 1.22 7.54
C GLN E 249 -0.52 0.90 8.88
N GLY E 250 0.41 -0.04 8.86
CA GLY E 250 1.13 -0.38 10.08
C GLY E 250 0.62 -1.55 10.90
N PHE E 251 -0.68 -1.82 10.82
CA PHE E 251 -1.30 -2.89 11.58
C PHE E 251 -0.73 -4.30 11.32
N PRO E 252 -0.71 -4.75 10.05
CA PRO E 252 -0.19 -6.08 9.77
C PRO E 252 1.26 -6.33 10.20
N GLN E 253 2.13 -5.34 10.04
CA GLN E 253 3.52 -5.52 10.45
C GLN E 253 3.56 -5.79 11.95
N PHE E 254 2.76 -5.01 12.68
CA PHE E 254 2.68 -5.14 14.14
C PHE E 254 2.24 -6.56 14.50
N ILE E 255 1.12 -6.99 13.91
CA ILE E 255 0.59 -8.32 14.18
C ILE E 255 1.60 -9.41 13.83
N LYS E 256 2.32 -9.21 12.73
CA LYS E 256 3.32 -10.18 12.27
C LYS E 256 4.32 -10.47 13.39
N VAL E 257 4.73 -9.44 14.09
CA VAL E 257 5.67 -9.60 15.19
C VAL E 257 5.07 -10.48 16.30
N LEU E 258 3.83 -10.17 16.68
CA LEU E 258 3.14 -10.93 17.71
C LEU E 258 3.03 -12.40 17.31
N VAL E 259 2.76 -12.66 16.03
CA VAL E 259 2.64 -14.03 15.55
C VAL E 259 4.00 -14.74 15.59
N ASP E 260 5.03 -14.05 15.12
CA ASP E 260 6.38 -14.60 15.09
C ASP E 260 6.96 -14.95 16.45
N ILE E 261 6.66 -14.15 17.48
CA ILE E 261 7.19 -14.40 18.81
C ILE E 261 6.30 -15.32 19.66
N GLY E 262 5.22 -15.80 19.06
CA GLY E 262 4.33 -16.73 19.77
C GLY E 262 3.10 -16.22 20.52
N PHE E 263 2.81 -14.93 20.43
CA PHE E 263 1.66 -14.38 21.15
C PHE E 263 0.27 -14.80 20.65
N LEU E 264 0.18 -15.38 19.46
CA LEU E 264 -1.11 -15.81 18.93
C LEU E 264 -1.31 -17.32 19.00
N SER E 265 -0.61 -17.95 19.94
CA SER E 265 -0.72 -19.39 20.14
C SER E 265 -1.81 -19.62 21.17
N ASP E 266 -2.64 -20.64 20.96
CA ASP E 266 -3.69 -20.94 21.91
C ASP E 266 -3.35 -22.22 22.67
N GLU E 267 -2.07 -22.56 22.69
CA GLU E 267 -1.58 -23.75 23.39
C GLU E 267 -1.61 -23.46 24.88
N GLU E 268 -2.27 -24.32 25.64
CA GLU E 268 -2.36 -24.14 27.09
C GLU E 268 -1.00 -24.22 27.75
N GLN E 269 -0.66 -23.19 28.53
CA GLN E 269 0.60 -23.12 29.24
C GLN E 269 0.29 -23.04 30.73
N PRO E 270 0.92 -23.90 31.53
CA PRO E 270 0.69 -23.91 32.99
C PRO E 270 0.95 -22.56 33.64
N PHE E 271 2.01 -21.89 33.21
CA PHE E 271 2.36 -20.59 33.78
C PHE E 271 1.38 -19.47 33.43
N LEU E 272 0.47 -19.73 32.48
CA LEU E 272 -0.49 -18.71 32.07
C LEU E 272 -1.83 -18.75 32.80
N LYS E 273 -1.92 -19.54 33.86
CA LYS E 273 -3.15 -19.59 34.63
C LYS E 273 -2.89 -19.01 36.02
N GLU E 274 -1.79 -18.27 36.12
CA GLU E 274 -1.40 -17.61 37.36
C GLU E 274 -1.19 -16.13 37.08
N ALA E 275 -1.75 -15.28 37.93
CA ALA E 275 -1.65 -13.84 37.76
C ALA E 275 -0.23 -13.29 37.95
N ILE E 276 0.70 -13.73 37.10
CA ILE E 276 2.09 -13.28 37.18
C ILE E 276 2.31 -11.97 36.41
N PRO E 277 3.39 -11.24 36.74
CA PRO E 277 3.70 -9.97 36.06
C PRO E 277 3.88 -10.18 34.56
N TRP E 278 3.39 -9.24 33.76
CA TRP E 278 3.52 -9.35 32.30
C TRP E 278 4.96 -9.65 31.90
N LYS E 279 5.92 -9.03 32.58
CA LYS E 279 7.34 -9.26 32.30
C LYS E 279 7.62 -10.74 32.17
N GLU E 280 7.26 -11.48 33.22
CA GLU E 280 7.47 -12.93 33.29
C GLU E 280 6.74 -13.68 32.20
N ALA E 281 5.45 -13.38 32.03
CA ALA E 281 4.63 -14.03 31.01
C ALA E 281 5.27 -13.88 29.64
N THR E 282 5.63 -12.64 29.29
CA THR E 282 6.25 -12.36 28.01
C THR E 282 7.56 -13.12 27.86
N GLN E 283 8.35 -13.12 28.93
CA GLN E 283 9.64 -13.82 28.92
C GLN E 283 9.44 -15.27 28.54
N LYS E 284 8.48 -15.92 29.21
CA LYS E 284 8.19 -17.34 28.94
C LYS E 284 7.65 -17.54 27.53
N ILE E 285 6.70 -16.69 27.13
CA ILE E 285 6.09 -16.79 25.80
C ILE E 285 7.11 -16.60 24.67
N VAL E 286 7.91 -15.53 24.78
CA VAL E 286 8.91 -15.22 23.78
C VAL E 286 10.19 -16.06 23.97
N LYS E 287 10.31 -16.64 25.16
CA LYS E 287 11.47 -17.47 25.51
C LYS E 287 12.74 -16.64 25.59
N ALA E 288 12.68 -15.57 26.38
CA ALA E 288 13.83 -14.68 26.58
C ALA E 288 14.58 -15.21 27.81
N SER E 289 15.86 -14.86 27.93
CA SER E 289 16.65 -15.33 29.06
C SER E 289 16.38 -14.57 30.36
N SER E 290 15.61 -13.49 30.27
CA SER E 290 15.29 -12.68 31.44
C SER E 290 14.01 -11.87 31.25
N ALA E 291 13.38 -11.50 32.35
CA ALA E 291 12.15 -10.72 32.29
C ALA E 291 12.52 -9.25 32.06
N SER E 292 13.81 -9.01 31.79
CA SER E 292 14.30 -7.66 31.54
C SER E 292 13.82 -7.16 30.19
N GLU E 293 13.48 -5.88 30.11
CA GLU E 293 13.02 -5.30 28.86
C GLU E 293 14.10 -5.45 27.78
N GLN E 294 15.35 -5.21 28.16
CA GLN E 294 16.46 -5.31 27.24
C GLN E 294 16.64 -6.74 26.68
N ASP E 295 16.44 -7.73 27.54
CA ASP E 295 16.59 -9.12 27.12
C ASP E 295 15.38 -9.59 26.31
N ILE E 296 14.19 -9.22 26.75
CA ILE E 296 12.98 -9.61 26.03
C ILE E 296 13.01 -9.03 24.62
N VAL E 297 13.33 -7.74 24.53
CA VAL E 297 13.40 -7.07 23.23
C VAL E 297 14.47 -7.68 22.34
N SER E 298 15.59 -8.07 22.92
CA SER E 298 16.66 -8.68 22.16
C SER E 298 16.16 -9.97 21.52
N THR E 299 15.47 -10.78 22.30
CA THR E 299 14.93 -12.04 21.81
C THR E 299 13.88 -11.80 20.72
N ILE E 300 13.03 -10.80 20.93
CA ILE E 300 11.99 -10.47 19.96
C ILE E 300 12.61 -10.03 18.64
N VAL E 301 13.52 -9.06 18.70
CA VAL E 301 14.19 -8.55 17.52
C VAL E 301 14.89 -9.66 16.74
N SER E 302 15.45 -10.64 17.45
CA SER E 302 16.15 -11.74 16.79
C SER E 302 15.20 -12.78 16.21
N ASN E 303 13.96 -12.79 16.68
CA ASN E 303 12.96 -13.75 16.21
C ASN E 303 11.84 -13.14 15.36
N ALA E 304 11.86 -11.83 15.18
CA ALA E 304 10.82 -11.17 14.40
C ALA E 304 11.41 -10.46 13.18
N THR E 305 10.54 -10.05 12.27
CA THR E 305 10.97 -9.35 11.05
C THR E 305 10.47 -7.91 11.06
N PHE E 306 11.31 -6.98 10.59
CA PHE E 306 10.94 -5.58 10.55
C PHE E 306 11.40 -4.94 9.24
N GLU E 307 10.52 -4.16 8.63
CA GLU E 307 10.81 -3.50 7.37
C GLU E 307 11.95 -2.48 7.46
N SER E 308 12.18 -1.98 8.66
CA SER E 308 13.23 -0.98 8.88
C SER E 308 13.42 -0.74 10.37
N THR E 309 14.51 -0.07 10.73
CA THR E 309 14.79 0.22 12.13
C THR E 309 13.70 1.14 12.70
N GLU E 310 13.11 1.96 11.84
CA GLU E 310 12.04 2.87 12.26
C GLU E 310 10.85 2.01 12.65
N GLU E 311 10.53 1.05 11.80
CA GLU E 311 9.43 0.13 12.01
C GLU E 311 9.66 -0.63 13.31
N GLN E 312 10.89 -1.10 13.50
CA GLN E 312 11.26 -1.85 14.69
C GLN E 312 11.05 -1.01 15.95
N LYS E 313 11.41 0.26 15.89
CA LYS E 313 11.27 1.17 17.02
C LYS E 313 9.78 1.38 17.34
N ARG E 314 8.99 1.55 16.29
CA ARG E 314 7.56 1.78 16.43
C ARG E 314 6.87 0.58 17.09
N ILE E 315 7.05 -0.59 16.49
CA ILE E 315 6.44 -1.81 16.99
C ILE E 315 6.84 -2.15 18.42
N VAL E 316 8.13 -2.02 18.73
CA VAL E 316 8.60 -2.30 20.09
C VAL E 316 7.91 -1.36 21.07
N ALA E 317 7.79 -0.10 20.68
CA ALA E 317 7.14 0.91 21.52
C ALA E 317 5.66 0.58 21.68
N GLY E 318 5.07 -0.02 20.65
CA GLY E 318 3.66 -0.38 20.71
C GLY E 318 3.47 -1.52 21.69
N LEU E 319 4.38 -2.48 21.63
CA LEU E 319 4.33 -3.64 22.53
C LEU E 319 4.44 -3.17 23.97
N LYS E 320 5.29 -2.18 24.21
CA LYS E 320 5.49 -1.65 25.55
C LYS E 320 4.22 -0.93 25.98
N TRP E 321 3.59 -0.26 25.02
CA TRP E 321 2.35 0.46 25.30
C TRP E 321 1.32 -0.52 25.83
N LEU E 322 1.26 -1.70 25.20
CA LEU E 322 0.32 -2.73 25.60
C LEU E 322 0.58 -3.15 27.05
N GLY E 323 1.80 -2.93 27.51
CA GLY E 323 2.16 -3.27 28.87
C GLY E 323 2.74 -4.65 29.09
N ILE E 324 3.13 -5.34 28.01
CA ILE E 324 3.68 -6.69 28.15
C ILE E 324 5.12 -6.72 28.66
N PHE E 325 5.69 -5.55 28.93
CA PHE E 325 7.05 -5.46 29.45
C PHE E 325 7.02 -4.93 30.87
N SER E 326 5.83 -4.56 31.34
CA SER E 326 5.66 -4.02 32.68
C SER E 326 5.49 -5.05 33.80
N ASP E 327 5.27 -4.54 35.01
CA ASP E 327 5.10 -5.38 36.19
C ASP E 327 3.63 -5.73 36.38
N LYS E 328 2.75 -5.02 35.67
CA LYS E 328 1.31 -5.28 35.79
C LYS E 328 1.05 -6.77 35.59
N LYS E 329 0.22 -7.34 36.45
CA LYS E 329 -0.11 -8.75 36.38
C LYS E 329 -1.10 -9.05 35.28
N ILE E 330 -0.86 -10.14 34.58
CA ILE E 330 -1.69 -10.60 33.48
C ILE E 330 -3.03 -11.14 33.97
N THR E 331 -3.98 -11.24 33.04
CA THR E 331 -5.28 -11.80 33.35
C THR E 331 -5.13 -13.22 32.80
N PRO E 332 -4.77 -14.17 33.68
CA PRO E 332 -4.56 -15.58 33.34
C PRO E 332 -5.67 -16.21 32.51
N ARG E 333 -5.34 -16.61 31.28
CA ARG E 333 -6.35 -17.24 30.43
C ARG E 333 -5.84 -18.51 29.76
N GLY E 334 -4.88 -19.17 30.40
CA GLY E 334 -4.35 -20.42 29.90
C GLY E 334 -3.39 -20.43 28.72
N ASN E 335 -3.72 -19.66 27.68
CA ASN E 335 -2.85 -19.61 26.51
C ASN E 335 -2.45 -18.17 26.19
N ALA E 336 -1.43 -18.02 25.37
CA ALA E 336 -0.93 -16.70 24.99
C ALA E 336 -1.97 -15.83 24.30
N LEU E 337 -2.64 -16.39 23.29
CA LEU E 337 -3.65 -15.63 22.55
C LEU E 337 -4.70 -15.01 23.45
N ASP E 338 -5.34 -15.82 24.29
CA ASP E 338 -6.38 -15.32 25.18
C ASP E 338 -5.84 -14.43 26.28
N THR E 339 -4.63 -14.70 26.76
CA THR E 339 -4.06 -13.87 27.82
C THR E 339 -3.77 -12.49 27.26
N LEU E 340 -3.21 -12.44 26.06
CA LEU E 340 -2.91 -11.16 25.43
C LEU E 340 -4.22 -10.44 25.10
N CYS E 341 -5.21 -11.21 24.67
CA CYS E 341 -6.51 -10.65 24.32
C CYS E 341 -7.11 -9.89 25.50
N ALA E 342 -7.05 -10.47 26.69
CA ALA E 342 -7.60 -9.83 27.88
C ALA E 342 -7.01 -8.44 28.07
N THR E 343 -5.73 -8.27 27.74
CA THR E 343 -5.10 -6.96 27.89
C THR E 343 -5.44 -6.03 26.72
N LEU E 344 -5.64 -6.61 25.53
CA LEU E 344 -6.00 -5.79 24.37
C LEU E 344 -7.39 -5.22 24.63
N GLU E 345 -8.28 -6.05 25.18
CA GLU E 345 -9.64 -5.62 25.49
C GLU E 345 -9.59 -4.42 26.43
N GLU E 346 -8.57 -4.42 27.27
CA GLU E 346 -8.35 -3.38 28.26
C GLU E 346 -7.89 -2.07 27.62
N LYS E 347 -6.94 -2.17 26.69
CA LYS E 347 -6.39 -0.98 26.05
C LYS E 347 -6.93 -0.54 24.68
N MET E 348 -7.79 -1.35 24.06
CA MET E 348 -8.27 -0.97 22.73
C MET E 348 -9.79 -0.80 22.55
N GLN E 349 -10.47 -0.27 23.56
CA GLN E 349 -11.90 -0.03 23.44
C GLN E 349 -12.08 1.36 22.87
N PHE E 350 -13.23 1.60 22.24
CA PHE E 350 -13.55 2.92 21.72
C PHE E 350 -13.93 3.76 22.92
N GLU E 351 -13.46 5.00 22.96
CA GLU E 351 -13.77 5.89 24.08
C GLU E 351 -14.79 6.96 23.74
N GLU E 352 -15.24 7.67 24.77
CA GLU E 352 -16.23 8.74 24.65
C GLU E 352 -16.01 9.63 23.44
N GLY E 353 -17.04 9.79 22.62
CA GLY E 353 -16.93 10.63 21.45
C GLY E 353 -16.29 9.99 20.22
N GLU E 354 -15.70 8.81 20.37
CA GLU E 354 -15.07 8.15 19.22
C GLU E 354 -16.08 7.35 18.42
N ARG E 355 -15.72 6.97 17.20
CA ARG E 355 -16.63 6.22 16.33
C ARG E 355 -15.86 5.23 15.45
N ASP E 356 -16.56 4.22 14.94
CA ASP E 356 -15.91 3.26 14.07
C ASP E 356 -16.24 3.61 12.62
N LEU E 357 -15.71 2.80 11.72
CA LEU E 357 -15.93 2.97 10.30
C LEU E 357 -15.94 1.59 9.65
N VAL E 358 -16.88 1.38 8.74
CA VAL E 358 -16.95 0.13 8.01
C VAL E 358 -16.73 0.47 6.53
N MET E 359 -15.71 -0.12 5.94
CA MET E 359 -15.42 0.10 4.53
C MET E 359 -15.55 -1.23 3.80
N LEU E 360 -16.49 -1.29 2.86
CA LEU E 360 -16.72 -2.50 2.06
C LEU E 360 -16.74 -2.08 0.60
N GLN E 361 -15.93 -2.72 -0.22
CA GLN E 361 -15.91 -2.39 -1.64
C GLN E 361 -15.65 -3.60 -2.52
N HIS E 362 -16.57 -3.81 -3.47
CA HIS E 362 -16.45 -4.88 -4.43
C HIS E 362 -15.84 -4.23 -5.66
N LYS E 363 -15.00 -4.96 -6.38
CA LYS E 363 -14.42 -4.45 -7.61
C LYS E 363 -14.59 -5.54 -8.65
N PHE E 364 -15.12 -5.18 -9.81
CA PHE E 364 -15.32 -6.15 -10.88
C PHE E 364 -14.67 -5.70 -12.18
N GLU E 365 -13.81 -6.55 -12.74
CA GLU E 365 -13.19 -6.25 -14.04
C GLU E 365 -14.10 -7.00 -14.99
N ILE E 366 -14.85 -6.26 -15.80
CA ILE E 366 -15.80 -6.87 -16.71
C ILE E 366 -15.47 -6.82 -18.19
N GLU E 367 -15.90 -7.86 -18.90
CA GLU E 367 -15.73 -7.97 -20.34
C GLU E 367 -17.15 -8.03 -20.87
N ASN E 368 -17.60 -6.93 -21.44
CA ASN E 368 -18.96 -6.83 -21.96
C ASN E 368 -19.24 -7.76 -23.14
N LYS E 369 -20.52 -7.93 -23.42
CA LYS E 369 -20.97 -8.79 -24.51
C LYS E 369 -20.33 -8.40 -25.84
N ASP E 370 -20.22 -7.09 -26.08
CA ASP E 370 -19.64 -6.58 -27.33
C ASP E 370 -18.10 -6.54 -27.32
N GLY E 371 -17.50 -7.29 -26.41
CA GLY E 371 -16.05 -7.31 -26.34
C GLY E 371 -15.46 -6.11 -25.61
N SER E 372 -16.31 -5.14 -25.29
CA SER E 372 -15.88 -3.94 -24.58
C SER E 372 -15.48 -4.28 -23.14
N ARG E 373 -14.68 -3.42 -22.52
CA ARG E 373 -14.23 -3.67 -21.15
C ARG E 373 -14.49 -2.50 -20.20
N GLU E 374 -14.74 -2.83 -18.94
CA GLU E 374 -15.00 -1.80 -17.93
C GLU E 374 -14.73 -2.31 -16.52
N THR E 375 -14.53 -1.36 -15.61
CA THR E 375 -14.25 -1.68 -14.21
C THR E 375 -15.36 -1.10 -13.35
N ARG E 376 -16.00 -1.93 -12.56
CA ARG E 376 -17.09 -1.48 -11.69
C ARG E 376 -16.75 -1.69 -10.22
N THR E 377 -17.24 -0.77 -9.38
CA THR E 377 -17.04 -0.89 -7.94
C THR E 377 -18.39 -0.74 -7.28
N SER E 378 -18.55 -1.43 -6.15
CA SER E 378 -19.76 -1.39 -5.35
C SER E 378 -19.21 -1.04 -3.97
N SER E 379 -19.62 0.10 -3.43
CA SER E 379 -19.10 0.56 -2.15
C SER E 379 -20.09 0.93 -1.04
N LEU E 380 -19.63 0.73 0.19
CA LEU E 380 -20.39 1.05 1.38
C LEU E 380 -19.34 1.58 2.34
N CYS E 381 -19.49 2.84 2.73
CA CYS E 381 -18.55 3.48 3.64
C CYS E 381 -19.39 4.12 4.70
N GLU E 382 -19.38 3.57 5.92
CA GLU E 382 -20.20 4.13 6.98
C GLU E 382 -19.52 4.31 8.32
N TYR E 383 -19.73 5.48 8.92
CA TYR E 383 -19.17 5.78 10.23
C TYR E 383 -20.20 5.44 11.28
N GLY E 384 -19.75 5.01 12.45
CA GLY E 384 -20.70 4.67 13.50
C GLY E 384 -21.07 5.89 14.32
N ALA E 385 -22.09 5.75 15.16
CA ALA E 385 -22.52 6.82 16.04
C ALA E 385 -21.47 6.96 17.14
N PRO E 386 -21.15 8.20 17.54
CA PRO E 386 -20.15 8.43 18.58
C PRO E 386 -20.44 7.74 19.91
N ILE E 387 -19.40 7.20 20.55
CA ILE E 387 -19.59 6.55 21.84
C ILE E 387 -20.16 7.59 22.79
N GLY E 388 -21.31 7.27 23.40
CA GLY E 388 -21.93 8.19 24.32
C GLY E 388 -23.23 8.75 23.75
N SER E 389 -23.37 8.67 22.44
CA SER E 389 -24.57 9.18 21.78
C SER E 389 -25.73 8.21 21.94
N GLY E 390 -25.41 6.95 22.24
CA GLY E 390 -26.44 5.95 22.38
C GLY E 390 -26.78 5.31 21.04
N GLY E 391 -26.12 5.77 19.97
CA GLY E 391 -26.37 5.22 18.65
C GLY E 391 -25.53 3.97 18.37
N TYR E 392 -25.81 3.28 17.28
CA TYR E 392 -25.08 2.08 16.92
C TYR E 392 -23.73 2.39 16.25
N SER E 393 -22.77 1.50 16.44
CA SER E 393 -21.49 1.64 15.77
C SER E 393 -21.84 1.12 14.38
N ALA E 394 -21.01 1.43 13.38
CA ALA E 394 -21.26 0.95 12.03
C ALA E 394 -21.30 -0.59 12.02
N MET E 395 -20.35 -1.20 12.74
CA MET E 395 -20.27 -2.66 12.81
C MET E 395 -21.54 -3.29 13.40
N ALA E 396 -21.99 -2.79 14.55
CA ALA E 396 -23.20 -3.33 15.18
C ALA E 396 -24.41 -3.19 14.25
N LYS E 397 -24.54 -2.02 13.63
CA LYS E 397 -25.65 -1.78 12.73
C LYS E 397 -25.63 -2.69 11.51
N LEU E 398 -24.48 -2.77 10.83
CA LEU E 398 -24.35 -3.57 9.62
C LEU E 398 -24.34 -5.08 9.84
N VAL E 399 -24.24 -5.49 11.10
CA VAL E 399 -24.27 -6.91 11.42
C VAL E 399 -25.64 -7.21 12.06
N GLY E 400 -25.99 -6.44 13.09
CA GLY E 400 -27.24 -6.64 13.79
C GLY E 400 -28.53 -6.44 13.01
N VAL E 401 -28.57 -5.47 12.09
CA VAL E 401 -29.78 -5.24 11.33
C VAL E 401 -30.01 -6.32 10.29
N PRO E 402 -28.98 -6.69 9.52
CA PRO E 402 -29.21 -7.74 8.53
C PRO E 402 -29.67 -9.03 9.24
N CYS E 403 -29.09 -9.29 10.41
CA CYS E 403 -29.44 -10.46 11.19
C CYS E 403 -30.92 -10.39 11.55
N ALA E 404 -31.36 -9.26 12.10
CA ALA E 404 -32.75 -9.10 12.49
C ALA E 404 -33.69 -9.25 11.30
N VAL E 405 -33.30 -8.71 10.14
CA VAL E 405 -34.13 -8.82 8.95
C VAL E 405 -34.24 -10.28 8.54
N ALA E 406 -33.13 -11.01 8.61
CA ALA E 406 -33.14 -12.43 8.25
C ALA E 406 -34.06 -13.20 9.20
N VAL E 407 -34.00 -12.88 10.49
CA VAL E 407 -34.83 -13.54 11.48
C VAL E 407 -36.31 -13.34 11.14
N LYS E 408 -36.69 -12.10 10.84
CA LYS E 408 -38.07 -11.81 10.50
C LYS E 408 -38.51 -12.55 9.23
N PHE E 409 -37.59 -12.69 8.28
CA PHE E 409 -37.91 -13.38 7.04
C PHE E 409 -38.07 -14.89 7.26
N VAL E 410 -37.28 -15.45 8.17
CA VAL E 410 -37.40 -16.88 8.46
C VAL E 410 -38.74 -17.09 9.18
N LEU E 411 -39.05 -16.20 10.12
CA LEU E 411 -40.30 -16.29 10.88
C LEU E 411 -41.56 -16.17 10.02
N ASP E 412 -41.55 -15.26 9.04
CA ASP E 412 -42.73 -15.08 8.20
C ASP E 412 -42.74 -15.89 6.91
N GLY E 413 -41.73 -16.74 6.72
CA GLY E 413 -41.69 -17.57 5.53
C GLY E 413 -41.02 -17.01 4.29
N THR E 414 -40.57 -15.76 4.33
CA THR E 414 -39.90 -15.17 3.18
C THR E 414 -38.68 -16.04 2.83
N ILE E 415 -38.02 -16.54 3.88
CA ILE E 415 -36.87 -17.44 3.71
C ILE E 415 -37.47 -18.76 4.19
N SER E 416 -37.74 -19.68 3.26
CA SER E 416 -38.35 -20.93 3.64
C SER E 416 -37.57 -22.21 3.32
N ASP E 417 -36.51 -22.12 2.54
CA ASP E 417 -35.74 -23.32 2.24
C ASP E 417 -35.28 -23.89 3.57
N ARG E 418 -35.31 -25.22 3.71
CA ARG E 418 -34.87 -25.86 4.94
C ARG E 418 -33.42 -26.32 4.82
N GLY E 419 -32.77 -26.53 5.95
CA GLY E 419 -31.38 -26.96 5.93
C GLY E 419 -30.44 -25.82 6.30
N VAL E 420 -29.14 -26.03 6.08
CA VAL E 420 -28.12 -25.02 6.39
C VAL E 420 -27.92 -24.11 5.18
N LEU E 421 -28.33 -22.85 5.32
CA LEU E 421 -28.25 -21.88 4.21
C LEU E 421 -27.33 -20.67 4.41
N ALA E 422 -27.19 -19.93 3.33
CA ALA E 422 -26.40 -18.69 3.27
C ALA E 422 -27.09 -17.84 2.20
N PRO E 423 -26.82 -16.52 2.16
CA PRO E 423 -27.45 -15.65 1.15
C PRO E 423 -26.82 -15.89 -0.22
N MET E 424 -27.19 -17.00 -0.86
CA MET E 424 -26.62 -17.33 -2.16
C MET E 424 -27.64 -17.43 -3.30
N ASN E 425 -28.85 -16.92 -3.09
CA ASN E 425 -29.89 -16.98 -4.12
C ASN E 425 -30.67 -15.66 -4.13
N SER E 426 -30.88 -15.10 -5.32
CA SER E 426 -31.60 -13.84 -5.48
C SER E 426 -33.01 -13.93 -4.88
N LYS E 427 -33.53 -15.14 -4.77
CA LYS E 427 -34.86 -15.38 -4.22
C LYS E 427 -34.98 -14.82 -2.80
N ILE E 428 -33.89 -14.91 -2.04
CA ILE E 428 -33.91 -14.37 -0.69
C ILE E 428 -33.01 -13.13 -0.58
N ASN E 429 -32.00 -13.05 -1.43
CA ASN E 429 -31.08 -11.91 -1.41
C ASN E 429 -31.77 -10.59 -1.80
N ASP E 430 -32.66 -10.63 -2.79
CA ASP E 430 -33.35 -9.41 -3.21
C ASP E 430 -34.21 -8.84 -2.08
N PRO E 431 -35.06 -9.67 -1.46
CA PRO E 431 -35.89 -9.16 -0.36
C PRO E 431 -35.02 -8.59 0.77
N LEU E 432 -33.91 -9.28 1.06
CA LEU E 432 -32.99 -8.84 2.10
C LEU E 432 -32.43 -7.47 1.78
N MET E 433 -31.89 -7.32 0.57
CA MET E 433 -31.33 -6.03 0.15
C MET E 433 -32.38 -4.93 0.16
N LYS E 434 -33.58 -5.28 -0.29
CA LYS E 434 -34.66 -4.32 -0.36
C LYS E 434 -35.08 -3.76 0.99
N GLU E 435 -35.28 -4.63 1.97
CA GLU E 435 -35.66 -4.22 3.30
C GLU E 435 -34.56 -3.35 3.91
N LEU E 436 -33.32 -3.83 3.80
CA LEU E 436 -32.16 -3.12 4.33
C LEU E 436 -32.04 -1.75 3.70
N LYS E 437 -32.22 -1.68 2.38
CA LYS E 437 -32.11 -0.41 1.68
C LYS E 437 -33.23 0.55 2.01
N GLU E 438 -34.46 0.16 1.70
CA GLU E 438 -35.62 1.02 1.93
C GLU E 438 -35.91 1.39 3.38
N LYS E 439 -35.77 0.44 4.30
CA LYS E 439 -36.08 0.72 5.70
C LYS E 439 -34.92 1.23 6.55
N TYR E 440 -33.70 0.85 6.21
CA TYR E 440 -32.55 1.27 7.00
C TYR E 440 -31.50 2.08 6.24
N GLY E 441 -31.67 2.24 4.94
CA GLY E 441 -30.72 3.00 4.16
C GLY E 441 -29.39 2.28 4.01
N ILE E 442 -29.41 0.96 4.18
CA ILE E 442 -28.20 0.16 4.05
C ILE E 442 -28.07 -0.37 2.62
N GLU E 443 -26.95 -0.08 1.96
CA GLU E 443 -26.74 -0.53 0.60
C GLU E 443 -25.35 -0.21 0.10
N CYS E 444 -24.93 -0.93 -0.94
CA CYS E 444 -23.63 -0.68 -1.57
C CYS E 444 -23.96 0.06 -2.85
N LYS E 445 -23.29 1.18 -3.09
CA LYS E 445 -23.54 1.97 -4.29
C LYS E 445 -22.56 1.61 -5.41
N GLU E 446 -23.11 1.35 -6.60
CA GLU E 446 -22.30 0.98 -7.76
C GLU E 446 -21.76 2.18 -8.51
N LYS E 447 -20.69 1.96 -9.26
CA LYS E 447 -20.06 3.03 -10.03
C LYS E 447 -19.04 2.46 -11.01
N VAL E 448 -19.05 2.98 -12.25
CA VAL E 448 -18.11 2.52 -13.25
C VAL E 448 -16.83 3.35 -13.15
N VAL E 449 -15.75 2.71 -12.71
CA VAL E 449 -14.47 3.39 -12.54
C VAL E 449 -13.64 3.47 -13.83
N ALA E 450 -13.88 2.54 -14.76
CA ALA E 450 -13.16 2.53 -16.02
C ALA E 450 -13.82 1.58 -17.00
N ALA F 2 -25.32 51.62 21.95
CA ALA F 2 -24.72 52.04 20.65
C ALA F 2 -24.67 50.86 19.68
N THR F 3 -25.57 50.86 18.70
CA THR F 3 -25.61 49.78 17.72
C THR F 3 -24.37 49.87 16.84
N LYS F 4 -23.63 48.76 16.74
CA LYS F 4 -22.44 48.75 15.91
C LYS F 4 -22.80 48.36 14.49
N SER F 5 -21.99 48.80 13.54
CA SER F 5 -22.24 48.49 12.14
C SER F 5 -20.94 48.05 11.48
N VAL F 6 -21.01 47.00 10.66
CA VAL F 6 -19.82 46.48 10.02
C VAL F 6 -19.98 46.32 8.52
N LEU F 7 -18.94 46.71 7.79
CA LEU F 7 -18.92 46.55 6.35
C LEU F 7 -18.12 45.29 6.07
N MET F 8 -18.80 44.27 5.56
CA MET F 8 -18.13 43.01 5.23
C MET F 8 -17.87 42.98 3.74
N LEU F 9 -16.60 43.08 3.37
CA LEU F 9 -16.24 43.02 1.97
C LEU F 9 -16.12 41.53 1.64
N GLY F 10 -16.92 41.07 0.68
CA GLY F 10 -16.89 39.67 0.27
C GLY F 10 -18.15 38.91 0.68
N SER F 11 -18.49 37.87 -0.08
CA SER F 11 -19.68 37.05 0.21
C SER F 11 -19.38 35.62 -0.22
N GLY F 12 -18.09 35.29 -0.26
CA GLY F 12 -17.67 33.97 -0.68
C GLY F 12 -17.72 32.86 0.37
N PHE F 13 -16.91 31.83 0.13
CA PHE F 13 -16.81 30.66 1.00
C PHE F 13 -16.86 30.82 2.52
N VAL F 14 -15.99 31.66 3.07
CA VAL F 14 -15.93 31.79 4.53
C VAL F 14 -16.80 32.87 5.17
N THR F 15 -17.60 33.56 4.38
CA THR F 15 -18.41 34.65 4.91
C THR F 15 -19.68 34.37 5.73
N ARG F 16 -20.43 33.33 5.40
CA ARG F 16 -21.68 33.08 6.13
C ARG F 16 -21.53 32.97 7.66
N PRO F 17 -20.57 32.16 8.14
CA PRO F 17 -20.42 32.07 9.60
C PRO F 17 -20.18 33.44 10.23
N THR F 18 -19.35 34.26 9.59
CA THR F 18 -19.05 35.59 10.13
C THR F 18 -20.35 36.41 10.16
N LEU F 19 -21.07 36.42 9.05
CA LEU F 19 -22.33 37.16 8.97
C LEU F 19 -23.30 36.70 10.07
N ASP F 20 -23.39 35.39 10.25
CA ASP F 20 -24.28 34.83 11.25
C ASP F 20 -23.90 35.26 12.66
N VAL F 21 -22.63 35.07 13.02
CA VAL F 21 -22.19 35.45 14.35
C VAL F 21 -22.41 36.93 14.66
N LEU F 22 -22.10 37.80 13.71
CA LEU F 22 -22.27 39.23 13.94
C LEU F 22 -23.74 39.63 14.04
N THR F 23 -24.56 39.19 13.09
CA THR F 23 -25.98 39.56 13.14
C THR F 23 -26.68 38.91 14.35
N ASP F 24 -26.17 37.77 14.80
CA ASP F 24 -26.75 37.11 15.97
C ASP F 24 -26.38 37.87 17.23
N SER F 25 -25.50 38.86 17.07
CA SER F 25 -25.06 39.68 18.19
C SER F 25 -25.72 41.05 18.11
N GLY F 26 -26.64 41.21 17.16
CA GLY F 26 -27.32 42.49 17.01
C GLY F 26 -26.46 43.53 16.30
N ILE F 27 -25.39 43.07 15.64
CA ILE F 27 -24.52 43.97 14.91
C ILE F 27 -24.98 44.04 13.46
N LYS F 28 -25.18 45.26 12.95
CA LYS F 28 -25.62 45.42 11.58
C LYS F 28 -24.46 45.13 10.62
N VAL F 29 -24.73 44.39 9.57
CA VAL F 29 -23.69 44.06 8.61
C VAL F 29 -24.11 44.37 7.18
N THR F 30 -23.26 45.14 6.49
CA THR F 30 -23.50 45.45 5.10
C THR F 30 -22.65 44.47 4.32
N VAL F 31 -23.26 43.65 3.47
CA VAL F 31 -22.53 42.67 2.69
C VAL F 31 -22.23 43.29 1.33
N ALA F 32 -20.95 43.44 1.02
CA ALA F 32 -20.58 44.06 -0.24
C ALA F 32 -19.51 43.35 -1.08
N CYS F 33 -19.80 43.25 -2.37
CA CYS F 33 -18.89 42.66 -3.34
C CYS F 33 -19.37 43.18 -4.70
N ARG F 34 -18.61 42.91 -5.75
CA ARG F 34 -19.00 43.42 -7.05
C ARG F 34 -20.34 42.92 -7.55
N THR F 35 -20.59 41.63 -7.40
CA THR F 35 -21.85 41.03 -7.86
C THR F 35 -22.95 41.14 -6.80
N LEU F 36 -23.87 42.10 -7.00
CA LEU F 36 -24.98 42.31 -6.08
C LEU F 36 -25.74 41.04 -5.73
N GLU F 37 -25.96 40.20 -6.73
CA GLU F 37 -26.69 38.95 -6.54
C GLU F 37 -25.99 38.03 -5.53
N SER F 38 -24.66 38.02 -5.53
CA SER F 38 -23.92 37.18 -4.59
C SER F 38 -24.12 37.71 -3.17
N ALA F 39 -24.13 39.03 -3.03
CA ALA F 39 -24.32 39.67 -1.74
C ALA F 39 -25.72 39.36 -1.22
N LYS F 40 -26.72 39.49 -2.11
CA LYS F 40 -28.11 39.19 -1.73
C LYS F 40 -28.28 37.75 -1.29
N LYS F 41 -27.68 36.82 -2.05
CA LYS F 41 -27.79 35.41 -1.73
C LYS F 41 -27.26 35.09 -0.33
N LEU F 42 -26.16 35.71 0.05
CA LEU F 42 -25.57 35.47 1.36
C LEU F 42 -26.41 36.05 2.49
N SER F 43 -26.95 37.25 2.28
CA SER F 43 -27.74 37.91 3.32
C SER F 43 -29.24 37.62 3.31
N ALA F 44 -29.70 36.87 2.31
CA ALA F 44 -31.13 36.53 2.21
C ALA F 44 -31.67 35.91 3.51
N GLY F 45 -32.65 36.57 4.11
CA GLY F 45 -33.24 36.05 5.33
C GLY F 45 -32.43 36.28 6.59
N VAL F 46 -31.27 36.91 6.47
CA VAL F 46 -30.45 37.18 7.64
C VAL F 46 -30.79 38.56 8.22
N GLN F 47 -31.27 38.58 9.45
CA GLN F 47 -31.65 39.82 10.11
C GLN F 47 -30.44 40.75 10.27
N HIS F 48 -30.69 42.06 10.15
CA HIS F 48 -29.65 43.08 10.31
C HIS F 48 -28.59 43.12 9.21
N SER F 49 -28.87 42.51 8.06
CA SER F 49 -27.90 42.51 6.97
C SER F 49 -28.45 43.27 5.77
N THR F 50 -27.56 43.95 5.06
CA THR F 50 -27.92 44.72 3.88
C THR F 50 -26.94 44.44 2.77
N PRO F 51 -27.41 43.94 1.62
CA PRO F 51 -26.53 43.63 0.50
C PRO F 51 -26.33 44.79 -0.50
N ILE F 52 -25.09 45.00 -0.93
CA ILE F 52 -24.80 46.05 -1.90
C ILE F 52 -23.72 45.61 -2.88
N SER F 53 -23.60 46.34 -3.98
CA SER F 53 -22.57 46.08 -4.98
C SER F 53 -21.49 47.11 -4.73
N LEU F 54 -20.26 46.65 -4.57
CA LEU F 54 -19.16 47.57 -4.31
C LEU F 54 -17.85 46.96 -4.80
N ASP F 55 -17.09 47.73 -5.54
CA ASP F 55 -15.80 47.28 -6.05
C ASP F 55 -14.75 48.06 -5.26
N VAL F 56 -13.93 47.35 -4.50
CA VAL F 56 -12.90 48.02 -3.69
C VAL F 56 -11.88 48.78 -4.51
N ASN F 57 -11.84 48.56 -5.82
CA ASN F 57 -10.91 49.30 -6.68
C ASN F 57 -11.38 50.75 -6.81
N ASP F 58 -12.63 51.02 -6.45
CA ASP F 58 -13.23 52.37 -6.54
C ASP F 58 -13.00 53.12 -5.23
N ASP F 59 -11.87 53.83 -5.16
CA ASP F 59 -11.51 54.57 -3.96
C ASP F 59 -12.61 55.45 -3.38
N ALA F 60 -13.26 56.24 -4.23
CA ALA F 60 -14.33 57.12 -3.76
C ALA F 60 -15.50 56.33 -3.20
N ALA F 61 -15.95 55.31 -3.95
CA ALA F 61 -17.06 54.48 -3.50
C ALA F 61 -16.70 53.74 -2.22
N LEU F 62 -15.47 53.23 -2.14
CA LEU F 62 -15.04 52.51 -0.95
C LEU F 62 -15.07 53.41 0.29
N ASP F 63 -14.42 54.57 0.21
CA ASP F 63 -14.40 55.51 1.33
C ASP F 63 -15.80 55.89 1.79
N ALA F 64 -16.68 56.20 0.85
CA ALA F 64 -18.05 56.60 1.18
C ALA F 64 -18.76 55.53 2.01
N GLU F 65 -18.60 54.27 1.62
CA GLU F 65 -19.25 53.18 2.34
C GLU F 65 -18.55 52.91 3.69
N VAL F 66 -17.22 52.91 3.69
CA VAL F 66 -16.47 52.67 4.92
C VAL F 66 -16.86 53.68 6.01
N ALA F 67 -17.01 54.94 5.61
CA ALA F 67 -17.37 55.98 6.56
C ALA F 67 -18.69 55.74 7.28
N LYS F 68 -19.53 54.85 6.73
CA LYS F 68 -20.83 54.54 7.32
C LYS F 68 -20.78 53.41 8.35
N HIS F 69 -19.60 52.84 8.57
CA HIS F 69 -19.51 51.75 9.53
C HIS F 69 -18.40 51.96 10.54
N ASP F 70 -18.37 51.09 11.55
CA ASP F 70 -17.37 51.17 12.59
C ASP F 70 -16.11 50.39 12.22
N LEU F 71 -16.28 49.34 11.43
CA LEU F 71 -15.13 48.55 11.01
C LEU F 71 -15.39 47.80 9.72
N VAL F 72 -14.32 47.50 9.00
CA VAL F 72 -14.40 46.81 7.73
C VAL F 72 -13.71 45.46 7.78
N ILE F 73 -14.40 44.43 7.30
CA ILE F 73 -13.82 43.10 7.26
C ILE F 73 -13.44 42.88 5.81
N SER F 74 -12.19 42.50 5.56
CA SER F 74 -11.74 42.30 4.19
C SER F 74 -11.67 40.80 3.85
N LEU F 75 -12.81 40.21 3.54
CA LEU F 75 -12.86 38.78 3.19
C LEU F 75 -12.88 38.66 1.67
N ILE F 76 -11.87 39.26 1.05
CA ILE F 76 -11.71 39.28 -0.39
C ILE F 76 -10.26 38.87 -0.70
N PRO F 77 -9.89 38.72 -1.99
CA PRO F 77 -8.51 38.33 -2.31
C PRO F 77 -7.53 39.23 -1.59
N TYR F 78 -6.54 38.63 -0.93
CA TYR F 78 -5.57 39.42 -0.16
C TYR F 78 -4.80 40.49 -0.91
N THR F 79 -4.85 40.46 -2.24
CA THR F 79 -4.15 41.48 -3.00
C THR F 79 -4.74 42.86 -2.70
N PHE F 80 -6.01 42.88 -2.28
CA PHE F 80 -6.71 44.14 -1.99
C PHE F 80 -6.55 44.70 -0.57
N HIS F 81 -5.96 43.95 0.35
CA HIS F 81 -5.87 44.43 1.72
C HIS F 81 -5.20 45.79 1.93
N ALA F 82 -4.10 46.07 1.25
CA ALA F 82 -3.45 47.37 1.42
C ALA F 82 -4.41 48.50 1.03
N THR F 83 -5.13 48.31 -0.07
CA THR F 83 -6.09 49.30 -0.55
C THR F 83 -7.17 49.52 0.49
N VAL F 84 -7.69 48.43 1.05
CA VAL F 84 -8.72 48.52 2.06
C VAL F 84 -8.21 49.26 3.29
N ILE F 85 -6.99 48.96 3.70
CA ILE F 85 -6.41 49.59 4.87
C ILE F 85 -6.22 51.10 4.66
N LYS F 86 -5.80 51.50 3.47
CA LYS F 86 -5.61 52.92 3.19
C LYS F 86 -6.95 53.67 3.30
N SER F 87 -8.03 53.04 2.85
CA SER F 87 -9.36 53.64 2.94
C SER F 87 -9.76 53.74 4.40
N ALA F 88 -9.48 52.68 5.15
CA ALA F 88 -9.82 52.63 6.57
C ALA F 88 -9.04 53.70 7.31
N ILE F 89 -7.80 53.93 6.90
CA ILE F 89 -6.98 54.95 7.53
C ILE F 89 -7.56 56.34 7.27
N ARG F 90 -7.96 56.61 6.03
CA ARG F 90 -8.54 57.91 5.71
C ARG F 90 -9.82 58.15 6.49
N GLN F 91 -10.62 57.10 6.63
CA GLN F 91 -11.90 57.19 7.33
C GLN F 91 -11.82 56.90 8.82
N LYS F 92 -10.64 56.54 9.31
CA LYS F 92 -10.45 56.26 10.73
C LYS F 92 -11.35 55.12 11.21
N LYS F 93 -11.44 54.05 10.43
CA LYS F 93 -12.26 52.90 10.84
C LYS F 93 -11.36 51.70 11.02
N HIS F 94 -11.79 50.75 11.84
CA HIS F 94 -11.01 49.54 12.10
C HIS F 94 -11.12 48.54 10.97
N VAL F 95 -10.21 47.58 10.95
CA VAL F 95 -10.18 46.55 9.92
C VAL F 95 -9.87 45.18 10.49
N VAL F 96 -10.40 44.15 9.85
CA VAL F 96 -10.12 42.79 10.25
C VAL F 96 -9.99 41.95 9.01
N THR F 97 -8.98 41.08 8.98
CA THR F 97 -8.81 40.17 7.86
C THR F 97 -8.40 38.82 8.41
N THR F 98 -8.45 37.79 7.59
CA THR F 98 -8.04 36.45 8.02
C THR F 98 -6.80 36.11 7.20
N SER F 99 -6.14 37.16 6.70
CA SER F 99 -4.96 36.99 5.87
C SER F 99 -3.65 37.33 6.55
N TYR F 100 -2.56 36.86 5.94
CA TYR F 100 -1.22 37.13 6.43
C TYR F 100 -0.94 38.61 6.36
N VAL F 101 -0.11 39.08 7.28
CA VAL F 101 0.31 40.46 7.27
C VAL F 101 1.47 40.48 6.28
N SER F 102 1.22 41.03 5.10
CA SER F 102 2.27 41.11 4.07
C SER F 102 3.09 42.37 4.33
N PRO F 103 4.23 42.51 3.64
CA PRO F 103 5.07 43.70 3.81
C PRO F 103 4.29 44.98 3.48
N ALA F 104 3.47 44.92 2.45
CA ALA F 104 2.67 46.08 2.04
C ALA F 104 1.74 46.51 3.18
N MET F 105 1.13 45.53 3.85
CA MET F 105 0.24 45.84 4.95
C MET F 105 1.01 46.38 6.16
N MET F 106 2.14 45.74 6.47
CA MET F 106 2.95 46.17 7.61
C MET F 106 3.48 47.59 7.44
N GLU F 107 3.69 48.01 6.19
CA GLU F 107 4.17 49.36 5.90
C GLU F 107 3.21 50.42 6.43
N LEU F 108 1.92 50.10 6.43
CA LEU F 108 0.89 51.04 6.89
C LEU F 108 0.69 51.05 8.40
N ASP F 109 1.49 50.27 9.11
CA ASP F 109 1.38 50.18 10.57
C ASP F 109 1.31 51.51 11.29
N GLN F 110 2.32 52.36 11.08
CA GLN F 110 2.34 53.64 11.77
C GLN F 110 1.19 54.54 11.32
N ALA F 111 0.90 54.56 10.03
CA ALA F 111 -0.20 55.37 9.53
C ALA F 111 -1.51 54.93 10.18
N ALA F 112 -1.64 53.62 10.42
CA ALA F 112 -2.84 53.09 11.06
C ALA F 112 -2.89 53.57 12.51
N LYS F 113 -1.75 53.48 13.18
CA LYS F 113 -1.66 53.93 14.56
C LYS F 113 -1.98 55.43 14.66
N ASP F 114 -1.46 56.23 13.72
CA ASP F 114 -1.73 57.67 13.74
C ASP F 114 -3.22 57.94 13.58
N ALA F 115 -3.89 57.08 12.81
CA ALA F 115 -5.31 57.24 12.56
C ALA F 115 -6.12 56.69 13.73
N GLY F 116 -5.43 56.07 14.69
CA GLY F 116 -6.08 55.50 15.85
C GLY F 116 -6.91 54.25 15.58
N ILE F 117 -6.61 53.54 14.50
CA ILE F 117 -7.36 52.34 14.15
C ILE F 117 -6.62 51.03 14.39
N THR F 118 -7.40 49.96 14.51
CA THR F 118 -6.84 48.63 14.70
C THR F 118 -7.04 47.85 13.41
N VAL F 119 -5.99 47.20 12.93
CA VAL F 119 -6.05 46.37 11.73
C VAL F 119 -5.63 44.98 12.21
N MET F 120 -6.63 44.16 12.54
CA MET F 120 -6.40 42.81 13.05
C MET F 120 -6.39 41.80 11.93
N ASN F 121 -5.28 41.06 11.79
CA ASN F 121 -5.14 40.06 10.74
C ASN F 121 -4.82 38.65 11.23
N GLU F 122 -4.62 37.75 10.28
CA GLU F 122 -4.26 36.38 10.56
C GLU F 122 -5.09 35.75 11.66
N ILE F 123 -6.41 35.94 11.60
CA ILE F 123 -7.27 35.36 12.62
C ILE F 123 -8.39 34.53 12.00
N GLY F 124 -7.95 33.58 11.16
CA GLY F 124 -8.85 32.64 10.52
C GLY F 124 -8.46 31.29 11.10
N LEU F 125 -8.24 30.31 10.24
CA LEU F 125 -7.84 28.96 10.67
C LEU F 125 -6.31 28.81 10.61
N ASP F 126 -5.76 29.11 9.44
CA ASP F 126 -4.32 29.02 9.18
C ASP F 126 -4.06 30.02 8.07
N PRO F 127 -3.58 31.22 8.43
CA PRO F 127 -3.27 31.72 9.78
C PRO F 127 -4.45 32.03 10.69
N GLY F 128 -4.27 31.78 11.98
CA GLY F 128 -5.32 32.07 12.95
C GLY F 128 -5.29 31.16 14.14
N ILE F 129 -6.17 30.16 14.14
CA ILE F 129 -6.26 29.20 15.23
C ILE F 129 -4.91 28.54 15.46
N ASP F 130 -4.16 28.31 14.39
CA ASP F 130 -2.86 27.68 14.52
C ASP F 130 -1.94 28.53 15.41
N HIS F 131 -1.94 29.85 15.20
CA HIS F 131 -1.12 30.75 16.02
C HIS F 131 -1.51 30.65 17.49
N LEU F 132 -2.83 30.73 17.74
CA LEU F 132 -3.36 30.70 19.09
C LEU F 132 -2.89 29.50 19.92
N TYR F 133 -3.00 28.31 19.37
CA TYR F 133 -2.58 27.13 20.13
C TYR F 133 -1.09 26.84 20.10
N ALA F 134 -0.38 27.38 19.11
CA ALA F 134 1.06 27.18 19.05
C ALA F 134 1.66 28.00 20.19
N ILE F 135 1.27 29.27 20.27
CA ILE F 135 1.75 30.17 21.32
C ILE F 135 1.31 29.69 22.72
N LYS F 136 0.11 29.16 22.82
CA LYS F 136 -0.38 28.67 24.11
C LYS F 136 0.58 27.62 24.69
N THR F 137 0.90 26.60 23.90
CA THR F 137 1.80 25.54 24.37
C THR F 137 3.23 26.05 24.56
N ILE F 138 3.71 26.88 23.63
CA ILE F 138 5.07 27.41 23.74
C ILE F 138 5.28 28.22 25.00
N GLU F 139 4.33 29.09 25.35
CA GLU F 139 4.47 29.88 26.57
C GLU F 139 4.32 29.01 27.82
N GLU F 140 3.53 27.95 27.73
CA GLU F 140 3.35 27.04 28.85
C GLU F 140 4.67 26.33 29.14
N VAL F 141 5.28 25.81 28.09
CA VAL F 141 6.56 25.11 28.23
C VAL F 141 7.62 26.04 28.80
N HIS F 142 7.73 27.22 28.22
CA HIS F 142 8.71 28.19 28.68
C HIS F 142 8.48 28.56 30.14
N ALA F 143 7.21 28.70 30.52
CA ALA F 143 6.86 29.04 31.90
C ALA F 143 7.32 27.95 32.87
N ALA F 144 7.45 26.73 32.36
CA ALA F 144 7.88 25.60 33.18
C ALA F 144 9.38 25.36 33.03
N GLY F 145 10.07 26.32 32.42
CA GLY F 145 11.51 26.21 32.22
C GLY F 145 11.90 25.20 31.16
N GLY F 146 10.95 24.88 30.28
CA GLY F 146 11.23 23.93 29.22
C GLY F 146 11.81 24.57 27.97
N LYS F 147 12.32 23.74 27.07
CA LYS F 147 12.89 24.21 25.82
C LYS F 147 12.17 23.60 24.63
N ILE F 148 11.81 24.44 23.66
CA ILE F 148 11.13 23.98 22.46
C ILE F 148 12.22 23.68 21.43
N LYS F 149 12.59 22.41 21.29
CA LYS F 149 13.64 22.02 20.35
C LYS F 149 13.12 21.86 18.92
N THR F 150 11.84 21.49 18.79
CA THR F 150 11.23 21.33 17.49
C THR F 150 9.80 21.85 17.53
N PHE F 151 9.43 22.62 16.53
CA PHE F 151 8.07 23.13 16.43
C PHE F 151 7.57 22.84 15.03
N LEU F 152 6.49 22.09 14.93
CA LEU F 152 5.89 21.77 13.64
C LEU F 152 4.42 22.16 13.72
N SER F 153 3.89 22.61 12.59
CA SER F 153 2.49 23.01 12.50
C SER F 153 2.02 22.66 11.10
N TYR F 154 1.17 21.64 11.00
CA TYR F 154 0.65 21.23 9.70
C TYR F 154 -0.87 21.32 9.67
N CYS F 155 -1.39 21.84 8.56
CA CYS F 155 -2.82 22.01 8.43
C CYS F 155 -3.28 21.78 7.00
N GLY F 156 -4.45 21.17 6.88
CA GLY F 156 -5.02 20.92 5.57
C GLY F 156 -6.53 21.06 5.60
N GLY F 157 -7.07 21.71 4.59
CA GLY F 157 -8.51 21.87 4.45
C GLY F 157 -8.77 20.98 3.25
N LEU F 158 -9.35 19.81 3.49
CA LEU F 158 -9.53 18.84 2.42
C LEU F 158 -10.92 18.23 2.45
N PRO F 159 -11.24 17.41 1.45
CA PRO F 159 -12.58 16.82 1.54
C PRO F 159 -12.45 15.67 2.54
N ALA F 160 -13.56 15.26 3.16
CA ALA F 160 -13.49 14.13 4.07
C ALA F 160 -13.06 12.97 3.16
N PRO F 161 -12.36 11.97 3.72
CA PRO F 161 -11.93 10.84 2.90
C PRO F 161 -13.04 10.26 2.01
N GLU F 162 -14.22 10.03 2.57
CA GLU F 162 -15.33 9.49 1.78
C GLU F 162 -15.83 10.45 0.70
N SER F 163 -15.43 11.71 0.79
CA SER F 163 -15.84 12.72 -0.19
C SER F 163 -14.68 13.15 -1.07
N SER F 164 -13.55 12.46 -0.96
CA SER F 164 -12.35 12.81 -1.72
C SER F 164 -12.17 12.08 -3.06
N ASP F 165 -13.22 11.45 -3.54
CA ASP F 165 -13.12 10.67 -4.78
C ASP F 165 -13.16 11.39 -6.14
N ASN F 166 -12.09 12.10 -6.46
CA ASN F 166 -11.92 12.74 -7.77
C ASN F 166 -10.41 12.66 -7.99
N PRO F 167 -9.95 12.82 -9.24
CA PRO F 167 -8.52 12.74 -9.58
C PRO F 167 -7.52 13.51 -8.71
N LEU F 168 -7.95 14.60 -8.09
CA LEU F 168 -7.04 15.41 -7.27
C LEU F 168 -7.18 15.19 -5.77
N GLY F 169 -8.19 14.42 -5.35
CA GLY F 169 -8.39 14.20 -3.92
C GLY F 169 -8.60 15.57 -3.29
N TYR F 170 -9.15 16.50 -4.07
CA TYR F 170 -9.35 17.86 -3.57
C TYR F 170 -10.60 18.51 -4.14
N LYS F 171 -11.32 19.22 -3.27
CA LYS F 171 -12.53 19.94 -3.65
C LYS F 171 -12.48 21.29 -2.92
N PHE F 172 -12.98 22.33 -3.56
CA PHE F 172 -12.92 23.67 -2.96
C PHE F 172 -13.80 23.98 -1.76
N SER F 173 -13.17 24.45 -0.69
CA SER F 173 -13.88 24.86 0.53
C SER F 173 -13.54 26.33 0.84
N TRP F 174 -12.63 26.91 0.04
CA TRP F 174 -12.22 28.31 0.17
C TRP F 174 -11.59 28.76 -1.15
N SER F 175 -11.48 30.07 -1.36
CA SER F 175 -10.93 30.68 -2.58
C SER F 175 -10.16 29.76 -3.54
N SER F 176 -10.81 29.43 -4.67
CA SER F 176 -10.21 28.57 -5.69
C SER F 176 -8.88 29.13 -6.18
N ARG F 177 -8.86 30.40 -6.54
CA ARG F 177 -7.62 30.98 -7.03
C ARG F 177 -6.60 31.06 -5.90
N GLY F 178 -7.08 31.26 -4.68
CA GLY F 178 -6.19 31.33 -3.54
C GLY F 178 -5.48 29.99 -3.38
N VAL F 179 -6.19 28.91 -3.66
CA VAL F 179 -5.62 27.57 -3.57
C VAL F 179 -4.46 27.43 -4.56
N LEU F 180 -4.66 27.89 -5.79
CA LEU F 180 -3.61 27.79 -6.79
C LEU F 180 -2.43 28.70 -6.43
N LEU F 181 -2.70 29.91 -5.96
CA LEU F 181 -1.65 30.83 -5.57
C LEU F 181 -0.76 30.19 -4.49
N ALA F 182 -1.38 29.54 -3.51
CA ALA F 182 -0.64 28.91 -2.43
C ALA F 182 0.26 27.77 -2.91
N LEU F 183 -0.06 27.18 -4.06
CA LEU F 183 0.73 26.08 -4.61
C LEU F 183 2.06 26.56 -5.22
N ARG F 184 2.22 27.87 -5.37
CA ARG F 184 3.44 28.41 -5.96
C ARG F 184 4.35 29.14 -4.98
N ASN F 185 3.97 29.18 -3.71
CA ASN F 185 4.77 29.89 -2.72
C ASN F 185 6.09 29.20 -2.36
N ALA F 186 7.19 29.94 -2.49
CA ALA F 186 8.48 29.41 -2.12
C ALA F 186 8.40 29.19 -0.60
N ALA F 187 9.19 28.28 -0.08
CA ALA F 187 9.16 28.02 1.35
C ALA F 187 10.56 28.09 1.95
N SER F 188 10.60 28.32 3.26
CA SER F 188 11.86 28.39 3.98
C SER F 188 11.54 27.94 5.41
N PHE F 189 12.45 27.17 5.99
CA PHE F 189 12.23 26.67 7.33
C PHE F 189 13.53 26.24 8.01
N TYR F 190 13.45 25.99 9.31
CA TYR F 190 14.63 25.56 10.06
C TYR F 190 14.67 24.05 10.20
N LYS F 191 15.82 23.49 9.84
CA LYS F 191 16.03 22.05 9.96
C LYS F 191 17.43 21.86 10.50
N ASP F 192 17.53 21.15 11.62
CA ASP F 192 18.82 20.90 12.27
C ASP F 192 19.61 22.17 12.52
N GLY F 193 18.90 23.22 12.97
CA GLY F 193 19.55 24.47 13.27
C GLY F 193 19.88 25.38 12.10
N LYS F 194 19.59 24.95 10.88
CA LYS F 194 19.90 25.79 9.74
C LYS F 194 18.74 26.02 8.77
N VAL F 195 18.79 27.16 8.10
CA VAL F 195 17.78 27.55 7.14
C VAL F 195 17.82 26.71 5.88
N THR F 196 16.67 26.17 5.50
CA THR F 196 16.55 25.37 4.29
C THR F 196 15.52 26.09 3.42
N ASN F 197 15.84 26.27 2.14
CA ASN F 197 14.94 26.97 1.22
C ASN F 197 14.40 26.07 0.12
N VAL F 198 13.17 26.34 -0.30
CA VAL F 198 12.53 25.59 -1.37
C VAL F 198 11.95 26.61 -2.34
N ALA F 199 12.41 26.59 -3.58
CA ALA F 199 11.91 27.53 -4.57
C ALA F 199 10.47 27.18 -4.94
N GLY F 200 9.66 28.20 -5.17
CA GLY F 200 8.27 28.01 -5.52
C GLY F 200 7.99 26.92 -6.55
N PRO F 201 8.63 26.99 -7.74
CA PRO F 201 8.43 25.99 -8.79
C PRO F 201 8.80 24.56 -8.40
N GLU F 202 9.53 24.40 -7.30
CA GLU F 202 9.92 23.06 -6.86
C GLU F 202 9.26 22.65 -5.55
N LEU F 203 8.16 23.31 -5.20
CA LEU F 203 7.46 23.00 -3.95
C LEU F 203 6.87 21.58 -3.88
N MET F 204 6.09 21.20 -4.89
CA MET F 204 5.44 19.90 -4.93
C MET F 204 6.38 18.71 -4.79
N ALA F 205 7.61 18.86 -5.29
CA ALA F 205 8.59 17.78 -5.23
C ALA F 205 9.06 17.47 -3.82
N THR F 206 8.84 18.39 -2.87
CA THR F 206 9.26 18.17 -1.49
C THR F 206 8.24 17.40 -0.67
N ALA F 207 7.03 17.23 -1.23
CA ALA F 207 5.95 16.51 -0.54
C ALA F 207 6.38 15.13 -0.08
N LYS F 208 6.07 14.81 1.18
CA LYS F 208 6.41 13.53 1.78
C LYS F 208 5.26 13.08 2.66
N PRO F 209 5.08 11.76 2.82
CA PRO F 209 4.00 11.26 3.67
C PRO F 209 4.16 11.91 5.03
N TYR F 210 3.07 12.34 5.65
CA TYR F 210 3.13 12.93 6.98
C TYR F 210 2.14 12.20 7.88
N PHE F 211 2.65 11.41 8.80
CA PHE F 211 1.81 10.63 9.70
C PHE F 211 1.19 11.41 10.85
N ILE F 212 -0.11 11.21 11.04
CA ILE F 212 -0.84 11.84 12.14
C ILE F 212 -1.65 10.73 12.81
N TYR F 213 -2.61 10.17 12.08
CA TYR F 213 -3.44 9.06 12.59
C TYR F 213 -3.40 7.93 11.56
N PRO F 214 -3.44 6.68 12.00
CA PRO F 214 -3.41 5.51 11.12
C PRO F 214 -4.37 5.53 9.92
N GLY F 215 -5.59 6.02 10.10
CA GLY F 215 -6.55 6.01 9.01
C GLY F 215 -6.38 7.01 7.87
N PHE F 216 -5.66 8.10 8.11
CA PHE F 216 -5.48 9.12 7.10
C PHE F 216 -4.23 8.94 6.25
N ALA F 217 -4.34 9.30 4.98
CA ALA F 217 -3.21 9.22 4.05
C ALA F 217 -2.77 10.64 3.68
N PHE F 218 -2.10 11.33 4.61
CA PHE F 218 -1.64 12.68 4.37
C PHE F 218 -0.21 12.75 3.82
N VAL F 219 0.06 13.78 3.03
CA VAL F 219 1.40 14.06 2.51
C VAL F 219 1.55 15.54 2.85
N ALA F 220 2.77 16.00 3.09
CA ALA F 220 2.95 17.40 3.44
C ALA F 220 4.13 18.09 2.77
N TYR F 221 4.02 19.40 2.63
CA TYR F 221 5.07 20.24 2.06
C TYR F 221 5.09 21.53 2.86
N PRO F 222 6.24 22.22 2.91
CA PRO F 222 6.41 23.47 3.65
C PRO F 222 5.49 24.58 3.16
N ASN F 223 4.98 25.37 4.09
CA ASN F 223 4.07 26.46 3.78
C ASN F 223 4.69 27.83 4.02
N ARG F 224 5.17 28.45 2.95
CA ARG F 224 5.77 29.79 3.03
C ARG F 224 7.03 29.83 3.91
N ASP F 225 7.41 31.03 4.34
CA ASP F 225 8.60 31.19 5.17
C ASP F 225 8.31 31.00 6.65
N SER F 226 8.87 29.95 7.22
CA SER F 226 8.69 29.66 8.64
C SER F 226 9.81 30.23 9.51
N THR F 227 10.93 30.59 8.88
CA THR F 227 12.07 31.10 9.67
C THR F 227 11.78 32.29 10.57
N PRO F 228 10.90 33.21 10.16
CA PRO F 228 10.62 34.35 11.04
C PRO F 228 9.96 33.92 12.36
N TYR F 229 9.35 32.75 12.38
CA TYR F 229 8.69 32.29 13.58
C TYR F 229 9.64 31.99 14.72
N LYS F 230 10.94 31.94 14.41
CA LYS F 230 11.93 31.70 15.45
C LYS F 230 11.80 32.87 16.41
N GLU F 231 11.59 34.07 15.86
CA GLU F 231 11.42 35.28 16.65
C GLU F 231 9.94 35.53 16.94
N ARG F 232 9.09 35.30 15.95
CA ARG F 232 7.65 35.56 16.12
C ARG F 232 7.03 34.75 17.27
N TYR F 233 7.43 33.49 17.41
CA TYR F 233 6.91 32.64 18.48
C TYR F 233 7.89 32.58 19.66
N GLN F 234 8.97 33.37 19.57
CA GLN F 234 9.99 33.41 20.62
C GLN F 234 10.56 32.05 21.00
N ILE F 235 11.04 31.33 19.99
CA ILE F 235 11.64 30.01 20.22
C ILE F 235 13.02 29.97 19.59
N PRO F 236 13.94 30.81 20.08
CA PRO F 236 15.30 30.82 19.53
C PRO F 236 16.04 29.51 19.75
N GLU F 237 15.58 28.72 20.72
CA GLU F 237 16.21 27.43 21.04
C GLU F 237 15.81 26.31 20.09
N ALA F 238 14.85 26.56 19.21
CA ALA F 238 14.38 25.53 18.29
C ALA F 238 15.30 25.27 17.11
N ASP F 239 15.59 24.00 16.87
CA ASP F 239 16.45 23.58 15.76
C ASP F 239 15.60 23.33 14.52
N ASN F 240 14.35 22.91 14.75
CA ASN F 240 13.42 22.63 13.67
C ASN F 240 12.15 23.46 13.84
N ILE F 241 11.83 24.23 12.81
CA ILE F 241 10.66 25.09 12.83
C ILE F 241 10.04 25.00 11.45
N VAL F 242 8.84 24.44 11.36
CA VAL F 242 8.17 24.32 10.07
C VAL F 242 6.66 24.44 10.16
N ARG F 243 6.10 25.33 9.33
CA ARG F 243 4.66 25.49 9.23
C ARG F 243 4.42 24.85 7.87
N GLY F 244 3.53 23.85 7.83
CA GLY F 244 3.27 23.16 6.58
C GLY F 244 1.82 22.93 6.22
N THR F 245 1.64 22.36 5.03
CA THR F 245 0.32 22.10 4.50
C THR F 245 0.10 20.61 4.22
N LEU F 246 -1.10 20.14 4.52
CA LEU F 246 -1.45 18.75 4.32
C LEU F 246 -2.36 18.60 3.10
N ARG F 247 -2.11 17.55 2.33
CA ARG F 247 -2.91 17.23 1.16
C ARG F 247 -3.00 15.69 1.19
N TYR F 248 -3.80 15.09 0.32
CA TYR F 248 -3.88 13.63 0.32
C TYR F 248 -2.89 13.05 -0.70
N GLN F 249 -2.57 11.78 -0.49
CA GLN F 249 -1.66 11.04 -1.35
C GLN F 249 -1.99 11.27 -2.83
N GLY F 250 -0.96 11.53 -3.64
CA GLY F 250 -1.19 11.75 -5.06
C GLY F 250 -1.37 13.17 -5.55
N PHE F 251 -1.88 14.06 -4.69
CA PHE F 251 -2.11 15.46 -5.06
C PHE F 251 -0.89 16.23 -5.54
N PRO F 252 0.17 16.33 -4.73
CA PRO F 252 1.35 17.09 -5.17
C PRO F 252 1.99 16.65 -6.50
N GLN F 253 2.01 15.34 -6.75
CA GLN F 253 2.58 14.83 -7.99
C GLN F 253 1.75 15.34 -9.16
N PHE F 254 0.45 15.38 -8.97
CA PHE F 254 -0.46 15.87 -10.00
C PHE F 254 -0.16 17.34 -10.26
N ILE F 255 -0.13 18.14 -9.19
CA ILE F 255 0.15 19.57 -9.32
C ILE F 255 1.51 19.84 -9.96
N LYS F 256 2.50 19.06 -9.55
CA LYS F 256 3.86 19.21 -10.09
C LYS F 256 3.83 19.19 -11.64
N VAL F 257 3.04 18.29 -12.20
CA VAL F 257 2.93 18.21 -13.65
C VAL F 257 2.33 19.49 -14.21
N LEU F 258 1.26 19.96 -13.61
CA LEU F 258 0.61 21.19 -14.07
C LEU F 258 1.60 22.36 -14.04
N VAL F 259 2.39 22.42 -12.97
CA VAL F 259 3.39 23.47 -12.84
C VAL F 259 4.44 23.32 -13.93
N ASP F 260 4.97 22.11 -14.10
CA ASP F 260 6.01 21.86 -15.09
C ASP F 260 5.61 22.17 -16.53
N ILE F 261 4.35 21.94 -16.88
CA ILE F 261 3.93 22.21 -18.25
C ILE F 261 3.37 23.61 -18.48
N GLY F 262 3.48 24.46 -17.45
CA GLY F 262 3.03 25.83 -17.58
C GLY F 262 1.61 26.24 -17.20
N PHE F 263 0.84 25.33 -16.60
CA PHE F 263 -0.54 25.68 -16.26
C PHE F 263 -0.75 26.60 -15.05
N LEU F 264 0.30 26.86 -14.29
CA LEU F 264 0.16 27.75 -13.14
C LEU F 264 0.84 29.09 -13.36
N SER F 265 1.03 29.42 -14.63
CA SER F 265 1.62 30.69 -15.02
C SER F 265 0.51 31.73 -15.07
N ASP F 266 0.77 32.92 -14.55
CA ASP F 266 -0.25 33.97 -14.58
C ASP F 266 0.11 35.03 -15.61
N GLU F 267 0.93 34.65 -16.58
CA GLU F 267 1.34 35.54 -17.64
C GLU F 267 0.21 35.70 -18.66
N GLU F 268 -0.14 36.93 -18.98
CA GLU F 268 -1.22 37.19 -19.92
C GLU F 268 -0.87 36.69 -21.32
N GLN F 269 -1.77 35.88 -21.88
CA GLN F 269 -1.60 35.31 -23.21
C GLN F 269 -2.77 35.76 -24.08
N PRO F 270 -2.49 36.38 -25.23
CA PRO F 270 -3.54 36.85 -26.14
C PRO F 270 -4.55 35.77 -26.50
N PHE F 271 -4.07 34.56 -26.74
CA PHE F 271 -4.96 33.45 -27.10
C PHE F 271 -5.85 32.98 -25.97
N LEU F 272 -5.58 33.45 -24.74
CA LEU F 272 -6.38 33.03 -23.60
C LEU F 272 -7.54 33.97 -23.26
N LYS F 273 -7.86 34.89 -24.17
CA LYS F 273 -8.99 35.78 -23.93
C LYS F 273 -10.09 35.49 -24.95
N GLU F 274 -9.97 34.36 -25.62
CA GLU F 274 -10.94 33.93 -26.60
C GLU F 274 -11.43 32.55 -26.20
N ALA F 275 -12.74 32.32 -26.31
CA ALA F 275 -13.32 31.05 -25.92
C ALA F 275 -12.99 29.91 -26.89
N ILE F 276 -11.69 29.59 -27.03
CA ILE F 276 -11.25 28.51 -27.92
C ILE F 276 -11.38 27.15 -27.24
N PRO F 277 -11.39 26.07 -28.03
CA PRO F 277 -11.50 24.72 -27.46
C PRO F 277 -10.32 24.45 -26.52
N TRP F 278 -10.56 23.67 -25.46
CA TRP F 278 -9.49 23.37 -24.52
C TRP F 278 -8.28 22.77 -25.23
N LYS F 279 -8.54 21.89 -26.20
CA LYS F 279 -7.49 21.25 -26.98
C LYS F 279 -6.46 22.28 -27.41
N GLU F 280 -6.96 23.36 -28.02
CA GLU F 280 -6.12 24.42 -28.52
C GLU F 280 -5.42 25.22 -27.42
N ALA F 281 -6.15 25.50 -26.34
CA ALA F 281 -5.58 26.26 -25.24
C ALA F 281 -4.41 25.47 -24.65
N THR F 282 -4.65 24.19 -24.37
CA THR F 282 -3.62 23.32 -23.81
C THR F 282 -2.42 23.22 -24.76
N GLN F 283 -2.70 23.10 -26.05
CA GLN F 283 -1.63 23.00 -27.04
C GLN F 283 -0.67 24.18 -26.91
N LYS F 284 -1.23 25.39 -26.88
CA LYS F 284 -0.44 26.60 -26.77
C LYS F 284 0.29 26.71 -25.43
N ILE F 285 -0.40 26.36 -24.35
CA ILE F 285 0.18 26.43 -23.02
C ILE F 285 1.34 25.43 -22.86
N VAL F 286 1.10 24.18 -23.24
CA VAL F 286 2.10 23.13 -23.15
C VAL F 286 3.12 23.20 -24.29
N LYS F 287 2.75 23.92 -25.35
CA LYS F 287 3.59 24.10 -26.52
C LYS F 287 3.74 22.83 -27.35
N ALA F 288 2.62 22.13 -27.58
CA ALA F 288 2.61 20.91 -28.38
C ALA F 288 2.49 21.32 -29.84
N SER F 289 2.89 20.44 -30.74
CA SER F 289 2.85 20.74 -32.17
C SER F 289 1.45 20.52 -32.78
N SER F 290 0.53 20.03 -31.97
CA SER F 290 -0.82 19.77 -32.45
C SER F 290 -1.80 19.71 -31.28
N ALA F 291 -3.09 19.89 -31.57
CA ALA F 291 -4.12 19.84 -30.54
C ALA F 291 -4.56 18.41 -30.29
N SER F 292 -3.86 17.48 -30.93
CA SER F 292 -4.15 16.05 -30.79
C SER F 292 -3.80 15.58 -29.38
N GLU F 293 -4.64 14.71 -28.81
CA GLU F 293 -4.38 14.22 -27.47
C GLU F 293 -3.04 13.50 -27.41
N GLN F 294 -2.74 12.71 -28.44
CA GLN F 294 -1.48 11.99 -28.49
C GLN F 294 -0.31 12.95 -28.52
N ASP F 295 -0.40 13.99 -29.33
CA ASP F 295 0.67 14.97 -29.44
C ASP F 295 0.82 15.78 -28.17
N ILE F 296 -0.30 16.24 -27.61
CA ILE F 296 -0.26 17.01 -26.38
C ILE F 296 0.39 16.18 -25.28
N VAL F 297 -0.06 14.93 -25.13
CA VAL F 297 0.48 14.04 -24.11
C VAL F 297 1.95 13.76 -24.33
N SER F 298 2.36 13.67 -25.59
CA SER F 298 3.76 13.40 -25.89
C SER F 298 4.62 14.54 -25.35
N THR F 299 4.17 15.77 -25.60
CA THR F 299 4.90 16.94 -25.13
C THR F 299 4.90 17.01 -23.60
N ILE F 300 3.75 16.74 -22.99
CA ILE F 300 3.65 16.77 -21.54
C ILE F 300 4.61 15.79 -20.86
N VAL F 301 4.59 14.54 -21.31
CA VAL F 301 5.46 13.52 -20.75
C VAL F 301 6.94 13.88 -20.90
N SER F 302 7.27 14.50 -22.03
CA SER F 302 8.65 14.88 -22.29
C SER F 302 9.09 16.03 -21.40
N ASN F 303 8.14 16.79 -20.88
CA ASN F 303 8.43 17.95 -20.03
C ASN F 303 8.04 17.78 -18.56
N ALA F 304 7.44 16.64 -18.21
CA ALA F 304 7.03 16.43 -16.82
C ALA F 304 7.74 15.25 -16.18
N THR F 305 7.65 15.17 -14.86
CA THR F 305 8.28 14.10 -14.10
C THR F 305 7.20 13.22 -13.46
N PHE F 306 7.43 11.91 -13.47
CA PHE F 306 6.50 10.97 -12.89
C PHE F 306 7.25 9.90 -12.10
N GLU F 307 6.73 9.57 -10.92
CA GLU F 307 7.34 8.58 -10.05
C GLU F 307 7.33 7.18 -10.66
N SER F 308 6.40 6.94 -11.57
CA SER F 308 6.29 5.63 -12.23
C SER F 308 5.33 5.71 -13.40
N THR F 309 5.34 4.68 -14.24
CA THR F 309 4.45 4.64 -15.38
C THR F 309 3.02 4.60 -14.89
N GLU F 310 2.82 4.04 -13.70
CA GLU F 310 1.49 3.96 -13.11
C GLU F 310 1.04 5.38 -12.76
N GLU F 311 1.96 6.16 -12.19
CA GLU F 311 1.67 7.55 -11.82
C GLU F 311 1.32 8.33 -13.08
N GLN F 312 2.14 8.17 -14.10
CA GLN F 312 1.96 8.85 -15.37
C GLN F 312 0.58 8.56 -15.93
N LYS F 313 0.18 7.30 -15.93
CA LYS F 313 -1.12 6.92 -16.45
C LYS F 313 -2.23 7.59 -15.64
N ARG F 314 -2.09 7.59 -14.32
CA ARG F 314 -3.07 8.20 -13.42
C ARG F 314 -3.21 9.70 -13.67
N ILE F 315 -2.10 10.41 -13.61
CA ILE F 315 -2.11 11.85 -13.81
C ILE F 315 -2.64 12.26 -15.18
N VAL F 316 -2.24 11.56 -16.23
CA VAL F 316 -2.71 11.89 -17.57
C VAL F 316 -4.23 11.72 -17.64
N ALA F 317 -4.73 10.67 -17.01
CA ALA F 317 -6.17 10.42 -17.00
C ALA F 317 -6.87 11.51 -16.18
N GLY F 318 -6.16 12.03 -15.18
CA GLY F 318 -6.73 13.08 -14.36
C GLY F 318 -6.88 14.34 -15.18
N LEU F 319 -5.85 14.67 -15.95
CA LEU F 319 -5.86 15.85 -16.80
C LEU F 319 -7.01 15.74 -17.82
N LYS F 320 -7.19 14.55 -18.39
CA LYS F 320 -8.25 14.34 -19.36
C LYS F 320 -9.60 14.54 -18.69
N TRP F 321 -9.71 14.08 -17.45
CA TRP F 321 -10.93 14.22 -16.66
C TRP F 321 -11.29 15.70 -16.52
N LEU F 322 -10.28 16.53 -16.31
CA LEU F 322 -10.49 17.97 -16.18
C LEU F 322 -11.07 18.50 -17.49
N GLY F 323 -10.79 17.80 -18.58
CA GLY F 323 -11.30 18.20 -19.88
C GLY F 323 -10.39 19.10 -20.70
N ILE F 324 -9.12 19.21 -20.32
CA ILE F 324 -8.19 20.08 -21.05
C ILE F 324 -7.73 19.52 -22.41
N PHE F 325 -8.13 18.29 -22.71
CA PHE F 325 -7.79 17.66 -23.99
C PHE F 325 -9.02 17.62 -24.88
N SER F 326 -10.15 18.07 -24.35
CA SER F 326 -11.42 18.03 -25.08
C SER F 326 -11.72 19.23 -25.97
N ASP F 327 -12.88 19.17 -26.63
CA ASP F 327 -13.34 20.22 -27.53
C ASP F 327 -14.05 21.32 -26.74
N LYS F 328 -14.43 21.03 -25.51
CA LYS F 328 -15.13 22.01 -24.69
C LYS F 328 -14.37 23.33 -24.62
N LYS F 329 -15.07 24.42 -24.90
CA LYS F 329 -14.45 25.73 -24.89
C LYS F 329 -14.06 26.20 -23.51
N ILE F 330 -12.94 26.90 -23.45
CA ILE F 330 -12.41 27.42 -22.20
C ILE F 330 -13.15 28.68 -21.78
N THR F 331 -13.03 29.03 -20.51
CA THR F 331 -13.61 30.25 -19.98
C THR F 331 -12.37 31.14 -20.00
N PRO F 332 -12.20 31.93 -21.08
CA PRO F 332 -11.04 32.82 -21.23
C PRO F 332 -10.80 33.80 -20.08
N ARG F 333 -9.69 33.62 -19.39
CA ARG F 333 -9.34 34.50 -18.28
C ARG F 333 -7.95 35.12 -18.42
N GLY F 334 -7.48 35.22 -19.67
CA GLY F 334 -6.19 35.86 -19.92
C GLY F 334 -4.90 35.09 -19.68
N ASN F 335 -4.81 34.38 -18.56
CA ASN F 335 -3.60 33.62 -18.25
C ASN F 335 -3.94 32.16 -17.94
N ALA F 336 -2.95 31.30 -18.03
CA ALA F 336 -3.14 29.87 -17.80
C ALA F 336 -3.73 29.51 -16.44
N LEU F 337 -3.16 30.07 -15.38
CA LEU F 337 -3.64 29.77 -14.03
C LEU F 337 -5.14 30.05 -13.88
N ASP F 338 -5.57 31.27 -14.21
CA ASP F 338 -6.98 31.62 -14.07
C ASP F 338 -7.90 30.87 -15.03
N THR F 339 -7.44 30.63 -16.25
CA THR F 339 -8.26 29.92 -17.24
C THR F 339 -8.47 28.49 -16.76
N LEU F 340 -7.42 27.88 -16.23
CA LEU F 340 -7.54 26.51 -15.72
C LEU F 340 -8.44 26.55 -14.48
N CYS F 341 -8.23 27.56 -13.64
CA CYS F 341 -9.01 27.71 -12.41
C CYS F 341 -10.52 27.69 -12.68
N ALA F 342 -10.96 28.43 -13.71
CA ALA F 342 -12.38 28.46 -14.05
C ALA F 342 -12.90 27.04 -14.26
N THR F 343 -12.10 26.19 -14.88
CA THR F 343 -12.52 24.82 -15.11
C THR F 343 -12.46 23.97 -13.85
N LEU F 344 -11.46 24.22 -13.00
CA LEU F 344 -11.36 23.47 -11.75
C LEU F 344 -12.58 23.79 -10.90
N GLU F 345 -13.01 25.04 -10.91
CA GLU F 345 -14.17 25.48 -10.13
C GLU F 345 -15.42 24.73 -10.57
N GLU F 346 -15.43 24.40 -11.86
CA GLU F 346 -16.52 23.66 -12.50
C GLU F 346 -16.54 22.20 -12.06
N LYS F 347 -15.36 21.59 -12.02
CA LYS F 347 -15.25 20.17 -11.69
C LYS F 347 -14.89 19.73 -10.27
N MET F 348 -14.50 20.66 -9.42
CA MET F 348 -14.08 20.27 -8.07
C MET F 348 -14.85 20.90 -6.94
N GLN F 349 -16.16 20.97 -7.11
CA GLN F 349 -17.00 21.55 -6.09
C GLN F 349 -17.55 20.41 -5.23
N PHE F 350 -17.86 20.69 -3.96
CA PHE F 350 -18.43 19.66 -3.11
C PHE F 350 -19.88 19.46 -3.54
N GLU F 351 -20.30 18.21 -3.66
CA GLU F 351 -21.66 17.91 -4.06
C GLU F 351 -22.56 17.48 -2.91
N GLU F 352 -23.86 17.43 -3.17
CA GLU F 352 -24.87 17.05 -2.19
C GLU F 352 -24.44 15.90 -1.30
N GLY F 353 -24.59 16.08 0.01
CA GLY F 353 -24.22 15.03 0.95
C GLY F 353 -22.74 14.88 1.26
N GLU F 354 -21.89 15.61 0.55
CA GLU F 354 -20.45 15.51 0.80
C GLU F 354 -20.04 16.51 1.88
N ARG F 355 -18.86 16.30 2.47
CA ARG F 355 -18.38 17.17 3.54
C ARG F 355 -16.88 17.35 3.47
N ASP F 356 -16.38 18.44 4.02
CA ASP F 356 -14.95 18.69 4.02
C ASP F 356 -14.36 18.22 5.35
N LEU F 357 -13.06 18.45 5.52
CA LEU F 357 -12.35 18.05 6.71
C LEU F 357 -11.19 19.00 6.96
N VAL F 358 -11.06 19.44 8.20
CA VAL F 358 -9.93 20.30 8.55
C VAL F 358 -9.09 19.53 9.56
N MET F 359 -7.82 19.35 9.22
CA MET F 359 -6.90 18.66 10.09
C MET F 359 -5.79 19.64 10.40
N LEU F 360 -5.62 19.96 11.67
CA LEU F 360 -4.59 20.87 12.12
C LEU F 360 -3.87 20.20 13.28
N GLN F 361 -2.55 20.09 13.18
CA GLN F 361 -1.78 19.49 14.28
C GLN F 361 -0.43 20.14 14.52
N HIS F 362 -0.21 20.51 15.77
CA HIS F 362 1.06 21.10 16.19
C HIS F 362 1.83 19.94 16.83
N LYS F 363 3.15 19.96 16.69
CA LYS F 363 3.97 18.93 17.31
C LYS F 363 5.16 19.65 17.94
N PHE F 364 5.40 19.39 19.22
CA PHE F 364 6.51 20.03 19.92
C PHE F 364 7.46 18.99 20.54
N GLU F 365 8.73 19.05 20.16
CA GLU F 365 9.72 18.16 20.76
C GLU F 365 10.25 19.04 21.88
N ILE F 366 10.00 18.62 23.12
CA ILE F 366 10.39 19.40 24.28
C ILE F 366 11.48 18.79 25.17
N GLU F 367 12.34 19.66 25.68
CA GLU F 367 13.42 19.27 26.57
C GLU F 367 13.05 19.93 27.90
N ASN F 368 12.56 19.13 28.84
CA ASN F 368 12.12 19.63 30.14
C ASN F 368 13.22 20.22 31.01
N LYS F 369 12.80 21.03 31.98
CA LYS F 369 13.71 21.68 32.90
C LYS F 369 14.64 20.67 33.57
N ASP F 370 14.09 19.52 33.92
CA ASP F 370 14.86 18.46 34.58
C ASP F 370 15.66 17.60 33.60
N GLY F 371 15.88 18.10 32.39
CA GLY F 371 16.63 17.35 31.42
C GLY F 371 15.81 16.29 30.68
N SER F 372 14.65 15.96 31.24
CA SER F 372 13.76 14.98 30.64
C SER F 372 13.27 15.47 29.28
N ARG F 373 12.82 14.53 28.44
CA ARG F 373 12.33 14.86 27.11
C ARG F 373 10.92 14.31 26.85
N GLU F 374 10.17 14.99 25.98
CA GLU F 374 8.82 14.56 25.64
C GLU F 374 8.29 15.17 24.35
N THR F 375 7.35 14.47 23.73
CA THR F 375 6.74 14.90 22.49
C THR F 375 5.29 15.27 22.76
N ARG F 376 4.92 16.49 22.39
CA ARG F 376 3.55 16.97 22.61
C ARG F 376 2.89 17.30 21.28
N THR F 377 1.61 16.98 21.16
CA THR F 377 0.85 17.29 19.95
C THR F 377 -0.35 18.10 20.38
N SER F 378 -0.85 18.90 19.46
CA SER F 378 -2.00 19.75 19.70
C SER F 378 -2.80 19.49 18.42
N SER F 379 -4.00 18.94 18.54
CA SER F 379 -4.78 18.60 17.36
C SER F 379 -6.21 19.08 17.30
N LEU F 380 -6.66 19.33 16.08
CA LEU F 380 -8.02 19.74 15.78
C LEU F 380 -8.36 19.00 14.49
N CYS F 381 -9.37 18.13 14.57
CA CYS F 381 -9.80 17.35 13.42
C CYS F 381 -11.30 17.53 13.31
N GLU F 382 -11.75 18.30 12.30
CA GLU F 382 -13.17 18.53 12.16
C GLU F 382 -13.75 18.35 10.77
N TYR F 383 -14.91 17.68 10.74
CA TYR F 383 -15.63 17.41 9.50
C TYR F 383 -16.69 18.48 9.33
N GLY F 384 -16.95 18.86 8.08
CA GLY F 384 -17.96 19.88 7.84
C GLY F 384 -19.35 19.27 7.80
N ALA F 385 -20.37 20.12 7.79
CA ALA F 385 -21.74 19.64 7.71
C ALA F 385 -21.94 19.27 6.23
N PRO F 386 -22.68 18.17 5.97
CA PRO F 386 -22.94 17.72 4.60
C PRO F 386 -23.59 18.79 3.71
N ILE F 387 -23.19 18.86 2.46
CA ILE F 387 -23.77 19.84 1.54
C ILE F 387 -25.28 19.57 1.44
N GLY F 388 -26.07 20.61 1.62
CA GLY F 388 -27.51 20.45 1.56
C GLY F 388 -28.13 20.49 2.93
N SER F 389 -27.30 20.32 3.96
CA SER F 389 -27.79 20.33 5.34
C SER F 389 -27.98 21.75 5.83
N GLY F 390 -27.33 22.70 5.18
CA GLY F 390 -27.42 24.08 5.59
C GLY F 390 -26.37 24.39 6.65
N GLY F 391 -25.59 23.38 7.02
CA GLY F 391 -24.56 23.58 8.03
C GLY F 391 -23.27 24.13 7.42
N TYR F 392 -22.33 24.54 8.27
CA TYR F 392 -21.07 25.09 7.79
C TYR F 392 -20.09 23.99 7.44
N SER F 393 -19.23 24.26 6.46
CA SER F 393 -18.18 23.33 6.13
C SER F 393 -17.19 23.57 7.29
N ALA F 394 -16.24 22.66 7.50
CA ALA F 394 -15.29 22.87 8.59
C ALA F 394 -14.45 24.13 8.31
N MET F 395 -14.08 24.31 7.05
CA MET F 395 -13.27 25.47 6.66
C MET F 395 -13.98 26.78 6.93
N ALA F 396 -15.24 26.90 6.49
CA ALA F 396 -15.99 28.13 6.71
C ALA F 396 -16.13 28.44 8.20
N LYS F 397 -16.49 27.42 8.96
CA LYS F 397 -16.64 27.58 10.41
C LYS F 397 -15.36 28.03 11.11
N LEU F 398 -14.26 27.31 10.85
CA LEU F 398 -12.98 27.60 11.49
C LEU F 398 -12.27 28.86 10.99
N VAL F 399 -12.80 29.47 9.93
CA VAL F 399 -12.22 30.70 9.41
C VAL F 399 -13.16 31.85 9.80
N GLY F 400 -14.41 31.71 9.39
CA GLY F 400 -15.40 32.73 9.67
C GLY F 400 -15.77 32.99 11.13
N VAL F 401 -15.76 31.97 11.98
CA VAL F 401 -16.11 32.20 13.38
C VAL F 401 -14.99 32.96 14.10
N PRO F 402 -13.73 32.52 13.95
CA PRO F 402 -12.65 33.24 14.61
C PRO F 402 -12.64 34.70 14.12
N CYS F 403 -12.93 34.89 12.84
CA CYS F 403 -12.97 36.23 12.26
C CYS F 403 -14.03 37.08 12.95
N ALA F 404 -15.24 36.53 13.10
CA ALA F 404 -16.34 37.24 13.74
C ALA F 404 -16.02 37.55 15.20
N VAL F 405 -15.38 36.61 15.89
CA VAL F 405 -15.03 36.85 17.29
C VAL F 405 -14.03 38.00 17.35
N ALA F 406 -13.07 38.02 16.42
CA ALA F 406 -12.06 39.08 16.39
C ALA F 406 -12.73 40.43 16.13
N VAL F 407 -13.69 40.44 15.21
CA VAL F 407 -14.41 41.68 14.90
C VAL F 407 -15.11 42.21 16.15
N LYS F 408 -15.82 41.35 16.86
CA LYS F 408 -16.53 41.73 18.07
C LYS F 408 -15.56 42.27 19.14
N PHE F 409 -14.39 41.65 19.23
CA PHE F 409 -13.37 42.08 20.20
C PHE F 409 -12.77 43.45 19.84
N VAL F 410 -12.64 43.73 18.54
CA VAL F 410 -12.12 45.03 18.13
C VAL F 410 -13.18 46.09 18.43
N LEU F 411 -14.44 45.74 18.20
CA LEU F 411 -15.54 46.67 18.44
C LEU F 411 -15.76 46.99 19.92
N ASP F 412 -15.60 46.00 20.80
CA ASP F 412 -15.81 46.28 22.21
C ASP F 412 -14.53 46.60 22.98
N GLY F 413 -13.42 46.75 22.27
CA GLY F 413 -12.18 47.09 22.92
C GLY F 413 -11.33 45.97 23.52
N THR F 414 -11.78 44.72 23.42
CA THR F 414 -11.00 43.61 23.95
C THR F 414 -9.64 43.58 23.23
N ILE F 415 -9.67 43.88 21.93
CA ILE F 415 -8.45 43.97 21.13
C ILE F 415 -8.38 45.48 20.90
N SER F 416 -7.47 46.15 21.58
CA SER F 416 -7.37 47.60 21.47
C SER F 416 -6.05 48.18 20.97
N ASP F 417 -5.04 47.34 20.76
CA ASP F 417 -3.76 47.85 20.26
C ASP F 417 -4.04 48.42 18.87
N ARG F 418 -3.37 49.52 18.52
CA ARG F 418 -3.57 50.13 17.22
C ARG F 418 -2.45 49.70 16.27
N GLY F 419 -2.70 49.81 14.98
CA GLY F 419 -1.70 49.41 14.00
C GLY F 419 -2.06 48.10 13.33
N VAL F 420 -1.10 47.50 12.63
CA VAL F 420 -1.30 46.24 11.92
C VAL F 420 -0.90 45.09 12.84
N LEU F 421 -1.89 44.30 13.25
CA LEU F 421 -1.67 43.21 14.19
C LEU F 421 -1.98 41.80 13.69
N ALA F 422 -1.59 40.83 14.52
CA ALA F 422 -1.83 39.41 14.31
C ALA F 422 -2.00 38.85 15.72
N PRO F 423 -2.52 37.60 15.85
CA PRO F 423 -2.72 36.98 17.16
C PRO F 423 -1.37 36.54 17.74
N MET F 424 -0.59 37.49 18.24
CA MET F 424 0.72 37.17 18.77
C MET F 424 0.93 37.52 20.24
N ASN F 425 -0.15 37.79 20.96
CA ASN F 425 -0.01 38.15 22.37
C ASN F 425 -1.14 37.52 23.19
N SER F 426 -0.76 36.83 24.27
CA SER F 426 -1.71 36.18 25.14
C SER F 426 -2.81 37.15 25.59
N LYS F 427 -2.47 38.44 25.56
CA LYS F 427 -3.40 39.49 25.95
C LYS F 427 -4.68 39.42 25.13
N ILE F 428 -4.56 39.04 23.87
CA ILE F 428 -5.73 38.91 23.02
C ILE F 428 -5.99 37.46 22.63
N ASN F 429 -4.93 36.66 22.61
CA ASN F 429 -5.07 35.25 22.24
C ASN F 429 -5.93 34.46 23.23
N ASP F 430 -5.72 34.68 24.54
CA ASP F 430 -6.50 33.96 25.53
C ASP F 430 -7.99 34.27 25.41
N PRO F 431 -8.36 35.55 25.25
CA PRO F 431 -9.78 35.88 25.11
C PRO F 431 -10.35 35.22 23.85
N LEU F 432 -9.58 35.25 22.77
CA LEU F 432 -10.01 34.65 21.51
C LEU F 432 -10.26 33.15 21.69
N MET F 433 -9.32 32.46 22.34
CA MET F 433 -9.45 31.02 22.56
C MET F 433 -10.60 30.66 23.47
N LYS F 434 -10.78 31.44 24.52
CA LYS F 434 -11.84 31.21 25.48
C LYS F 434 -13.20 31.31 24.81
N GLU F 435 -13.41 32.38 24.05
CA GLU F 435 -14.70 32.55 23.36
C GLU F 435 -14.93 31.42 22.36
N LEU F 436 -13.90 31.12 21.56
CA LEU F 436 -14.01 30.08 20.55
C LEU F 436 -14.30 28.71 21.16
N LYS F 437 -13.65 28.42 22.28
CA LYS F 437 -13.85 27.15 22.96
C LYS F 437 -15.18 27.05 23.69
N GLU F 438 -15.42 27.99 24.59
CA GLU F 438 -16.63 27.96 25.39
C GLU F 438 -17.94 28.18 24.64
N LYS F 439 -17.93 29.08 23.67
CA LYS F 439 -19.16 29.35 22.95
C LYS F 439 -19.36 28.52 21.68
N TYR F 440 -18.27 28.13 21.03
CA TYR F 440 -18.40 27.37 19.79
C TYR F 440 -17.78 25.97 19.77
N GLY F 441 -17.09 25.59 20.83
CA GLY F 441 -16.49 24.27 20.88
C GLY F 441 -15.26 24.14 20.00
N ILE F 442 -14.70 25.28 19.61
CA ILE F 442 -13.51 25.27 18.77
C ILE F 442 -12.25 25.32 19.63
N GLU F 443 -11.37 24.36 19.43
CA GLU F 443 -10.13 24.27 20.21
C GLU F 443 -9.23 23.15 19.70
N CYS F 444 -7.96 23.20 20.08
CA CYS F 444 -7.01 22.15 19.73
C CYS F 444 -6.78 21.38 21.03
N LYS F 445 -6.80 20.06 20.94
CA LYS F 445 -6.59 19.22 22.12
C LYS F 445 -5.14 18.73 22.22
N GLU F 446 -4.54 18.95 23.39
CA GLU F 446 -3.16 18.56 23.63
C GLU F 446 -3.02 17.09 24.05
N LYS F 447 -1.83 16.54 23.84
CA LYS F 447 -1.55 15.16 24.19
C LYS F 447 -0.05 14.86 24.15
N VAL F 448 0.45 14.14 25.13
CA VAL F 448 1.86 13.78 25.18
C VAL F 448 2.07 12.44 24.46
N VAL F 449 2.67 12.52 23.27
CA VAL F 449 2.90 11.34 22.44
C VAL F 449 4.14 10.52 22.82
N ALA F 450 5.06 11.16 23.55
CA ALA F 450 6.30 10.48 23.96
C ALA F 450 7.06 11.34 24.95
N ALA G 2 33.23 18.50 -41.23
CA ALA G 2 32.54 18.61 -39.92
C ALA G 2 32.73 17.33 -39.12
N THR G 3 33.66 17.37 -38.16
CA THR G 3 33.93 16.21 -37.32
C THR G 3 32.70 15.89 -36.46
N LYS G 4 32.20 14.67 -36.57
CA LYS G 4 31.04 14.26 -35.79
C LYS G 4 31.49 13.78 -34.41
N SER G 5 30.60 13.87 -33.44
CA SER G 5 30.91 13.44 -32.08
C SER G 5 29.74 12.64 -31.50
N VAL G 6 30.06 11.52 -30.87
CA VAL G 6 29.03 10.66 -30.30
C VAL G 6 29.26 10.40 -28.82
N LEU G 7 28.16 10.41 -28.06
CA LEU G 7 28.22 10.10 -26.64
C LEU G 7 27.72 8.67 -26.53
N MET G 8 28.60 7.76 -26.16
CA MET G 8 28.23 6.37 -25.99
C MET G 8 27.98 6.07 -24.52
N LEU G 9 26.71 5.87 -24.16
CA LEU G 9 26.37 5.54 -22.80
C LEU G 9 26.55 4.03 -22.65
N GLY G 10 27.44 3.62 -21.76
CA GLY G 10 27.70 2.20 -21.56
C GLY G 10 29.09 1.78 -22.03
N SER G 11 29.66 0.78 -21.38
CA SER G 11 30.98 0.29 -21.75
C SER G 11 30.98 -1.22 -21.53
N GLY G 12 29.80 -1.81 -21.57
CA GLY G 12 29.66 -3.25 -21.35
C GLY G 12 29.92 -4.15 -22.54
N PHE G 13 29.40 -5.37 -22.45
CA PHE G 13 29.55 -6.41 -23.46
C PHE G 13 29.54 -6.05 -24.94
N VAL G 14 28.50 -5.34 -25.39
CA VAL G 14 28.39 -5.03 -26.81
C VAL G 14 28.99 -3.70 -27.29
N THR G 15 29.71 -3.00 -26.42
CA THR G 15 30.25 -1.70 -26.80
C THR G 15 31.53 -1.60 -27.63
N ARG G 16 32.50 -2.47 -27.40
CA ARG G 16 33.75 -2.39 -28.14
C ARG G 16 33.61 -2.31 -29.67
N PRO G 17 32.80 -3.19 -30.28
CA PRO G 17 32.67 -3.12 -31.74
C PRO G 17 32.11 -1.78 -32.20
N THR G 18 31.17 -1.23 -31.43
CA THR G 18 30.59 0.06 -31.79
C THR G 18 31.64 1.15 -31.70
N LEU G 19 32.42 1.13 -30.63
CA LEU G 19 33.48 2.14 -30.43
C LEU G 19 34.50 2.03 -31.57
N ASP G 20 34.87 0.80 -31.90
CA ASP G 20 35.84 0.55 -32.96
C ASP G 20 35.34 1.07 -34.30
N VAL G 21 34.12 0.69 -34.70
CA VAL G 21 33.60 1.14 -35.98
C VAL G 21 33.48 2.66 -36.09
N LEU G 22 32.99 3.30 -35.03
CA LEU G 22 32.84 4.75 -35.07
C LEU G 22 34.21 5.46 -35.10
N THR G 23 35.12 5.10 -34.19
CA THR G 23 36.43 5.74 -34.19
C THR G 23 37.22 5.41 -35.46
N ASP G 24 36.97 4.25 -36.06
CA ASP G 24 37.66 3.88 -37.30
C ASP G 24 37.11 4.72 -38.46
N SER G 25 36.04 5.45 -38.18
CA SER G 25 35.42 6.31 -39.20
C SER G 25 35.78 7.77 -38.94
N GLY G 26 36.66 8.01 -37.97
CA GLY G 26 37.05 9.37 -37.64
C GLY G 26 36.03 10.08 -36.77
N ILE G 27 35.07 9.33 -36.23
CA ILE G 27 34.05 9.92 -35.37
C ILE G 27 34.53 9.89 -33.93
N LYS G 28 34.46 11.03 -33.25
CA LYS G 28 34.88 11.11 -31.86
C LYS G 28 33.82 10.46 -30.99
N VAL G 29 34.26 9.71 -29.99
CA VAL G 29 33.33 9.02 -29.12
C VAL G 29 33.68 9.20 -27.65
N THR G 30 32.71 9.67 -26.87
CA THR G 30 32.90 9.81 -25.45
C THR G 30 32.27 8.58 -24.84
N VAL G 31 33.07 7.77 -24.16
CA VAL G 31 32.57 6.55 -23.53
C VAL G 31 32.20 6.89 -22.09
N ALA G 32 30.91 6.73 -21.77
CA ALA G 32 30.45 7.08 -20.44
C ALA G 32 29.55 6.09 -19.70
N CYS G 33 29.87 5.86 -18.43
CA CYS G 33 29.10 5.01 -17.55
C CYS G 33 29.48 5.44 -16.15
N ARG G 34 28.84 4.87 -15.13
CA ARG G 34 29.13 5.27 -13.76
C ARG G 34 30.57 5.00 -13.33
N THR G 35 31.07 3.80 -13.63
CA THR G 35 32.43 3.43 -13.24
C THR G 35 33.49 3.90 -14.25
N LEU G 36 34.16 4.99 -13.92
CA LEU G 36 35.20 5.58 -14.78
C LEU G 36 36.19 4.55 -15.29
N GLU G 37 36.62 3.67 -14.39
CA GLU G 37 37.59 2.63 -14.72
C GLU G 37 37.09 1.74 -15.85
N SER G 38 35.79 1.46 -15.89
CA SER G 38 35.22 0.62 -16.94
C SER G 38 35.26 1.36 -18.28
N ALA G 39 34.99 2.66 -18.23
CA ALA G 39 35.00 3.48 -19.45
C ALA G 39 36.43 3.56 -19.96
N LYS G 40 37.38 3.73 -19.06
CA LYS G 40 38.79 3.82 -19.43
C LYS G 40 39.27 2.52 -20.07
N LYS G 41 38.90 1.39 -19.47
CA LYS G 41 39.31 0.09 -19.98
C LYS G 41 38.83 -0.16 -21.39
N LEU G 42 37.61 0.27 -21.70
CA LEU G 42 37.06 0.07 -23.03
C LEU G 42 37.76 0.94 -24.07
N SER G 43 38.06 2.17 -23.70
CA SER G 43 38.68 3.13 -24.61
C SER G 43 40.21 3.18 -24.62
N ALA G 44 40.86 2.45 -23.71
CA ALA G 44 42.31 2.44 -23.65
C ALA G 44 42.95 2.12 -24.99
N GLY G 45 43.75 3.04 -25.50
CA GLY G 45 44.44 2.81 -26.77
C GLY G 45 43.59 3.02 -28.01
N VAL G 46 42.33 3.39 -27.83
CA VAL G 46 41.45 3.63 -28.97
C VAL G 46 41.47 5.11 -29.35
N GLN G 47 41.87 5.37 -30.59
CA GLN G 47 41.96 6.74 -31.10
C GLN G 47 40.60 7.43 -31.13
N HIS G 48 40.59 8.73 -30.81
CA HIS G 48 39.38 9.55 -30.83
C HIS G 48 38.35 9.21 -29.76
N SER G 49 38.78 8.50 -28.71
CA SER G 49 37.85 8.15 -27.65
C SER G 49 38.21 8.85 -26.34
N THR G 50 37.20 9.21 -25.56
CA THR G 50 37.39 9.89 -24.28
C THR G 50 36.50 9.26 -23.22
N PRO G 51 37.10 8.70 -22.17
CA PRO G 51 36.35 8.06 -21.09
C PRO G 51 35.95 9.03 -19.97
N ILE G 52 34.71 8.92 -19.51
CA ILE G 52 34.22 9.76 -18.42
C ILE G 52 33.24 8.99 -17.55
N SER G 53 33.00 9.51 -16.35
CA SER G 53 32.07 8.90 -15.41
C SER G 53 30.80 9.73 -15.54
N LEU G 54 29.67 9.05 -15.74
CA LEU G 54 28.39 9.71 -15.89
C LEU G 54 27.25 8.78 -15.51
N ASP G 55 26.32 9.28 -14.70
CA ASP G 55 25.17 8.51 -14.28
C ASP G 55 23.94 9.12 -14.96
N VAL G 56 23.30 8.36 -15.85
CA VAL G 56 22.14 8.86 -16.59
C VAL G 56 20.97 9.28 -15.70
N ASN G 57 21.02 8.94 -14.41
CA ASN G 57 19.97 9.33 -13.47
C ASN G 57 20.10 10.81 -13.10
N ASP G 58 21.29 11.38 -13.35
CA ASP G 58 21.56 12.79 -13.05
C ASP G 58 21.19 13.63 -14.26
N ASP G 59 19.96 14.14 -14.28
CA ASP G 59 19.46 14.94 -15.39
C ASP G 59 20.35 16.09 -15.82
N ALA G 60 20.80 16.89 -14.87
CA ALA G 60 21.66 18.03 -15.18
C ALA G 60 22.95 17.58 -15.86
N ALA G 61 23.61 16.59 -15.26
CA ALA G 61 24.87 16.09 -15.80
C ALA G 61 24.68 15.47 -17.19
N LEU G 62 23.63 14.67 -17.35
CA LEU G 62 23.35 14.04 -18.65
C LEU G 62 23.09 15.09 -19.73
N ASP G 63 22.27 16.09 -19.43
CA ASP G 63 21.96 17.13 -20.41
C ASP G 63 23.22 17.87 -20.86
N ALA G 64 24.07 18.22 -19.90
CA ALA G 64 25.30 18.96 -20.22
C ALA G 64 26.21 18.17 -21.15
N GLU G 65 26.33 16.87 -20.92
CA GLU G 65 27.19 16.04 -21.77
C GLU G 65 26.54 15.82 -23.14
N VAL G 66 25.24 15.52 -23.16
CA VAL G 66 24.53 15.29 -24.41
C VAL G 66 24.66 16.47 -25.35
N ALA G 67 24.58 17.68 -24.79
CA ALA G 67 24.69 18.91 -25.57
C ALA G 67 26.03 19.04 -26.31
N LYS G 68 27.03 18.32 -25.85
CA LYS G 68 28.37 18.37 -26.47
C LYS G 68 28.55 17.43 -27.65
N HIS G 69 27.54 16.62 -27.96
CA HIS G 69 27.65 15.67 -29.07
C HIS G 69 26.51 15.78 -30.06
N ASP G 70 26.64 15.08 -31.18
CA ASP G 70 25.62 15.09 -32.23
C ASP G 70 24.57 14.03 -31.98
N LEU G 71 24.96 12.94 -31.31
CA LEU G 71 24.01 11.89 -31.00
C LEU G 71 24.45 11.03 -29.83
N VAL G 72 23.46 10.44 -29.16
CA VAL G 72 23.72 9.60 -28.01
C VAL G 72 23.32 8.17 -28.27
N ILE G 73 24.19 7.23 -27.90
CA ILE G 73 23.92 5.81 -28.04
C ILE G 73 23.61 5.34 -26.63
N SER G 74 22.48 4.66 -26.45
CA SER G 74 22.11 4.18 -25.13
C SER G 74 22.34 2.68 -25.04
N LEU G 75 23.58 2.29 -24.71
CA LEU G 75 23.92 0.88 -24.58
C LEU G 75 24.02 0.58 -23.08
N ILE G 76 22.90 0.82 -22.41
CA ILE G 76 22.77 0.61 -20.97
C ILE G 76 21.41 -0.09 -20.75
N PRO G 77 21.11 -0.52 -19.51
CA PRO G 77 19.83 -1.20 -19.26
C PRO G 77 18.68 -0.42 -19.88
N TYR G 78 17.84 -1.11 -20.64
CA TYR G 78 16.74 -0.47 -21.34
C TYR G 78 15.75 0.28 -20.47
N THR G 79 15.83 0.09 -19.16
CA THR G 79 14.93 0.81 -18.26
C THR G 79 15.22 2.32 -18.33
N PHE G 80 16.45 2.68 -18.73
CA PHE G 80 16.86 4.08 -18.83
C PHE G 80 16.58 4.79 -20.15
N HIS G 81 16.20 4.05 -21.19
CA HIS G 81 15.98 4.69 -22.49
C HIS G 81 15.05 5.91 -22.51
N ALA G 82 13.93 5.84 -21.79
CA ALA G 82 13.00 6.97 -21.77
C ALA G 82 13.70 8.22 -21.24
N THR G 83 14.50 8.05 -20.18
CA THR G 83 15.23 9.17 -19.57
C THR G 83 16.23 9.75 -20.56
N VAL G 84 16.94 8.86 -21.27
CA VAL G 84 17.92 9.31 -22.24
C VAL G 84 17.23 10.08 -23.36
N ILE G 85 16.11 9.56 -23.84
CA ILE G 85 15.40 10.23 -24.92
C ILE G 85 14.91 11.63 -24.51
N LYS G 86 14.42 11.77 -23.28
CA LYS G 86 13.94 13.07 -22.80
C LYS G 86 15.08 14.08 -22.80
N SER G 87 16.27 13.64 -22.42
CA SER G 87 17.44 14.51 -22.40
C SER G 87 17.80 14.90 -23.84
N ALA G 88 17.78 13.92 -24.73
CA ALA G 88 18.09 14.15 -26.14
C ALA G 88 17.08 15.10 -26.76
N ILE G 89 15.82 14.99 -26.31
CA ILE G 89 14.77 15.85 -26.83
C ILE G 89 15.03 17.30 -26.41
N ARG G 90 15.44 17.50 -25.16
CA ARG G 90 15.74 18.86 -24.67
C ARG G 90 16.94 19.46 -25.37
N GLN G 91 17.92 18.61 -25.66
CA GLN G 91 19.14 19.08 -26.29
C GLN G 91 19.08 19.00 -27.81
N LYS G 92 17.99 18.47 -28.34
CA LYS G 92 17.83 18.36 -29.79
C LYS G 92 18.93 17.49 -30.40
N LYS G 93 19.22 16.35 -29.79
CA LYS G 93 20.26 15.47 -30.30
C LYS G 93 19.65 14.12 -30.65
N HIS G 94 20.25 13.43 -31.61
CA HIS G 94 19.75 12.13 -32.04
C HIS G 94 20.08 11.02 -31.05
N VAL G 95 19.39 9.89 -31.20
CA VAL G 95 19.57 8.74 -30.32
C VAL G 95 19.52 7.40 -31.06
N VAL G 96 20.31 6.47 -30.59
CA VAL G 96 20.32 5.12 -31.14
C VAL G 96 20.39 4.16 -29.98
N THR G 97 19.65 3.07 -30.09
CA THR G 97 19.66 2.02 -29.08
C THR G 97 19.49 0.72 -29.85
N THR G 98 19.80 -0.40 -29.19
CA THR G 98 19.65 -1.72 -29.79
C THR G 98 18.52 -2.41 -29.04
N SER G 99 17.66 -1.62 -28.41
CA SER G 99 16.56 -2.15 -27.62
C SER G 99 15.19 -2.03 -28.26
N TYR G 100 14.24 -2.77 -27.70
CA TYR G 100 12.87 -2.74 -28.19
C TYR G 100 12.27 -1.37 -27.95
N VAL G 101 11.36 -0.98 -28.83
CA VAL G 101 10.66 0.29 -28.67
C VAL G 101 9.54 -0.04 -27.68
N SER G 102 9.68 0.40 -26.44
CA SER G 102 8.65 0.12 -25.44
C SER G 102 7.58 1.20 -25.54
N PRO G 103 6.45 1.00 -24.85
CA PRO G 103 5.38 1.99 -24.89
C PRO G 103 5.88 3.34 -24.37
N ALA G 104 6.70 3.30 -23.31
CA ALA G 104 7.24 4.53 -22.72
C ALA G 104 8.06 5.31 -23.74
N MET G 105 8.82 4.59 -24.56
CA MET G 105 9.63 5.23 -25.58
C MET G 105 8.76 5.75 -26.72
N MET G 106 7.77 4.95 -27.13
CA MET G 106 6.89 5.36 -28.22
C MET G 106 6.06 6.60 -27.87
N GLU G 107 5.76 6.78 -26.60
CA GLU G 107 4.99 7.94 -26.15
C GLU G 107 5.70 9.24 -26.54
N LEU G 108 7.03 9.20 -26.54
CA LEU G 108 7.85 10.35 -26.84
C LEU G 108 8.04 10.61 -28.33
N ASP G 109 7.41 9.81 -29.16
CA ASP G 109 7.53 9.95 -30.61
C ASP G 109 7.27 11.36 -31.15
N GLN G 110 6.14 11.96 -30.80
CA GLN G 110 5.84 13.29 -31.32
C GLN G 110 6.80 14.34 -30.77
N ALA G 111 7.14 14.24 -29.49
CA ALA G 111 8.06 15.19 -28.87
C ALA G 111 9.41 15.09 -29.59
N ALA G 112 9.82 13.87 -29.92
CA ALA G 112 11.08 13.71 -30.63
C ALA G 112 10.98 14.38 -31.99
N LYS G 113 9.87 14.13 -32.70
CA LYS G 113 9.66 14.73 -34.01
C LYS G 113 9.66 16.26 -33.91
N ASP G 114 9.01 16.79 -32.88
CA ASP G 114 8.97 18.25 -32.71
C ASP G 114 10.38 18.81 -32.50
N ALA G 115 11.22 18.04 -31.82
CA ALA G 115 12.59 18.45 -31.57
C ALA G 115 13.45 18.18 -32.80
N GLY G 116 12.84 17.57 -33.82
CA GLY G 116 13.57 17.28 -35.05
C GLY G 116 14.66 16.23 -34.90
N ILE G 117 14.51 15.32 -33.94
CA ILE G 117 15.53 14.31 -33.72
C ILE G 117 15.09 12.91 -34.14
N THR G 118 16.08 12.06 -34.39
CA THR G 118 15.82 10.69 -34.78
C THR G 118 16.21 9.81 -33.61
N VAL G 119 15.31 8.91 -33.21
CA VAL G 119 15.59 7.96 -32.13
C VAL G 119 15.45 6.60 -32.80
N MET G 120 16.58 6.05 -33.24
CA MET G 120 16.61 4.76 -33.93
C MET G 120 16.84 3.62 -32.95
N ASN G 121 15.92 2.67 -32.94
CA ASN G 121 16.01 1.53 -32.03
C ASN G 121 15.94 0.17 -32.70
N GLU G 122 16.01 -0.88 -31.88
CA GLU G 122 15.91 -2.25 -32.36
C GLU G 122 16.84 -2.52 -33.54
N ILE G 123 18.10 -2.11 -33.41
CA ILE G 123 19.06 -2.35 -34.47
C ILE G 123 20.35 -3.01 -33.97
N GLY G 124 20.14 -4.11 -33.25
CA GLY G 124 21.23 -4.91 -32.73
C GLY G 124 21.10 -6.21 -33.52
N LEU G 125 21.06 -7.34 -32.82
CA LEU G 125 20.93 -8.66 -33.45
C LEU G 125 19.48 -9.12 -33.40
N ASP G 126 18.93 -9.14 -32.20
CA ASP G 126 17.55 -9.57 -31.95
C ASP G 126 17.09 -8.80 -30.72
N PRO G 127 16.37 -7.69 -30.92
CA PRO G 127 15.93 -7.10 -32.20
C PRO G 127 17.02 -6.40 -33.02
N GLY G 128 16.91 -6.53 -34.34
CA GLY G 128 17.88 -5.89 -35.23
C GLY G 128 17.99 -6.65 -36.55
N ILE G 129 19.10 -7.37 -36.71
CA ILE G 129 19.36 -8.16 -37.91
C ILE G 129 18.17 -9.06 -38.25
N ASP G 130 17.50 -9.62 -37.25
CA ASP G 130 16.36 -10.47 -37.50
C ASP G 130 15.27 -9.70 -38.27
N HIS G 131 15.00 -8.45 -37.87
CA HIS G 131 14.01 -7.64 -38.57
C HIS G 131 14.39 -7.46 -40.05
N LEU G 132 15.66 -7.10 -40.27
CA LEU G 132 16.16 -6.83 -41.62
C LEU G 132 15.93 -7.97 -42.61
N TYR G 133 16.27 -9.18 -42.21
CA TYR G 133 16.10 -10.32 -43.10
C TYR G 133 14.70 -10.92 -43.12
N ALA G 134 13.92 -10.67 -42.08
CA ALA G 134 12.55 -11.18 -42.04
C ALA G 134 11.76 -10.40 -43.08
N ILE G 135 11.91 -9.08 -43.04
CA ILE G 135 11.21 -8.18 -43.96
C ILE G 135 11.70 -8.34 -45.39
N LYS G 136 13.00 -8.56 -45.56
CA LYS G 136 13.57 -8.75 -46.89
C LYS G 136 12.85 -9.89 -47.61
N THR G 137 12.77 -11.05 -46.98
CA THR G 137 12.11 -12.21 -47.59
C THR G 137 10.60 -11.98 -47.74
N ILE G 138 9.97 -11.42 -46.72
CA ILE G 138 8.53 -11.18 -46.76
C ILE G 138 8.13 -10.29 -47.94
N GLU G 139 8.81 -9.16 -48.11
CA GLU G 139 8.48 -8.26 -49.22
C GLU G 139 8.80 -8.93 -50.57
N GLU G 140 9.82 -9.78 -50.60
CA GLU G 140 10.19 -10.47 -51.84
C GLU G 140 9.05 -11.41 -52.25
N VAL G 141 8.56 -12.19 -51.29
CA VAL G 141 7.48 -13.12 -51.55
C VAL G 141 6.21 -12.38 -51.98
N HIS G 142 5.88 -11.30 -51.28
CA HIS G 142 4.69 -10.52 -51.60
C HIS G 142 4.79 -9.91 -53.00
N ALA G 143 5.98 -9.46 -53.37
CA ALA G 143 6.19 -8.85 -54.68
C ALA G 143 5.96 -9.89 -55.78
N ALA G 144 6.16 -11.15 -55.44
CA ALA G 144 5.98 -12.26 -56.38
C ALA G 144 4.58 -12.83 -56.28
N GLY G 145 3.70 -12.14 -55.57
CA GLY G 145 2.33 -12.59 -55.40
C GLY G 145 2.22 -13.81 -54.50
N GLY G 146 3.22 -14.02 -53.65
CA GLY G 146 3.20 -15.16 -52.75
C GLY G 146 2.55 -14.80 -51.41
N LYS G 147 2.19 -15.82 -50.65
CA LYS G 147 1.57 -15.62 -49.34
C LYS G 147 2.40 -16.23 -48.22
N ILE G 148 2.60 -15.49 -47.14
CA ILE G 148 3.35 -15.97 -45.99
C ILE G 148 2.36 -16.61 -45.03
N LYS G 149 2.25 -17.94 -45.08
CA LYS G 149 1.32 -18.67 -44.22
C LYS G 149 1.88 -18.90 -42.83
N THR G 150 3.20 -19.00 -42.74
CA THR G 150 3.88 -19.22 -41.47
C THR G 150 5.18 -18.42 -41.40
N PHE G 151 5.37 -17.69 -40.30
CA PHE G 151 6.60 -16.94 -40.09
C PHE G 151 7.19 -17.29 -38.73
N LEU G 152 8.39 -17.86 -38.74
CA LEU G 152 9.07 -18.23 -37.52
C LEU G 152 10.42 -17.52 -37.51
N SER G 153 10.83 -17.09 -36.33
CA SER G 153 12.12 -16.42 -36.18
C SER G 153 12.68 -16.80 -34.84
N TYR G 154 13.73 -17.61 -34.84
CA TYR G 154 14.35 -18.04 -33.60
C TYR G 154 15.81 -17.64 -33.52
N CYS G 155 16.22 -17.17 -32.35
CA CYS G 155 17.59 -16.73 -32.16
C CYS G 155 18.10 -17.03 -30.78
N GLY G 156 19.38 -17.37 -30.71
CA GLY G 156 19.99 -17.66 -29.43
C GLY G 156 21.45 -17.27 -29.41
N GLY G 157 21.86 -16.61 -28.33
CA GLY G 157 23.25 -16.22 -28.15
C GLY G 157 23.71 -17.20 -27.09
N LEU G 158 24.49 -18.18 -27.50
CA LEU G 158 24.92 -19.22 -26.56
C LEU G 158 26.40 -19.50 -26.66
N PRO G 159 26.91 -20.37 -25.79
CA PRO G 159 28.34 -20.67 -25.90
C PRO G 159 28.48 -21.69 -27.03
N ALA G 160 29.63 -21.73 -27.70
CA ALA G 160 29.82 -22.70 -28.75
C ALA G 160 29.67 -24.05 -28.02
N PRO G 161 29.19 -25.08 -28.73
CA PRO G 161 29.00 -26.40 -28.10
C PRO G 161 30.20 -26.87 -27.27
N GLU G 162 31.40 -26.68 -27.80
CA GLU G 162 32.61 -27.10 -27.11
C GLU G 162 32.93 -26.22 -25.90
N SER G 163 32.24 -25.09 -25.79
CA SER G 163 32.46 -24.16 -24.67
C SER G 163 31.23 -24.09 -23.75
N SER G 164 30.28 -24.99 -23.94
CA SER G 164 29.03 -24.98 -23.15
C SER G 164 29.03 -25.91 -21.95
N ASP G 165 30.19 -26.36 -21.53
CA ASP G 165 30.25 -27.30 -20.43
C ASP G 165 30.16 -26.80 -18.99
N ASN G 166 28.96 -26.37 -18.60
CA ASN G 166 28.68 -25.99 -17.21
C ASN G 166 27.21 -26.40 -17.01
N PRO G 167 26.77 -26.55 -15.76
CA PRO G 167 25.39 -26.96 -15.46
C PRO G 167 24.23 -26.30 -16.22
N LEU G 168 24.43 -25.08 -16.70
CA LEU G 168 23.37 -24.39 -17.44
C LEU G 168 23.53 -24.37 -18.95
N GLY G 169 24.69 -24.80 -19.44
CA GLY G 169 24.93 -24.78 -20.88
C GLY G 169 24.82 -23.33 -21.33
N TYR G 170 25.18 -22.42 -20.44
CA TYR G 170 25.06 -20.99 -20.74
C TYR G 170 26.16 -20.15 -20.09
N LYS G 171 26.70 -19.21 -20.85
CA LYS G 171 27.73 -18.29 -20.37
C LYS G 171 27.36 -16.92 -20.90
N PHE G 172 27.68 -15.88 -20.14
CA PHE G 172 27.30 -14.52 -20.53
C PHE G 172 28.09 -13.87 -21.66
N SER G 173 27.36 -13.38 -22.66
CA SER G 173 27.94 -12.69 -23.81
C SER G 173 27.29 -11.31 -23.90
N TRP G 174 26.28 -11.08 -23.06
CA TRP G 174 25.56 -9.80 -22.98
C TRP G 174 24.87 -9.68 -21.63
N SER G 175 24.49 -8.46 -21.26
CA SER G 175 23.84 -8.14 -19.99
C SER G 175 23.29 -9.31 -19.17
N SER G 176 24.01 -9.64 -18.09
CA SER G 176 23.60 -10.73 -17.20
C SER G 176 22.20 -10.56 -16.64
N ARG G 177 21.89 -9.41 -16.07
CA ARG G 177 20.54 -9.26 -15.54
C ARG G 177 19.54 -9.19 -16.69
N GLY G 178 19.98 -8.67 -17.84
CA GLY G 178 19.10 -8.62 -19.00
C GLY G 178 18.70 -10.03 -19.37
N VAL G 179 19.63 -10.98 -19.21
CA VAL G 179 19.34 -12.38 -19.52
C VAL G 179 18.24 -12.90 -18.58
N LEU G 180 18.37 -12.59 -17.30
CA LEU G 180 17.40 -13.06 -16.31
C LEU G 180 16.03 -12.42 -16.52
N LEU G 181 16.01 -11.13 -16.85
CA LEU G 181 14.75 -10.44 -17.10
C LEU G 181 14.01 -11.08 -18.26
N ALA G 182 14.74 -11.45 -19.32
CA ALA G 182 14.13 -12.06 -20.50
C ALA G 182 13.51 -13.41 -20.20
N LEU G 183 13.97 -14.06 -19.15
CA LEU G 183 13.44 -15.37 -18.77
C LEU G 183 12.07 -15.26 -18.10
N ARG G 184 11.65 -14.03 -17.81
CA ARG G 184 10.38 -13.81 -17.15
C ARG G 184 9.28 -13.20 -18.03
N ASN G 185 9.64 -12.88 -19.27
CA ASN G 185 8.71 -12.25 -20.19
C ASN G 185 7.55 -13.12 -20.66
N ALA G 186 6.34 -12.62 -20.47
CA ALA G 186 5.15 -13.33 -20.93
C ALA G 186 5.24 -13.34 -22.45
N ALA G 187 4.71 -14.37 -23.08
CA ALA G 187 4.76 -14.43 -24.53
C ALA G 187 3.37 -14.59 -25.13
N SER G 188 3.24 -14.18 -26.38
CA SER G 188 1.98 -14.29 -27.12
C SER G 188 2.35 -14.49 -28.58
N PHE G 189 1.59 -15.33 -29.28
CA PHE G 189 1.88 -15.59 -30.68
C PHE G 189 0.67 -16.16 -31.42
N TYR G 190 0.81 -16.27 -32.74
CA TYR G 190 -0.25 -16.82 -33.55
C TYR G 190 0.03 -18.26 -33.89
N LYS G 191 -0.97 -19.10 -33.65
CA LYS G 191 -0.90 -20.52 -33.97
C LYS G 191 -2.25 -20.91 -34.55
N ASP G 192 -2.22 -21.41 -35.79
CA ASP G 192 -3.45 -21.81 -36.48
C ASP G 192 -4.45 -20.66 -36.55
N GLY G 193 -3.95 -19.47 -36.87
CA GLY G 193 -4.81 -18.31 -36.98
C GLY G 193 -5.27 -17.67 -35.69
N LYS G 194 -5.01 -18.29 -34.55
CA LYS G 194 -5.44 -17.71 -33.29
C LYS G 194 -4.34 -17.39 -32.28
N VAL G 195 -4.62 -16.37 -31.47
CA VAL G 195 -3.69 -15.90 -30.45
C VAL G 195 -3.53 -16.92 -29.32
N THR G 196 -2.29 -17.24 -28.99
CA THR G 196 -1.99 -18.16 -27.91
C THR G 196 -1.11 -17.39 -26.94
N ASN G 197 -1.47 -17.42 -25.66
CA ASN G 197 -0.72 -16.70 -24.65
C ASN G 197 0.02 -17.59 -23.66
N VAL G 198 1.16 -17.11 -23.19
CA VAL G 198 1.97 -17.84 -22.22
C VAL G 198 2.35 -16.86 -21.13
N ALA G 199 1.92 -17.15 -19.90
CA ALA G 199 2.23 -16.30 -18.77
C ALA G 199 3.71 -16.39 -18.43
N GLY G 200 4.29 -15.26 -18.05
CA GLY G 200 5.70 -15.19 -17.71
C GLY G 200 6.22 -16.32 -16.83
N PRO G 201 5.58 -16.57 -15.67
CA PRO G 201 6.01 -17.64 -14.75
C PRO G 201 5.93 -19.05 -15.31
N GLU G 202 5.31 -19.18 -16.48
CA GLU G 202 5.18 -20.51 -17.09
C GLU G 202 5.88 -20.60 -18.44
N LEU G 203 6.79 -19.66 -18.70
CA LEU G 203 7.52 -19.63 -19.96
C LEU G 203 8.39 -20.86 -20.21
N MET G 204 9.26 -21.20 -19.24
CA MET G 204 10.16 -22.33 -19.40
C MET G 204 9.49 -23.67 -19.70
N ALA G 205 8.28 -23.86 -19.17
CA ALA G 205 7.54 -25.11 -19.39
C ALA G 205 7.16 -25.34 -20.86
N THR G 206 7.12 -24.27 -21.65
CA THR G 206 6.76 -24.39 -23.07
C THR G 206 7.92 -24.79 -23.98
N ALA G 207 9.13 -24.80 -23.43
CA ALA G 207 10.32 -25.16 -24.20
C ALA G 207 10.19 -26.52 -24.86
N LYS G 208 10.56 -26.58 -26.14
CA LYS G 208 10.50 -27.81 -26.91
C LYS G 208 11.73 -27.90 -27.80
N PRO G 209 12.16 -29.12 -28.14
CA PRO G 209 13.32 -29.26 -29.01
C PRO G 209 13.02 -28.51 -30.32
N TYR G 210 14.00 -27.78 -30.83
CA TYR G 210 13.80 -27.05 -32.07
C TYR G 210 14.92 -27.40 -33.04
N PHE G 211 14.60 -28.20 -34.04
CA PHE G 211 15.57 -28.65 -35.02
C PHE G 211 15.99 -27.62 -36.07
N ILE G 212 17.30 -27.48 -36.23
CA ILE G 212 17.86 -26.58 -37.24
C ILE G 212 18.88 -27.37 -38.04
N TYR G 213 19.92 -27.85 -37.38
CA TYR G 213 20.96 -28.67 -38.03
C TYR G 213 21.19 -29.88 -37.11
N PRO G 214 21.50 -31.03 -37.70
CA PRO G 214 21.75 -32.27 -36.96
C PRO G 214 22.71 -32.16 -35.77
N GLY G 215 23.78 -31.38 -35.93
CA GLY G 215 24.75 -31.27 -34.85
C GLY G 215 24.35 -30.53 -33.58
N PHE G 216 23.37 -29.64 -33.68
CA PHE G 216 22.95 -28.85 -32.52
C PHE G 216 21.78 -29.42 -31.73
N ALA G 217 21.83 -29.23 -30.42
CA ALA G 217 20.78 -29.67 -29.53
C ALA G 217 20.06 -28.42 -29.01
N PHE G 218 19.24 -27.81 -29.87
CA PHE G 218 18.49 -26.61 -29.49
C PHE G 218 17.10 -26.92 -28.95
N VAL G 219 16.63 -26.07 -28.03
CA VAL G 219 15.28 -26.15 -27.49
C VAL G 219 14.83 -24.71 -27.63
N ALA G 220 13.53 -24.47 -27.79
CA ALA G 220 13.06 -23.10 -27.94
C ALA G 220 11.75 -22.79 -27.23
N TYR G 221 11.58 -21.51 -26.90
CA TYR G 221 10.36 -21.03 -26.25
C TYR G 221 10.04 -19.66 -26.85
N PRO G 222 8.76 -19.26 -26.84
CA PRO G 222 8.33 -17.98 -27.39
C PRO G 222 9.03 -16.80 -26.76
N ASN G 223 9.32 -15.79 -27.56
CA ASN G 223 10.00 -14.59 -27.06
C ASN G 223 9.08 -13.37 -27.15
N ARG G 224 8.52 -12.98 -26.01
CA ARG G 224 7.63 -11.82 -25.94
C ARG G 224 6.38 -11.94 -26.82
N ASP G 225 5.73 -10.81 -27.07
CA ASP G 225 4.51 -10.78 -27.86
C ASP G 225 4.79 -10.67 -29.36
N SER G 226 4.53 -11.76 -30.08
CA SER G 226 4.74 -11.81 -31.51
C SER G 226 3.53 -11.35 -32.31
N THR G 227 2.35 -11.34 -31.69
CA THR G 227 1.13 -10.97 -32.40
C THR G 227 1.14 -9.63 -33.14
N PRO G 228 1.80 -8.60 -32.57
CA PRO G 228 1.81 -7.32 -33.30
C PRO G 228 2.54 -7.37 -34.64
N TYR G 229 3.34 -8.41 -34.84
CA TYR G 229 4.08 -8.54 -36.10
C TYR G 229 3.21 -8.88 -37.28
N LYS G 230 1.96 -9.25 -37.01
CA LYS G 230 1.02 -9.56 -38.08
C LYS G 230 0.89 -8.25 -38.84
N GLU G 231 0.84 -7.15 -38.10
CA GLU G 231 0.74 -5.83 -38.70
C GLU G 231 2.12 -5.23 -38.95
N ARG G 232 3.03 -5.42 -38.00
CA ARG G 232 4.38 -4.86 -38.13
C ARG G 232 5.16 -5.37 -39.34
N TYR G 233 5.01 -6.66 -39.66
CA TYR G 233 5.67 -7.24 -40.82
C TYR G 233 4.71 -7.33 -42.02
N GLN G 234 3.49 -6.82 -41.82
CA GLN G 234 2.49 -6.84 -42.87
C GLN G 234 2.22 -8.22 -43.45
N ILE G 235 1.91 -9.16 -42.58
CA ILE G 235 1.60 -10.53 -43.00
C ILE G 235 0.26 -10.96 -42.41
N PRO G 236 -0.82 -10.27 -42.80
CA PRO G 236 -2.15 -10.60 -42.28
C PRO G 236 -2.60 -12.01 -42.70
N GLU G 237 -2.00 -12.55 -43.75
CA GLU G 237 -2.34 -13.88 -44.23
C GLU G 237 -1.68 -15.01 -43.45
N ALA G 238 -0.78 -14.66 -42.52
CA ALA G 238 -0.07 -15.67 -41.72
C ALA G 238 -0.91 -16.29 -40.60
N ASP G 239 -0.97 -17.62 -40.60
CA ASP G 239 -1.71 -18.36 -39.59
C ASP G 239 -0.80 -18.55 -38.39
N ASN G 240 0.50 -18.70 -38.65
CA ASN G 240 1.49 -18.90 -37.60
C ASN G 240 2.57 -17.83 -37.63
N ILE G 241 2.72 -17.13 -36.51
CA ILE G 241 3.71 -16.07 -36.38
C ILE G 241 4.34 -16.20 -34.99
N VAL G 242 5.64 -16.45 -34.96
CA VAL G 242 6.33 -16.60 -33.68
C VAL G 242 7.79 -16.16 -33.73
N ARG G 243 8.16 -15.33 -32.75
CA ARG G 243 9.54 -14.88 -32.62
C ARG G 243 9.94 -15.62 -31.35
N GLY G 244 11.02 -16.39 -31.43
CA GLY G 244 11.45 -17.16 -30.28
C GLY G 244 12.93 -17.15 -29.95
N THR G 245 13.23 -17.77 -28.82
CA THR G 245 14.58 -17.85 -28.30
C THR G 245 15.07 -19.27 -28.20
N LEU G 246 16.34 -19.47 -28.54
CA LEU G 246 16.97 -20.78 -28.52
C LEU G 246 17.93 -20.88 -27.34
N ARG G 247 17.94 -22.05 -26.71
CA ARG G 247 18.84 -22.36 -25.61
C ARG G 247 19.23 -23.80 -25.89
N TYR G 248 20.13 -24.36 -25.08
CA TYR G 248 20.55 -25.74 -25.26
C TYR G 248 19.73 -26.63 -24.36
N GLN G 249 19.64 -27.91 -24.73
CA GLN G 249 18.90 -28.92 -24.00
C GLN G 249 19.19 -28.83 -22.50
N GLY G 250 18.13 -28.87 -21.68
CA GLY G 250 18.30 -28.82 -20.24
C GLY G 250 18.21 -27.46 -19.59
N PHE G 251 18.52 -26.40 -20.32
CA PHE G 251 18.48 -25.06 -19.77
C PHE G 251 17.12 -24.62 -19.21
N PRO G 252 16.04 -24.68 -20.02
CA PRO G 252 14.75 -24.26 -19.47
C PRO G 252 14.22 -24.99 -18.23
N GLN G 253 14.46 -26.29 -18.14
CA GLN G 253 14.02 -27.06 -16.98
C GLN G 253 14.72 -26.56 -15.72
N PHE G 254 16.00 -26.21 -15.88
CA PHE G 254 16.81 -25.71 -14.79
C PHE G 254 16.24 -24.37 -14.33
N ILE G 255 15.99 -23.48 -15.30
CA ILE G 255 15.45 -22.16 -15.00
C ILE G 255 14.07 -22.27 -14.35
N LYS G 256 13.27 -23.21 -14.85
CA LYS G 256 11.93 -23.42 -14.34
C LYS G 256 11.99 -23.60 -12.81
N VAL G 257 12.94 -24.40 -12.35
CA VAL G 257 13.11 -24.64 -10.92
C VAL G 257 13.44 -23.33 -10.17
N LEU G 258 14.40 -22.56 -10.68
CA LEU G 258 14.77 -21.31 -10.03
C LEU G 258 13.55 -20.39 -9.93
N VAL G 259 12.73 -20.37 -10.97
CA VAL G 259 11.53 -19.54 -10.99
C VAL G 259 10.53 -20.03 -9.97
N ASP G 260 10.30 -21.35 -9.95
CA ASP G 260 9.35 -21.94 -9.02
C ASP G 260 9.67 -21.76 -7.55
N ILE G 261 10.95 -21.78 -7.20
CA ILE G 261 11.33 -21.61 -5.80
C ILE G 261 11.55 -20.15 -5.38
N GLY G 262 11.28 -19.22 -6.29
CA GLY G 262 11.41 -17.81 -5.98
C GLY G 262 12.74 -17.11 -6.21
N PHE G 263 13.64 -17.72 -6.97
CA PHE G 263 14.93 -17.10 -7.21
C PHE G 263 14.95 -15.99 -8.26
N LEU G 264 13.87 -15.85 -9.01
CA LEU G 264 13.82 -14.80 -10.03
C LEU G 264 12.89 -13.65 -9.60
N SER G 265 12.67 -13.54 -8.30
CA SER G 265 11.84 -12.49 -7.75
C SER G 265 12.71 -11.26 -7.54
N ASP G 266 12.21 -10.08 -7.89
CA ASP G 266 12.99 -8.87 -7.70
C ASP G 266 12.43 -8.07 -6.52
N GLU G 267 11.71 -8.76 -5.64
CA GLU G 267 11.13 -8.14 -4.46
C GLU G 267 12.22 -7.88 -3.42
N GLU G 268 12.29 -6.65 -2.94
CA GLU G 268 13.30 -6.29 -1.96
C GLU G 268 13.10 -7.01 -0.64
N GLN G 269 14.14 -7.72 -0.22
CA GLN G 269 14.12 -8.49 1.02
C GLN G 269 15.20 -7.95 1.96
N PRO G 270 14.82 -7.54 3.17
CA PRO G 270 15.76 -7.00 4.15
C PRO G 270 16.98 -7.91 4.37
N PHE G 271 16.75 -9.21 4.41
CA PHE G 271 17.86 -10.14 4.65
C PHE G 271 18.83 -10.26 3.47
N LEU G 272 18.47 -9.70 2.32
CA LEU G 272 19.34 -9.77 1.15
C LEU G 272 20.28 -8.57 0.97
N LYS G 273 20.35 -7.71 1.98
CA LYS G 273 21.25 -6.57 1.88
C LYS G 273 22.42 -6.76 2.84
N GLU G 274 22.55 -7.99 3.33
CA GLU G 274 23.59 -8.35 4.26
C GLU G 274 24.39 -9.51 3.67
N ALA G 275 25.70 -9.50 3.85
CA ALA G 275 26.55 -10.55 3.29
C ALA G 275 26.49 -11.85 4.08
N ILE G 276 25.31 -12.47 4.12
CA ILE G 276 25.14 -13.73 4.84
C ILE G 276 25.54 -14.92 3.97
N PRO G 277 25.72 -16.09 4.60
CA PRO G 277 26.11 -17.30 3.85
C PRO G 277 25.00 -17.68 2.88
N TRP G 278 25.36 -18.20 1.71
CA TRP G 278 24.37 -18.60 0.72
C TRP G 278 23.33 -19.53 1.34
N LYS G 279 23.78 -20.44 2.19
CA LYS G 279 22.88 -21.38 2.87
C LYS G 279 21.67 -20.64 3.41
N GLU G 280 21.94 -19.62 4.22
CA GLU G 280 20.89 -18.83 4.84
C GLU G 280 20.02 -18.07 3.84
N ALA G 281 20.67 -17.44 2.86
CA ALA G 281 19.94 -16.69 1.85
C ALA G 281 18.95 -17.61 1.12
N THR G 282 19.43 -18.76 0.68
CA THR G 282 18.60 -19.73 -0.03
C THR G 282 17.46 -20.22 0.87
N GLN G 283 17.78 -20.48 2.13
CA GLN G 283 16.78 -20.95 3.08
C GLN G 283 15.60 -19.98 3.12
N LYS G 284 15.90 -18.69 3.26
CA LYS G 284 14.88 -17.65 3.31
C LYS G 284 14.12 -17.49 2.00
N ILE G 285 14.84 -17.54 0.88
CA ILE G 285 14.22 -17.39 -0.43
C ILE G 285 13.27 -18.54 -0.75
N VAL G 286 13.76 -19.76 -0.56
CA VAL G 286 12.98 -20.97 -0.81
C VAL G 286 12.03 -21.26 0.34
N LYS G 287 12.26 -20.62 1.48
CA LYS G 287 11.44 -20.80 2.68
C LYS G 287 11.57 -22.19 3.31
N ALA G 288 12.80 -22.64 3.48
CA ALA G 288 13.06 -23.94 4.09
C ALA G 288 13.12 -23.73 5.60
N SER G 289 12.96 -24.81 6.37
CA SER G 289 12.97 -24.72 7.83
C SER G 289 14.39 -24.75 8.41
N SER G 290 15.38 -24.91 7.55
CA SER G 290 16.77 -24.98 7.98
C SER G 290 17.71 -24.65 6.84
N ALA G 291 18.93 -24.26 7.17
CA ALA G 291 19.95 -23.92 6.17
C ALA G 291 20.64 -25.19 5.70
N SER G 292 20.20 -26.32 6.24
CA SER G 292 20.75 -27.62 5.89
C SER G 292 20.48 -27.91 4.41
N GLU G 293 21.43 -28.56 3.75
CA GLU G 293 21.24 -28.88 2.34
C GLU G 293 20.06 -29.84 2.17
N GLN G 294 19.96 -30.82 3.07
CA GLN G 294 18.87 -31.78 3.01
C GLN G 294 17.51 -31.13 3.15
N ASP G 295 17.39 -30.17 4.07
CA ASP G 295 16.13 -29.48 4.30
C ASP G 295 15.79 -28.54 3.13
N ILE G 296 16.79 -27.79 2.66
CA ILE G 296 16.57 -26.89 1.54
C ILE G 296 16.11 -27.69 0.33
N VAL G 297 16.81 -28.78 0.04
CA VAL G 297 16.45 -29.61 -1.10
C VAL G 297 15.04 -30.19 -0.92
N SER G 298 14.71 -30.59 0.31
CA SER G 298 13.39 -31.15 0.55
C SER G 298 12.31 -30.14 0.17
N THR G 299 12.49 -28.89 0.61
CA THR G 299 11.55 -27.84 0.30
C THR G 299 11.50 -27.58 -1.21
N ILE G 300 12.68 -27.50 -1.84
CA ILE G 300 12.75 -27.24 -3.27
C ILE G 300 12.00 -28.30 -4.07
N VAL G 301 12.30 -29.57 -3.81
CA VAL G 301 11.66 -30.67 -4.53
C VAL G 301 10.14 -30.64 -4.33
N SER G 302 9.70 -30.26 -3.14
CA SER G 302 8.27 -30.21 -2.86
C SER G 302 7.58 -29.07 -3.60
N ASN G 303 8.36 -28.08 -4.02
CA ASN G 303 7.82 -26.91 -4.72
C ASN G 303 8.20 -26.78 -6.19
N ALA G 304 9.04 -27.66 -6.70
CA ALA G 304 9.44 -27.58 -8.09
C ALA G 304 9.01 -28.80 -8.88
N THR G 305 9.10 -28.70 -10.21
CA THR G 305 8.72 -29.79 -11.11
C THR G 305 9.95 -30.33 -11.84
N PHE G 306 9.98 -31.65 -12.01
CA PHE G 306 11.09 -32.31 -12.70
C PHE G 306 10.56 -33.39 -13.63
N GLU G 307 11.10 -33.43 -14.84
CA GLU G 307 10.68 -34.41 -15.83
C GLU G 307 10.99 -35.84 -15.42
N SER G 308 11.98 -36.01 -14.54
CA SER G 308 12.36 -37.33 -14.06
C SER G 308 13.31 -37.20 -12.87
N THR G 309 13.58 -38.33 -12.21
CA THR G 309 14.48 -38.33 -11.07
C THR G 309 15.89 -38.00 -11.53
N GLU G 310 16.20 -38.40 -12.77
CA GLU G 310 17.52 -38.14 -13.34
C GLU G 310 17.66 -36.64 -13.49
N GLU G 311 16.60 -36.02 -13.99
CA GLU G 311 16.55 -34.59 -14.20
C GLU G 311 16.67 -33.84 -12.86
N GLN G 312 15.98 -34.36 -11.86
CA GLN G 312 15.99 -33.76 -10.53
C GLN G 312 17.39 -33.80 -9.94
N LYS G 313 18.08 -34.91 -10.13
CA LYS G 313 19.43 -35.08 -9.63
C LYS G 313 20.35 -34.09 -10.33
N ARG G 314 20.18 -33.95 -11.65
CA ARG G 314 20.99 -33.03 -12.45
C ARG G 314 20.85 -31.59 -12.01
N ILE G 315 19.61 -31.13 -11.93
CA ILE G 315 19.33 -29.75 -11.54
C ILE G 315 19.81 -29.43 -10.13
N VAL G 316 19.54 -30.32 -9.18
CA VAL G 316 19.98 -30.09 -7.81
C VAL G 316 21.51 -29.96 -7.75
N ALA G 317 22.19 -30.80 -8.52
CA ALA G 317 23.65 -30.77 -8.57
C ALA G 317 24.11 -29.46 -9.19
N GLY G 318 23.35 -28.97 -10.16
CA GLY G 318 23.71 -27.72 -10.80
C GLY G 318 23.55 -26.57 -9.82
N LEU G 319 22.47 -26.62 -9.03
CA LEU G 319 22.22 -25.58 -8.04
C LEU G 319 23.34 -25.59 -7.02
N LYS G 320 23.80 -26.79 -6.65
CA LYS G 320 24.89 -26.90 -5.70
C LYS G 320 26.16 -26.32 -6.30
N TRP G 321 26.35 -26.56 -7.60
CA TRP G 321 27.50 -26.05 -8.33
C TRP G 321 27.54 -24.53 -8.24
N LEU G 322 26.37 -23.90 -8.31
CA LEU G 322 26.28 -22.44 -8.22
C LEU G 322 26.73 -21.97 -6.84
N GLY G 323 26.66 -22.86 -5.85
CA GLY G 323 27.08 -22.52 -4.50
C GLY G 323 25.99 -22.01 -3.58
N ILE G 324 24.73 -22.06 -4.00
CA ILE G 324 23.64 -21.56 -3.15
C ILE G 324 23.35 -22.39 -1.90
N PHE G 325 24.02 -23.53 -1.75
CA PHE G 325 23.82 -24.37 -0.56
C PHE G 325 25.08 -24.29 0.31
N SER G 326 26.07 -23.52 -0.14
CA SER G 326 27.34 -23.41 0.59
C SER G 326 27.44 -22.31 1.63
N ASP G 327 28.61 -22.23 2.27
CA ASP G 327 28.86 -21.22 3.29
C ASP G 327 29.33 -19.93 2.67
N LYS G 328 29.75 -19.98 1.41
CA LYS G 328 30.21 -18.77 0.74
C LYS G 328 29.16 -17.67 0.86
N LYS G 329 29.60 -16.50 1.27
CA LYS G 329 28.69 -15.37 1.45
C LYS G 329 28.20 -14.78 0.14
N ILE G 330 26.94 -14.35 0.16
CA ILE G 330 26.31 -13.77 -1.02
C ILE G 330 26.82 -12.35 -1.24
N THR G 331 26.57 -11.84 -2.45
CA THR G 331 26.90 -10.46 -2.77
C THR G 331 25.50 -9.86 -2.65
N PRO G 332 25.20 -9.23 -1.51
CA PRO G 332 23.90 -8.62 -1.22
C PRO G 332 23.45 -7.61 -2.26
N ARG G 333 22.32 -7.89 -2.91
CA ARG G 333 21.77 -6.98 -3.90
C ARG G 333 20.29 -6.70 -3.67
N GLY G 334 19.84 -6.91 -2.44
CA GLY G 334 18.47 -6.62 -2.08
C GLY G 334 17.36 -7.59 -2.45
N ASN G 335 17.41 -8.14 -3.65
CA ASN G 335 16.38 -9.07 -4.09
C ASN G 335 17.01 -10.36 -4.62
N ALA G 336 16.22 -11.43 -4.63
CA ALA G 336 16.68 -12.73 -5.11
C ALA G 336 17.30 -12.73 -6.51
N LEU G 337 16.61 -12.13 -7.47
CA LEU G 337 17.11 -12.11 -8.83
C LEU G 337 18.52 -11.51 -8.93
N ASP G 338 18.68 -10.28 -8.45
CA ASP G 338 19.98 -9.63 -8.50
C ASP G 338 21.06 -10.29 -7.66
N THR G 339 20.68 -10.82 -6.50
CA THR G 339 21.65 -11.48 -5.62
C THR G 339 22.17 -12.75 -6.30
N LEU G 340 21.25 -13.48 -6.93
CA LEU G 340 21.64 -14.70 -7.64
C LEU G 340 22.51 -14.31 -8.83
N CYS G 341 22.08 -13.27 -9.53
CA CYS G 341 22.79 -12.79 -10.70
C CYS G 341 24.28 -12.57 -10.40
N ALA G 342 24.56 -11.91 -9.28
CA ALA G 342 25.94 -11.64 -8.88
C ALA G 342 26.77 -12.93 -8.86
N THR G 343 26.18 -14.00 -8.34
CA THR G 343 26.89 -15.28 -8.29
C THR G 343 26.93 -15.93 -9.69
N LEU G 344 25.91 -15.70 -10.51
CA LEU G 344 25.92 -16.27 -11.85
C LEU G 344 27.07 -15.63 -12.64
N GLU G 345 27.19 -14.31 -12.52
CA GLU G 345 28.25 -13.55 -13.20
C GLU G 345 29.62 -14.08 -12.81
N GLU G 346 29.71 -14.58 -11.58
CA GLU G 346 30.93 -15.12 -11.02
C GLU G 346 31.28 -16.47 -11.66
N LYS G 347 30.28 -17.33 -11.79
CA LYS G 347 30.49 -18.68 -12.33
C LYS G 347 30.22 -18.96 -13.80
N MET G 348 29.56 -18.05 -14.51
CA MET G 348 29.24 -18.34 -15.91
C MET G 348 29.85 -17.39 -16.92
N GLN G 349 31.12 -17.07 -16.72
CA GLN G 349 31.82 -16.18 -17.61
C GLN G 349 32.59 -17.04 -18.61
N PHE G 350 32.78 -16.53 -19.83
CA PHE G 350 33.54 -17.26 -20.84
C PHE G 350 35.00 -17.22 -20.40
N GLU G 351 35.68 -18.35 -20.47
CA GLU G 351 37.08 -18.42 -20.07
C GLU G 351 38.04 -18.49 -21.26
N GLU G 352 39.33 -18.34 -20.98
CA GLU G 352 40.39 -18.36 -21.98
C GLU G 352 40.20 -19.44 -23.02
N GLY G 353 40.23 -19.05 -24.29
CA GLY G 353 40.08 -20.00 -25.37
C GLY G 353 38.65 -20.37 -25.76
N GLU G 354 37.67 -20.02 -24.93
CA GLU G 354 36.28 -20.35 -25.23
C GLU G 354 35.65 -19.33 -26.17
N ARG G 355 34.54 -19.70 -26.81
CA ARG G 355 33.87 -18.80 -27.75
C ARG G 355 32.36 -18.95 -27.68
N ASP G 356 31.63 -17.92 -28.10
CA ASP G 356 30.19 -18.01 -28.09
C ASP G 356 29.69 -18.40 -29.48
N LEU G 357 28.38 -18.44 -29.62
CA LEU G 357 27.75 -18.82 -30.88
C LEU G 357 26.41 -18.11 -31.00
N VAL G 358 26.18 -17.50 -32.15
CA VAL G 358 24.90 -16.86 -32.38
C VAL G 358 24.23 -17.66 -33.49
N MET G 359 23.03 -18.12 -33.23
CA MET G 359 22.24 -18.88 -34.19
C MET G 359 20.94 -18.13 -34.39
N LEU G 360 20.71 -17.68 -35.61
CA LEU G 360 19.48 -16.97 -35.95
C LEU G 360 18.92 -17.62 -37.20
N GLN G 361 17.65 -18.01 -37.16
CA GLN G 361 17.04 -18.61 -38.34
C GLN G 361 15.57 -18.28 -38.51
N HIS G 362 15.25 -17.76 -39.69
CA HIS G 362 13.88 -17.43 -40.04
C HIS G 362 13.37 -18.62 -40.85
N LYS G 363 12.09 -18.92 -40.72
CA LYS G 363 11.50 -20.00 -41.49
C LYS G 363 10.18 -19.48 -42.02
N PHE G 364 9.97 -19.65 -43.33
CA PHE G 364 8.75 -19.19 -43.95
C PHE G 364 8.02 -20.30 -44.70
N GLU G 365 6.75 -20.53 -44.36
CA GLU G 365 5.95 -21.52 -45.06
C GLU G 365 5.24 -20.66 -46.09
N ILE G 366 5.58 -20.84 -47.36
CA ILE G 366 5.01 -20.03 -48.42
C ILE G 366 4.05 -20.72 -49.38
N GLU G 367 3.05 -19.96 -49.80
CA GLU G 367 2.05 -20.40 -50.76
C GLU G 367 2.28 -19.49 -51.95
N ASN G 368 2.90 -20.03 -52.99
CA ASN G 368 3.21 -19.26 -54.19
C ASN G 368 1.98 -18.79 -54.96
N LYS G 369 2.21 -17.83 -55.86
CA LYS G 369 1.14 -17.27 -56.68
C LYS G 369 0.40 -18.34 -57.48
N ASP G 370 1.11 -19.34 -57.98
CA ASP G 370 0.53 -20.42 -58.76
C ASP G 370 -0.06 -21.53 -57.89
N GLY G 371 -0.32 -21.22 -56.62
CA GLY G 371 -0.89 -22.22 -55.72
C GLY G 371 0.15 -23.19 -55.16
N SER G 372 1.37 -23.12 -55.68
CA SER G 372 2.44 -24.00 -55.22
C SER G 372 2.85 -23.67 -53.78
N ARG G 373 3.53 -24.61 -53.13
CA ARG G 373 3.98 -24.42 -51.76
C ARG G 373 5.45 -24.75 -51.55
N GLU G 374 6.11 -23.97 -50.69
CA GLU G 374 7.52 -24.20 -50.40
C GLU G 374 7.88 -23.67 -49.01
N THR G 375 9.01 -24.16 -48.51
CA THR G 375 9.52 -23.76 -47.21
C THR G 375 10.88 -23.11 -47.38
N ARG G 376 11.02 -21.90 -46.86
CA ARG G 376 12.28 -21.18 -46.97
C ARG G 376 12.85 -20.89 -45.58
N THR G 377 14.17 -20.93 -45.47
CA THR G 377 14.85 -20.62 -44.22
C THR G 377 15.85 -19.53 -44.52
N SER G 378 16.13 -18.71 -43.53
CA SER G 378 17.09 -17.62 -43.65
C SER G 378 17.95 -17.83 -42.41
N SER G 379 19.23 -18.11 -42.60
CA SER G 379 20.09 -18.42 -41.46
C SER G 379 21.38 -17.66 -41.29
N LEU G 380 21.79 -17.56 -40.04
CA LEU G 380 23.03 -16.92 -39.64
C LEU G 380 23.53 -17.74 -38.48
N CYS G 381 24.71 -18.34 -38.65
CA CYS G 381 25.30 -19.17 -37.61
C CYS G 381 26.75 -18.72 -37.50
N GLU G 382 27.06 -17.97 -36.46
CA GLU G 382 28.43 -17.48 -36.29
C GLU G 382 29.05 -17.69 -34.92
N TYR G 383 30.30 -18.12 -34.92
CA TYR G 383 31.05 -18.35 -33.71
C TYR G 383 31.86 -17.10 -33.41
N GLY G 384 32.03 -16.80 -32.12
CA GLY G 384 32.79 -15.62 -31.76
C GLY G 384 34.28 -15.94 -31.72
N ALA G 385 35.11 -14.92 -31.61
CA ALA G 385 36.55 -15.10 -31.53
C ALA G 385 36.86 -15.63 -30.13
N PRO G 386 37.80 -16.58 -30.02
CA PRO G 386 38.18 -17.15 -28.72
C PRO G 386 38.60 -16.09 -27.70
N ILE G 387 38.23 -16.31 -26.44
CA ILE G 387 38.61 -15.38 -25.39
C ILE G 387 40.14 -15.35 -25.31
N GLY G 388 40.71 -14.15 -25.31
CA GLY G 388 42.15 -13.99 -25.25
C GLY G 388 42.76 -13.62 -26.60
N SER G 389 41.97 -13.81 -27.66
CA SER G 389 42.41 -13.49 -29.01
C SER G 389 42.27 -12.01 -29.28
N GLY G 390 41.44 -11.34 -28.50
CA GLY G 390 41.21 -9.92 -28.70
C GLY G 390 40.13 -9.65 -29.72
N GLY G 391 39.56 -10.72 -30.29
CA GLY G 391 38.52 -10.57 -31.29
C GLY G 391 37.16 -10.43 -30.63
N TYR G 392 36.11 -10.15 -31.41
CA TYR G 392 34.78 -9.99 -30.85
C TYR G 392 34.06 -11.31 -30.67
N SER G 393 33.16 -11.36 -29.69
CA SER G 393 32.35 -12.54 -29.51
C SER G 393 31.33 -12.35 -30.64
N ALA G 394 30.58 -13.39 -30.99
CA ALA G 394 29.60 -13.26 -32.06
C ALA G 394 28.51 -12.28 -31.64
N MET G 395 28.14 -12.31 -30.37
CA MET G 395 27.10 -11.44 -29.83
C MET G 395 27.52 -9.97 -29.92
N ALA G 396 28.71 -9.64 -29.44
CA ALA G 396 29.18 -8.25 -29.47
C ALA G 396 29.25 -7.73 -30.90
N LYS G 397 29.77 -8.56 -31.81
CA LYS G 397 29.88 -8.16 -33.21
C LYS G 397 28.51 -7.92 -33.86
N LEU G 398 27.61 -8.89 -33.73
CA LEU G 398 26.29 -8.81 -34.35
C LEU G 398 25.34 -7.79 -33.73
N VAL G 399 25.73 -7.23 -32.59
CA VAL G 399 24.93 -6.20 -31.92
C VAL G 399 25.62 -4.86 -32.10
N GLY G 400 26.90 -4.81 -31.74
CA GLY G 400 27.65 -3.57 -31.85
C GLY G 400 27.91 -3.03 -33.25
N VAL G 401 28.12 -3.90 -34.23
CA VAL G 401 28.38 -3.41 -35.58
C VAL G 401 27.11 -2.82 -36.18
N PRO G 402 25.97 -3.54 -36.09
CA PRO G 402 24.74 -2.96 -36.66
C PRO G 402 24.42 -1.63 -35.97
N CYS G 403 24.70 -1.55 -34.67
CA CYS G 403 24.46 -0.33 -33.91
C CYS G 403 25.31 0.80 -34.49
N ALA G 404 26.60 0.52 -34.68
CA ALA G 404 27.52 1.52 -35.23
C ALA G 404 27.10 1.98 -36.62
N VAL G 405 26.69 1.03 -37.46
CA VAL G 405 26.24 1.36 -38.80
C VAL G 405 25.01 2.27 -38.74
N ALA G 406 24.11 1.99 -37.81
CA ALA G 406 22.90 2.80 -37.65
C ALA G 406 23.30 4.21 -37.23
N VAL G 407 24.24 4.29 -36.28
CA VAL G 407 24.70 5.59 -35.81
C VAL G 407 25.24 6.42 -36.97
N LYS G 408 26.11 5.81 -37.79
CA LYS G 408 26.69 6.48 -38.93
C LYS G 408 25.62 6.92 -39.92
N PHE G 409 24.58 6.12 -40.09
CA PHE G 409 23.50 6.48 -41.00
C PHE G 409 22.65 7.63 -40.47
N VAL G 410 22.46 7.70 -39.16
CA VAL G 410 21.68 8.79 -38.58
C VAL G 410 22.51 10.06 -38.73
N LEU G 411 23.81 9.95 -38.47
CA LEU G 411 24.72 11.09 -38.59
C LEU G 411 24.85 11.65 -40.01
N ASP G 412 24.88 10.79 -41.02
CA ASP G 412 25.02 11.29 -42.39
C ASP G 412 23.71 11.48 -43.16
N GLY G 413 22.58 11.23 -42.50
CA GLY G 413 21.30 11.43 -43.15
C GLY G 413 20.67 10.24 -43.86
N THR G 414 21.38 9.11 -43.92
CA THR G 414 20.84 7.92 -44.57
C THR G 414 19.53 7.54 -43.88
N ILE G 415 19.50 7.66 -42.54
CA ILE G 415 18.29 7.41 -41.76
C ILE G 415 17.86 8.82 -41.35
N SER G 416 16.83 9.36 -42.00
CA SER G 416 16.41 10.71 -41.69
C SER G 416 15.02 10.92 -41.10
N ASP G 417 14.20 9.87 -41.03
CA ASP G 417 12.87 10.02 -40.44
C ASP G 417 13.06 10.44 -38.99
N ARG G 418 12.21 11.34 -38.50
CA ARG G 418 12.32 11.79 -37.12
C ARG G 418 11.33 11.02 -36.26
N GLY G 419 11.56 11.00 -34.96
CA GLY G 419 10.66 10.29 -34.08
C GLY G 419 11.31 9.01 -33.56
N VAL G 420 10.49 8.13 -33.00
CA VAL G 420 10.96 6.86 -32.45
C VAL G 420 10.79 5.80 -33.53
N LEU G 421 11.92 5.31 -34.02
CA LEU G 421 11.93 4.32 -35.10
C LEU G 421 12.52 2.95 -34.77
N ALA G 422 12.34 2.05 -35.73
CA ALA G 422 12.84 0.68 -35.70
C ALA G 422 13.11 0.33 -37.17
N PRO G 423 13.91 -0.72 -37.44
CA PRO G 423 14.23 -1.14 -38.82
C PRO G 423 13.00 -1.76 -39.47
N MET G 424 12.03 -0.94 -39.85
CA MET G 424 10.79 -1.46 -40.45
C MET G 424 10.49 -0.97 -41.87
N ASN G 425 11.46 -0.35 -42.53
CA ASN G 425 11.24 0.16 -43.88
C ASN G 425 12.43 -0.16 -44.79
N SER G 426 12.15 -0.72 -45.96
CA SER G 426 13.21 -1.06 -46.91
C SER G 426 14.07 0.15 -47.20
N LYS G 427 13.50 1.33 -47.00
CA LYS G 427 14.20 2.59 -47.22
C LYS G 427 15.48 2.66 -46.40
N ILE G 428 15.44 2.13 -45.18
CA ILE G 428 16.63 2.15 -44.35
C ILE G 428 17.19 0.74 -44.15
N ASN G 429 16.33 -0.26 -44.23
CA ASN G 429 16.76 -1.65 -44.07
C ASN G 429 17.74 -2.10 -45.16
N ASP G 430 17.48 -1.73 -46.42
CA ASP G 430 18.39 -2.13 -47.49
C ASP G 430 19.78 -1.55 -47.29
N PRO G 431 19.87 -0.24 -47.00
CA PRO G 431 21.20 0.35 -46.79
C PRO G 431 21.90 -0.31 -45.61
N LEU G 432 21.13 -0.65 -44.57
CA LEU G 432 21.70 -1.30 -43.40
C LEU G 432 22.27 -2.66 -43.77
N MET G 433 21.46 -3.48 -44.45
CA MET G 433 21.89 -4.81 -44.87
C MET G 433 23.09 -4.76 -45.82
N LYS G 434 23.05 -3.81 -46.76
CA LYS G 434 24.13 -3.69 -47.73
C LYS G 434 25.47 -3.40 -47.07
N GLU G 435 25.50 -2.44 -46.14
CA GLU G 435 26.74 -2.10 -45.44
C GLU G 435 27.21 -3.24 -44.55
N LEU G 436 26.27 -3.86 -43.84
CA LEU G 436 26.62 -4.96 -42.96
C LEU G 436 27.17 -6.14 -43.76
N LYS G 437 26.56 -6.40 -44.92
CA LYS G 437 26.99 -7.51 -45.75
C LYS G 437 28.32 -7.24 -46.45
N GLU G 438 28.35 -6.19 -47.25
CA GLU G 438 29.55 -5.85 -48.01
C GLU G 438 30.78 -5.46 -47.21
N LYS G 439 30.59 -4.71 -46.14
CA LYS G 439 31.75 -4.29 -45.36
C LYS G 439 32.12 -5.20 -44.21
N TYR G 440 31.15 -5.91 -43.65
CA TYR G 440 31.45 -6.78 -42.52
C TYR G 440 31.15 -8.25 -42.70
N GLY G 441 30.53 -8.61 -43.81
CA GLY G 441 30.21 -10.01 -44.06
C GLY G 441 29.04 -10.51 -43.22
N ILE G 442 28.26 -9.58 -42.70
CA ILE G 442 27.12 -9.93 -41.86
C ILE G 442 25.85 -10.06 -42.71
N GLU G 443 25.22 -11.23 -42.67
CA GLU G 443 24.00 -11.46 -43.45
C GLU G 443 23.38 -12.80 -43.08
N CYS G 444 22.11 -12.97 -43.47
CA CYS G 444 21.41 -14.23 -43.25
C CYS G 444 21.33 -14.86 -44.65
N LYS G 445 21.63 -16.14 -44.76
CA LYS G 445 21.59 -16.81 -46.05
C LYS G 445 20.30 -17.57 -46.28
N GLU G 446 19.65 -17.30 -47.40
CA GLU G 446 18.39 -17.95 -47.74
C GLU G 446 18.58 -19.33 -48.34
N LYS G 447 17.55 -20.16 -48.25
CA LYS G 447 17.59 -21.52 -48.77
C LYS G 447 16.19 -22.15 -48.77
N VAL G 448 15.85 -22.84 -49.85
CA VAL G 448 14.56 -23.50 -49.95
C VAL G 448 14.67 -24.91 -49.38
N VAL G 449 13.99 -25.16 -48.26
CA VAL G 449 14.03 -26.45 -47.58
C VAL G 449 12.98 -27.44 -48.08
N ALA G 450 11.89 -26.93 -48.66
CA ALA G 450 10.83 -27.79 -49.17
C ALA G 450 9.85 -26.97 -50.00
N ALA H 2 72.17 -41.29 -43.27
CA ALA H 2 71.36 -42.37 -43.94
C ALA H 2 69.95 -41.88 -44.23
N THR H 3 69.75 -41.27 -45.40
CA THR H 3 68.42 -40.77 -45.78
C THR H 3 67.44 -41.94 -45.80
N LYS H 4 66.32 -41.78 -45.10
CA LYS H 4 65.32 -42.83 -45.06
C LYS H 4 64.34 -42.64 -46.21
N SER H 5 63.73 -43.75 -46.64
CA SER H 5 62.77 -43.71 -47.73
C SER H 5 61.53 -44.52 -47.35
N VAL H 6 60.36 -43.95 -47.60
CA VAL H 6 59.10 -44.59 -47.26
C VAL H 6 58.14 -44.73 -48.43
N LEU H 7 57.51 -45.89 -48.54
CA LEU H 7 56.53 -46.13 -49.59
C LEU H 7 55.16 -45.91 -48.96
N MET H 8 54.45 -44.90 -49.44
CA MET H 8 53.13 -44.63 -48.92
C MET H 8 52.10 -45.17 -49.89
N LEU H 9 51.39 -46.21 -49.47
CA LEU H 9 50.35 -46.78 -50.29
C LEU H 9 49.09 -45.97 -49.96
N GLY H 10 48.53 -45.34 -50.98
CA GLY H 10 47.33 -44.54 -50.79
C GLY H 10 47.62 -43.05 -50.92
N SER H 11 46.62 -42.30 -51.36
CA SER H 11 46.75 -40.85 -51.53
C SER H 11 45.38 -40.25 -51.21
N GLY H 12 44.62 -40.95 -50.37
CA GLY H 12 43.30 -40.50 -50.01
C GLY H 12 43.17 -39.50 -48.88
N PHE H 13 41.99 -39.46 -48.28
CA PHE H 13 41.64 -38.55 -47.20
C PHE H 13 42.68 -38.27 -46.12
N VAL H 14 43.20 -39.32 -45.48
CA VAL H 14 44.16 -39.11 -44.40
C VAL H 14 45.64 -39.03 -44.75
N THR H 15 45.98 -39.03 -46.04
CA THR H 15 47.40 -39.03 -46.42
C THR H 15 48.21 -37.74 -46.40
N ARG H 16 47.61 -36.60 -46.73
CA ARG H 16 48.39 -35.37 -46.76
C ARG H 16 49.19 -35.06 -45.49
N PRO H 17 48.56 -35.15 -44.32
CA PRO H 17 49.32 -34.86 -43.09
C PRO H 17 50.52 -35.77 -42.93
N THR H 18 50.34 -37.06 -43.22
CA THR H 18 51.43 -38.01 -43.08
C THR H 18 52.55 -37.62 -44.05
N LEU H 19 52.18 -37.31 -45.28
CA LEU H 19 53.17 -36.91 -46.29
C LEU H 19 53.93 -35.66 -45.87
N ASP H 20 53.21 -34.69 -45.33
CA ASP H 20 53.83 -33.44 -44.90
C ASP H 20 54.85 -33.66 -43.78
N VAL H 21 54.43 -34.33 -42.72
CA VAL H 21 55.31 -34.60 -41.59
C VAL H 21 56.57 -35.35 -42.01
N LEU H 22 56.39 -36.42 -42.78
CA LEU H 22 57.53 -37.21 -43.20
C LEU H 22 58.47 -36.41 -44.10
N THR H 23 57.94 -35.75 -45.13
CA THR H 23 58.82 -34.98 -46.01
C THR H 23 59.44 -33.78 -45.30
N ASP H 24 58.74 -33.20 -44.32
CA ASP H 24 59.29 -32.07 -43.57
C ASP H 24 60.46 -32.56 -42.71
N SER H 25 60.50 -33.87 -42.47
CA SER H 25 61.57 -34.46 -41.66
C SER H 25 62.75 -34.91 -42.53
N GLY H 26 62.66 -34.66 -43.83
CA GLY H 26 63.74 -35.04 -44.72
C GLY H 26 63.63 -36.48 -45.19
N ILE H 27 62.49 -37.11 -44.90
CA ILE H 27 62.28 -38.50 -45.30
C ILE H 27 61.66 -38.53 -46.70
N LYS H 28 62.28 -39.27 -47.61
CA LYS H 28 61.75 -39.37 -48.96
C LYS H 28 60.50 -40.23 -48.95
N VAL H 29 59.48 -39.82 -49.69
CA VAL H 29 58.22 -40.56 -49.73
C VAL H 29 57.72 -40.80 -51.16
N THR H 30 57.41 -42.05 -51.46
CA THR H 30 56.87 -42.40 -52.76
C THR H 30 55.38 -42.59 -52.53
N VAL H 31 54.57 -41.79 -53.20
CA VAL H 31 53.12 -41.87 -53.06
C VAL H 31 52.61 -42.78 -54.15
N ALA H 32 52.02 -43.90 -53.75
CA ALA H 32 51.54 -44.88 -54.70
C ALA H 32 50.11 -45.38 -54.52
N CYS H 33 49.36 -45.37 -55.61
CA CYS H 33 47.99 -45.89 -55.63
C CYS H 33 47.72 -46.20 -57.10
N ARG H 34 46.57 -46.77 -57.42
CA ARG H 34 46.29 -47.13 -58.80
C ARG H 34 46.20 -45.95 -59.76
N THR H 35 45.45 -44.92 -59.36
CA THR H 35 45.28 -43.74 -60.19
C THR H 35 46.47 -42.78 -60.04
N LEU H 36 47.34 -42.76 -61.04
CA LEU H 36 48.52 -41.91 -61.04
C LEU H 36 48.20 -40.47 -60.72
N GLU H 37 47.16 -39.95 -61.35
CA GLU H 37 46.75 -38.56 -61.14
C GLU H 37 46.50 -38.28 -59.66
N SER H 38 45.91 -39.23 -58.95
CA SER H 38 45.64 -39.05 -57.54
C SER H 38 46.93 -38.93 -56.74
N ALA H 39 47.91 -39.76 -57.08
CA ALA H 39 49.20 -39.72 -56.42
C ALA H 39 49.89 -38.39 -56.72
N LYS H 40 49.78 -37.95 -57.97
CA LYS H 40 50.40 -36.68 -58.39
C LYS H 40 49.78 -35.49 -57.67
N LYS H 41 48.45 -35.47 -57.58
CA LYS H 41 47.76 -34.39 -56.93
C LYS H 41 48.16 -34.22 -55.46
N LEU H 42 48.40 -35.33 -54.78
CA LEU H 42 48.78 -35.26 -53.37
C LEU H 42 50.20 -34.77 -53.18
N SER H 43 51.10 -35.21 -54.04
CA SER H 43 52.50 -34.83 -53.92
C SER H 43 52.93 -33.58 -54.66
N ALA H 44 52.01 -32.99 -55.43
CA ALA H 44 52.33 -31.78 -56.20
C ALA H 44 52.93 -30.69 -55.32
N GLY H 45 54.16 -30.30 -55.62
CA GLY H 45 54.83 -29.26 -54.85
C GLY H 45 55.41 -29.69 -53.52
N VAL H 46 55.26 -30.97 -53.18
CA VAL H 46 55.79 -31.46 -51.90
C VAL H 46 57.22 -31.96 -52.11
N GLN H 47 58.16 -31.35 -51.40
CA GLN H 47 59.55 -31.73 -51.51
C GLN H 47 59.78 -33.17 -51.05
N HIS H 48 60.71 -33.86 -51.73
CA HIS H 48 61.07 -35.23 -51.40
C HIS H 48 59.99 -36.28 -51.70
N SER H 49 58.97 -35.91 -52.47
CA SER H 49 57.93 -36.87 -52.80
C SER H 49 57.94 -37.25 -54.28
N THR H 50 57.54 -38.49 -54.57
CA THR H 50 57.51 -39.01 -55.93
C THR H 50 56.23 -39.81 -56.12
N PRO H 51 55.38 -39.41 -57.08
CA PRO H 51 54.13 -40.12 -57.34
C PRO H 51 54.28 -41.24 -58.38
N ILE H 52 53.61 -42.35 -58.14
CA ILE H 52 53.64 -43.47 -59.08
C ILE H 52 52.31 -44.22 -59.02
N SER H 53 52.04 -44.99 -60.07
CA SER H 53 50.84 -45.80 -60.13
C SER H 53 51.28 -47.20 -59.68
N LEU H 54 50.55 -47.77 -58.72
CA LEU H 54 50.87 -49.09 -58.22
C LEU H 54 49.61 -49.73 -57.67
N ASP H 55 49.39 -50.99 -58.03
CA ASP H 55 48.23 -51.75 -57.58
C ASP H 55 48.78 -52.86 -56.68
N VAL H 56 48.43 -52.81 -55.40
CA VAL H 56 48.93 -53.81 -54.45
C VAL H 56 48.53 -55.25 -54.79
N ASN H 57 47.60 -55.43 -55.72
CA ASN H 57 47.20 -56.79 -56.11
C ASN H 57 48.29 -57.45 -56.96
N ASP H 58 49.18 -56.63 -57.50
CA ASP H 58 50.28 -57.12 -58.33
C ASP H 58 51.46 -57.44 -57.41
N ASP H 59 51.61 -58.71 -57.04
CA ASP H 59 52.69 -59.13 -56.16
C ASP H 59 54.07 -58.71 -56.64
N ALA H 60 54.35 -58.99 -57.91
CA ALA H 60 55.65 -58.64 -58.47
C ALA H 60 55.93 -57.14 -58.39
N ALA H 61 54.96 -56.33 -58.79
CA ALA H 61 55.12 -54.88 -58.76
C ALA H 61 55.27 -54.36 -57.32
N LEU H 62 54.49 -54.92 -56.40
CA LEU H 62 54.54 -54.49 -55.01
C LEU H 62 55.90 -54.82 -54.37
N ASP H 63 56.36 -56.06 -54.53
CA ASP H 63 57.65 -56.44 -53.97
C ASP H 63 58.77 -55.55 -54.51
N ALA H 64 58.80 -55.36 -55.82
CA ALA H 64 59.84 -54.54 -56.45
C ALA H 64 59.89 -53.13 -55.86
N GLU H 65 58.74 -52.52 -55.65
CA GLU H 65 58.69 -51.17 -55.08
C GLU H 65 59.02 -51.19 -53.59
N VAL H 66 58.43 -52.14 -52.86
CA VAL H 66 58.68 -52.23 -51.43
C VAL H 66 60.18 -52.35 -51.16
N ALA H 67 60.85 -53.18 -51.95
CA ALA H 67 62.29 -53.41 -51.81
C ALA H 67 63.12 -52.15 -51.89
N LYS H 68 62.56 -51.09 -52.46
CA LYS H 68 63.30 -49.83 -52.60
C LYS H 68 63.18 -48.90 -51.40
N HIS H 69 62.37 -49.26 -50.43
CA HIS H 69 62.21 -48.39 -49.28
C HIS H 69 62.52 -49.07 -47.96
N ASP H 70 62.53 -48.29 -46.89
CA ASP H 70 62.81 -48.82 -45.56
C ASP H 70 61.53 -49.29 -44.88
N LEU H 71 60.41 -48.70 -45.25
CA LEU H 71 59.14 -49.11 -44.66
C LEU H 71 57.96 -48.70 -45.52
N VAL H 72 56.88 -49.45 -45.39
CA VAL H 72 55.66 -49.24 -46.16
C VAL H 72 54.50 -48.82 -45.25
N ILE H 73 53.78 -47.78 -45.65
CA ILE H 73 52.63 -47.33 -44.88
C ILE H 73 51.44 -47.81 -45.71
N SER H 74 50.54 -48.56 -45.09
CA SER H 74 49.39 -49.05 -45.83
C SER H 74 48.12 -48.22 -45.55
N LEU H 75 48.03 -47.06 -46.19
CA LEU H 75 46.87 -46.21 -46.01
C LEU H 75 45.88 -46.50 -47.14
N ILE H 76 45.47 -47.76 -47.25
CA ILE H 76 44.52 -48.18 -48.27
C ILE H 76 43.45 -49.04 -47.58
N PRO H 77 42.40 -49.45 -48.31
CA PRO H 77 41.37 -50.28 -47.66
C PRO H 77 42.02 -51.42 -46.87
N TYR H 78 41.57 -51.63 -45.64
CA TYR H 78 42.18 -52.64 -44.80
C TYR H 78 42.14 -54.07 -45.30
N THR H 79 41.30 -54.35 -46.29
CA THR H 79 41.22 -55.69 -46.85
C THR H 79 42.60 -56.08 -47.44
N PHE H 80 43.40 -55.07 -47.77
CA PHE H 80 44.72 -55.28 -48.38
C PHE H 80 45.91 -55.41 -47.44
N HIS H 81 45.72 -55.13 -46.15
CA HIS H 81 46.84 -55.19 -45.23
C HIS H 81 47.61 -56.51 -45.20
N ALA H 82 46.90 -57.63 -45.23
CA ALA H 82 47.56 -58.93 -45.21
C ALA H 82 48.48 -59.07 -46.41
N THR H 83 47.98 -58.69 -47.59
CA THR H 83 48.77 -58.77 -48.81
C THR H 83 50.02 -57.90 -48.70
N VAL H 84 49.86 -56.69 -48.16
CA VAL H 84 50.97 -55.77 -48.01
C VAL H 84 52.00 -56.31 -47.04
N ILE H 85 51.53 -56.89 -45.94
CA ILE H 85 52.44 -57.45 -44.94
C ILE H 85 53.23 -58.64 -45.49
N LYS H 86 52.60 -59.48 -46.28
CA LYS H 86 53.30 -60.63 -46.86
C LYS H 86 54.45 -60.15 -47.74
N SER H 87 54.21 -59.07 -48.48
CA SER H 87 55.23 -58.49 -49.35
C SER H 87 56.36 -57.93 -48.50
N ALA H 88 56.00 -57.21 -47.44
CA ALA H 88 56.98 -56.61 -46.55
C ALA H 88 57.83 -57.69 -45.88
N ILE H 89 57.20 -58.83 -45.60
CA ILE H 89 57.92 -59.91 -44.96
C ILE H 89 58.96 -60.46 -45.92
N ARG H 90 58.56 -60.78 -47.15
CA ARG H 90 59.54 -61.33 -48.06
C ARG H 90 60.62 -60.31 -48.44
N GLN H 91 60.32 -59.02 -48.31
CA GLN H 91 61.32 -58.00 -48.64
C GLN H 91 62.04 -57.52 -47.39
N LYS H 92 61.62 -58.00 -46.23
CA LYS H 92 62.20 -57.63 -44.93
C LYS H 92 62.10 -56.12 -44.68
N LYS H 93 60.94 -55.54 -44.95
CA LYS H 93 60.74 -54.11 -44.72
C LYS H 93 59.64 -53.92 -43.67
N HIS H 94 59.71 -52.81 -42.92
CA HIS H 94 58.72 -52.50 -41.90
C HIS H 94 57.40 -52.03 -42.48
N VAL H 95 56.35 -52.09 -41.65
CA VAL H 95 55.02 -51.69 -42.07
C VAL H 95 54.29 -50.90 -40.99
N VAL H 96 53.48 -49.92 -41.41
CA VAL H 96 52.68 -49.13 -40.49
C VAL H 96 51.30 -48.96 -41.12
N THR H 97 50.26 -49.13 -40.31
CA THR H 97 48.89 -48.93 -40.78
C THR H 97 48.18 -48.21 -39.64
N THR H 98 46.98 -47.69 -39.94
CA THR H 98 46.18 -47.03 -38.92
C THR H 98 44.94 -47.88 -38.73
N SER H 99 45.09 -49.17 -39.07
CA SER H 99 43.98 -50.11 -39.01
C SER H 99 44.06 -51.15 -37.89
N TYR H 100 42.93 -51.78 -37.62
CA TYR H 100 42.81 -52.80 -36.60
C TYR H 100 43.64 -54.01 -37.00
N VAL H 101 44.19 -54.67 -36.00
CA VAL H 101 44.97 -55.89 -36.23
C VAL H 101 43.93 -56.99 -36.37
N SER H 102 43.67 -57.42 -37.59
CA SER H 102 42.67 -58.47 -37.82
C SER H 102 43.34 -59.84 -37.65
N PRO H 103 42.53 -60.90 -37.53
CA PRO H 103 43.06 -62.26 -37.37
C PRO H 103 44.02 -62.59 -38.53
N ALA H 104 43.62 -62.25 -39.75
CA ALA H 104 44.44 -62.51 -40.93
C ALA H 104 45.83 -61.88 -40.77
N MET H 105 45.87 -60.68 -40.23
CA MET H 105 47.12 -59.96 -40.01
C MET H 105 47.94 -60.62 -38.90
N MET H 106 47.25 -60.98 -37.83
CA MET H 106 47.92 -61.61 -36.68
C MET H 106 48.55 -62.95 -37.04
N GLU H 107 47.98 -63.64 -38.02
CA GLU H 107 48.53 -64.92 -38.46
C GLU H 107 49.96 -64.74 -38.95
N LEU H 108 50.28 -63.52 -39.41
CA LEU H 108 51.60 -63.22 -39.96
C LEU H 108 52.62 -62.73 -38.94
N ASP H 109 52.22 -62.68 -37.67
CA ASP H 109 53.07 -62.21 -36.60
C ASP H 109 54.43 -62.92 -36.51
N GLN H 110 54.42 -64.24 -36.49
CA GLN H 110 55.68 -64.99 -36.38
C GLN H 110 56.55 -64.80 -37.61
N ALA H 111 55.94 -64.85 -38.80
CA ALA H 111 56.69 -64.68 -40.03
C ALA H 111 57.32 -63.28 -40.02
N ALA H 112 56.60 -62.31 -39.48
CA ALA H 112 57.10 -60.94 -39.40
C ALA H 112 58.31 -60.89 -38.47
N LYS H 113 58.18 -61.54 -37.31
CA LYS H 113 59.29 -61.57 -36.36
C LYS H 113 60.51 -62.25 -36.97
N ASP H 114 60.28 -63.36 -37.66
CA ASP H 114 61.38 -64.09 -38.30
C ASP H 114 62.07 -63.22 -39.36
N ALA H 115 61.31 -62.35 -40.00
CA ALA H 115 61.86 -61.47 -41.02
C ALA H 115 62.53 -60.28 -40.35
N GLY H 116 62.32 -60.15 -39.04
CA GLY H 116 62.91 -59.05 -38.30
C GLY H 116 62.26 -57.71 -38.55
N ILE H 117 61.00 -57.71 -38.97
CA ILE H 117 60.32 -56.45 -39.24
C ILE H 117 59.27 -56.09 -38.20
N THR H 118 58.93 -54.80 -38.16
CA THR H 118 57.93 -54.29 -37.26
C THR H 118 56.71 -53.91 -38.09
N VAL H 119 55.54 -54.39 -37.69
CA VAL H 119 54.30 -54.05 -38.36
C VAL H 119 53.45 -53.34 -37.30
N MET H 120 53.55 -52.01 -37.28
CA MET H 120 52.82 -51.18 -36.32
C MET H 120 51.44 -50.81 -36.85
N ASN H 121 50.40 -51.16 -36.10
CA ASN H 121 49.04 -50.87 -36.52
C ASN H 121 48.27 -50.06 -35.50
N GLU H 122 46.97 -49.86 -35.79
CA GLU H 122 46.09 -49.16 -34.87
C GLU H 122 46.67 -47.89 -34.28
N ILE H 123 47.30 -47.07 -35.12
CA ILE H 123 47.88 -45.84 -34.63
C ILE H 123 47.39 -44.62 -35.43
N GLY H 124 46.07 -44.50 -35.49
CA GLY H 124 45.43 -43.39 -36.17
C GLY H 124 44.68 -42.67 -35.06
N LEU H 125 43.41 -42.32 -35.29
CA LEU H 125 42.59 -41.65 -34.27
C LEU H 125 41.83 -42.69 -33.45
N ASP H 126 41.06 -43.52 -34.13
CA ASP H 126 40.26 -44.56 -33.50
C ASP H 126 40.14 -45.68 -34.53
N PRO H 127 40.94 -46.75 -34.37
CA PRO H 127 41.93 -47.01 -33.32
C PRO H 127 43.20 -46.15 -33.42
N GLY H 128 43.73 -45.77 -32.26
CA GLY H 128 44.94 -44.97 -32.23
C GLY H 128 45.03 -44.12 -30.98
N ILE H 129 44.76 -42.82 -31.13
CA ILE H 129 44.81 -41.89 -30.01
C ILE H 129 43.93 -42.38 -28.85
N ASP H 130 42.80 -43.02 -29.17
CA ASP H 130 41.92 -43.53 -28.13
C ASP H 130 42.65 -44.57 -27.25
N HIS H 131 43.42 -45.47 -27.87
CA HIS H 131 44.17 -46.46 -27.09
C HIS H 131 45.14 -45.76 -26.15
N LEU H 132 45.92 -44.84 -26.71
CA LEU H 132 46.93 -44.11 -25.96
C LEU H 132 46.42 -43.51 -24.65
N TYR H 133 45.35 -42.73 -24.72
CA TYR H 133 44.83 -42.10 -23.52
C TYR H 133 43.98 -43.00 -22.63
N ALA H 134 43.45 -44.07 -23.18
CA ALA H 134 42.66 -45.00 -22.38
C ALA H 134 43.66 -45.68 -21.43
N ILE H 135 44.73 -46.22 -22.01
CA ILE H 135 45.75 -46.91 -21.24
C ILE H 135 46.44 -45.97 -20.25
N LYS H 136 46.69 -44.74 -20.67
CA LYS H 136 47.34 -43.76 -19.79
C LYS H 136 46.55 -43.63 -18.48
N THR H 137 45.25 -43.39 -18.57
CA THR H 137 44.40 -43.23 -17.38
C THR H 137 44.27 -44.51 -16.56
N ILE H 138 44.05 -45.63 -17.25
CA ILE H 138 43.91 -46.91 -16.57
C ILE H 138 45.17 -47.27 -15.77
N GLU H 139 46.35 -47.09 -16.36
CA GLU H 139 47.58 -47.42 -15.64
C GLU H 139 47.78 -46.47 -14.46
N GLU H 140 47.41 -45.20 -14.63
CA GLU H 140 47.52 -44.22 -13.55
C GLU H 140 46.66 -44.63 -12.36
N VAL H 141 45.41 -45.00 -12.64
CA VAL H 141 44.48 -45.41 -11.60
C VAL H 141 44.95 -46.67 -10.90
N HIS H 142 45.38 -47.66 -11.66
CA HIS H 142 45.87 -48.90 -11.10
C HIS H 142 47.10 -48.66 -10.22
N ALA H 143 47.99 -47.77 -10.67
CA ALA H 143 49.19 -47.47 -9.92
C ALA H 143 48.83 -46.80 -8.60
N ALA H 144 47.63 -46.24 -8.53
CA ALA H 144 47.17 -45.58 -7.33
C ALA H 144 46.31 -46.53 -6.48
N GLY H 145 46.27 -47.78 -6.89
CA GLY H 145 45.49 -48.77 -6.16
C GLY H 145 44.00 -48.65 -6.44
N GLY H 146 43.64 -47.91 -7.49
CA GLY H 146 42.25 -47.74 -7.84
C GLY H 146 41.73 -48.85 -8.73
N LYS H 147 40.41 -48.91 -8.88
CA LYS H 147 39.79 -49.94 -9.71
C LYS H 147 38.93 -49.30 -10.80
N ILE H 148 39.07 -49.80 -12.02
CA ILE H 148 38.29 -49.31 -13.15
C ILE H 148 37.02 -50.15 -13.18
N LYS H 149 35.91 -49.60 -12.71
CA LYS H 149 34.65 -50.33 -12.68
C LYS H 149 33.90 -50.20 -13.98
N THR H 150 34.12 -49.10 -14.68
CA THR H 150 33.47 -48.87 -15.96
C THR H 150 34.42 -48.14 -16.92
N PHE H 151 34.51 -48.67 -18.14
CA PHE H 151 35.33 -48.03 -19.15
C PHE H 151 34.48 -47.80 -20.38
N LEU H 152 34.40 -46.54 -20.79
CA LEU H 152 33.63 -46.17 -21.96
C LEU H 152 34.56 -45.35 -22.86
N SER H 153 34.44 -45.55 -24.16
CA SER H 153 35.24 -44.80 -25.12
C SER H 153 34.40 -44.59 -26.37
N TYR H 154 34.00 -43.35 -26.62
CA TYR H 154 33.20 -43.04 -27.78
C TYR H 154 33.89 -42.00 -28.66
N CYS H 155 33.80 -42.22 -29.97
CA CYS H 155 34.42 -41.31 -30.90
C CYS H 155 33.59 -41.17 -32.16
N GLY H 156 33.57 -39.94 -32.69
CA GLY H 156 32.82 -39.69 -33.91
C GLY H 156 33.56 -38.67 -34.75
N GLY H 157 33.66 -38.94 -36.05
CA GLY H 157 34.29 -38.02 -36.98
C GLY H 157 33.06 -37.51 -37.71
N LEU H 158 32.69 -36.27 -37.47
CA LEU H 158 31.48 -35.75 -38.08
C LEU H 158 31.67 -34.35 -38.62
N PRO H 159 30.67 -33.85 -39.35
CA PRO H 159 30.87 -32.49 -39.83
C PRO H 159 30.61 -31.61 -38.60
N ALA H 160 31.14 -30.40 -38.59
CA ALA H 160 30.91 -29.50 -37.47
C ALA H 160 29.40 -29.23 -37.54
N PRO H 161 28.77 -28.98 -36.39
CA PRO H 161 27.32 -28.73 -36.40
C PRO H 161 26.85 -27.75 -37.48
N GLU H 162 27.57 -26.64 -37.65
CA GLU H 162 27.18 -25.66 -38.67
C GLU H 162 27.39 -26.18 -40.10
N SER H 163 28.09 -27.30 -40.24
CA SER H 163 28.36 -27.88 -41.55
C SER H 163 27.63 -29.22 -41.74
N SER H 164 26.77 -29.56 -40.78
CA SER H 164 26.04 -30.83 -40.84
C SER H 164 24.67 -30.76 -41.50
N ASP H 165 24.41 -29.74 -42.30
CA ASP H 165 23.08 -29.62 -42.90
C ASP H 165 22.77 -30.40 -44.17
N ASN H 166 22.50 -31.69 -44.01
CA ASN H 166 22.08 -32.55 -45.10
C ASN H 166 21.27 -33.65 -44.42
N PRO H 167 20.40 -34.35 -45.17
CA PRO H 167 19.56 -35.41 -44.61
C PRO H 167 20.21 -36.42 -43.68
N LEU H 168 21.52 -36.61 -43.81
CA LEU H 168 22.22 -37.58 -42.97
C LEU H 168 23.03 -36.97 -41.84
N GLY H 169 23.22 -35.65 -41.87
CA GLY H 169 24.01 -35.02 -40.83
C GLY H 169 25.39 -35.63 -40.85
N TYR H 170 25.83 -36.03 -42.04
CA TYR H 170 27.12 -36.67 -42.20
C TYR H 170 27.75 -36.34 -43.56
N LYS H 171 29.06 -36.13 -43.56
CA LYS H 171 29.80 -35.83 -44.77
C LYS H 171 31.14 -36.57 -44.64
N PHE H 172 31.73 -36.95 -45.77
CA PHE H 172 32.97 -37.72 -45.71
C PHE H 172 34.27 -37.02 -45.40
N SER H 173 34.97 -37.55 -44.40
CA SER H 173 36.26 -37.02 -43.99
C SER H 173 37.31 -38.14 -44.08
N TRP H 174 36.82 -39.37 -44.30
CA TRP H 174 37.67 -40.56 -44.44
C TRP H 174 36.89 -41.62 -45.24
N SER H 175 37.61 -42.58 -45.79
CA SER H 175 37.06 -43.66 -46.63
C SER H 175 35.54 -43.85 -46.64
N SER H 176 34.91 -43.47 -47.75
CA SER H 176 33.47 -43.57 -47.92
C SER H 176 32.93 -44.99 -47.75
N ARG H 177 33.47 -45.95 -48.50
CA ARG H 177 32.95 -47.30 -48.32
C ARG H 177 33.36 -47.81 -46.94
N GLY H 178 34.47 -47.29 -46.42
CA GLY H 178 34.92 -47.70 -45.10
C GLY H 178 33.83 -47.32 -44.10
N VAL H 179 33.22 -46.16 -44.30
CA VAL H 179 32.15 -45.69 -43.42
C VAL H 179 30.97 -46.67 -43.48
N LEU H 180 30.61 -47.07 -44.69
CA LEU H 180 29.50 -47.99 -44.88
C LEU H 180 29.80 -49.34 -44.25
N LEU H 181 31.02 -49.83 -44.45
CA LEU H 181 31.42 -51.12 -43.88
C LEU H 181 31.29 -51.10 -42.35
N ALA H 182 31.70 -50.00 -41.72
CA ALA H 182 31.63 -49.90 -40.26
C ALA H 182 30.19 -49.89 -39.74
N LEU H 183 29.25 -49.58 -40.62
CA LEU H 183 27.85 -49.53 -40.23
C LEU H 183 27.21 -50.91 -40.15
N ARG H 184 27.93 -51.95 -40.56
CA ARG H 184 27.39 -53.30 -40.54
C ARG H 184 28.07 -54.20 -39.52
N ASN H 185 29.11 -53.69 -38.87
CA ASN H 185 29.86 -54.47 -37.89
C ASN H 185 29.08 -54.89 -36.66
N ALA H 186 29.09 -56.19 -36.38
CA ALA H 186 28.41 -56.71 -35.20
C ALA H 186 29.18 -56.17 -34.01
N ALA H 187 28.51 -55.99 -32.88
CA ALA H 187 29.19 -55.48 -31.70
C ALA H 187 29.00 -56.41 -30.51
N SER H 188 29.90 -56.29 -29.56
CA SER H 188 29.85 -57.09 -28.36
C SER H 188 30.56 -56.28 -27.29
N PHE H 189 30.00 -56.25 -26.09
CA PHE H 189 30.60 -55.46 -25.02
C PHE H 189 30.18 -55.99 -23.66
N TYR H 190 30.80 -55.46 -22.61
CA TYR H 190 30.48 -55.86 -21.25
C TYR H 190 29.52 -54.88 -20.60
N LYS H 191 28.44 -55.43 -20.04
CA LYS H 191 27.45 -54.63 -19.35
C LYS H 191 27.06 -55.39 -18.09
N ASP H 192 27.26 -54.76 -16.94
CA ASP H 192 26.94 -55.37 -15.66
C ASP H 192 27.67 -56.70 -15.49
N GLY H 193 28.92 -56.73 -15.91
CA GLY H 193 29.73 -57.92 -15.78
C GLY H 193 29.47 -59.04 -16.77
N LYS H 194 28.56 -58.84 -17.72
CA LYS H 194 28.29 -59.90 -18.68
C LYS H 194 28.32 -59.45 -20.13
N VAL H 195 28.74 -60.37 -21.00
CA VAL H 195 28.84 -60.11 -22.43
C VAL H 195 27.49 -59.91 -23.08
N THR H 196 27.38 -58.84 -23.86
CA THR H 196 26.15 -58.53 -24.57
C THR H 196 26.51 -58.42 -26.04
N ASN H 197 25.72 -59.06 -26.89
CA ASN H 197 26.00 -59.04 -28.32
C ASN H 197 24.93 -58.30 -29.11
N VAL H 198 25.36 -57.68 -30.20
CA VAL H 198 24.46 -56.96 -31.08
C VAL H 198 24.81 -57.41 -32.48
N ALA H 199 23.84 -58.01 -33.17
CA ALA H 199 24.06 -58.49 -34.52
C ALA H 199 24.22 -57.31 -35.47
N GLY H 200 25.09 -57.48 -36.46
CA GLY H 200 25.34 -56.42 -37.43
C GLY H 200 24.12 -55.76 -38.02
N PRO H 201 23.17 -56.54 -38.57
CA PRO H 201 21.95 -55.97 -39.15
C PRO H 201 21.06 -55.20 -38.18
N GLU H 202 21.33 -55.35 -36.88
CA GLU H 202 20.54 -54.68 -35.87
C GLU H 202 21.34 -53.65 -35.06
N LEU H 203 22.46 -53.20 -35.62
CA LEU H 203 23.31 -52.23 -34.92
C LEU H 203 22.67 -50.86 -34.74
N MET H 204 22.13 -50.30 -35.82
CA MET H 204 21.52 -48.97 -35.75
C MET H 204 20.40 -48.85 -34.72
N ALA H 205 19.71 -49.96 -34.46
CA ALA H 205 18.58 -49.94 -33.51
C ALA H 205 19.01 -49.73 -32.07
N THR H 206 20.29 -49.95 -31.78
CA THR H 206 20.81 -49.77 -30.43
C THR H 206 21.20 -48.33 -30.10
N ALA H 207 21.23 -47.47 -31.12
CA ALA H 207 21.62 -46.08 -30.93
C ALA H 207 20.79 -45.36 -29.88
N LYS H 208 21.49 -44.68 -28.96
CA LYS H 208 20.85 -43.93 -27.87
C LYS H 208 21.52 -42.57 -27.73
N PRO H 209 20.74 -41.55 -27.32
CA PRO H 209 21.35 -40.23 -27.15
C PRO H 209 22.52 -40.40 -26.18
N TYR H 210 23.65 -39.75 -26.46
CA TYR H 210 24.81 -39.84 -25.58
C TYR H 210 25.25 -38.43 -25.24
N PHE H 211 25.13 -38.06 -23.97
CA PHE H 211 25.47 -36.72 -23.51
C PHE H 211 26.94 -36.48 -23.19
N ILE H 212 27.48 -35.41 -23.75
CA ILE H 212 28.86 -35.02 -23.51
C ILE H 212 28.85 -33.54 -23.08
N TYR H 213 28.40 -32.66 -23.99
CA TYR H 213 28.30 -31.23 -23.69
C TYR H 213 26.90 -30.79 -24.09
N PRO H 214 26.33 -29.80 -23.39
CA PRO H 214 24.99 -29.27 -23.69
C PRO H 214 24.71 -28.90 -25.14
N GLY H 215 25.68 -28.34 -25.84
CA GLY H 215 25.46 -27.92 -27.21
C GLY H 215 25.32 -28.97 -28.31
N PHE H 216 25.90 -30.15 -28.10
CA PHE H 216 25.85 -31.20 -29.12
C PHE H 216 24.69 -32.17 -28.99
N ALA H 217 24.24 -32.69 -30.14
CA ALA H 217 23.15 -33.65 -30.18
C ALA H 217 23.73 -34.98 -30.68
N PHE H 218 24.47 -35.67 -29.81
CA PHE H 218 25.10 -36.94 -30.17
C PHE H 218 24.25 -38.14 -29.80
N VAL H 219 24.38 -39.19 -30.62
CA VAL H 219 23.72 -40.46 -30.36
C VAL H 219 24.88 -41.45 -30.51
N ALA H 220 24.81 -42.59 -29.84
CA ALA H 220 25.89 -43.55 -29.90
C ALA H 220 25.47 -45.01 -29.97
N TYR H 221 26.31 -45.82 -30.59
CA TYR H 221 26.09 -47.26 -30.70
C TYR H 221 27.45 -47.94 -30.55
N PRO H 222 27.46 -49.22 -30.10
CA PRO H 222 28.67 -49.99 -29.89
C PRO H 222 29.50 -50.13 -31.16
N ASN H 223 30.82 -50.14 -30.98
CA ASN H 223 31.75 -50.26 -32.10
C ASN H 223 32.53 -51.57 -32.01
N ARG H 224 32.16 -52.52 -32.86
CA ARG H 224 32.85 -53.82 -32.91
C ARG H 224 32.84 -54.58 -31.57
N ASP H 225 33.76 -55.52 -31.41
CA ASP H 225 33.84 -56.30 -30.18
C ASP H 225 34.76 -55.64 -29.15
N SER H 226 34.19 -55.24 -28.02
CA SER H 226 34.94 -54.58 -26.96
C SER H 226 35.40 -55.55 -25.87
N THR H 227 34.77 -56.71 -25.80
CA THR H 227 35.11 -57.68 -24.76
C THR H 227 36.60 -57.99 -24.65
N PRO H 228 37.30 -58.12 -25.78
CA PRO H 228 38.74 -58.41 -25.70
C PRO H 228 39.53 -57.37 -24.92
N TYR H 229 38.99 -56.16 -24.79
CA TYR H 229 39.69 -55.10 -24.07
C TYR H 229 39.78 -55.31 -22.57
N LYS H 230 39.02 -56.27 -22.05
CA LYS H 230 39.07 -56.57 -20.63
C LYS H 230 40.50 -57.05 -20.38
N GLU H 231 41.00 -57.84 -21.33
CA GLU H 231 42.37 -58.33 -21.24
C GLU H 231 43.33 -57.36 -21.91
N ARG H 232 42.94 -56.81 -23.06
CA ARG H 232 43.80 -55.88 -23.78
C ARG H 232 44.16 -54.64 -22.97
N TYR H 233 43.21 -54.11 -22.21
CA TYR H 233 43.49 -52.93 -21.39
C TYR H 233 43.80 -53.30 -19.95
N GLN H 234 43.78 -54.60 -19.65
CA GLN H 234 44.05 -55.10 -18.30
C GLN H 234 43.11 -54.52 -17.25
N ILE H 235 41.80 -54.65 -17.50
CA ILE H 235 40.79 -54.18 -16.57
C ILE H 235 39.80 -55.32 -16.30
N PRO H 236 40.28 -56.40 -15.67
CA PRO H 236 39.42 -57.53 -15.37
C PRO H 236 38.36 -57.16 -14.33
N GLU H 237 38.60 -56.08 -13.60
CA GLU H 237 37.66 -55.64 -12.57
C GLU H 237 36.52 -54.78 -13.13
N ALA H 238 36.53 -54.54 -14.44
CA ALA H 238 35.50 -53.72 -15.08
C ALA H 238 34.20 -54.46 -15.37
N ASP H 239 33.09 -53.88 -14.92
CA ASP H 239 31.77 -54.46 -15.12
C ASP H 239 31.23 -54.00 -16.47
N ASN H 240 31.58 -52.78 -16.85
CA ASN H 240 31.13 -52.20 -18.11
C ASN H 240 32.33 -51.79 -18.94
N ILE H 241 32.38 -52.28 -20.17
CA ILE H 241 33.48 -51.97 -21.08
C ILE H 241 32.87 -51.81 -22.46
N VAL H 242 32.93 -50.60 -23.00
CA VAL H 242 32.36 -50.37 -24.32
C VAL H 242 33.14 -49.35 -25.13
N ARG H 243 33.42 -49.70 -26.39
CA ARG H 243 34.09 -48.80 -27.31
C ARG H 243 32.95 -48.53 -28.28
N GLY H 244 32.59 -47.25 -28.44
CA GLY H 244 31.48 -46.92 -29.33
C GLY H 244 31.73 -45.80 -30.30
N THR H 245 30.74 -45.55 -31.14
CA THR H 245 30.81 -44.53 -32.17
C THR H 245 29.73 -43.49 -31.99
N LEU H 246 30.07 -42.24 -32.30
CA LEU H 246 29.15 -41.12 -32.20
C LEU H 246 28.70 -40.65 -33.58
N ARG H 247 27.43 -40.27 -33.65
CA ARG H 247 26.83 -39.75 -34.87
C ARG H 247 25.86 -38.68 -34.35
N TYR H 248 25.25 -37.92 -35.25
CA TYR H 248 24.30 -36.91 -34.80
C TYR H 248 22.88 -37.48 -34.82
N GLN H 249 22.00 -36.84 -34.08
CA GLN H 249 20.60 -37.23 -33.98
C GLN H 249 20.02 -37.52 -35.36
N GLY H 250 19.27 -38.61 -35.48
CA GLY H 250 18.64 -38.95 -36.74
C GLY H 250 19.41 -39.83 -37.71
N PHE H 251 20.74 -39.85 -37.58
CA PHE H 251 21.58 -40.65 -38.47
C PHE H 251 21.27 -42.15 -38.45
N PRO H 252 21.37 -42.80 -37.28
CA PRO H 252 21.10 -44.23 -37.21
C PRO H 252 19.74 -44.71 -37.72
N GLN H 253 18.68 -43.94 -37.45
CA GLN H 253 17.34 -44.33 -37.91
C GLN H 253 17.33 -44.37 -39.44
N PHE H 254 18.00 -43.40 -40.05
CA PHE H 254 18.09 -43.30 -41.49
C PHE H 254 18.87 -44.50 -42.05
N ILE H 255 20.02 -44.81 -41.44
CA ILE H 255 20.83 -45.94 -41.88
C ILE H 255 20.09 -47.27 -41.70
N LYS H 256 19.31 -47.35 -40.63
CA LYS H 256 18.54 -48.55 -40.34
C LYS H 256 17.63 -48.89 -41.52
N VAL H 257 16.98 -47.87 -42.08
CA VAL H 257 16.10 -48.09 -43.22
C VAL H 257 16.88 -48.67 -44.40
N LEU H 258 18.00 -48.04 -44.75
CA LEU H 258 18.83 -48.50 -45.86
C LEU H 258 19.25 -49.95 -45.65
N VAL H 259 19.57 -50.31 -44.41
CA VAL H 259 19.98 -51.68 -44.11
C VAL H 259 18.79 -52.62 -44.33
N ASP H 260 17.66 -52.27 -43.72
CA ASP H 260 16.45 -53.08 -43.82
C ASP H 260 15.97 -53.33 -45.25
N ILE H 261 16.06 -52.33 -46.12
CA ILE H 261 15.60 -52.51 -47.50
C ILE H 261 16.66 -53.11 -48.43
N GLY H 262 17.80 -53.47 -47.85
CA GLY H 262 18.87 -54.08 -48.64
C GLY H 262 19.92 -53.23 -49.33
N PHE H 263 20.02 -51.95 -48.99
CA PHE H 263 21.01 -51.08 -49.64
C PHE H 263 22.46 -51.23 -49.17
N LEU H 264 22.67 -51.98 -48.09
CA LEU H 264 24.02 -52.19 -47.58
C LEU H 264 24.53 -53.60 -47.84
N SER H 265 23.96 -54.24 -48.86
CA SER H 265 24.36 -55.59 -49.23
C SER H 265 25.46 -55.48 -50.26
N ASP H 266 26.49 -56.31 -50.13
CA ASP H 266 27.59 -56.27 -51.08
C ASP H 266 27.49 -57.47 -52.04
N GLU H 267 26.31 -58.05 -52.14
CA GLU H 267 26.07 -59.18 -53.03
C GLU H 267 26.05 -58.72 -54.47
N GLU H 268 26.85 -59.34 -55.32
CA GLU H 268 26.89 -58.97 -56.73
C GLU H 268 25.56 -59.20 -57.43
N GLN H 269 25.06 -58.16 -58.06
CA GLN H 269 23.79 -58.21 -58.79
C GLN H 269 24.06 -57.87 -60.24
N PRO H 270 23.58 -58.72 -61.17
CA PRO H 270 23.80 -58.48 -62.60
C PRO H 270 23.30 -57.11 -63.07
N PHE H 271 22.13 -56.71 -62.58
CA PHE H 271 21.54 -55.43 -62.97
C PHE H 271 22.28 -54.21 -62.44
N LEU H 272 23.22 -54.43 -61.51
CA LEU H 272 23.97 -53.32 -60.93
C LEU H 272 25.29 -53.02 -61.62
N LYS H 273 25.52 -53.61 -62.79
CA LYS H 273 26.73 -53.32 -63.53
C LYS H 273 26.38 -52.62 -64.82
N GLU H 274 25.14 -52.13 -64.87
CA GLU H 274 24.64 -51.41 -66.03
C GLU H 274 24.11 -50.05 -65.56
N ALA H 275 24.54 -49.00 -66.25
CA ALA H 275 24.14 -47.63 -65.91
C ALA H 275 22.64 -47.35 -66.09
N ILE H 276 21.81 -48.07 -65.35
CA ILE H 276 20.36 -47.89 -65.43
C ILE H 276 19.91 -46.76 -64.51
N PRO H 277 18.68 -46.25 -64.72
CA PRO H 277 18.14 -45.18 -63.88
C PRO H 277 17.98 -45.63 -62.43
N TRP H 278 18.28 -44.74 -61.50
CA TRP H 278 18.16 -45.09 -60.08
C TRP H 278 16.82 -45.73 -59.78
N LYS H 279 15.76 -45.20 -60.38
CA LYS H 279 14.41 -45.74 -60.17
C LYS H 279 14.45 -47.27 -60.26
N GLU H 280 14.97 -47.74 -61.39
CA GLU H 280 15.06 -49.17 -61.68
C GLU H 280 15.94 -49.92 -60.69
N ALA H 281 17.11 -49.36 -60.39
CA ALA H 281 18.03 -49.99 -59.46
C ALA H 281 17.36 -50.17 -58.11
N THR H 282 16.77 -49.10 -57.60
CA THR H 282 16.09 -49.12 -56.31
C THR H 282 14.94 -50.12 -56.31
N GLN H 283 14.21 -50.17 -57.42
CA GLN H 283 13.08 -51.10 -57.54
C GLN H 283 13.57 -52.53 -57.33
N LYS H 284 14.63 -52.90 -58.04
CA LYS H 284 15.20 -54.24 -57.93
C LYS H 284 15.75 -54.52 -56.53
N ILE H 285 16.54 -53.58 -56.00
CA ILE H 285 17.14 -53.73 -54.68
C ILE H 285 16.08 -53.88 -53.58
N VAL H 286 15.12 -52.98 -53.58
CA VAL H 286 14.04 -52.98 -52.59
C VAL H 286 12.98 -54.04 -52.94
N LYS H 287 12.97 -54.45 -54.20
CA LYS H 287 12.01 -55.44 -54.69
C LYS H 287 10.59 -54.88 -54.73
N ALA H 288 10.46 -53.73 -55.38
CA ALA H 288 9.16 -53.07 -55.52
C ALA H 288 8.54 -53.54 -56.84
N SER H 289 7.21 -53.51 -56.90
CA SER H 289 6.49 -53.95 -58.10
C SER H 289 6.58 -52.92 -59.23
N SER H 290 7.19 -51.78 -58.96
CA SER H 290 7.30 -50.74 -59.98
C SER H 290 8.40 -49.74 -59.66
N ALA H 291 8.92 -49.07 -60.70
CA ALA H 291 9.96 -48.07 -60.51
C ALA H 291 9.30 -46.76 -60.13
N SER H 292 8.01 -46.83 -59.81
CA SER H 292 7.23 -45.66 -59.40
C SER H 292 7.61 -45.27 -57.98
N GLU H 293 7.70 -43.97 -57.73
CA GLU H 293 8.05 -43.49 -56.39
C GLU H 293 7.03 -43.98 -55.37
N GLN H 294 5.76 -43.97 -55.75
CA GLN H 294 4.70 -44.42 -54.84
C GLN H 294 4.86 -45.90 -54.52
N ASP H 295 5.19 -46.71 -55.51
CA ASP H 295 5.35 -48.14 -55.29
C ASP H 295 6.62 -48.46 -54.53
N ILE H 296 7.71 -47.77 -54.87
CA ILE H 296 8.98 -47.99 -54.19
C ILE H 296 8.80 -47.65 -52.71
N VAL H 297 8.24 -46.46 -52.45
CA VAL H 297 8.04 -46.00 -51.08
C VAL H 297 7.11 -46.94 -50.31
N SER H 298 6.11 -47.47 -50.99
CA SER H 298 5.17 -48.39 -50.38
C SER H 298 5.92 -49.60 -49.86
N THR H 299 6.73 -50.20 -50.72
CA THR H 299 7.51 -51.39 -50.37
C THR H 299 8.49 -51.08 -49.24
N ILE H 300 9.12 -49.91 -49.30
CA ILE H 300 10.08 -49.52 -48.26
C ILE H 300 9.40 -49.33 -46.91
N VAL H 301 8.25 -48.65 -46.89
CA VAL H 301 7.53 -48.42 -45.65
C VAL H 301 7.09 -49.72 -44.99
N SER H 302 6.73 -50.68 -45.82
CA SER H 302 6.26 -51.98 -45.34
C SER H 302 7.42 -52.86 -44.86
N ASN H 303 8.62 -52.58 -45.36
CA ASN H 303 9.80 -53.35 -45.00
C ASN H 303 10.76 -52.65 -44.05
N ALA H 304 10.49 -51.38 -43.74
CA ALA H 304 11.35 -50.63 -42.83
C ALA H 304 10.60 -50.25 -41.56
N THR H 305 11.35 -49.81 -40.55
CA THR H 305 10.78 -49.41 -39.27
C THR H 305 10.98 -47.91 -39.05
N PHE H 306 9.97 -47.25 -38.48
CA PHE H 306 10.07 -45.83 -38.21
C PHE H 306 9.50 -45.49 -36.85
N GLU H 307 10.20 -44.61 -36.13
CA GLU H 307 9.79 -44.21 -34.79
C GLU H 307 8.48 -43.43 -34.78
N SER H 308 8.16 -42.80 -35.90
CA SER H 308 6.93 -42.02 -36.02
C SER H 308 6.69 -41.63 -37.48
N THR H 309 5.49 -41.13 -37.77
CA THR H 309 5.14 -40.72 -39.13
C THR H 309 6.02 -39.54 -39.55
N GLU H 310 6.44 -38.75 -38.57
CA GLU H 310 7.29 -37.59 -38.82
C GLU H 310 8.65 -38.13 -39.28
N GLU H 311 9.11 -39.14 -38.58
CA GLU H 311 10.39 -39.76 -38.86
C GLU H 311 10.33 -40.38 -40.26
N GLN H 312 9.24 -41.08 -40.53
CA GLN H 312 9.03 -41.72 -41.83
C GLN H 312 9.09 -40.69 -42.95
N LYS H 313 8.43 -39.56 -42.74
CA LYS H 313 8.42 -38.50 -43.74
C LYS H 313 9.84 -37.97 -43.98
N ARG H 314 10.57 -37.75 -42.89
CA ARG H 314 11.94 -37.24 -42.96
C ARG H 314 12.87 -38.17 -43.76
N ILE H 315 12.93 -39.43 -43.34
CA ILE H 315 13.78 -40.41 -44.00
C ILE H 315 13.45 -40.60 -45.48
N VAL H 316 12.16 -40.71 -45.80
CA VAL H 316 11.75 -40.87 -47.19
C VAL H 316 12.26 -39.68 -48.01
N ALA H 317 12.10 -38.49 -47.46
CA ALA H 317 12.55 -37.28 -48.12
C ALA H 317 14.07 -37.35 -48.31
N GLY H 318 14.75 -37.86 -47.30
CA GLY H 318 16.20 -37.97 -47.37
C GLY H 318 16.61 -38.89 -48.51
N LEU H 319 15.95 -40.03 -48.60
CA LEU H 319 16.21 -40.99 -49.66
C LEU H 319 16.01 -40.35 -51.02
N LYS H 320 14.95 -39.55 -51.14
CA LYS H 320 14.67 -38.88 -52.41
C LYS H 320 15.78 -37.89 -52.71
N TRP H 321 16.27 -37.22 -51.66
CA TRP H 321 17.34 -36.26 -51.81
C TRP H 321 18.56 -36.93 -52.41
N LEU H 322 18.81 -38.18 -52.00
CA LEU H 322 19.94 -38.93 -52.50
C LEU H 322 19.75 -39.19 -53.99
N GLY H 323 18.50 -39.14 -54.42
CA GLY H 323 18.19 -39.36 -55.82
C GLY H 323 17.97 -40.81 -56.23
N ILE H 324 17.67 -41.68 -55.27
CA ILE H 324 17.45 -43.09 -55.60
C ILE H 324 16.08 -43.35 -56.21
N PHE H 325 15.24 -42.30 -56.26
CA PHE H 325 13.91 -42.40 -56.83
C PHE H 325 13.87 -41.70 -58.19
N SER H 326 14.95 -41.01 -58.53
CA SER H 326 15.01 -40.27 -59.78
C SER H 326 15.36 -41.10 -61.02
N ASP H 327 15.48 -40.39 -62.14
CA ASP H 327 15.81 -40.99 -63.42
C ASP H 327 17.32 -41.01 -63.64
N LYS H 328 18.04 -40.22 -62.82
CA LYS H 328 19.49 -40.16 -62.94
C LYS H 328 20.05 -41.59 -62.92
N LYS H 329 20.96 -41.86 -63.84
CA LYS H 329 21.55 -43.17 -63.94
C LYS H 329 22.58 -43.43 -62.84
N ILE H 330 22.58 -44.67 -62.33
CA ILE H 330 23.48 -45.08 -61.28
C ILE H 330 24.90 -45.27 -61.79
N THR H 331 25.85 -45.28 -60.86
CA THR H 331 27.25 -45.51 -61.21
C THR H 331 27.38 -46.98 -60.84
N PRO H 332 27.28 -47.88 -61.84
CA PRO H 332 27.37 -49.33 -61.68
C PRO H 332 28.59 -49.82 -60.90
N ARG H 333 28.35 -50.47 -59.78
CA ARG H 333 29.44 -51.01 -58.97
C ARG H 333 29.17 -52.44 -58.51
N GLY H 334 28.36 -53.14 -59.29
CA GLY H 334 28.07 -54.53 -59.01
C GLY H 334 27.12 -54.86 -57.88
N ASN H 335 27.31 -54.23 -56.73
CA ASN H 335 26.46 -54.50 -55.58
C ASN H 335 25.80 -53.22 -55.08
N ALA H 336 24.76 -53.38 -54.27
CA ALA H 336 24.02 -52.26 -53.73
C ALA H 336 24.89 -51.29 -52.94
N LEU H 337 25.56 -51.82 -51.91
CA LEU H 337 26.41 -50.99 -51.05
C LEU H 337 27.34 -50.07 -51.84
N ASP H 338 28.15 -50.65 -52.73
CA ASP H 338 29.08 -49.85 -53.53
C ASP H 338 28.39 -48.93 -54.54
N THR H 339 27.24 -49.36 -55.05
CA THR H 339 26.52 -48.55 -56.02
C THR H 339 25.93 -47.34 -55.30
N LEU H 340 25.42 -47.56 -54.10
CA LEU H 340 24.86 -46.49 -53.29
C LEU H 340 25.99 -45.56 -52.87
N CYS H 341 27.11 -46.15 -52.48
CA CYS H 341 28.27 -45.41 -52.04
C CYS H 341 28.70 -44.39 -53.09
N ALA H 342 28.65 -44.78 -54.36
CA ALA H 342 29.05 -43.89 -55.44
C ALA H 342 28.21 -42.61 -55.46
N THR H 343 26.94 -42.74 -55.12
CA THR H 343 26.04 -41.59 -55.09
C THR H 343 26.24 -40.78 -53.81
N LEU H 344 26.57 -41.47 -52.72
CA LEU H 344 26.81 -40.77 -51.46
C LEU H 344 28.06 -39.91 -51.58
N GLU H 345 29.07 -40.45 -52.26
CA GLU H 345 30.33 -39.72 -52.47
C GLU H 345 30.08 -38.45 -53.28
N GLU H 346 29.01 -38.50 -54.07
CA GLU H 346 28.60 -37.40 -54.92
C GLU H 346 27.90 -36.29 -54.13
N LYS H 347 26.98 -36.68 -53.26
CA LYS H 347 26.21 -35.73 -52.47
C LYS H 347 26.62 -35.43 -51.03
N MET H 348 27.60 -36.15 -50.49
CA MET H 348 27.96 -35.91 -49.09
C MET H 348 29.42 -35.50 -48.86
N GLN H 349 29.92 -34.66 -49.75
CA GLN H 349 31.27 -34.17 -49.65
C GLN H 349 31.23 -32.83 -48.90
N PHE H 350 32.32 -32.50 -48.21
CA PHE H 350 32.39 -31.22 -47.51
C PHE H 350 32.60 -30.15 -48.58
N GLU H 351 31.91 -29.02 -48.45
CA GLU H 351 32.04 -27.95 -49.42
C GLU H 351 32.82 -26.74 -48.91
N GLU H 352 33.16 -25.86 -49.84
CA GLU H 352 33.91 -24.65 -49.55
C GLU H 352 33.50 -24.00 -48.23
N GLY H 353 34.47 -23.73 -47.35
CA GLY H 353 34.16 -23.10 -46.09
C GLY H 353 33.63 -24.00 -44.98
N GLU H 354 33.26 -25.24 -45.30
CA GLU H 354 32.74 -26.13 -44.27
C GLU H 354 33.90 -26.82 -43.55
N ARG H 355 33.60 -27.42 -42.40
CA ARG H 355 34.64 -28.07 -41.62
C ARG H 355 34.11 -29.32 -40.90
N ASP H 356 35.01 -30.23 -40.53
CA ASP H 356 34.57 -31.42 -39.82
C ASP H 356 34.84 -31.23 -38.33
N LEU H 357 34.49 -32.25 -37.56
CA LEU H 357 34.65 -32.25 -36.12
C LEU H 357 34.99 -33.65 -35.62
N VAL H 358 35.98 -33.76 -34.75
CA VAL H 358 36.32 -35.03 -34.17
C VAL H 358 36.01 -34.93 -32.68
N MET H 359 35.16 -35.83 -32.18
CA MET H 359 34.82 -35.85 -30.76
C MET H 359 35.22 -37.21 -30.20
N LEU H 360 36.13 -37.20 -29.23
CA LEU H 360 36.60 -38.42 -28.60
C LEU H 360 36.56 -38.21 -27.09
N GLN H 361 35.90 -39.11 -26.37
CA GLN H 361 35.83 -38.98 -24.92
C GLN H 361 35.79 -40.32 -24.20
N HIS H 362 36.74 -40.50 -23.30
CA HIS H 362 36.82 -41.71 -22.49
C HIS H 362 36.07 -41.36 -21.21
N LYS H 363 35.41 -42.34 -20.62
CA LYS H 363 34.72 -42.10 -19.36
C LYS H 363 35.12 -43.25 -18.46
N PHE H 364 35.54 -42.94 -17.24
CA PHE H 364 35.96 -43.97 -16.29
C PHE H 364 35.22 -43.86 -14.95
N GLU H 365 34.55 -44.94 -14.56
CA GLU H 365 33.88 -44.96 -13.26
C GLU H 365 34.93 -45.65 -12.39
N ILE H 366 35.50 -44.89 -11.46
CA ILE H 366 36.56 -45.39 -10.61
C ILE H 366 36.22 -45.60 -9.13
N GLU H 367 36.81 -46.63 -8.56
CA GLU H 367 36.66 -46.96 -7.16
C GLU H 367 38.07 -46.81 -6.59
N ASN H 368 38.33 -45.70 -5.92
CA ASN H 368 39.65 -45.43 -5.37
C ASN H 368 40.08 -46.45 -4.31
N LYS H 369 41.37 -46.40 -3.96
CA LYS H 369 41.96 -47.29 -2.99
C LYS H 369 41.25 -47.21 -1.64
N ASP H 370 40.91 -45.99 -1.22
CA ASP H 370 40.24 -45.78 0.06
C ASP H 370 38.74 -46.04 0.01
N GLY H 371 38.29 -46.77 -1.01
CA GLY H 371 36.87 -47.07 -1.13
C GLY H 371 36.05 -45.94 -1.75
N SER H 372 36.68 -44.77 -1.89
CA SER H 372 36.01 -43.60 -2.46
C SER H 372 35.67 -43.85 -3.94
N ARG H 373 34.75 -43.06 -4.48
CA ARG H 373 34.35 -43.20 -5.89
C ARG H 373 34.36 -41.90 -6.65
N GLU H 374 34.71 -41.98 -7.94
CA GLU H 374 34.73 -40.80 -8.79
C GLU H 374 34.56 -41.14 -10.26
N THR H 375 34.17 -40.15 -11.05
CA THR H 375 33.97 -40.31 -12.48
C THR H 375 34.96 -39.39 -13.19
N ARG H 376 35.74 -39.95 -14.11
CA ARG H 376 36.72 -39.16 -14.85
C ARG H 376 36.45 -39.24 -16.35
N THR H 377 36.71 -38.15 -17.05
CA THR H 377 36.54 -38.12 -18.50
C THR H 377 37.85 -37.65 -19.14
N SER H 378 38.12 -38.17 -20.33
CA SER H 378 39.31 -37.82 -21.09
C SER H 378 38.72 -37.40 -22.43
N SER H 379 38.86 -36.13 -22.78
CA SER H 379 38.25 -35.59 -24.00
C SER H 379 39.16 -34.91 -25.00
N LEU H 380 38.73 -34.97 -26.25
CA LEU H 380 39.41 -34.35 -27.38
C LEU H 380 38.28 -33.92 -28.30
N CYS H 381 38.16 -32.62 -28.50
CA CYS H 381 37.12 -32.06 -29.34
C CYS H 381 37.82 -31.09 -30.26
N GLU H 382 37.91 -31.44 -31.54
CA GLU H 382 38.60 -30.56 -32.47
C GLU H 382 37.91 -30.40 -33.82
N TYR H 383 37.85 -29.16 -34.29
CA TYR H 383 37.25 -28.85 -35.58
C TYR H 383 38.37 -28.81 -36.61
N GLY H 384 38.05 -29.19 -37.84
CA GLY H 384 39.06 -29.18 -38.88
C GLY H 384 39.15 -27.81 -39.52
N ALA H 385 40.17 -27.61 -40.34
CA ALA H 385 40.33 -26.33 -41.04
C ALA H 385 39.27 -26.28 -42.11
N PRO H 386 38.72 -25.09 -42.39
CA PRO H 386 37.67 -24.93 -43.39
C PRO H 386 38.13 -25.35 -44.79
N ILE H 387 37.24 -25.99 -45.55
CA ILE H 387 37.55 -26.40 -46.91
C ILE H 387 37.91 -25.14 -47.69
N GLY H 388 39.07 -25.16 -48.34
CA GLY H 388 39.50 -24.01 -49.12
C GLY H 388 40.61 -23.24 -48.44
N SER H 389 40.84 -23.54 -47.16
CA SER H 389 41.88 -22.87 -46.40
C SER H 389 43.22 -23.59 -46.57
N GLY H 390 43.17 -24.79 -47.13
CA GLY H 390 44.38 -25.56 -47.32
C GLY H 390 44.83 -26.26 -46.05
N GLY H 391 44.06 -26.10 -44.96
CA GLY H 391 44.42 -26.75 -43.72
C GLY H 391 43.87 -28.18 -43.64
N TYR H 392 44.28 -28.93 -42.62
CA TYR H 392 43.79 -30.30 -42.47
C TYR H 392 42.44 -30.37 -41.79
N SER H 393 41.66 -31.38 -42.15
CA SER H 393 40.38 -31.60 -41.49
C SER H 393 40.84 -32.20 -40.17
N ALA H 394 39.97 -32.27 -39.18
CA ALA H 394 40.36 -32.84 -37.89
C ALA H 394 40.70 -34.32 -38.09
N MET H 395 39.90 -35.01 -38.91
CA MET H 395 40.11 -36.43 -39.17
C MET H 395 41.50 -36.69 -39.78
N ALA H 396 41.83 -35.97 -40.86
CA ALA H 396 43.12 -36.16 -41.50
C ALA H 396 44.26 -35.89 -40.54
N LYS H 397 44.15 -34.80 -39.79
CA LYS H 397 45.20 -34.46 -38.84
C LYS H 397 45.39 -35.51 -37.74
N LEU H 398 44.29 -35.91 -37.09
CA LEU H 398 44.34 -36.87 -36.01
C LEU H 398 44.61 -38.32 -36.42
N VAL H 399 44.61 -38.57 -37.74
CA VAL H 399 44.92 -39.92 -38.23
C VAL H 399 46.32 -39.86 -38.85
N GLY H 400 46.49 -38.92 -39.77
CA GLY H 400 47.76 -38.77 -40.47
C GLY H 400 48.97 -38.39 -39.64
N VAL H 401 48.80 -37.56 -38.63
CA VAL H 401 49.95 -37.17 -37.82
C VAL H 401 50.40 -38.33 -36.92
N PRO H 402 49.46 -38.99 -36.23
CA PRO H 402 49.90 -40.11 -35.39
C PRO H 402 50.61 -41.16 -36.25
N CYS H 403 50.09 -41.36 -37.46
CA CYS H 403 50.68 -42.33 -38.39
C CYS H 403 52.12 -41.94 -38.68
N ALA H 404 52.33 -40.68 -39.07
CA ALA H 404 53.67 -40.19 -39.38
C ALA H 404 54.61 -40.36 -38.20
N VAL H 405 54.13 -40.02 -37.01
CA VAL H 405 54.97 -40.15 -35.82
C VAL H 405 55.36 -41.62 -35.64
N ALA H 406 54.40 -42.52 -35.83
CA ALA H 406 54.69 -43.95 -35.68
C ALA H 406 55.75 -44.36 -36.70
N VAL H 407 55.61 -43.88 -37.93
CA VAL H 407 56.57 -44.20 -38.99
C VAL H 407 57.98 -43.78 -38.60
N LYS H 408 58.11 -42.54 -38.14
CA LYS H 408 59.41 -42.03 -37.72
C LYS H 408 59.98 -42.85 -36.56
N PHE H 409 59.12 -43.26 -35.64
CA PHE H 409 59.55 -44.06 -34.49
C PHE H 409 59.99 -45.47 -34.89
N VAL H 410 59.36 -46.03 -35.92
CA VAL H 410 59.74 -47.36 -36.37
C VAL H 410 61.06 -47.26 -37.12
N LEU H 411 61.25 -46.13 -37.81
CA LEU H 411 62.47 -45.89 -38.57
C LEU H 411 63.69 -45.62 -37.67
N ASP H 412 63.50 -44.87 -36.58
CA ASP H 412 64.62 -44.57 -35.70
C ASP H 412 64.77 -45.55 -34.53
N GLY H 413 63.94 -46.59 -34.50
CA GLY H 413 64.05 -47.57 -33.44
C GLY H 413 63.27 -47.33 -32.16
N THR H 414 62.59 -46.19 -32.04
CA THR H 414 61.81 -45.91 -30.83
C THR H 414 60.80 -47.04 -30.64
N ILE H 415 60.27 -47.55 -31.75
CA ILE H 415 59.34 -48.68 -31.72
C ILE H 415 60.17 -49.79 -32.35
N SER H 416 60.65 -50.73 -31.53
CA SER H 416 61.50 -51.79 -32.04
C SER H 416 61.00 -53.22 -31.90
N ASP H 417 59.89 -53.43 -31.22
CA ASP H 417 59.35 -54.78 -31.09
C ASP H 417 59.01 -55.28 -32.50
N ARG H 418 59.35 -56.52 -32.79
CA ARG H 418 59.07 -57.10 -34.10
C ARG H 418 57.75 -57.85 -34.07
N GLY H 419 57.15 -58.04 -35.23
CA GLY H 419 55.88 -58.73 -35.30
C GLY H 419 54.74 -57.76 -35.54
N VAL H 420 53.51 -58.23 -35.40
CA VAL H 420 52.31 -57.41 -35.60
C VAL H 420 51.94 -56.72 -34.28
N LEU H 421 52.09 -55.40 -34.23
CA LEU H 421 51.82 -54.64 -33.01
C LEU H 421 50.69 -53.62 -33.09
N ALA H 422 50.39 -53.06 -31.92
CA ALA H 422 49.38 -52.03 -31.71
C ALA H 422 49.86 -51.21 -30.51
N PRO H 423 49.33 -49.98 -30.32
CA PRO H 423 49.76 -49.14 -29.20
C PRO H 423 49.22 -49.69 -27.88
N MET H 424 49.81 -50.77 -27.38
CA MET H 424 49.35 -51.39 -26.15
C MET H 424 50.41 -51.45 -25.03
N ASN H 425 51.42 -50.59 -25.09
CA ASN H 425 52.48 -50.61 -24.07
C ASN H 425 53.02 -49.21 -23.84
N SER H 426 53.13 -48.80 -22.58
CA SER H 426 53.63 -47.47 -22.24
C SER H 426 55.01 -47.22 -22.84
N LYS H 427 55.75 -48.30 -23.11
CA LYS H 427 57.08 -48.22 -23.69
C LYS H 427 57.06 -47.42 -24.99
N ILE H 428 56.00 -47.62 -25.79
CA ILE H 428 55.88 -46.89 -27.05
C ILE H 428 54.74 -45.86 -26.99
N ASN H 429 53.76 -46.08 -26.12
CA ASN H 429 52.64 -45.16 -26.00
C ASN H 429 53.04 -43.81 -25.43
N ASP H 430 53.94 -43.81 -24.46
CA ASP H 430 54.38 -42.53 -23.87
C ASP H 430 55.11 -41.68 -24.89
N PRO H 431 56.08 -42.27 -25.62
CA PRO H 431 56.82 -41.48 -26.62
C PRO H 431 55.83 -40.93 -27.66
N LEU H 432 54.89 -41.77 -28.08
CA LEU H 432 53.88 -41.37 -29.05
C LEU H 432 53.09 -40.17 -28.52
N MET H 433 52.54 -40.30 -27.32
CA MET H 433 51.76 -39.20 -26.73
C MET H 433 52.59 -37.93 -26.55
N LYS H 434 53.83 -38.09 -26.14
CA LYS H 434 54.72 -36.95 -25.90
C LYS H 434 54.90 -36.12 -27.16
N GLU H 435 55.31 -36.79 -28.24
CA GLU H 435 55.54 -36.12 -29.52
C GLU H 435 54.26 -35.47 -30.04
N LEU H 436 53.15 -36.20 -29.97
CA LEU H 436 51.87 -35.68 -30.46
C LEU H 436 51.41 -34.46 -29.67
N LYS H 437 51.63 -34.50 -28.35
CA LYS H 437 51.22 -33.39 -27.50
C LYS H 437 52.15 -32.19 -27.63
N GLU H 438 53.43 -32.38 -27.36
CA GLU H 438 54.41 -31.31 -27.42
C GLU H 438 54.66 -30.70 -28.79
N LYS H 439 54.71 -31.52 -29.84
CA LYS H 439 54.97 -30.98 -31.17
C LYS H 439 53.74 -30.58 -31.97
N TYR H 440 52.62 -31.25 -31.73
CA TYR H 440 51.41 -30.93 -32.48
C TYR H 440 50.21 -30.49 -31.64
N GLY H 441 50.38 -30.52 -30.32
CA GLY H 441 49.29 -30.12 -29.43
C GLY H 441 48.14 -31.09 -29.42
N ILE H 442 48.40 -32.33 -29.84
CA ILE H 442 47.38 -33.37 -29.88
C ILE H 442 47.36 -34.13 -28.55
N GLU H 443 46.20 -34.11 -27.90
CA GLU H 443 46.06 -34.78 -26.61
C GLU H 443 44.62 -34.84 -26.15
N CYS H 444 44.35 -35.73 -25.19
CA CYS H 444 43.03 -35.86 -24.60
C CYS H 444 43.16 -35.24 -23.22
N LYS H 445 42.27 -34.32 -22.88
CA LYS H 445 42.33 -33.65 -21.58
C LYS H 445 41.45 -34.32 -20.52
N GLU H 446 42.05 -34.65 -19.39
CA GLU H 446 41.35 -35.31 -18.28
C GLU H 446 40.57 -34.34 -17.41
N LYS H 447 39.55 -34.87 -16.74
CA LYS H 447 38.71 -34.06 -15.86
C LYS H 447 37.83 -34.92 -14.97
N VAL H 448 37.77 -34.60 -13.68
CA VAL H 448 36.94 -35.36 -12.76
C VAL H 448 35.53 -34.78 -12.80
N VAL H 449 34.58 -35.57 -13.30
CA VAL H 449 33.19 -35.14 -13.43
C VAL H 449 32.35 -35.42 -12.18
N ALA H 450 32.77 -36.39 -11.37
CA ALA H 450 32.04 -36.74 -10.16
C ALA H 450 32.86 -37.67 -9.27
PA NDP I . 22.95 21.00 82.43
O1A NDP I . 24.14 20.24 82.13
O2A NDP I . 22.01 20.58 83.51
O5B NDP I . 23.47 22.54 82.70
C5B NDP I . 22.50 23.55 83.03
C4B NDP I . 23.33 24.82 83.17
O4B NDP I . 22.36 25.89 83.43
C3B NDP I . 24.42 24.96 84.25
O3B NDP I . 25.62 25.55 83.67
C2B NDP I . 23.77 25.86 85.29
O2B NDP I . 24.36 26.77 86.23
C1B NDP I . 22.88 26.64 84.49
N9A NDP I . 21.92 27.27 85.43
C8A NDP I . 20.99 26.65 86.30
N7A NDP I . 20.34 27.54 87.01
C5A NDP I . 20.82 28.76 86.63
C6A NDP I . 20.54 30.09 87.02
N6A NDP I . 19.61 30.32 87.96
N1A NDP I . 21.21 31.11 86.44
C2A NDP I . 22.15 30.84 85.49
N3A NDP I . 22.50 29.63 85.06
C4A NDP I . 21.79 28.62 85.67
O3 NDP I . 22.05 21.17 81.14
PN NDP I . 22.12 20.75 79.59
O1N NDP I . 22.21 19.28 79.58
O2N NDP I . 23.25 21.55 79.02
O5D NDP I . 20.76 21.36 79.00
C5D NDP I . 20.46 22.80 78.93
C4D NDP I . 19.04 22.98 78.28
O4D NDP I . 19.04 22.23 77.08
C3D NDP I . 17.90 22.38 79.13
O3D NDP I . 16.75 23.24 79.07
C2D NDP I . 17.65 21.04 78.54
O2D NDP I . 16.34 20.58 78.84
C1D NDP I . 17.90 21.40 77.02
N1N NDP I . 18.22 20.17 76.24
C2N NDP I . 17.50 20.03 75.03
C3N NDP I . 17.78 18.85 74.25
C7N NDP I . 17.07 18.64 72.98
O7N NDP I . 17.20 17.60 72.30
N7N NDP I . 16.25 19.59 72.48
C4N NDP I . 18.74 17.94 74.73
C5N NDP I . 19.42 18.10 75.90
C6N NDP I . 19.17 19.22 76.67
P2B NDP I . 25.31 26.64 87.39
O1X NDP I . 26.63 26.55 86.79
O2X NDP I . 24.87 25.47 88.20
O3X NDP I . 25.16 27.91 88.18
N1 SHR J . 13.62 11.64 74.29
C10 SHR J . 15.02 11.18 74.25
C9 SHR J . 15.95 12.29 73.68
C8 SHR J . 16.40 13.30 74.75
C7 SHR J . 15.93 14.69 74.41
C6 SHR J . 16.04 15.57 75.66
N SHR J . 15.27 16.81 75.44
C11 SHR J . 15.47 10.72 75.62
O5 SHR J . 14.83 11.07 76.65
O6 SHR J . 16.48 9.99 75.72
C4 SHR J . 14.61 17.31 76.68
C3 SHR J . 14.04 18.70 76.37
C2 SHR J . 13.51 19.39 77.63
C1 SHR J . 13.34 20.86 77.34
O1 SHR J . 14.32 21.64 77.45
O2 SHR J . 12.23 21.30 76.96
C5 SHR J . 13.50 16.38 77.10
O3 SHR J . 13.20 16.27 78.33
O4 SHR J . 12.89 15.70 76.23
PA NDP K . 37.13 -17.70 53.41
O1A NDP K . 37.04 -16.26 53.32
O2A NDP K . 35.96 -18.60 53.14
O5B NDP K . 38.38 -18.12 52.43
C5B NDP K . 38.75 -19.49 52.29
C4B NDP K . 39.96 -19.43 51.36
O4B NDP K . 40.43 -20.80 51.22
C3B NDP K . 39.84 -18.86 49.92
O3B NDP K . 40.94 -17.95 49.66
C2B NDP K . 39.90 -20.13 49.06
O2B NDP K . 40.33 -20.34 47.70
C1B NDP K . 40.69 -20.99 49.86
N9A NDP K . 40.50 -22.34 49.31
C8A NDP K . 39.30 -23.11 49.23
N7A NDP K . 39.52 -24.26 48.66
C5A NDP K . 40.85 -24.29 48.34
C6A NDP K . 41.68 -25.23 47.72
N6A NDP K . 41.16 -26.39 47.31
N1A NDP K . 42.99 -24.95 47.55
C2A NDP K . 43.50 -23.77 47.98
N3A NDP K . 42.80 -22.81 48.58
C4A NDP K . 41.45 -23.14 48.73
O3 NDP K . 37.68 -18.14 54.84
PN NDP K . 38.12 -17.41 56.22
O1N NDP K . 36.93 -16.69 56.71
O2N NDP K . 39.36 -16.63 55.87
O5D NDP K . 38.56 -18.66 57.12
C5D NDP K . 39.72 -19.51 56.81
C4D NDP K . 39.84 -20.59 57.94
O4D NDP K . 39.86 -19.88 59.17
C3D NDP K . 38.62 -21.52 58.01
O3D NDP K . 39.08 -22.86 58.27
C2D NDP K . 37.78 -20.95 59.11
O2D NDP K . 36.93 -21.95 59.66
C1D NDP K . 38.90 -20.45 60.07
N1N NDP K . 38.37 -19.38 60.96
C2N NDP K . 38.67 -19.56 62.33
C3N NDP K . 38.16 -18.53 63.23
C7N NDP K . 38.44 -18.63 64.66
O7N NDP K . 37.98 -17.83 65.49
N7N NDP K . 39.24 -19.60 65.14
C4N NDP K . 37.42 -17.46 62.70
C5N NDP K . 37.15 -17.32 61.36
C6N NDP K . 37.63 -18.28 60.48
P2B NDP K . 39.91 -19.88 46.34
O1X NDP K . 40.53 -18.57 46.15
O2X NDP K . 38.42 -19.89 46.28
O3X NDP K . 40.47 -20.88 45.40
N1 SHR L . 31.39 -18.60 67.71
C10 SHR L . 31.31 -17.23 67.18
C9 SHR L . 32.70 -16.78 66.66
C8 SHR L . 32.99 -17.28 65.23
C7 SHR L . 34.31 -18.05 65.18
C6 SHR L . 34.30 -18.94 63.93
N SHR L . 35.20 -20.09 64.16
C11 SHR L . 30.24 -17.15 66.13
O5 SHR L . 29.77 -18.21 65.61
O6 SHR L . 29.82 -16.03 65.76
C4 SHR L . 34.81 -21.28 63.34
C3 SHR L . 35.96 -22.30 63.43
C2 SHR L . 35.74 -23.45 62.44
C1 SHR L . 37.03 -24.17 62.23
O1 SHR L . 37.83 -23.79 61.34
O2 SHR L . 37.30 -25.18 62.92
C5 SHR L . 33.53 -21.87 63.90
O3 SHR L . 32.72 -22.45 63.12
O4 SHR L . 33.26 -21.78 65.13
PA NDP M . -56.87 35.40 -30.15
O1A NDP M . -56.88 33.96 -30.17
O2A NDP M . -57.46 36.22 -31.25
O5B NDP M . -57.57 35.82 -28.72
C5B NDP M . -57.72 37.21 -28.39
C4B NDP M . -58.36 37.19 -27.01
O4B NDP M . -58.48 38.60 -26.60
C3B NDP M . -59.76 36.56 -26.79
O3B NDP M . -59.72 35.74 -25.60
C2B NDP M . -60.65 37.80 -26.65
O2B NDP M . -61.89 38.00 -25.97
C1B NDP M . -59.75 38.74 -26.09
N9A NDP M . -60.41 40.06 -26.24
C8A NDP M . -60.76 40.75 -27.44
N7A NDP M . -61.34 41.90 -27.16
C5A NDP M . -61.39 42.00 -25.80
C6A NDP M . -61.87 42.97 -24.89
N6A NDP M . -62.44 44.09 -25.34
N1A NDP M . -61.76 42.76 -23.56
C2A NDP M . -61.19 41.61 -23.10
N3A NDP M . -60.70 40.64 -23.87
C4A NDP M . -60.83 40.90 -25.22
O3 NDP M . -55.39 35.97 -29.95
PN NDP M . -53.92 35.34 -29.76
O1N NDP M . -53.64 34.58 -30.99
O2N NDP M . -53.97 34.64 -28.44
O5D NDP M . -53.01 36.67 -29.59
C5D NDP M . -53.10 37.58 -28.44
C4D NDP M . -52.04 38.72 -28.64
O4D NDP M . -50.78 38.10 -28.84
C3D NDP M . -52.30 39.55 -29.92
O3D NDP M . -52.10 40.94 -29.65
C2D NDP M . -51.35 38.99 -30.94
O2D NDP M . -51.07 39.92 -31.97
C1D NDP M . -50.14 38.64 -30.00
N1N NDP M . -49.32 37.60 -30.65
C2N NDP M . -47.94 37.86 -30.67
C3N NDP M . -47.10 36.88 -31.31
C7N NDP M . -45.63 37.08 -31.37
O7N NDP M . -44.86 36.27 -31.92
N7N NDP M . -45.07 38.17 -30.80
C4N NDP M . -47.70 35.73 -31.86
C5N NDP M . -49.05 35.49 -31.82
C6N NDP M . -49.87 36.43 -31.21
P2B NDP M . -63.30 37.48 -26.07
O1X NDP M . -63.35 36.27 -25.26
O2X NDP M . -63.61 37.32 -27.51
O3X NDP M . -64.14 38.56 -25.46
N1 SHR N . -44.24 36.76 -38.96
C10 SHR N . -44.69 35.36 -38.81
C9 SHR N . -44.80 34.94 -37.32
C8 SHR N . -46.16 35.30 -36.69
C7 SHR N . -45.96 36.44 -35.72
C6 SHR N . -47.32 37.02 -35.29
N SHR N . -47.05 38.23 -34.47
C11 SHR N . -45.96 35.10 -39.59
O5 SHR N . -46.69 36.06 -39.95
O6 SHR N . -46.29 33.92 -39.87
C4 SHR N . -48.00 39.35 -34.75
C3 SHR N . -47.74 40.45 -33.69
C2 SHR N . -48.82 41.51 -33.72
C1 SHR N . -48.75 42.31 -32.45
O1 SHR N . -49.34 41.91 -31.42
O2 SHR N . -48.11 43.40 -32.42
C5 SHR N . -47.76 39.92 -36.13
O3 SHR N . -48.71 40.46 -36.77
O4 SHR N . -46.60 39.87 -36.63
PA NDP O . -29.47 -2.65 -48.78
O1A NDP O . -29.53 -1.85 -47.59
O2A NDP O . -28.65 -2.26 -49.96
O5B NDP O . -29.01 -4.16 -48.28
C5B NDP O . -28.86 -5.20 -49.25
C4B NDP O . -28.49 -6.44 -48.43
O4B NDP O . -28.39 -7.55 -49.38
C3B NDP O . -27.21 -6.48 -47.57
O3B NDP O . -27.52 -7.06 -46.28
C2B NDP O . -26.28 -7.37 -48.39
O2B NDP O . -25.16 -8.19 -47.99
C1B NDP O . -27.21 -8.22 -49.04
N9A NDP O . -26.47 -8.88 -50.16
C8A NDP O . -25.89 -8.30 -51.30
N7A NDP O . -25.29 -9.20 -52.04
C5A NDP O . -25.45 -10.39 -51.40
C6A NDP O . -25.05 -11.72 -51.67
N6A NDP O . -24.35 -12.00 -52.78
N1A NDP O . -25.39 -12.70 -50.80
C2A NDP O . -26.10 -12.41 -49.69
N3A NDP O . -26.52 -11.20 -49.34
C4A NDP O . -26.16 -10.22 -50.25
O3 NDP O . -30.93 -2.95 -49.34
PN NDP O . -32.44 -2.60 -48.93
O1N NDP O . -32.53 -1.13 -48.90
O2N NDP O . -32.68 -3.37 -47.65
O5D NDP O . -33.30 -3.33 -50.07
C5D NDP O . -33.35 -4.78 -50.26
C4D NDP O . -34.31 -5.09 -51.47
O4D NDP O . -35.51 -4.38 -51.21
C3D NDP O . -33.78 -4.51 -52.81
O3D NDP O . -33.99 -5.45 -53.84
C2D NDP O . -34.54 -3.22 -53.00
O2D NDP O . -34.62 -2.86 -54.36
C1D NDP O . -35.91 -3.63 -52.34
N1N NDP O . -36.64 -2.43 -51.91
C2N NDP O . -37.96 -2.37 -52.35
C3N NDP O . -38.71 -1.21 -51.96
C7N NDP O . -40.11 -1.09 -52.38
O7N NDP O . -40.82 -0.11 -52.10
N7N NDP O . -40.69 -2.08 -53.09
C4N NDP O . -38.08 -0.23 -51.19
C5N NDP O . -36.78 -0.30 -50.77
C6N NDP O . -36.04 -1.41 -51.13
P2B NDP O . -23.81 -7.94 -47.36
O1X NDP O . -24.06 -7.92 -45.91
O2X NDP O . -23.25 -6.70 -47.94
O3X NDP O . -22.96 -9.12 -47.74
N1 SHR P . -40.19 5.54 -56.23
C10 SHR P . -39.89 6.13 -54.92
C9 SHR P . -40.02 5.07 -53.78
C8 SHR P . -38.80 4.15 -53.68
C7 SHR P . -39.17 2.70 -53.95
C6 SHR P . -37.90 1.91 -54.20
N SHR P . -38.22 0.62 -54.84
C11 SHR P . -38.52 6.78 -54.91
O5 SHR P . -37.67 6.46 -55.78
O6 SHR P . -38.24 7.61 -54.03
C4 SHR P . -37.15 0.16 -55.77
C3 SHR P . -37.55 -1.27 -56.23
C2 SHR P . -36.41 -1.95 -56.98
C1 SHR P . -36.64 -3.43 -56.96
O1 SHR P . -36.19 -4.13 -56.00
O2 SHR P . -37.28 -3.99 -57.89
C5 SHR P . -37.04 1.06 -56.97
O3 SHR P . -35.93 1.23 -57.53
O4 SHR P . -38.07 1.66 -57.42
PA NDP Q . -18.97 -10.67 21.62
O1A NDP Q . -19.13 -9.27 21.89
O2A NDP Q . -17.65 -11.36 21.79
O5B NDP Q . -20.11 -11.44 22.54
C5B NDP Q . -20.21 -12.87 22.49
C4B NDP Q . -21.39 -13.19 23.41
O4B NDP Q . -21.57 -14.64 23.35
C3B NDP Q . -21.35 -12.82 24.91
O3B NDP Q . -22.62 -12.23 25.28
C2B NDP Q . -21.12 -14.17 25.58
O2B NDP Q . -21.45 -14.64 26.89
C1B NDP Q . -21.73 -15.06 24.67
N9A NDP Q . -21.23 -16.41 25.02
C8A NDP Q . -19.90 -16.90 24.99
N7A NDP Q . -19.85 -18.15 25.39
C5A NDP Q . -21.13 -18.51 25.70
C6A NDP Q . -21.74 -19.69 26.18
N6A NDP Q . -20.99 -20.77 26.42
N1A NDP Q . -23.07 -19.73 26.40
C2A NDP Q . -23.82 -18.62 26.15
N3A NDP Q . -23.36 -17.45 25.69
C4A NDP Q . -21.99 -17.47 25.49
O3 NDP Q . -19.46 -11.02 20.15
PN NDP Q . -20.07 -10.23 18.89
O1N NDP Q . -19.09 -9.21 18.51
O2N NDP Q . -21.44 -9.80 19.32
O5D NDP Q . -20.28 -11.41 17.81
C5D NDP Q . -21.22 -12.54 18.00
C4D NDP Q . -21.15 -13.45 16.73
O4D NDP Q . -21.32 -12.60 15.59
C3D NDP Q . -19.77 -14.11 16.54
O3D NDP Q . -19.96 -15.46 16.10
C2D NDP Q . -19.08 -13.25 15.53
O2D NDP Q . -18.04 -13.94 14.86
C1D NDP Q . -20.31 -12.85 14.63
N1N NDP Q . -20.01 -11.62 13.88
C2N NDP Q . -20.32 -11.66 12.50
C3N NDP Q . -20.02 -10.47 11.74
C7N NDP Q . -20.31 -10.43 10.31
O7N NDP Q . -20.04 -9.45 9.60
N7N NDP Q . -20.93 -11.46 9.69
C4N NDP Q . -19.45 -9.36 12.40
C5N NDP Q . -19.16 -9.35 13.74
C6N NDP Q . -19.45 -10.48 14.49
P2B NDP Q . -21.09 -14.29 28.30
O1X NDP Q . -22.05 -13.26 28.71
O2X NDP Q . -19.67 -13.89 28.32
O3X NDP Q . -21.30 -15.55 29.08
N1 SHR R . -13.37 -8.72 7.36
C10 SHR R . -13.59 -7.43 8.03
C9 SHR R . -15.06 -7.32 8.56
C8 SHR R . -15.25 -8.00 9.94
C7 SHR R . -16.32 -9.07 9.86
C6 SHR R . -16.14 -10.03 11.03
N SHR R . -16.89 -11.29 10.74
C11 SHR R . -12.59 -7.21 9.12
O5 SHR R . -11.94 -8.19 9.60
O6 SHR R . -12.40 -6.06 9.58
C4 SHR R . -16.25 -12.48 11.37
C3 SHR R . -17.23 -13.67 11.19
C2 SHR R . -16.74 -14.90 11.95
C1 SHR R . -17.85 -15.89 12.08
O1 SHR R . -18.71 -15.75 12.99
O2 SHR R . -17.92 -16.87 11.28
C5 SHR R . -14.92 -12.78 10.70
O3 SHR R . -13.97 -13.26 11.39
O4 SHR R . -14.76 -12.56 9.46
PA NDP S . -13.86 33.54 -2.25
O1A NDP S . -14.84 32.51 -2.04
O2A NDP S . -12.91 33.50 -3.40
O5B NDP S . -14.69 34.97 -2.30
C5B NDP S . -13.96 36.19 -2.49
C4B NDP S . -15.01 37.30 -2.44
O4B NDP S . -14.28 38.57 -2.57
C3B NDP S . -16.17 37.35 -3.47
O3B NDP S . -17.42 37.65 -2.80
C2B NDP S . -15.73 38.49 -4.39
O2B NDP S . -16.53 39.37 -5.20
C1B NDP S . -15.00 39.32 -3.50
N9A NDP S . -14.24 40.27 -4.36
C8A NDP S . -13.25 40.02 -5.32
N7A NDP S . -12.83 41.13 -5.88
C5A NDP S . -13.55 42.14 -5.30
C6A NDP S . -13.57 43.53 -5.47
N6A NDP S . -12.76 44.12 -6.36
N1A NDP S . -14.42 44.28 -4.73
C2A NDP S . -15.24 43.68 -3.82
N3A NDP S . -15.30 42.37 -3.59
C4A NDP S . -14.42 41.64 -4.38
O3 NDP S . -12.98 33.74 -0.94
PN NDP S . -12.94 33.11 0.54
O1N NDP S . -12.75 31.66 0.34
O2N NDP S . -14.20 33.59 1.22
O5D NDP S . -11.71 33.91 1.24
C5D NDP S . -11.74 35.35 1.53
C4D NDP S . -10.37 35.74 2.21
O4D NDP S . -10.18 34.87 3.30
C3D NDP S . -9.15 35.51 1.28
O3D NDP S . -8.23 36.60 1.43
C2D NDP S . -8.60 34.20 1.72
O2D NDP S . -7.24 34.04 1.37
C1D NDP S . -8.88 34.30 3.27
N1N NDP S . -8.95 32.94 3.87
C2N NDP S . -8.20 32.79 5.04
C3N NDP S . -8.23 31.49 5.64
C7N NDP S . -7.48 31.24 6.87
O7N NDP S . -7.40 30.12 7.41
N7N NDP S . -6.88 32.27 7.51
C4N NDP S . -8.99 30.48 5.04
C5N NDP S . -9.71 30.65 3.90
C6N NDP S . -9.70 31.89 3.30
P2B NDP S . -17.46 39.20 -6.37
O1X NDP S . -18.75 38.88 -5.77
O2X NDP S . -16.88 38.17 -7.27
O3X NDP S . -17.49 40.54 -7.06
N1 SHR T . -2.80 25.48 4.90
C10 SHR T . -4.07 24.75 4.83
C9 SHR T . -5.25 25.59 5.39
C8 SHR T . -5.81 26.58 4.37
C7 SHR T . -5.73 27.99 4.91
C6 SHR T . -5.92 28.98 3.77
N SHR T . -5.40 30.30 4.18
C11 SHR T . -4.35 24.28 3.42
O5 SHR T . -3.78 24.84 2.44
O6 SHR T . -5.15 23.33 3.23
C4 SHR T . -4.82 31.05 3.05
C3 SHR T . -4.45 32.46 3.55
C2 SHR T . -4.21 33.41 2.37
C1 SHR T . -4.35 34.83 2.84
O1 SHR T . -5.48 35.42 2.77
O2 SHR T . -3.35 35.45 3.29
C5 SHR T . -3.56 30.37 2.54
O3 SHR T . -3.29 30.43 1.32
O4 SHR T . -2.80 29.75 3.33
PA NDP U . 26.11 -4.71 -19.89
O1A NDP U . 27.33 -5.41 -20.21
O2A NDP U . 25.21 -5.16 -18.78
O5B NDP U . 26.57 -3.14 -19.62
C5B NDP U . 25.59 -2.17 -19.28
C4B NDP U . 26.39 -0.86 -19.16
O4B NDP U . 25.41 0.20 -18.88
C3B NDP U . 27.51 -0.71 -18.10
O3B NDP U . 28.68 -0.11 -18.70
C2B NDP U . 26.85 0.17 -17.05
O2B NDP U . 27.45 1.07 -16.11
C1B NDP U . 25.95 0.94 -17.84
N9A NDP U . 25.01 1.58 -16.88
C8A NDP U . 24.08 0.98 -16.01
N7A NDP U . 23.44 1.90 -15.30
C5A NDP U . 23.93 3.10 -15.69
C6A NDP U . 23.67 4.43 -15.32
N6A NDP U . 22.75 4.70 -14.38
N1A NDP U . 24.35 5.44 -15.91
C2A NDP U . 25.28 5.16 -16.87
N3A NDP U . 25.61 3.93 -17.29
C4A NDP U . 24.88 2.94 -16.66
O3 NDP U . 25.18 -4.52 -21.17
PN NDP U . 25.24 -4.97 -22.71
O1N NDP U . 25.29 -6.43 -22.71
O2N NDP U . 26.39 -4.18 -23.30
O5D NDP U . 23.89 -4.33 -23.30
C5D NDP U . 23.63 -2.89 -23.40
C4D NDP U . 22.21 -2.68 -24.04
O4D NDP U . 22.21 -3.43 -25.25
C3D NDP U . 21.07 -3.29 -23.20
O3D NDP U . 19.94 -2.42 -23.25
C2D NDP U . 20.82 -4.63 -23.80
O2D NDP U . 19.52 -5.11 -23.50
C1D NDP U . 21.06 -4.27 -25.33
N1N NDP U . 21.39 -5.48 -26.09
C2N NDP U . 20.65 -5.64 -27.27
C3N NDP U . 20.93 -6.82 -28.05
C7N NDP U . 20.20 -7.05 -29.30
O7N NDP U . 20.36 -8.07 -30.01
N7N NDP U . 19.32 -6.14 -29.75
C4N NDP U . 21.90 -7.72 -27.58
C5N NDP U . 22.61 -7.54 -26.42
C6N NDP U . 22.36 -6.42 -25.67
P2B NDP U . 28.40 0.92 -14.96
O1X NDP U . 29.71 0.81 -15.60
O2X NDP U . 27.96 -0.26 -14.17
O3X NDP U . 28.28 2.17 -14.14
N1 SHR V . 16.90 -13.85 -28.13
C10 SHR V . 18.27 -14.37 -28.15
C9 SHR V . 19.28 -13.28 -28.63
C8 SHR V . 19.65 -12.29 -27.51
C7 SHR V . 19.10 -10.93 -27.84
C6 SHR V . 19.22 -10.03 -26.61
N SHR V . 18.41 -8.81 -26.84
C11 SHR V . 18.66 -14.94 -26.81
O5 SHR V . 18.03 -14.61 -25.77
O6 SHR V . 19.62 -15.74 -26.75
C4 SHR V . 17.75 -8.31 -25.62
C3 SHR V . 17.12 -6.95 -25.96
C2 SHR V . 16.57 -6.25 -24.72
C1 SHR V . 16.46 -4.79 -24.99
O1 SHR V . 17.47 -4.05 -24.86
O2 SHR V . 15.36 -4.31 -25.36
C5 SHR V . 16.65 -9.26 -25.21
O3 SHR V . 16.37 -9.41 -23.98
O4 SHR V . 16.01 -9.90 -26.09
PA NDP W . 40.40 -43.28 -49.00
O1A NDP W . 40.30 -41.83 -49.09
O2A NDP W . 39.22 -44.16 -49.30
O5B NDP W . 41.67 -43.68 -49.96
C5B NDP W . 42.04 -45.07 -50.11
C4B NDP W . 43.26 -45.02 -51.03
O4B NDP W . 43.72 -46.40 -51.16
C3B NDP W . 43.15 -44.45 -52.46
O3B NDP W . 44.28 -43.58 -52.72
C2B NDP W . 43.17 -45.72 -53.31
O2B NDP W . 43.59 -45.92 -54.68
C1B NDP W . 43.96 -46.58 -52.51
N9A NDP W . 43.77 -47.94 -53.07
C8A NDP W . 42.59 -48.72 -53.14
N7A NDP W . 42.83 -49.88 -53.72
C5A NDP W . 44.15 -49.88 -54.05
C6A NDP W . 45.01 -50.82 -54.67
N6A NDP W . 44.52 -51.99 -55.10
N1A NDP W . 46.32 -50.50 -54.85
C2A NDP W . 46.78 -49.31 -54.42
N3A NDP W . 46.06 -48.37 -53.82
C4A NDP W . 44.74 -48.72 -53.65
O3 NDP W . 40.94 -43.73 -47.57
PN NDP W . 41.39 -43.02 -46.19
O1N NDP W . 40.19 -42.30 -45.73
O2N NDP W . 42.64 -42.25 -46.51
O5D NDP W . 41.82 -44.26 -45.26
C5D NDP W . 43.01 -45.09 -45.56
C4D NDP W . 43.13 -46.18 -44.45
O4D NDP W . 43.16 -45.49 -43.20
C3D NDP W . 41.90 -47.11 -44.39
O3D NDP W . 42.34 -48.45 -44.17
C2D NDP W . 41.07 -46.56 -43.27
O2D NDP W . 40.21 -47.54 -42.73
C1D NDP W . 42.21 -46.07 -42.30
N1N NDP W . 41.68 -45.01 -41.40
C2N NDP W . 41.98 -45.19 -40.03
C3N NDP W . 41.45 -44.19 -39.13
C7N NDP W . 41.72 -44.29 -37.70
O7N NDP W . 41.24 -43.50 -36.86
N7N NDP W . 42.51 -45.28 -37.21
C4N NDP W . 40.71 -43.11 -39.66
C5N NDP W . 40.44 -42.97 -40.99
C6N NDP W . 40.93 -43.92 -41.87
P2B NDP W . 43.16 -45.45 -56.03
O1X NDP W . 43.79 -44.15 -56.20
O2X NDP W . 41.68 -45.46 -56.07
O3X NDP W . 43.72 -46.43 -57.01
N1 SHR X . 34.71 -44.32 -34.72
C10 SHR X . 34.63 -42.95 -35.23
C9 SHR X . 36.02 -42.48 -35.74
C8 SHR X . 36.34 -42.97 -37.18
C7 SHR X . 37.56 -43.86 -37.17
C6 SHR X . 37.59 -44.66 -38.47
N SHR X . 38.56 -45.75 -38.34
C11 SHR X . 33.56 -42.82 -36.30
O5 SHR X . 33.14 -43.85 -36.90
O6 SHR X . 33.11 -41.69 -36.59
C4 SHR X . 38.16 -46.96 -39.12
C3 SHR X . 39.29 -48.00 -39.02
C2 SHR X . 39.09 -49.12 -40.04
C1 SHR X . 40.39 -49.84 -40.27
O1 SHR X . 41.21 -49.40 -41.12
O2 SHR X . 40.66 -50.87 -39.60
C5 SHR X . 36.89 -47.57 -38.57
O3 SHR X . 36.08 -48.13 -39.36
O4 SHR X . 36.63 -47.51 -37.34
#